data_8TRG
#
_entry.id   8TRG
#
_cell.length_a   1.00
_cell.length_b   1.00
_cell.length_c   1.00
_cell.angle_alpha   90.00
_cell.angle_beta   90.00
_cell.angle_gamma   90.00
#
_symmetry.space_group_name_H-M   'P 1'
#
loop_
_entity.id
_entity.type
_entity.pdbx_description
1 polymer 'Protein RecA'
2 polymer 'LexA repressor'
3 polymer 'DNA (27-MER)'
4 non-polymer 'PHOSPHOTHIOPHOSPHORIC ACID-ADENYLATE ESTER'
5 non-polymer 'MAGNESIUM ION'
#
loop_
_entity_poly.entity_id
_entity_poly.type
_entity_poly.pdbx_seq_one_letter_code
_entity_poly.pdbx_strand_id
1 'polypeptide(L)'
;MGSSHHHHHHHHHHHHSSGENLYFQGMAIDENKQKALAAALGQIEKQFGKGSIMRLGEDRSMDVETISTGSLSLDIALGA
GGLPMGRIVEIYGPESSGKTTLTLQVIAAAQREGKTCAFIDAEHALDPIYARKLGVDIDNLLCSQPDTGEQALEICDALA
RSGAVDVIVVDSVAALTPKAEIEGEIGDSHMGLAARMMSQAMRKLAGNLKQSNTLLIFINQIRMKIGVMFGNPETTTGGN
ALKFYASVRLDIRRIGAVKEGENVVGSETRVKVVKNKIAAPFKQAEFQILYGEGINFYGELVDLGVKEKLIEKAGAWYSY
KGEKIGQGKANATAWLKDNPETAKEIEKKVRELLLSNPNSTPDFSVDDSEGVAETNEDF
;
A,B,C,D,E,F,G,H
2 'polypeptide(L)'
;GSHMKALTARQQEVFDLIRDHISQTGMPPTRAEIAQRLGFRSPNAAEEHLKALARKGVIEIVSGASRGIRLLQEEEEGLP
LVGRVAAGEPLLAQQHIEGHYQVDPSLFKPNADFLLRVSGMSMKDIGIMDGDLLAVHKTQDVRNGQVVVARIDDEVTVAR
LKKQGNKVELLPENSEFKPIVVDLRQQSFTIEGLAVGVIRNGDWL
;
I,J
3 'polydeoxyribonucleotide'
;(DT)(DG)(DG)(DT)(DG)(DG)(DT)(DG)(DG)(DT)(DG)(DG)(DT)(DG)(DG)(DT)(DG)(DG)(DT)(DG)
(DG)(DT)(DG)(DG)(DT)(DG)(DG)
;
L
#
# COMPACT_ATOMS: atom_id res chain seq x y z
N ASP A 30 -10.43 7.03 -44.82
CA ASP A 30 -9.18 6.63 -45.46
C ASP A 30 -8.52 5.51 -44.66
N GLU A 31 -7.19 5.39 -44.80
CA GLU A 31 -6.47 4.32 -44.10
C GLU A 31 -6.62 4.43 -42.60
N ASN A 32 -6.72 5.66 -42.08
CA ASN A 32 -6.83 5.85 -40.63
C ASN A 32 -8.07 5.17 -40.08
N LYS A 33 -9.21 5.32 -40.77
CA LYS A 33 -10.44 4.68 -40.29
C LYS A 33 -10.30 3.16 -40.33
N GLN A 34 -9.70 2.62 -41.38
CA GLN A 34 -9.52 1.17 -41.45
C GLN A 34 -8.67 0.67 -40.31
N LYS A 35 -7.57 1.38 -40.01
CA LYS A 35 -6.71 0.97 -38.91
C LYS A 35 -7.43 1.06 -37.57
N ALA A 36 -8.20 2.14 -37.37
CA ALA A 36 -8.91 2.31 -36.11
C ALA A 36 -9.92 1.17 -35.90
N LEU A 37 -10.70 0.86 -36.94
CA LEU A 37 -11.65 -0.23 -36.84
C LEU A 37 -10.94 -1.54 -36.56
N ALA A 38 -9.83 -1.78 -37.25
CA ALA A 38 -9.09 -3.02 -37.03
C ALA A 38 -8.65 -3.14 -35.58
N ALA A 39 -8.05 -2.09 -35.03
CA ALA A 39 -7.56 -2.16 -33.66
C ALA A 39 -8.70 -2.35 -32.66
N ALA A 40 -9.79 -1.62 -32.86
CA ALA A 40 -10.92 -1.75 -31.95
C ALA A 40 -11.49 -3.17 -31.97
N LEU A 41 -11.70 -3.72 -33.18
CA LEU A 41 -12.25 -5.05 -33.28
C LEU A 41 -11.30 -6.09 -32.69
N GLY A 42 -10.01 -5.93 -32.95
CA GLY A 42 -9.05 -6.86 -32.36
C GLY A 42 -9.10 -6.85 -30.85
N GLN A 43 -9.11 -5.67 -30.24
CA GLN A 43 -9.17 -5.61 -28.79
C GLN A 43 -10.47 -6.21 -28.25
N ILE A 44 -11.59 -5.89 -28.90
CA ILE A 44 -12.87 -6.41 -28.43
C ILE A 44 -12.86 -7.93 -28.46
N GLU A 45 -12.45 -8.50 -29.60
CA GLU A 45 -12.51 -9.94 -29.76
C GLU A 45 -11.42 -10.65 -28.97
N LYS A 46 -10.39 -9.91 -28.53
CA LYS A 46 -9.45 -10.46 -27.57
C LYS A 46 -10.07 -10.53 -26.18
N GLN A 47 -10.77 -9.46 -25.76
CA GLN A 47 -11.27 -9.41 -24.39
C GLN A 47 -12.46 -10.33 -24.18
N PHE A 48 -13.39 -10.38 -25.12
CA PHE A 48 -14.64 -11.09 -24.90
C PHE A 48 -14.80 -12.32 -25.79
N GLY A 49 -13.81 -12.66 -26.60
CA GLY A 49 -13.83 -13.89 -27.37
C GLY A 49 -14.23 -13.67 -28.82
N LYS A 50 -14.05 -14.74 -29.59
CA LYS A 50 -14.32 -14.70 -31.02
C LYS A 50 -15.82 -14.75 -31.29
N GLY A 51 -16.28 -13.93 -32.24
CA GLY A 51 -17.67 -13.88 -32.63
C GLY A 51 -18.46 -12.78 -31.98
N SER A 52 -17.84 -11.90 -31.20
CA SER A 52 -18.58 -10.87 -30.48
C SER A 52 -19.08 -9.77 -31.40
N ILE A 53 -18.25 -9.34 -32.35
CA ILE A 53 -18.61 -8.23 -33.23
C ILE A 53 -18.33 -8.65 -34.67
N MET A 54 -19.36 -8.62 -35.52
CA MET A 54 -19.19 -8.99 -36.91
C MET A 54 -20.27 -8.32 -37.75
N ARG A 55 -20.03 -8.25 -39.05
CA ARG A 55 -20.99 -7.65 -39.95
C ARG A 55 -22.23 -8.53 -40.04
N LEU A 56 -23.38 -7.90 -40.30
CA LEU A 56 -24.63 -8.62 -40.14
C LEU A 56 -24.87 -9.60 -41.28
N GLY A 57 -24.44 -9.25 -42.48
CA GLY A 57 -24.75 -10.07 -43.64
C GLY A 57 -24.03 -11.40 -43.65
N GLU A 58 -22.89 -11.48 -42.98
CA GLU A 58 -22.06 -12.68 -42.98
C GLU A 58 -22.24 -13.54 -41.74
N ASP A 59 -23.25 -13.26 -40.91
CA ASP A 59 -23.52 -14.04 -39.70
C ASP A 59 -24.71 -14.94 -39.98
N ARG A 60 -24.50 -16.25 -39.87
CA ARG A 60 -25.59 -17.20 -40.10
C ARG A 60 -26.38 -17.52 -38.84
N SER A 61 -25.93 -17.07 -37.67
CA SER A 61 -26.72 -17.27 -36.46
C SER A 61 -27.95 -16.38 -36.43
N MET A 62 -27.97 -15.32 -37.25
CA MET A 62 -29.05 -14.34 -37.23
C MET A 62 -30.21 -14.70 -38.13
N ASP A 63 -30.11 -15.78 -38.90
CA ASP A 63 -31.19 -16.17 -39.78
C ASP A 63 -32.41 -16.63 -38.98
N VAL A 64 -33.57 -16.60 -39.62
CA VAL A 64 -34.79 -17.12 -39.02
C VAL A 64 -35.12 -18.46 -39.63
N GLU A 65 -35.56 -19.40 -38.79
CA GLU A 65 -36.00 -20.72 -39.22
C GLU A 65 -37.24 -21.11 -38.41
N THR A 66 -38.02 -22.03 -38.95
CA THR A 66 -39.36 -22.29 -38.42
C THR A 66 -39.72 -23.76 -38.56
N ILE A 67 -40.75 -24.17 -37.80
CA ILE A 67 -41.32 -25.51 -37.88
C ILE A 67 -42.84 -25.38 -37.86
N SER A 68 -43.51 -26.45 -38.29
CA SER A 68 -44.93 -26.36 -38.57
C SER A 68 -45.77 -26.33 -37.31
N THR A 69 -46.95 -25.72 -37.42
CA THR A 69 -47.95 -25.74 -36.37
C THR A 69 -48.98 -26.84 -36.59
N GLY A 70 -48.97 -27.48 -37.75
CA GLY A 70 -49.89 -28.55 -38.05
C GLY A 70 -51.15 -28.12 -38.75
N SER A 71 -51.39 -26.83 -38.92
CA SER A 71 -52.56 -26.32 -39.61
C SER A 71 -52.11 -25.42 -40.74
N LEU A 72 -52.54 -25.73 -41.96
CA LEU A 72 -52.07 -24.98 -43.12
C LEU A 72 -52.48 -23.52 -43.03
N SER A 73 -53.72 -23.26 -42.64
CA SER A 73 -54.19 -21.88 -42.60
C SER A 73 -53.33 -21.05 -41.65
N LEU A 74 -53.08 -21.56 -40.45
CA LEU A 74 -52.23 -20.83 -39.50
C LEU A 74 -50.79 -20.75 -39.99
N ASP A 75 -50.30 -21.82 -40.61
CA ASP A 75 -48.92 -21.84 -41.08
C ASP A 75 -48.72 -20.89 -42.26
N ILE A 76 -49.81 -20.47 -42.91
CA ILE A 76 -49.70 -19.46 -43.95
C ILE A 76 -49.94 -18.07 -43.38
N ALA A 77 -50.82 -17.96 -42.40
CA ALA A 77 -51.01 -16.68 -41.73
C ALA A 77 -49.75 -16.21 -41.03
N LEU A 78 -48.94 -17.13 -40.53
CA LEU A 78 -47.69 -16.72 -39.91
C LEU A 78 -46.71 -16.11 -40.91
N GLY A 79 -46.91 -16.37 -42.19
CA GLY A 79 -46.09 -15.75 -43.22
C GLY A 79 -44.80 -16.49 -43.50
N ALA A 80 -44.02 -16.75 -42.46
CA ALA A 80 -42.74 -17.44 -42.61
C ALA A 80 -42.88 -18.94 -42.63
N GLY A 81 -44.10 -19.46 -42.51
CA GLY A 81 -44.32 -20.89 -42.53
C GLY A 81 -43.83 -21.60 -41.28
N GLY A 82 -44.44 -21.32 -40.15
CA GLY A 82 -44.09 -21.96 -38.89
C GLY A 82 -43.75 -20.95 -37.82
N LEU A 83 -43.49 -21.49 -36.63
CA LEU A 83 -43.10 -20.66 -35.49
C LEU A 83 -41.58 -20.55 -35.42
N PRO A 84 -41.05 -19.40 -34.96
CA PRO A 84 -39.60 -19.20 -34.99
C PRO A 84 -38.89 -20.00 -33.91
N MET A 85 -37.71 -20.51 -34.26
CA MET A 85 -36.89 -21.22 -33.28
C MET A 85 -35.97 -20.26 -32.57
N GLY A 86 -35.79 -20.47 -31.27
CA GLY A 86 -34.96 -19.62 -30.45
C GLY A 86 -35.69 -18.48 -29.79
N ARG A 87 -36.99 -18.35 -30.00
CA ARG A 87 -37.77 -17.21 -29.58
C ARG A 87 -38.76 -17.63 -28.50
N ILE A 88 -39.63 -16.70 -28.13
CA ILE A 88 -40.70 -16.92 -27.17
C ILE A 88 -42.02 -16.64 -27.86
N VAL A 89 -42.90 -17.63 -27.89
CA VAL A 89 -44.22 -17.50 -28.46
C VAL A 89 -45.23 -17.44 -27.33
N GLU A 90 -46.40 -16.87 -27.61
CA GLU A 90 -47.44 -16.63 -26.61
C GLU A 90 -48.81 -16.95 -27.17
N ILE A 91 -49.62 -17.65 -26.37
CA ILE A 91 -50.93 -18.14 -26.78
C ILE A 91 -51.90 -17.94 -25.63
N TYR A 92 -53.08 -17.40 -25.90
CA TYR A 92 -54.05 -17.19 -24.83
C TYR A 92 -55.46 -17.14 -25.39
N GLY A 93 -56.42 -17.39 -24.50
CA GLY A 93 -57.82 -17.39 -24.86
C GLY A 93 -58.68 -17.66 -23.65
N PRO A 94 -59.99 -17.78 -23.84
CA PRO A 94 -60.87 -18.13 -22.72
C PRO A 94 -60.86 -19.62 -22.40
N GLU A 95 -61.71 -20.07 -21.47
CA GLU A 95 -61.75 -21.47 -21.12
C GLU A 95 -62.44 -22.28 -22.22
N SER A 96 -61.83 -23.40 -22.59
CA SER A 96 -62.30 -24.31 -23.62
C SER A 96 -62.02 -23.81 -25.03
N SER A 97 -60.99 -22.99 -25.22
CA SER A 97 -60.65 -22.50 -26.55
C SER A 97 -59.79 -23.47 -27.34
N GLY A 98 -59.02 -24.32 -26.68
CA GLY A 98 -58.21 -25.31 -27.36
C GLY A 98 -56.72 -25.06 -27.36
N LYS A 99 -56.16 -24.54 -26.27
CA LYS A 99 -54.75 -24.17 -26.26
C LYS A 99 -53.85 -25.38 -26.14
N THR A 100 -54.08 -26.20 -25.10
CA THR A 100 -53.24 -27.37 -24.89
C THR A 100 -53.29 -28.29 -26.09
N THR A 101 -54.42 -28.32 -26.78
CA THR A 101 -54.55 -29.18 -27.96
C THR A 101 -53.58 -28.73 -29.05
N LEU A 102 -53.57 -27.44 -29.37
CA LEU A 102 -52.68 -26.95 -30.42
C LEU A 102 -51.22 -27.11 -30.01
N THR A 103 -50.93 -26.87 -28.73
CA THR A 103 -49.55 -27.04 -28.29
C THR A 103 -49.11 -28.51 -28.37
N LEU A 104 -50.02 -29.44 -28.07
CA LEU A 104 -49.70 -30.86 -28.23
C LEU A 104 -49.53 -31.23 -29.68
N GLN A 105 -50.29 -30.63 -30.59
CA GLN A 105 -50.04 -30.85 -32.01
C GLN A 105 -48.66 -30.36 -32.42
N VAL A 106 -48.25 -29.19 -31.93
CA VAL A 106 -46.92 -28.70 -32.23
C VAL A 106 -45.87 -29.67 -31.72
N ILE A 107 -46.00 -30.10 -30.46
CA ILE A 107 -45.02 -31.01 -29.89
C ILE A 107 -44.99 -32.31 -30.68
N ALA A 108 -46.15 -32.75 -31.16
CA ALA A 108 -46.22 -33.97 -31.95
C ALA A 108 -45.42 -33.82 -33.23
N ALA A 109 -45.67 -32.76 -33.98
CA ALA A 109 -44.91 -32.55 -35.21
C ALA A 109 -43.43 -32.44 -34.93
N ALA A 110 -43.06 -31.95 -33.74
CA ALA A 110 -41.65 -31.81 -33.41
C ALA A 110 -40.96 -33.17 -33.33
N GLN A 111 -41.52 -34.10 -32.55
CA GLN A 111 -40.89 -35.41 -32.39
C GLN A 111 -40.84 -36.16 -33.71
N ARG A 112 -41.92 -36.05 -34.49
CA ARG A 112 -42.02 -36.78 -35.75
C ARG A 112 -40.90 -36.41 -36.71
N GLU A 113 -40.28 -35.26 -36.52
CA GLU A 113 -39.10 -34.88 -37.28
C GLU A 113 -37.81 -35.23 -36.56
N GLY A 114 -37.88 -35.76 -35.35
CA GLY A 114 -36.70 -36.21 -34.64
C GLY A 114 -36.11 -35.21 -33.66
N LYS A 115 -36.94 -34.58 -32.83
CA LYS A 115 -36.48 -33.54 -31.92
C LYS A 115 -37.05 -33.82 -30.53
N THR A 116 -36.20 -33.72 -29.51
CA THR A 116 -36.64 -33.92 -28.15
C THR A 116 -37.63 -32.83 -27.74
N CYS A 117 -38.39 -33.11 -26.69
CA CYS A 117 -39.40 -32.16 -26.22
C CYS A 117 -39.62 -32.29 -24.73
N ALA A 118 -40.09 -31.20 -24.13
CA ALA A 118 -40.42 -31.12 -22.71
C ALA A 118 -41.76 -30.44 -22.57
N PHE A 119 -42.51 -30.80 -21.53
CA PHE A 119 -43.83 -30.23 -21.29
C PHE A 119 -44.00 -30.03 -19.80
N ILE A 120 -43.96 -28.78 -19.36
CA ILE A 120 -44.08 -28.42 -17.95
C ILE A 120 -45.54 -28.11 -17.70
N ASP A 121 -46.20 -28.95 -16.90
CA ASP A 121 -47.63 -28.83 -16.62
C ASP A 121 -47.82 -28.20 -15.24
N ALA A 122 -47.86 -26.87 -15.23
CA ALA A 122 -47.95 -26.13 -13.98
C ALA A 122 -49.34 -26.15 -13.38
N GLU A 123 -50.37 -26.45 -14.18
CA GLU A 123 -51.73 -26.49 -13.65
C GLU A 123 -52.10 -27.87 -13.12
N HIS A 124 -51.33 -28.90 -13.47
CA HIS A 124 -51.60 -30.26 -13.02
C HIS A 124 -52.90 -30.79 -13.66
N ALA A 125 -52.99 -30.67 -14.98
CA ALA A 125 -54.22 -31.03 -15.67
C ALA A 125 -54.01 -31.79 -16.98
N LEU A 126 -52.81 -32.24 -17.29
CA LEU A 126 -52.61 -33.05 -18.48
C LEU A 126 -53.16 -34.45 -18.26
N ASP A 127 -53.58 -35.08 -19.36
CA ASP A 127 -54.09 -36.45 -19.32
C ASP A 127 -53.33 -37.28 -20.34
N PRO A 128 -52.44 -38.18 -19.90
CA PRO A 128 -51.53 -38.82 -20.87
C PRO A 128 -52.21 -39.52 -22.03
N ILE A 129 -53.33 -40.16 -21.76
CA ILE A 129 -54.05 -40.90 -22.80
C ILE A 129 -54.38 -40.04 -24.00
N TYR A 130 -55.06 -38.93 -23.77
CA TYR A 130 -55.48 -38.07 -24.87
C TYR A 130 -54.26 -37.65 -25.67
N ALA A 131 -53.15 -37.39 -24.98
CA ALA A 131 -51.93 -37.02 -25.66
C ALA A 131 -51.54 -38.14 -26.61
N ARG A 132 -51.54 -39.38 -26.12
CA ARG A 132 -51.26 -40.52 -26.98
C ARG A 132 -52.21 -40.54 -28.17
N LYS A 133 -53.47 -40.18 -27.93
CA LYS A 133 -54.45 -40.19 -29.02
C LYS A 133 -54.06 -39.20 -30.12
N LEU A 134 -53.52 -38.05 -29.74
CA LEU A 134 -53.21 -37.02 -30.72
C LEU A 134 -51.95 -37.36 -31.52
N GLY A 135 -50.97 -37.99 -30.89
CA GLY A 135 -49.82 -38.47 -31.63
C GLY A 135 -48.49 -38.34 -30.94
N VAL A 136 -48.46 -37.78 -29.74
CA VAL A 136 -47.19 -37.57 -29.05
C VAL A 136 -46.69 -38.88 -28.48
N ASP A 137 -45.40 -39.12 -28.62
CA ASP A 137 -44.76 -40.35 -28.13
C ASP A 137 -44.47 -40.18 -26.66
N ILE A 138 -45.25 -40.85 -25.81
CA ILE A 138 -45.09 -40.73 -24.36
C ILE A 138 -43.73 -41.23 -23.91
N ASP A 139 -43.14 -42.17 -24.63
CA ASP A 139 -41.87 -42.71 -24.20
C ASP A 139 -40.76 -41.67 -24.22
N ASN A 140 -40.97 -40.54 -24.91
CA ASN A 140 -39.91 -39.56 -25.12
C ASN A 140 -40.27 -38.13 -24.69
N LEU A 141 -41.50 -37.87 -24.30
CA LEU A 141 -41.88 -36.51 -23.89
C LEU A 141 -41.57 -36.33 -22.41
N LEU A 142 -40.52 -35.56 -22.12
CA LEU A 142 -40.23 -35.22 -20.74
C LEU A 142 -41.37 -34.42 -20.15
N CYS A 143 -41.61 -34.61 -18.85
CA CYS A 143 -42.73 -33.98 -18.18
C CYS A 143 -42.32 -33.58 -16.78
N SER A 144 -43.09 -32.65 -16.20
CA SER A 144 -42.84 -32.15 -14.86
C SER A 144 -44.05 -31.36 -14.39
N GLN A 145 -44.43 -31.59 -13.14
CA GLN A 145 -45.50 -30.86 -12.47
C GLN A 145 -44.88 -30.14 -11.28
N PRO A 146 -44.54 -28.86 -11.40
CA PRO A 146 -43.87 -28.17 -10.30
C PRO A 146 -44.86 -27.63 -9.28
N ASP A 147 -44.31 -27.14 -8.17
CA ASP A 147 -45.11 -26.65 -7.05
C ASP A 147 -45.00 -25.15 -6.84
N THR A 148 -43.96 -24.51 -7.35
CA THR A 148 -43.81 -23.07 -7.27
C THR A 148 -43.31 -22.55 -8.61
N GLY A 149 -43.69 -21.31 -8.93
CA GLY A 149 -43.24 -20.72 -10.18
C GLY A 149 -41.74 -20.63 -10.29
N GLU A 150 -41.06 -20.38 -9.17
CA GLU A 150 -39.60 -20.32 -9.20
C GLU A 150 -39.02 -21.67 -9.61
N GLN A 151 -39.59 -22.75 -9.10
CA GLN A 151 -39.12 -24.07 -9.48
C GLN A 151 -39.35 -24.31 -10.96
N ALA A 152 -40.49 -23.89 -11.48
CA ALA A 152 -40.78 -24.07 -12.90
C ALA A 152 -39.77 -23.35 -13.77
N LEU A 153 -39.49 -22.08 -13.46
CA LEU A 153 -38.60 -21.33 -14.31
C LEU A 153 -37.14 -21.73 -14.13
N GLU A 154 -36.75 -22.19 -12.94
CA GLU A 154 -35.45 -22.82 -12.79
C GLU A 154 -35.33 -24.06 -13.65
N ILE A 155 -36.36 -24.91 -13.66
CA ILE A 155 -36.31 -26.10 -14.50
C ILE A 155 -36.19 -25.70 -15.96
N CYS A 156 -36.94 -24.67 -16.37
CA CYS A 156 -36.85 -24.19 -17.74
C CYS A 156 -35.43 -23.77 -18.08
N ASP A 157 -34.82 -22.96 -17.23
CA ASP A 157 -33.45 -22.50 -17.48
C ASP A 157 -32.50 -23.69 -17.56
N ALA A 158 -32.62 -24.62 -16.61
CA ALA A 158 -31.70 -25.75 -16.57
C ALA A 158 -31.83 -26.61 -17.82
N LEU A 159 -33.05 -26.89 -18.26
CA LEU A 159 -33.22 -27.69 -19.46
C LEU A 159 -32.67 -26.96 -20.68
N ALA A 160 -32.98 -25.67 -20.81
CA ALA A 160 -32.55 -24.93 -22.00
C ALA A 160 -31.04 -24.82 -22.07
N ARG A 161 -30.39 -24.56 -20.94
CA ARG A 161 -28.95 -24.33 -20.93
C ARG A 161 -28.16 -25.57 -21.32
N SER A 162 -28.78 -26.75 -21.33
CA SER A 162 -28.05 -27.98 -21.58
C SER A 162 -27.83 -28.27 -23.05
N GLY A 163 -28.65 -27.69 -23.94
CA GLY A 163 -28.59 -28.02 -25.33
C GLY A 163 -29.25 -29.34 -25.68
N ALA A 164 -30.08 -29.88 -24.79
CA ALA A 164 -30.66 -31.20 -24.99
C ALA A 164 -32.16 -31.18 -25.26
N VAL A 165 -32.87 -30.12 -24.89
CA VAL A 165 -34.30 -30.02 -25.12
C VAL A 165 -34.53 -28.96 -26.19
N ASP A 166 -35.32 -29.31 -27.20
CA ASP A 166 -35.56 -28.42 -28.34
C ASP A 166 -36.86 -27.64 -28.20
N VAL A 167 -37.91 -28.26 -27.67
CA VAL A 167 -39.19 -27.60 -27.47
C VAL A 167 -39.57 -27.69 -26.01
N ILE A 168 -40.01 -26.57 -25.46
CA ILE A 168 -40.44 -26.48 -24.07
C ILE A 168 -41.80 -25.82 -24.07
N VAL A 169 -42.65 -26.21 -23.12
CA VAL A 169 -43.99 -25.66 -22.98
C VAL A 169 -44.31 -25.49 -21.51
N VAL A 170 -44.92 -24.35 -21.16
CA VAL A 170 -45.43 -24.09 -19.83
C VAL A 170 -46.94 -23.97 -19.93
N ASP A 171 -47.66 -24.80 -19.18
CA ASP A 171 -49.07 -25.01 -19.45
C ASP A 171 -49.91 -23.76 -19.19
N SER A 172 -49.62 -23.03 -18.12
CA SER A 172 -50.38 -21.83 -17.82
C SER A 172 -49.54 -20.92 -16.94
N VAL A 173 -49.36 -19.69 -17.40
CA VAL A 173 -48.62 -18.71 -16.62
C VAL A 173 -49.48 -18.16 -15.49
N ALA A 174 -50.76 -18.51 -15.46
CA ALA A 174 -51.63 -18.02 -14.39
C ALA A 174 -51.49 -18.82 -13.11
N ALA A 175 -50.72 -19.90 -13.13
CA ALA A 175 -50.60 -20.79 -11.98
C ALA A 175 -49.23 -20.78 -11.35
N LEU A 176 -48.28 -20.01 -11.88
CA LEU A 176 -46.92 -19.97 -11.35
C LEU A 176 -46.90 -19.06 -10.12
N THR A 177 -47.18 -19.67 -8.98
CA THR A 177 -47.32 -18.91 -7.74
C THR A 177 -45.96 -18.69 -7.10
N PRO A 178 -45.66 -17.48 -6.63
CA PRO A 178 -44.40 -17.28 -5.90
C PRO A 178 -44.41 -18.05 -4.58
N LYS A 179 -43.21 -18.34 -4.08
CA LYS A 179 -43.09 -19.09 -2.83
C LYS A 179 -43.86 -18.39 -1.71
N ALA A 180 -43.63 -17.10 -1.52
CA ALA A 180 -44.14 -16.42 -0.35
C ALA A 180 -45.65 -16.48 -0.27
N GLU A 181 -46.33 -16.72 -1.38
CA GLU A 181 -47.78 -16.78 -1.36
C GLU A 181 -48.31 -18.17 -1.08
N ILE A 182 -47.54 -19.21 -1.42
CA ILE A 182 -47.99 -20.57 -1.10
C ILE A 182 -47.97 -20.81 0.40
N GLU A 183 -46.97 -20.25 1.09
CA GLU A 183 -46.88 -20.42 2.53
C GLU A 183 -47.60 -19.32 3.30
N GLY A 184 -48.15 -18.32 2.62
CA GLY A 184 -48.89 -17.27 3.28
C GLY A 184 -50.35 -17.65 3.49
N GLU A 185 -51.09 -16.72 4.07
CA GLU A 185 -52.51 -16.95 4.31
C GLU A 185 -53.29 -16.71 3.02
N ILE A 186 -54.57 -17.07 3.05
CA ILE A 186 -55.40 -16.94 1.86
C ILE A 186 -55.97 -15.55 1.70
N GLY A 187 -55.53 -14.60 2.52
CA GLY A 187 -55.90 -13.21 2.37
C GLY A 187 -54.73 -12.25 2.29
N ASP A 188 -53.50 -12.76 2.40
CA ASP A 188 -52.32 -11.91 2.35
C ASP A 188 -52.15 -11.37 0.94
N SER A 189 -52.21 -10.05 0.78
CA SER A 189 -51.91 -9.44 -0.50
C SER A 189 -50.41 -9.48 -0.74
N HIS A 190 -50.02 -9.80 -1.97
CA HIS A 190 -48.62 -9.97 -2.35
C HIS A 190 -48.35 -9.12 -3.59
N MET A 191 -48.72 -7.84 -3.49
CA MET A 191 -48.82 -6.93 -4.62
C MET A 191 -47.62 -7.03 -5.55
N GLY A 192 -47.87 -7.38 -6.80
CA GLY A 192 -46.92 -7.23 -7.88
C GLY A 192 -45.74 -8.18 -7.87
N LEU A 193 -45.83 -9.30 -7.14
CA LEU A 193 -44.68 -10.19 -7.03
C LEU A 193 -44.52 -11.04 -8.28
N ALA A 194 -45.63 -11.51 -8.85
CA ALA A 194 -45.54 -12.35 -10.04
C ALA A 194 -44.97 -11.57 -11.21
N ALA A 195 -45.33 -10.29 -11.34
CA ALA A 195 -44.77 -9.47 -12.40
C ALA A 195 -43.26 -9.37 -12.27
N ARG A 196 -42.76 -9.17 -11.05
CA ARG A 196 -41.31 -9.14 -10.85
C ARG A 196 -40.68 -10.47 -11.24
N MET A 197 -41.32 -11.57 -10.84
CA MET A 197 -40.79 -12.89 -11.20
C MET A 197 -40.65 -13.00 -12.71
N MET A 198 -41.71 -12.67 -13.45
CA MET A 198 -41.69 -12.85 -14.89
C MET A 198 -40.68 -11.92 -15.55
N SER A 199 -40.57 -10.68 -15.05
CA SER A 199 -39.63 -9.73 -15.63
C SER A 199 -38.20 -10.20 -15.45
N GLN A 200 -37.87 -10.76 -14.29
CA GLN A 200 -36.54 -11.35 -14.13
C GLN A 200 -36.33 -12.55 -15.04
N ALA A 201 -37.34 -13.41 -15.13
CA ALA A 201 -37.21 -14.65 -15.89
C ALA A 201 -36.93 -14.35 -17.36
N MET A 202 -37.62 -13.35 -17.92
CA MET A 202 -37.40 -12.99 -19.31
C MET A 202 -35.94 -12.60 -19.55
N ARG A 203 -35.45 -11.66 -18.72
CA ARG A 203 -34.06 -11.23 -18.83
C ARG A 203 -33.14 -12.42 -18.85
N LYS A 204 -33.37 -13.37 -17.95
CA LYS A 204 -32.46 -14.50 -17.85
C LYS A 204 -32.54 -15.41 -19.08
N LEU A 205 -33.74 -15.71 -19.55
CA LEU A 205 -33.88 -16.75 -20.56
C LEU A 205 -33.51 -16.27 -21.95
N ALA A 206 -33.82 -15.01 -22.29
CA ALA A 206 -33.70 -14.57 -23.67
C ALA A 206 -32.40 -15.03 -24.32
N GLY A 207 -31.28 -14.90 -23.61
CA GLY A 207 -29.99 -15.21 -24.22
C GLY A 207 -29.78 -16.70 -24.43
N ASN A 208 -30.12 -17.51 -23.43
CA ASN A 208 -29.86 -18.95 -23.52
C ASN A 208 -30.77 -19.60 -24.55
N LEU A 209 -32.02 -19.18 -24.61
CA LEU A 209 -32.92 -19.72 -25.64
C LEU A 209 -32.31 -19.55 -27.02
N LYS A 210 -31.75 -18.37 -27.31
CA LYS A 210 -31.23 -18.11 -28.65
C LYS A 210 -29.91 -18.84 -28.86
N GLN A 211 -29.07 -18.89 -27.83
CA GLN A 211 -27.81 -19.61 -27.98
C GLN A 211 -28.04 -21.08 -28.30
N SER A 212 -29.04 -21.69 -27.68
CA SER A 212 -29.29 -23.12 -27.85
C SER A 212 -30.25 -23.44 -28.98
N ASN A 213 -30.94 -22.45 -29.53
CA ASN A 213 -31.90 -22.70 -30.61
C ASN A 213 -33.08 -23.53 -30.12
N THR A 214 -33.73 -23.07 -29.06
CA THR A 214 -34.84 -23.78 -28.43
C THR A 214 -36.06 -22.89 -28.36
N LEU A 215 -37.22 -23.48 -28.61
CA LEU A 215 -38.48 -22.75 -28.68
C LEU A 215 -39.27 -22.93 -27.39
N LEU A 216 -39.78 -21.83 -26.86
CA LEU A 216 -40.49 -21.81 -25.58
C LEU A 216 -41.86 -21.19 -25.81
N ILE A 217 -42.91 -21.87 -25.34
CA ILE A 217 -44.28 -21.44 -25.57
C ILE A 217 -44.97 -21.22 -24.23
N PHE A 218 -45.38 -19.99 -23.99
CA PHE A 218 -46.16 -19.62 -22.82
C PHE A 218 -47.62 -19.66 -23.20
N ILE A 219 -48.45 -20.22 -22.32
CA ILE A 219 -49.90 -20.25 -22.52
C ILE A 219 -50.55 -19.46 -21.39
N ASN A 220 -51.52 -18.61 -21.74
CA ASN A 220 -52.08 -17.67 -20.78
C ASN A 220 -53.60 -17.69 -20.84
N GLN A 221 -54.22 -17.25 -19.75
CA GLN A 221 -55.65 -17.07 -19.66
C GLN A 221 -56.00 -15.60 -19.81
N ILE A 222 -57.28 -15.29 -19.59
CA ILE A 222 -57.82 -13.95 -19.75
C ILE A 222 -58.55 -13.54 -18.48
N ARG A 223 -58.28 -12.33 -18.00
CA ARG A 223 -59.03 -11.73 -16.91
C ARG A 223 -59.47 -10.34 -17.33
N MET A 224 -60.65 -9.94 -16.88
CA MET A 224 -61.17 -8.63 -17.23
C MET A 224 -60.66 -7.59 -16.24
N LYS A 225 -60.71 -6.33 -16.63
CA LYS A 225 -60.18 -5.23 -15.84
C LYS A 225 -61.28 -4.27 -15.44
N ILE A 226 -61.22 -3.78 -14.21
CA ILE A 226 -62.18 -2.78 -13.76
C ILE A 226 -61.63 -1.38 -14.03
N GLY A 227 -62.55 -0.42 -14.09
CA GLY A 227 -62.19 0.97 -14.22
C GLY A 227 -61.90 1.42 -15.63
N VAL A 228 -61.97 0.52 -16.61
CA VAL A 228 -61.74 0.93 -17.99
C VAL A 228 -62.86 1.85 -18.42
N MET A 229 -62.48 2.98 -19.01
CA MET A 229 -63.46 3.95 -19.48
C MET A 229 -63.78 3.79 -20.95
N PHE A 230 -62.88 3.15 -21.70
CA PHE A 230 -63.05 2.96 -23.13
C PHE A 230 -62.26 1.73 -23.55
N GLY A 231 -62.70 1.10 -24.63
CA GLY A 231 -61.98 -0.04 -25.16
C GLY A 231 -62.31 -1.33 -24.43
N ASN A 232 -61.62 -2.39 -24.81
CA ASN A 232 -61.90 -3.70 -24.24
C ASN A 232 -61.40 -3.79 -22.80
N PRO A 233 -62.01 -4.60 -21.95
CA PRO A 233 -61.45 -4.84 -20.62
C PRO A 233 -60.58 -6.08 -20.51
N GLU A 234 -60.42 -6.86 -21.57
CA GLU A 234 -59.70 -8.12 -21.47
C GLU A 234 -58.20 -7.90 -21.28
N THR A 235 -57.60 -8.71 -20.40
CA THR A 235 -56.16 -8.69 -20.19
C THR A 235 -55.68 -10.08 -19.80
N THR A 236 -54.38 -10.29 -19.92
CA THR A 236 -53.74 -11.54 -19.54
C THR A 236 -53.06 -11.39 -18.19
N THR A 237 -52.61 -12.51 -17.66
CA THR A 237 -52.01 -12.51 -16.33
C THR A 237 -50.49 -12.39 -16.44
N GLY A 238 -49.89 -11.84 -15.39
CA GLY A 238 -48.45 -11.88 -15.24
C GLY A 238 -47.70 -10.65 -15.67
N GLY A 239 -48.35 -9.49 -15.70
CA GLY A 239 -47.64 -8.25 -15.95
C GLY A 239 -47.39 -7.98 -17.42
N ASN A 240 -46.67 -6.89 -17.66
CA ASN A 240 -46.43 -6.43 -19.02
C ASN A 240 -45.14 -6.97 -19.62
N ALA A 241 -44.33 -7.70 -18.85
CA ALA A 241 -43.01 -8.08 -19.35
C ALA A 241 -43.11 -9.00 -20.55
N LEU A 242 -43.90 -10.06 -20.45
CA LEU A 242 -43.94 -11.07 -21.50
C LEU A 242 -44.34 -10.49 -22.85
N LYS A 243 -45.15 -9.42 -22.85
CA LYS A 243 -45.61 -8.86 -24.12
C LYS A 243 -44.46 -8.32 -24.94
N PHE A 244 -43.49 -7.66 -24.29
CA PHE A 244 -42.39 -7.07 -25.03
C PHE A 244 -41.48 -8.12 -25.65
N TYR A 245 -41.25 -9.21 -24.93
CA TYR A 245 -40.16 -10.12 -25.28
C TYR A 245 -40.56 -11.15 -26.32
N ALA A 246 -41.83 -11.26 -26.68
CA ALA A 246 -42.26 -12.31 -27.60
C ALA A 246 -41.98 -11.91 -29.04
N SER A 247 -41.92 -12.92 -29.91
CA SER A 247 -41.93 -12.68 -31.35
C SER A 247 -43.30 -12.89 -31.94
N VAL A 248 -44.16 -13.70 -31.30
CA VAL A 248 -45.46 -14.04 -31.85
C VAL A 248 -46.46 -14.17 -30.72
N ARG A 249 -47.68 -13.70 -30.96
CA ARG A 249 -48.79 -13.83 -30.03
C ARG A 249 -50.04 -14.15 -30.83
N LEU A 250 -50.84 -15.10 -30.35
CA LEU A 250 -52.01 -15.59 -31.09
C LEU A 250 -53.22 -15.63 -30.17
N ASP A 251 -54.33 -15.06 -30.64
CA ASP A 251 -55.63 -15.37 -30.06
C ASP A 251 -56.08 -16.75 -30.50
N ILE A 252 -57.01 -17.33 -29.75
CA ILE A 252 -57.67 -18.56 -30.16
C ILE A 252 -59.06 -18.57 -29.53
N ARG A 253 -60.08 -18.71 -30.37
CA ARG A 253 -61.47 -18.63 -29.92
C ARG A 253 -62.28 -19.73 -30.57
N ARG A 254 -63.37 -20.10 -29.90
CA ARG A 254 -64.32 -21.08 -30.41
C ARG A 254 -65.55 -20.34 -30.94
N ILE A 255 -65.99 -20.71 -32.14
CA ILE A 255 -67.00 -19.95 -32.86
C ILE A 255 -68.19 -20.78 -33.29
N GLY A 256 -68.17 -22.09 -33.13
CA GLY A 256 -69.32 -22.89 -33.52
C GLY A 256 -69.04 -24.37 -33.35
N ALA A 257 -70.12 -25.14 -33.35
CA ALA A 257 -70.03 -26.57 -33.14
C ALA A 257 -70.18 -27.32 -34.45
N VAL A 258 -69.50 -28.46 -34.54
CA VAL A 258 -69.55 -29.33 -35.70
C VAL A 258 -70.36 -30.56 -35.34
N LYS A 259 -71.44 -30.80 -36.09
CA LYS A 259 -72.42 -31.82 -35.73
C LYS A 259 -72.38 -32.99 -36.71
N GLU A 260 -72.63 -34.18 -36.18
CA GLU A 260 -72.98 -35.35 -36.98
C GLU A 260 -74.40 -35.72 -36.59
N GLY A 261 -75.35 -35.45 -37.49
CA GLY A 261 -76.75 -35.54 -37.09
C GLY A 261 -77.00 -34.53 -35.99
N GLU A 262 -77.56 -35.00 -34.89
CA GLU A 262 -77.71 -34.18 -33.68
C GLU A 262 -76.48 -34.27 -32.81
N ASN A 263 -75.68 -35.31 -32.96
CA ASN A 263 -74.54 -35.54 -32.09
C ASN A 263 -73.44 -34.52 -32.36
N VAL A 264 -73.02 -33.81 -31.31
CA VAL A 264 -71.91 -32.87 -31.43
C VAL A 264 -70.60 -33.64 -31.50
N VAL A 265 -69.72 -33.22 -32.40
CA VAL A 265 -68.52 -34.02 -32.68
C VAL A 265 -67.25 -33.20 -32.57
N GLY A 266 -67.37 -31.88 -32.63
CA GLY A 266 -66.17 -31.05 -32.64
C GLY A 266 -66.52 -29.59 -32.55
N SER A 267 -65.48 -28.75 -32.58
CA SER A 267 -65.60 -27.31 -32.40
C SER A 267 -64.96 -26.55 -33.55
N GLU A 268 -65.51 -25.38 -33.84
CA GLU A 268 -65.00 -24.49 -34.88
C GLU A 268 -64.26 -23.33 -34.24
N THR A 269 -63.06 -23.05 -34.76
CA THR A 269 -62.13 -22.14 -34.12
C THR A 269 -61.89 -20.92 -34.99
N ARG A 270 -61.00 -20.06 -34.50
CA ARG A 270 -60.60 -18.81 -35.15
C ARG A 270 -59.35 -18.32 -34.44
N VAL A 271 -58.39 -17.82 -35.20
CA VAL A 271 -57.11 -17.39 -34.65
C VAL A 271 -56.70 -16.09 -35.31
N LYS A 272 -56.06 -15.22 -34.54
CA LYS A 272 -55.52 -13.97 -35.05
C LYS A 272 -54.07 -13.87 -34.62
N VAL A 273 -53.20 -13.49 -35.54
CA VAL A 273 -51.82 -13.19 -35.17
C VAL A 273 -51.80 -11.76 -34.64
N VAL A 274 -52.08 -11.61 -33.35
CA VAL A 274 -52.18 -10.29 -32.74
C VAL A 274 -50.84 -9.61 -32.61
N LYS A 275 -49.75 -10.36 -32.66
CA LYS A 275 -48.41 -9.79 -32.71
C LYS A 275 -47.53 -10.66 -33.60
N ASN A 276 -46.58 -10.03 -34.27
CA ASN A 276 -45.67 -10.72 -35.15
C ASN A 276 -44.41 -9.87 -35.28
N LYS A 277 -43.30 -10.54 -35.55
CA LYS A 277 -42.00 -9.89 -35.66
C LYS A 277 -41.17 -10.45 -36.80
N ILE A 278 -41.75 -11.36 -37.59
CA ILE A 278 -41.03 -12.06 -38.65
C ILE A 278 -41.85 -12.06 -39.94
N ALA A 279 -43.00 -11.39 -39.92
CA ALA A 279 -43.86 -11.30 -41.09
C ALA A 279 -44.92 -10.25 -40.83
N ALA A 280 -45.60 -9.84 -41.87
CA ALA A 280 -46.66 -8.86 -41.73
C ALA A 280 -47.74 -9.40 -40.82
N PRO A 281 -48.18 -8.65 -39.81
CA PRO A 281 -49.11 -9.19 -38.82
C PRO A 281 -50.57 -9.03 -39.22
N PHE A 282 -51.45 -9.49 -38.32
CA PHE A 282 -52.90 -9.29 -38.33
C PHE A 282 -53.67 -10.21 -39.27
N LYS A 283 -53.04 -11.24 -39.83
CA LYS A 283 -53.78 -12.18 -40.63
C LYS A 283 -54.46 -13.22 -39.74
N GLN A 284 -55.25 -14.10 -40.35
CA GLN A 284 -56.17 -14.96 -39.60
C GLN A 284 -56.04 -16.41 -40.05
N ALA A 285 -56.82 -17.28 -39.40
CA ALA A 285 -56.82 -18.71 -39.69
C ALA A 285 -57.98 -19.38 -38.97
N GLU A 286 -58.68 -20.27 -39.69
CA GLU A 286 -59.84 -20.96 -39.16
C GLU A 286 -59.69 -22.45 -39.46
N PHE A 287 -60.17 -23.29 -38.55
CA PHE A 287 -60.06 -24.73 -38.76
C PHE A 287 -60.93 -25.46 -37.76
N GLN A 288 -61.12 -26.76 -38.03
CA GLN A 288 -61.94 -27.63 -37.19
C GLN A 288 -61.05 -28.43 -36.25
N ILE A 289 -61.46 -28.50 -34.98
CA ILE A 289 -60.89 -29.44 -34.02
C ILE A 289 -61.94 -30.49 -33.73
N LEU A 290 -61.67 -31.73 -34.12
CA LEU A 290 -62.52 -32.87 -33.82
C LEU A 290 -61.94 -33.58 -32.61
N TYR A 291 -62.80 -34.17 -31.79
CA TYR A 291 -62.32 -34.71 -30.54
C TYR A 291 -61.44 -35.94 -30.72
N GLY A 292 -61.14 -36.33 -31.95
CA GLY A 292 -60.25 -37.44 -32.20
C GLY A 292 -58.82 -36.97 -32.43
N GLU A 293 -58.39 -36.99 -33.69
CA GLU A 293 -57.02 -36.66 -34.04
C GLU A 293 -56.68 -35.19 -33.81
N GLY A 294 -57.66 -34.31 -33.77
CA GLY A 294 -57.39 -32.89 -33.52
C GLY A 294 -57.63 -32.03 -34.77
N ILE A 295 -56.54 -31.47 -35.30
CA ILE A 295 -56.65 -30.56 -36.44
C ILE A 295 -57.08 -31.35 -37.67
N ASN A 296 -58.20 -30.95 -38.26
CA ASN A 296 -58.72 -31.60 -39.47
C ASN A 296 -57.93 -31.10 -40.67
N PHE A 297 -56.75 -31.70 -40.86
CA PHE A 297 -55.86 -31.25 -41.93
C PHE A 297 -56.56 -31.23 -43.28
N TYR A 298 -57.33 -32.28 -43.57
CA TYR A 298 -57.83 -32.45 -44.93
C TYR A 298 -59.01 -31.52 -45.21
N GLY A 299 -59.83 -31.22 -44.21
CA GLY A 299 -60.83 -30.19 -44.40
C GLY A 299 -60.21 -28.85 -44.75
N GLU A 300 -59.14 -28.48 -44.04
CA GLU A 300 -58.43 -27.26 -44.37
C GLU A 300 -57.88 -27.32 -45.78
N LEU A 301 -57.35 -28.47 -46.19
CA LEU A 301 -56.78 -28.57 -47.53
C LEU A 301 -57.84 -28.40 -48.59
N VAL A 302 -59.02 -29.00 -48.41
CA VAL A 302 -60.06 -28.82 -49.40
C VAL A 302 -60.51 -27.37 -49.43
N ASP A 303 -60.63 -26.74 -48.28
CA ASP A 303 -61.06 -25.34 -48.24
C ASP A 303 -60.07 -24.47 -49.00
N LEU A 304 -58.78 -24.69 -48.77
CA LEU A 304 -57.77 -23.93 -49.49
C LEU A 304 -57.85 -24.19 -50.99
N GLY A 305 -57.99 -25.46 -51.39
CA GLY A 305 -58.09 -25.75 -52.81
C GLY A 305 -59.25 -25.05 -53.46
N VAL A 306 -60.40 -25.03 -52.80
CA VAL A 306 -61.57 -24.35 -53.36
C VAL A 306 -61.34 -22.85 -53.41
N LYS A 307 -60.68 -22.30 -52.39
CA LYS A 307 -60.53 -20.85 -52.33
C LYS A 307 -59.55 -20.35 -53.40
N GLU A 308 -58.43 -21.03 -53.58
CA GLU A 308 -57.47 -20.66 -54.61
C GLU A 308 -57.87 -21.16 -55.98
N LYS A 309 -59.07 -21.73 -56.12
CA LYS A 309 -59.57 -22.19 -57.41
C LYS A 309 -58.65 -23.24 -58.02
N LEU A 310 -58.38 -24.30 -57.25
CA LEU A 310 -57.76 -25.50 -57.79
C LEU A 310 -58.74 -26.66 -57.83
N ILE A 311 -59.64 -26.70 -56.86
CA ILE A 311 -60.70 -27.70 -56.81
C ILE A 311 -61.95 -27.11 -57.44
N GLU A 312 -62.55 -27.85 -58.37
CA GLU A 312 -63.72 -27.38 -59.09
C GLU A 312 -64.97 -27.52 -58.23
N LYS A 313 -65.92 -26.61 -58.46
CA LYS A 313 -67.17 -26.61 -57.72
C LYS A 313 -68.29 -26.14 -58.64
N ALA A 314 -69.50 -26.61 -58.34
CA ALA A 314 -70.68 -26.22 -59.12
C ALA A 314 -71.89 -26.40 -58.22
N GLY A 315 -72.52 -25.29 -57.86
CA GLY A 315 -73.64 -25.37 -56.93
C GLY A 315 -73.19 -26.00 -55.63
N ALA A 316 -73.93 -27.03 -55.20
CA ALA A 316 -73.55 -27.75 -53.99
C ALA A 316 -72.59 -28.90 -54.29
N TRP A 317 -72.23 -29.11 -55.55
CA TRP A 317 -71.41 -30.27 -55.92
C TRP A 317 -69.97 -29.84 -56.12
N TYR A 318 -69.06 -30.50 -55.42
CA TYR A 318 -67.63 -30.26 -55.60
C TYR A 318 -67.06 -31.25 -56.61
N SER A 319 -66.17 -30.73 -57.47
CA SER A 319 -65.64 -31.52 -58.57
C SER A 319 -64.14 -31.30 -58.65
N TYR A 320 -63.50 -32.02 -59.57
CA TYR A 320 -62.06 -31.98 -59.71
C TYR A 320 -61.68 -32.51 -61.08
N LYS A 321 -61.07 -31.66 -61.90
CA LYS A 321 -60.68 -32.04 -63.26
C LYS A 321 -61.86 -32.65 -64.02
N GLY A 322 -63.03 -32.02 -63.93
CA GLY A 322 -64.18 -32.44 -64.67
C GLY A 322 -64.95 -33.60 -64.09
N GLU A 323 -64.53 -34.13 -62.94
CA GLU A 323 -65.22 -35.23 -62.28
C GLU A 323 -65.82 -34.74 -60.98
N LYS A 324 -67.05 -35.18 -60.71
CA LYS A 324 -67.75 -34.77 -59.50
C LYS A 324 -67.16 -35.49 -58.28
N ILE A 325 -66.82 -34.74 -57.25
CA ILE A 325 -66.14 -35.28 -56.09
C ILE A 325 -67.12 -35.60 -54.97
N GLY A 326 -67.83 -34.59 -54.47
CA GLY A 326 -68.84 -34.80 -53.45
C GLY A 326 -69.86 -33.67 -53.43
N GLN A 327 -71.08 -33.98 -53.00
CA GLN A 327 -72.14 -32.97 -52.92
C GLN A 327 -72.14 -32.22 -51.60
N GLY A 328 -71.03 -32.22 -50.87
CA GLY A 328 -70.95 -31.48 -49.63
C GLY A 328 -69.54 -31.48 -49.10
N LYS A 329 -69.31 -30.61 -48.11
CA LYS A 329 -67.99 -30.54 -47.49
C LYS A 329 -67.58 -31.89 -46.92
N ALA A 330 -68.46 -32.49 -46.12
CA ALA A 330 -68.09 -33.71 -45.41
C ALA A 330 -67.77 -34.84 -46.37
N ASN A 331 -68.69 -35.11 -47.30
CA ASN A 331 -68.47 -36.21 -48.24
C ASN A 331 -67.25 -35.94 -49.12
N ALA A 332 -67.03 -34.68 -49.50
CA ALA A 332 -65.85 -34.35 -50.28
C ALA A 332 -64.58 -34.63 -49.49
N THR A 333 -64.58 -34.27 -48.21
CA THR A 333 -63.42 -34.53 -47.38
C THR A 333 -63.19 -36.04 -47.24
N ALA A 334 -64.26 -36.80 -47.09
CA ALA A 334 -64.12 -38.26 -47.06
C ALA A 334 -63.52 -38.75 -48.36
N TRP A 335 -63.96 -38.17 -49.48
CA TRP A 335 -63.40 -38.51 -50.78
C TRP A 335 -61.90 -38.27 -50.79
N LEU A 336 -61.47 -37.09 -50.34
CA LEU A 336 -60.06 -36.76 -50.35
C LEU A 336 -59.27 -37.71 -49.46
N LYS A 337 -59.77 -37.96 -48.26
CA LYS A 337 -59.11 -38.89 -47.35
C LYS A 337 -58.97 -40.26 -48.00
N ASP A 338 -60.03 -40.75 -48.63
CA ASP A 338 -60.04 -42.04 -49.29
C ASP A 338 -59.19 -42.07 -50.56
N ASN A 339 -58.71 -40.92 -51.03
CA ASN A 339 -58.01 -40.80 -52.30
C ASN A 339 -56.63 -40.19 -52.08
N PRO A 340 -55.68 -40.96 -51.55
CA PRO A 340 -54.33 -40.43 -51.36
C PRO A 340 -53.67 -39.94 -52.64
N GLU A 341 -54.01 -40.54 -53.79
CA GLU A 341 -53.29 -40.22 -55.02
C GLU A 341 -53.47 -38.76 -55.41
N THR A 342 -54.70 -38.25 -55.32
CA THR A 342 -54.98 -36.87 -55.75
C THR A 342 -54.72 -35.86 -54.65
N ALA A 343 -54.78 -36.32 -53.39
CA ALA A 343 -54.60 -35.41 -52.27
C ALA A 343 -53.20 -34.80 -52.28
N LYS A 344 -52.19 -35.60 -52.60
CA LYS A 344 -50.83 -35.08 -52.61
C LYS A 344 -50.61 -34.08 -53.74
N GLU A 345 -51.21 -34.33 -54.91
CA GLU A 345 -51.16 -33.33 -55.97
C GLU A 345 -51.78 -32.03 -55.50
N ILE A 346 -53.00 -32.10 -54.96
CA ILE A 346 -53.67 -30.89 -54.50
C ILE A 346 -52.79 -30.17 -53.48
N GLU A 347 -52.24 -30.92 -52.54
CA GLU A 347 -51.40 -30.33 -51.51
C GLU A 347 -50.24 -29.59 -52.16
N LYS A 348 -49.33 -30.30 -52.80
CA LYS A 348 -48.12 -29.65 -53.32
C LYS A 348 -48.47 -28.45 -54.19
N LYS A 349 -49.53 -28.55 -54.99
CA LYS A 349 -49.87 -27.39 -55.81
C LYS A 349 -50.22 -26.18 -54.97
N VAL A 350 -51.10 -26.36 -53.97
CA VAL A 350 -51.49 -25.20 -53.17
C VAL A 350 -50.30 -24.70 -52.34
N ARG A 351 -49.50 -25.61 -51.80
CA ARG A 351 -48.34 -25.20 -51.02
C ARG A 351 -47.41 -24.33 -51.86
N GLU A 352 -47.04 -24.81 -53.04
CA GLU A 352 -46.10 -24.04 -53.86
C GLU A 352 -46.72 -22.71 -54.29
N LEU A 353 -48.01 -22.69 -54.63
CA LEU A 353 -48.63 -21.43 -55.00
C LEU A 353 -48.56 -20.43 -53.86
N LEU A 354 -48.92 -20.84 -52.65
CA LEU A 354 -48.97 -19.94 -51.51
C LEU A 354 -47.65 -19.83 -50.79
N ASP B 30 -6.35 47.35 -13.55
CA ASP B 30 -6.91 46.33 -14.42
C ASP B 30 -5.80 45.52 -15.08
N GLU B 31 -4.73 46.19 -15.49
CA GLU B 31 -3.61 45.49 -16.10
C GLU B 31 -2.98 44.50 -15.13
N ASN B 32 -2.84 44.90 -13.87
CA ASN B 32 -2.26 44.00 -12.88
C ASN B 32 -3.07 42.73 -12.74
N LYS B 33 -4.36 42.79 -13.07
CA LYS B 33 -5.21 41.62 -13.03
C LYS B 33 -5.10 40.82 -14.32
N GLN B 34 -4.94 41.52 -15.45
CA GLN B 34 -4.80 40.84 -16.73
C GLN B 34 -3.52 40.02 -16.78
N LYS B 35 -2.42 40.54 -16.24
CA LYS B 35 -1.20 39.73 -16.19
C LYS B 35 -1.43 38.45 -15.38
N ALA B 36 -2.13 38.56 -14.25
CA ALA B 36 -2.35 37.37 -13.41
C ALA B 36 -3.21 36.35 -14.14
N LEU B 37 -4.27 36.80 -14.81
CA LEU B 37 -5.11 35.87 -15.54
C LEU B 37 -4.33 35.19 -16.66
N ALA B 38 -3.52 35.96 -17.39
CA ALA B 38 -2.72 35.36 -18.44
C ALA B 38 -1.76 34.32 -17.89
N ALA B 39 -1.11 34.63 -16.77
CA ALA B 39 -0.20 33.68 -16.17
C ALA B 39 -0.92 32.39 -15.76
N ALA B 40 -2.10 32.53 -15.15
CA ALA B 40 -2.84 31.36 -14.71
C ALA B 40 -3.25 30.50 -15.89
N LEU B 41 -3.74 31.13 -16.96
CA LEU B 41 -4.13 30.35 -18.14
C LEU B 41 -2.93 29.65 -18.74
N GLY B 42 -1.78 30.32 -18.81
CA GLY B 42 -0.58 29.66 -19.28
C GLY B 42 -0.23 28.45 -18.45
N GLN B 43 -0.31 28.59 -17.13
CA GLN B 43 0.03 27.48 -16.24
C GLN B 43 -0.91 26.30 -16.47
N ILE B 44 -2.21 26.58 -16.54
CA ILE B 44 -3.18 25.50 -16.77
C ILE B 44 -2.90 24.81 -18.09
N GLU B 45 -2.66 25.60 -19.13
CA GLU B 45 -2.43 25.04 -20.46
C GLU B 45 -1.19 24.16 -20.47
N LYS B 46 -0.12 24.60 -19.80
CA LYS B 46 1.08 23.77 -19.72
C LYS B 46 0.78 22.47 -18.99
N GLN B 47 0.09 22.51 -17.87
CA GLN B 47 -0.08 21.28 -17.09
C GLN B 47 -1.05 20.31 -17.70
N PHE B 48 -2.01 20.77 -18.49
CA PHE B 48 -3.02 19.85 -18.98
C PHE B 48 -3.13 19.74 -20.49
N GLY B 49 -2.43 20.57 -21.25
CA GLY B 49 -2.47 20.51 -22.70
C GLY B 49 -3.23 21.67 -23.31
N LYS B 50 -3.01 21.86 -24.60
CA LYS B 50 -3.60 23.00 -25.30
C LYS B 50 -5.08 22.74 -25.57
N GLY B 51 -5.88 23.78 -25.46
CA GLY B 51 -7.31 23.63 -25.65
C GLY B 51 -8.05 23.14 -24.43
N SER B 52 -7.49 23.34 -23.23
CA SER B 52 -8.17 22.93 -22.02
C SER B 52 -9.05 24.03 -21.45
N ILE B 53 -8.73 25.30 -21.74
CA ILE B 53 -9.55 26.42 -21.28
C ILE B 53 -9.41 27.55 -22.29
N MET B 54 -10.53 28.02 -22.82
CA MET B 54 -10.53 29.09 -23.81
C MET B 54 -11.89 29.77 -23.79
N ARG B 55 -11.93 30.98 -24.36
CA ARG B 55 -13.19 31.71 -24.44
C ARG B 55 -14.24 30.86 -25.14
N LEU B 56 -15.48 30.94 -24.66
CA LEU B 56 -16.52 30.06 -25.17
C LEU B 56 -16.86 30.37 -26.62
N GLY B 57 -16.67 31.61 -27.04
CA GLY B 57 -17.01 32.02 -28.38
C GLY B 57 -15.99 31.65 -29.44
N GLU B 58 -14.86 31.06 -29.05
CA GLU B 58 -13.84 30.66 -30.00
C GLU B 58 -13.72 29.15 -30.16
N ASP B 59 -14.42 28.37 -29.33
CA ASP B 59 -14.29 26.92 -29.34
C ASP B 59 -15.39 26.37 -30.24
N ARG B 60 -15.04 26.07 -31.49
CA ARG B 60 -16.02 25.52 -32.43
C ARG B 60 -16.39 24.08 -32.11
N SER B 61 -15.70 23.43 -31.18
CA SER B 61 -16.11 22.09 -30.79
C SER B 61 -17.40 22.11 -29.99
N MET B 62 -17.87 23.28 -29.57
CA MET B 62 -19.09 23.40 -28.78
C MET B 62 -20.33 23.64 -29.64
N ASP B 63 -20.20 23.64 -30.96
CA ASP B 63 -21.37 23.78 -31.82
C ASP B 63 -22.04 22.42 -32.02
N VAL B 64 -23.28 22.45 -32.47
CA VAL B 64 -24.12 21.26 -32.51
C VAL B 64 -24.48 20.93 -33.96
N GLU B 65 -24.29 19.67 -34.33
CA GLU B 65 -24.61 19.16 -35.65
C GLU B 65 -25.69 18.10 -35.52
N THR B 66 -26.51 17.97 -36.57
CA THR B 66 -27.70 17.13 -36.50
C THR B 66 -27.79 16.19 -37.70
N ILE B 67 -28.27 14.98 -37.44
CA ILE B 67 -28.56 13.98 -38.46
C ILE B 67 -30.06 13.79 -38.51
N SER B 68 -30.62 13.77 -39.71
CA SER B 68 -32.07 13.65 -39.85
C SER B 68 -32.56 12.31 -39.28
N THR B 69 -33.78 12.33 -38.75
CA THR B 69 -34.39 11.14 -38.19
C THR B 69 -35.10 10.29 -39.24
N GLY B 70 -35.12 10.71 -40.50
CA GLY B 70 -35.85 10.01 -41.53
C GLY B 70 -37.28 10.44 -41.68
N SER B 71 -37.78 11.30 -40.80
CA SER B 71 -39.13 11.85 -40.88
C SER B 71 -39.06 13.37 -40.85
N LEU B 72 -39.63 14.00 -41.87
CA LEU B 72 -39.60 15.45 -41.94
C LEU B 72 -40.37 16.06 -40.78
N SER B 73 -41.52 15.49 -40.45
CA SER B 73 -42.35 16.05 -39.37
C SER B 73 -41.59 16.07 -38.06
N LEU B 74 -40.88 14.99 -37.75
CA LEU B 74 -40.14 14.93 -36.49
C LEU B 74 -38.97 15.89 -36.48
N ASP B 75 -38.37 16.15 -37.64
CA ASP B 75 -37.31 17.15 -37.71
C ASP B 75 -37.85 18.55 -37.47
N ILE B 76 -39.03 18.88 -38.02
CA ILE B 76 -39.65 20.16 -37.69
C ILE B 76 -39.97 20.21 -36.20
N ALA B 77 -40.48 19.10 -35.66
CA ALA B 77 -40.86 19.07 -34.25
C ALA B 77 -39.67 19.31 -33.34
N LEU B 78 -38.54 18.69 -33.63
CA LEU B 78 -37.34 18.90 -32.83
C LEU B 78 -36.85 20.34 -32.87
N GLY B 79 -37.09 21.06 -33.95
CA GLY B 79 -36.72 22.45 -34.01
C GLY B 79 -35.30 22.68 -34.49
N ALA B 80 -34.40 21.74 -34.20
CA ALA B 80 -32.99 21.89 -34.51
C ALA B 80 -32.57 21.18 -35.77
N GLY B 81 -33.43 20.37 -36.36
CA GLY B 81 -33.13 19.70 -37.62
C GLY B 81 -32.69 18.26 -37.52
N GLY B 82 -32.84 17.62 -36.37
CA GLY B 82 -32.51 16.22 -36.24
C GLY B 82 -31.92 15.92 -34.89
N LEU B 83 -31.32 14.76 -34.77
CA LEU B 83 -30.70 14.32 -33.54
C LEU B 83 -29.27 14.86 -33.44
N PRO B 84 -28.87 15.36 -32.28
CA PRO B 84 -27.54 15.96 -32.15
C PRO B 84 -26.44 14.92 -32.05
N MET B 85 -25.23 15.33 -32.39
CA MET B 85 -24.08 14.44 -32.33
C MET B 85 -23.29 14.68 -31.04
N GLY B 86 -22.54 13.68 -30.63
CA GLY B 86 -21.85 13.74 -29.36
C GLY B 86 -22.79 13.85 -28.18
N ARG B 87 -23.91 13.14 -28.22
CA ARG B 87 -24.95 13.29 -27.22
C ARG B 87 -25.58 11.93 -26.96
N ILE B 88 -26.53 11.90 -26.03
CA ILE B 88 -27.19 10.68 -25.60
C ILE B 88 -28.69 10.87 -25.79
N VAL B 89 -29.34 9.87 -26.41
CA VAL B 89 -30.74 9.97 -26.78
C VAL B 89 -31.48 8.75 -26.25
N GLU B 90 -32.77 8.91 -26.01
CA GLU B 90 -33.63 7.88 -25.47
C GLU B 90 -34.94 7.82 -26.25
N ILE B 91 -35.43 6.62 -26.51
CA ILE B 91 -36.72 6.40 -27.15
C ILE B 91 -37.45 5.33 -26.37
N TYR B 92 -38.63 5.66 -25.86
CA TYR B 92 -39.42 4.70 -25.10
C TYR B 92 -40.87 4.75 -25.51
N GLY B 93 -41.60 3.68 -25.20
CA GLY B 93 -43.01 3.60 -25.50
C GLY B 93 -43.56 2.19 -25.35
N PRO B 94 -44.86 2.03 -25.58
CA PRO B 94 -45.48 0.72 -25.44
C PRO B 94 -44.98 -0.29 -26.46
N GLU B 95 -45.52 -1.49 -26.35
CA GLU B 95 -45.16 -2.59 -27.23
C GLU B 95 -45.67 -2.36 -28.64
N SER B 96 -44.87 -2.77 -29.62
CA SER B 96 -45.20 -2.68 -31.04
C SER B 96 -45.53 -1.27 -31.47
N SER B 97 -44.69 -0.30 -31.07
CA SER B 97 -44.95 1.11 -31.37
C SER B 97 -44.00 1.69 -32.40
N GLY B 98 -42.93 0.99 -32.77
CA GLY B 98 -42.09 1.44 -33.86
C GLY B 98 -40.73 1.93 -33.43
N LYS B 99 -40.15 1.34 -32.40
CA LYS B 99 -38.86 1.80 -31.92
C LYS B 99 -37.73 1.27 -32.81
N THR B 100 -37.68 -0.04 -33.00
CA THR B 100 -36.62 -0.62 -33.81
C THR B 100 -36.70 -0.12 -35.24
N THR B 101 -37.90 0.00 -35.78
CA THR B 101 -38.04 0.49 -37.15
C THR B 101 -37.46 1.89 -37.30
N LEU B 102 -37.78 2.78 -36.36
CA LEU B 102 -37.30 4.15 -36.44
C LEU B 102 -35.79 4.21 -36.28
N THR B 103 -35.23 3.49 -35.31
CA THR B 103 -33.79 3.50 -35.16
C THR B 103 -33.09 2.95 -36.40
N LEU B 104 -33.68 1.93 -37.02
CA LEU B 104 -33.14 1.40 -38.26
C LEU B 104 -33.17 2.44 -39.38
N GLN B 105 -34.25 3.20 -39.47
CA GLN B 105 -34.31 4.25 -40.49
C GLN B 105 -33.32 5.39 -40.22
N VAL B 106 -33.06 5.73 -38.97
CA VAL B 106 -32.01 6.71 -38.69
C VAL B 106 -30.66 6.15 -39.13
N ILE B 107 -30.36 4.90 -38.78
CA ILE B 107 -29.11 4.29 -39.22
C ILE B 107 -29.01 4.34 -40.73
N ALA B 108 -30.09 3.98 -41.43
CA ALA B 108 -30.08 3.98 -42.88
C ALA B 108 -29.81 5.37 -43.43
N ALA B 109 -30.48 6.39 -42.88
CA ALA B 109 -30.25 7.75 -43.32
C ALA B 109 -28.81 8.17 -43.10
N ALA B 110 -28.14 7.61 -42.09
CA ALA B 110 -26.74 7.92 -41.87
C ALA B 110 -25.84 7.17 -42.85
N GLN B 111 -26.25 5.98 -43.28
CA GLN B 111 -25.41 5.19 -44.19
C GLN B 111 -25.13 5.94 -45.48
N ARG B 112 -26.18 6.48 -46.10
CA ARG B 112 -26.02 7.07 -47.43
C ARG B 112 -25.06 8.26 -47.40
N GLU B 113 -25.15 9.10 -46.38
CA GLU B 113 -24.30 10.27 -46.29
C GLU B 113 -22.83 9.94 -46.05
N GLY B 114 -22.51 8.68 -45.78
CA GLY B 114 -21.13 8.25 -45.66
C GLY B 114 -20.63 8.04 -44.26
N LYS B 115 -21.38 7.36 -43.39
CA LYS B 115 -20.96 7.16 -42.01
C LYS B 115 -21.02 5.68 -41.65
N THR B 116 -20.34 5.34 -40.55
CA THR B 116 -20.27 3.98 -40.03
C THR B 116 -21.26 3.84 -38.89
N CYS B 117 -21.94 2.69 -38.81
CA CYS B 117 -23.02 2.48 -37.88
C CYS B 117 -22.92 1.11 -37.22
N ALA B 118 -23.51 1.00 -36.03
CA ALA B 118 -23.49 -0.23 -35.26
C ALA B 118 -24.85 -0.47 -34.62
N PHE B 119 -25.00 -1.62 -33.98
CA PHE B 119 -26.26 -2.03 -33.38
C PHE B 119 -25.98 -3.15 -32.39
N ILE B 120 -26.49 -3.02 -31.17
CA ILE B 120 -26.30 -4.02 -30.12
C ILE B 120 -27.67 -4.56 -29.76
N ASP B 121 -27.89 -5.84 -30.02
CA ASP B 121 -29.20 -6.47 -29.84
C ASP B 121 -29.24 -7.23 -28.52
N ALA B 122 -29.43 -6.49 -27.43
CA ALA B 122 -29.50 -7.10 -26.12
C ALA B 122 -30.80 -7.86 -25.90
N GLU B 123 -31.81 -7.63 -26.74
CA GLU B 123 -33.03 -8.43 -26.70
C GLU B 123 -32.90 -9.75 -27.44
N HIS B 124 -31.97 -9.86 -28.37
CA HIS B 124 -31.84 -11.05 -29.23
C HIS B 124 -33.06 -11.19 -30.13
N ALA B 125 -33.42 -10.09 -30.81
CA ALA B 125 -34.63 -10.12 -31.63
C ALA B 125 -34.55 -9.38 -32.96
N LEU B 126 -33.40 -9.34 -33.63
CA LEU B 126 -33.27 -8.55 -34.84
C LEU B 126 -33.28 -9.46 -36.08
N ASP B 127 -34.06 -9.07 -37.09
CA ASP B 127 -34.22 -9.85 -38.31
C ASP B 127 -33.47 -9.18 -39.45
N PRO B 128 -32.46 -9.81 -40.06
CA PRO B 128 -31.72 -9.14 -41.13
C PRO B 128 -32.57 -8.74 -42.33
N ILE B 129 -33.46 -9.62 -42.79
CA ILE B 129 -34.17 -9.36 -44.04
C ILE B 129 -34.99 -8.09 -43.92
N TYR B 130 -35.71 -7.92 -42.81
CA TYR B 130 -36.52 -6.72 -42.67
C TYR B 130 -35.65 -5.48 -42.59
N ALA B 131 -34.49 -5.58 -41.95
CA ALA B 131 -33.56 -4.45 -41.94
C ALA B 131 -33.13 -4.10 -43.36
N ARG B 132 -33.02 -5.11 -44.23
CA ARG B 132 -32.70 -4.84 -45.63
C ARG B 132 -33.84 -4.12 -46.32
N LYS B 133 -35.06 -4.62 -46.16
CA LYS B 133 -36.20 -4.04 -46.86
C LYS B 133 -36.37 -2.58 -46.48
N LEU B 134 -36.13 -2.24 -45.21
CA LEU B 134 -36.26 -0.86 -44.77
C LEU B 134 -35.24 0.05 -45.42
N GLY B 135 -34.06 -0.47 -45.76
CA GLY B 135 -33.08 0.31 -46.49
C GLY B 135 -31.69 0.33 -45.89
N VAL B 136 -31.47 -0.44 -44.83
CA VAL B 136 -30.15 -0.52 -44.23
C VAL B 136 -29.25 -1.35 -45.12
N ASP B 137 -27.94 -1.04 -45.07
CA ASP B 137 -26.95 -1.76 -45.84
C ASP B 137 -26.33 -2.81 -44.92
N ILE B 138 -26.77 -4.05 -45.12
CA ILE B 138 -26.49 -5.12 -44.16
C ILE B 138 -25.07 -5.64 -44.31
N ASP B 139 -24.42 -5.34 -45.43
CA ASP B 139 -23.12 -5.94 -45.70
C ASP B 139 -22.00 -5.33 -44.84
N ASN B 140 -22.19 -4.14 -44.29
CA ASN B 140 -21.16 -3.52 -43.48
C ASN B 140 -21.73 -2.85 -42.22
N LEU B 141 -22.77 -3.41 -41.62
CA LEU B 141 -23.30 -2.89 -40.38
C LEU B 141 -22.82 -3.73 -39.20
N LEU B 142 -22.18 -3.08 -38.23
CA LEU B 142 -21.67 -3.81 -37.08
C LEU B 142 -22.81 -4.28 -36.20
N CYS B 143 -22.69 -5.52 -35.70
CA CYS B 143 -23.71 -6.14 -34.88
C CYS B 143 -23.06 -6.87 -33.72
N SER B 144 -23.79 -6.97 -32.63
CA SER B 144 -23.28 -7.60 -31.41
C SER B 144 -24.47 -8.02 -30.56
N GLN B 145 -24.38 -9.22 -30.00
CA GLN B 145 -25.46 -9.79 -29.19
C GLN B 145 -24.88 -10.19 -27.84
N PRO B 146 -24.67 -9.22 -26.95
CA PRO B 146 -24.04 -9.52 -25.67
C PRO B 146 -24.95 -10.34 -24.77
N ASP B 147 -24.32 -11.03 -23.81
CA ASP B 147 -25.02 -11.87 -22.85
C ASP B 147 -25.09 -11.25 -21.46
N THR B 148 -24.38 -10.15 -21.23
CA THR B 148 -24.46 -9.41 -19.97
C THR B 148 -24.47 -7.93 -20.29
N GLY B 149 -25.01 -7.15 -19.36
CA GLY B 149 -25.03 -5.70 -19.54
C GLY B 149 -23.65 -5.08 -19.52
N GLU B 150 -22.80 -5.55 -18.62
CA GLU B 150 -21.44 -4.99 -18.54
C GLU B 150 -20.70 -5.19 -19.86
N GLN B 151 -20.85 -6.36 -20.47
CA GLN B 151 -20.21 -6.59 -21.76
C GLN B 151 -20.72 -5.64 -22.83
N ALA B 152 -22.04 -5.43 -22.89
CA ALA B 152 -22.58 -4.52 -23.89
C ALA B 152 -22.04 -3.13 -23.71
N LEU B 153 -21.99 -2.65 -22.47
CA LEU B 153 -21.50 -1.31 -22.24
C LEU B 153 -20.01 -1.20 -22.53
N GLU B 154 -19.25 -2.26 -22.25
CA GLU B 154 -17.82 -2.24 -22.58
C GLU B 154 -17.60 -2.19 -24.07
N ILE B 155 -18.40 -2.92 -24.85
CA ILE B 155 -18.31 -2.81 -26.31
C ILE B 155 -18.64 -1.41 -26.76
N CYS B 156 -19.68 -0.79 -26.19
CA CYS B 156 -20.00 0.59 -26.55
C CYS B 156 -18.83 1.52 -26.29
N ASP B 157 -18.22 1.40 -25.11
CA ASP B 157 -17.12 2.28 -24.74
C ASP B 157 -15.92 2.06 -25.65
N ALA B 158 -15.60 0.79 -25.94
CA ALA B 158 -14.49 0.49 -26.84
C ALA B 158 -14.73 1.10 -28.20
N LEU B 159 -15.94 0.94 -28.75
CA LEU B 159 -16.21 1.48 -30.06
C LEU B 159 -16.10 3.00 -30.06
N ALA B 160 -16.61 3.65 -29.01
CA ALA B 160 -16.53 5.10 -28.95
C ALA B 160 -15.10 5.59 -28.86
N ARG B 161 -14.27 4.93 -28.05
CA ARG B 161 -12.89 5.39 -27.87
C ARG B 161 -12.18 5.55 -29.20
N SER B 162 -12.31 4.57 -30.09
CA SER B 162 -11.80 4.72 -31.45
C SER B 162 -12.70 5.66 -32.24
N GLY B 163 -12.14 6.27 -33.26
CA GLY B 163 -12.86 7.28 -34.01
C GLY B 163 -13.58 6.81 -35.23
N ALA B 164 -13.87 5.50 -35.33
CA ALA B 164 -14.38 4.96 -36.57
C ALA B 164 -15.90 5.02 -36.68
N VAL B 165 -16.62 4.60 -35.64
CA VAL B 165 -18.07 4.43 -35.70
C VAL B 165 -18.72 5.78 -35.45
N ASP B 166 -19.89 6.00 -36.07
CA ASP B 166 -20.59 7.27 -35.95
C ASP B 166 -21.89 7.17 -35.17
N VAL B 167 -22.60 6.04 -35.27
CA VAL B 167 -23.85 5.84 -34.55
C VAL B 167 -23.89 4.43 -33.99
N ILE B 168 -24.36 4.29 -32.75
CA ILE B 168 -24.52 2.99 -32.10
C ILE B 168 -25.90 2.96 -31.48
N VAL B 169 -26.62 1.85 -31.66
CA VAL B 169 -27.96 1.66 -31.11
C VAL B 169 -27.93 0.51 -30.12
N VAL B 170 -28.35 0.77 -28.89
CA VAL B 170 -28.53 -0.26 -27.88
C VAL B 170 -30.00 -0.69 -27.91
N ASP B 171 -30.24 -1.99 -28.07
CA ASP B 171 -31.56 -2.48 -28.42
C ASP B 171 -32.52 -2.62 -27.25
N SER B 172 -32.03 -2.66 -26.01
CA SER B 172 -32.95 -2.58 -24.88
C SER B 172 -32.22 -2.31 -23.57
N VAL B 173 -32.63 -1.26 -22.87
CA VAL B 173 -32.11 -0.99 -21.54
C VAL B 173 -32.65 -2.02 -20.55
N ALA B 174 -33.88 -2.49 -20.79
CA ALA B 174 -34.47 -3.49 -19.93
C ALA B 174 -33.82 -4.86 -20.10
N ALA B 175 -33.19 -5.13 -21.23
CA ALA B 175 -32.56 -6.42 -21.45
C ALA B 175 -31.20 -6.53 -20.80
N LEU B 176 -30.47 -5.44 -20.66
CA LEU B 176 -29.15 -5.48 -20.03
C LEU B 176 -29.29 -6.05 -18.63
N THR B 177 -28.44 -7.04 -18.31
CA THR B 177 -28.51 -7.75 -17.05
C THR B 177 -27.10 -7.89 -16.49
N PRO B 178 -26.88 -7.61 -15.21
CA PRO B 178 -25.53 -7.71 -14.65
C PRO B 178 -25.09 -9.16 -14.45
N LYS B 179 -23.78 -9.30 -14.29
CA LYS B 179 -23.16 -10.64 -14.27
C LYS B 179 -23.67 -11.46 -13.09
N ALA B 180 -23.79 -10.85 -11.92
CA ALA B 180 -24.21 -11.59 -10.73
C ALA B 180 -25.60 -12.17 -10.92
N GLU B 181 -26.52 -11.38 -11.46
CA GLU B 181 -27.88 -11.88 -11.65
C GLU B 181 -27.90 -13.11 -12.55
N ILE B 182 -27.21 -13.06 -13.69
CA ILE B 182 -27.21 -14.19 -14.62
C ILE B 182 -26.58 -15.41 -13.96
N GLU B 183 -25.49 -15.21 -13.23
CA GLU B 183 -24.87 -16.33 -12.53
C GLU B 183 -25.81 -16.93 -11.49
N GLY B 184 -26.55 -16.10 -10.78
CA GLY B 184 -27.42 -16.57 -9.71
C GLY B 184 -28.58 -17.39 -10.23
N GLU B 185 -29.66 -17.41 -9.46
CA GLU B 185 -30.82 -18.22 -9.79
C GLU B 185 -32.09 -17.40 -9.68
N ILE B 186 -33.14 -17.87 -10.34
CA ILE B 186 -34.40 -17.14 -10.33
C ILE B 186 -34.89 -17.00 -8.91
N GLY B 187 -35.74 -16.01 -8.67
CA GLY B 187 -36.34 -15.81 -7.38
C GLY B 187 -35.58 -14.91 -6.42
N ASP B 188 -34.25 -14.94 -6.44
CA ASP B 188 -33.51 -14.12 -5.49
C ASP B 188 -33.73 -12.63 -5.79
N SER B 189 -33.11 -11.76 -4.99
CA SER B 189 -33.21 -10.32 -5.26
C SER B 189 -31.85 -9.70 -5.53
N HIS B 190 -31.68 -9.12 -6.72
CA HIS B 190 -30.44 -8.45 -7.08
C HIS B 190 -30.76 -6.99 -7.30
N MET B 191 -31.74 -6.48 -6.55
CA MET B 191 -32.18 -5.09 -6.73
C MET B 191 -31.09 -4.04 -6.65
N GLY B 192 -31.32 -2.89 -7.28
CA GLY B 192 -30.37 -1.80 -7.23
C GLY B 192 -29.14 -1.95 -8.10
N LEU B 193 -28.87 -3.15 -8.60
CA LEU B 193 -27.64 -3.37 -9.34
C LEU B 193 -27.72 -2.72 -10.73
N ALA B 194 -28.83 -2.89 -11.42
CA ALA B 194 -28.94 -2.34 -12.77
C ALA B 194 -28.84 -0.82 -12.75
N ALA B 195 -29.51 -0.17 -11.81
CA ALA B 195 -29.44 1.28 -11.71
C ALA B 195 -28.03 1.76 -11.44
N ARG B 196 -27.33 1.11 -10.51
CA ARG B 196 -25.96 1.49 -10.19
C ARG B 196 -25.04 1.28 -11.38
N MET B 197 -25.21 0.19 -12.11
CA MET B 197 -24.39 -0.06 -13.30
C MET B 197 -24.61 1.03 -14.33
N MET B 198 -25.87 1.38 -14.59
CA MET B 198 -26.14 2.46 -15.55
C MET B 198 -25.54 3.77 -15.10
N SER B 199 -25.66 4.09 -13.81
CA SER B 199 -25.12 5.34 -13.29
C SER B 199 -23.62 5.41 -13.50
N GLN B 200 -22.92 4.29 -13.23
CA GLN B 200 -21.49 4.25 -13.50
C GLN B 200 -21.21 4.41 -14.99
N ALA B 201 -22.02 3.77 -15.83
CA ALA B 201 -21.72 3.74 -17.26
C ALA B 201 -21.78 5.13 -17.86
N MET B 202 -22.76 5.93 -17.46
CA MET B 202 -22.89 7.26 -18.07
C MET B 202 -21.65 8.11 -17.84
N ARG B 203 -21.08 8.08 -16.63
CA ARG B 203 -19.91 8.88 -16.31
C ARG B 203 -18.76 8.61 -17.27
N LYS B 204 -18.67 7.40 -17.80
CA LYS B 204 -17.63 7.05 -18.76
C LYS B 204 -18.03 7.35 -20.20
N LEU B 205 -19.27 7.04 -20.56
CA LEU B 205 -19.68 7.21 -21.96
C LEU B 205 -19.71 8.67 -22.37
N ALA B 206 -20.14 9.56 -21.46
CA ALA B 206 -20.37 10.94 -21.86
C ALA B 206 -19.11 11.63 -22.34
N GLY B 207 -17.99 11.43 -21.66
CA GLY B 207 -16.77 12.12 -22.03
C GLY B 207 -16.21 11.69 -23.37
N ASN B 208 -16.31 10.41 -23.70
CA ASN B 208 -15.78 9.92 -24.97
C ASN B 208 -16.69 10.29 -26.14
N LEU B 209 -18.01 10.24 -25.92
CA LEU B 209 -18.92 10.49 -27.04
C LEU B 209 -18.74 11.89 -27.60
N LYS B 210 -18.42 12.87 -26.75
CA LYS B 210 -18.19 14.22 -27.26
C LYS B 210 -16.84 14.30 -27.96
N GLN B 211 -15.82 13.64 -27.43
CA GLN B 211 -14.51 13.70 -28.04
C GLN B 211 -14.53 13.15 -29.46
N SER B 212 -15.23 12.03 -29.67
CA SER B 212 -15.20 11.35 -30.95
C SER B 212 -16.35 11.70 -31.87
N ASN B 213 -17.35 12.43 -31.34
CA ASN B 213 -18.50 12.90 -32.13
C ASN B 213 -19.58 11.83 -32.36
N THR B 214 -19.48 10.69 -31.68
CA THR B 214 -20.46 9.64 -31.86
C THR B 214 -21.82 10.09 -31.33
N LEU B 215 -22.87 9.41 -31.78
CA LEU B 215 -24.22 9.58 -31.26
C LEU B 215 -24.72 8.23 -30.78
N LEU B 216 -25.17 8.18 -29.52
CA LEU B 216 -25.58 6.93 -28.88
C LEU B 216 -27.06 7.02 -28.50
N ILE B 217 -27.85 6.07 -29.00
CA ILE B 217 -29.29 6.02 -28.77
C ILE B 217 -29.60 4.82 -27.88
N PHE B 218 -30.40 5.03 -26.85
CA PHE B 218 -30.91 3.96 -26.00
C PHE B 218 -32.40 3.79 -26.25
N ILE B 219 -32.82 2.54 -26.45
CA ILE B 219 -34.24 2.20 -26.50
C ILE B 219 -34.62 1.61 -25.16
N ASN B 220 -35.87 1.82 -24.75
CA ASN B 220 -36.32 1.43 -23.43
C ASN B 220 -37.70 0.80 -23.52
N GLN B 221 -38.25 0.49 -22.35
CA GLN B 221 -39.57 -0.10 -22.23
C GLN B 221 -40.30 0.57 -21.07
N ILE B 222 -41.57 0.19 -20.89
CA ILE B 222 -42.47 0.87 -19.98
C ILE B 222 -43.02 -0.15 -18.99
N ARG B 223 -42.99 0.20 -17.71
CA ARG B 223 -43.53 -0.63 -16.63
C ARG B 223 -44.33 0.25 -15.69
N MET B 224 -44.94 -0.37 -14.70
CA MET B 224 -45.93 0.30 -13.86
C MET B 224 -45.39 0.49 -12.45
N LYS B 225 -45.62 1.68 -11.89
CA LYS B 225 -45.29 1.95 -10.49
C LYS B 225 -46.41 1.44 -9.60
N ILE B 226 -46.05 0.80 -8.49
CA ILE B 226 -47.04 0.18 -7.62
C ILE B 226 -47.40 1.15 -6.50
N GLY B 227 -48.71 1.32 -6.29
CA GLY B 227 -49.18 2.13 -5.18
C GLY B 227 -48.85 3.60 -5.27
N VAL B 228 -49.08 4.22 -6.42
CA VAL B 228 -48.82 5.65 -6.54
C VAL B 228 -50.01 6.44 -6.02
N MET B 229 -49.75 7.68 -5.60
CA MET B 229 -50.81 8.52 -5.04
C MET B 229 -51.66 9.13 -6.15
N PHE B 230 -51.03 9.93 -7.02
CA PHE B 230 -51.75 10.59 -8.09
C PHE B 230 -50.84 10.73 -9.30
N GLY B 231 -51.45 10.88 -10.46
CA GLY B 231 -50.72 11.00 -11.70
C GLY B 231 -50.55 9.68 -12.41
N ASN B 232 -49.91 9.74 -13.58
CA ASN B 232 -49.69 8.52 -14.35
C ASN B 232 -48.67 7.65 -13.63
N PRO B 233 -48.84 6.32 -13.65
CA PRO B 233 -47.87 5.44 -13.00
C PRO B 233 -46.82 4.85 -13.92
N GLU B 234 -46.76 5.28 -15.17
CA GLU B 234 -45.78 4.73 -16.10
C GLU B 234 -44.38 5.11 -15.69
N THR B 235 -43.46 4.15 -15.72
CA THR B 235 -42.06 4.41 -15.49
C THR B 235 -41.24 3.61 -16.50
N THR B 236 -40.05 4.09 -16.80
CA THR B 236 -39.10 3.35 -17.60
C THR B 236 -38.11 2.63 -16.70
N THR B 237 -37.38 1.69 -17.29
CA THR B 237 -36.40 0.92 -16.53
C THR B 237 -35.03 1.56 -16.59
N GLY B 238 -34.17 1.14 -15.67
CA GLY B 238 -32.78 1.53 -15.69
C GLY B 238 -32.35 2.59 -14.70
N GLY B 239 -33.27 3.16 -13.94
CA GLY B 239 -32.91 4.15 -12.95
C GLY B 239 -33.09 5.57 -13.43
N ASN B 240 -32.56 6.50 -12.64
CA ASN B 240 -32.78 7.91 -12.89
C ASN B 240 -31.67 8.55 -13.70
N ALA B 241 -30.51 7.89 -13.81
CA ALA B 241 -29.34 8.54 -14.40
C ALA B 241 -29.57 8.95 -15.85
N LEU B 242 -30.19 8.08 -16.63
CA LEU B 242 -30.35 8.37 -18.05
C LEU B 242 -31.30 9.53 -18.28
N LYS B 243 -32.21 9.79 -17.36
CA LYS B 243 -33.03 10.99 -17.46
C LYS B 243 -32.15 12.23 -17.42
N PHE B 244 -31.14 12.23 -16.56
CA PHE B 244 -30.28 13.39 -16.42
C PHE B 244 -29.31 13.51 -17.58
N TYR B 245 -28.80 12.38 -18.06
CA TYR B 245 -27.76 12.43 -19.09
C TYR B 245 -28.30 12.46 -20.51
N ALA B 246 -29.62 12.40 -20.67
CA ALA B 246 -30.20 12.43 -22.01
C ALA B 246 -30.33 13.85 -22.52
N SER B 247 -30.08 14.03 -23.83
CA SER B 247 -30.17 15.33 -24.46
C SER B 247 -31.45 15.52 -25.25
N VAL B 248 -32.04 14.44 -25.76
CA VAL B 248 -33.38 14.45 -26.33
C VAL B 248 -34.06 13.17 -25.88
N ARG B 249 -35.33 13.27 -25.51
CA ARG B 249 -36.13 12.10 -25.15
C ARG B 249 -37.41 12.09 -25.97
N LEU B 250 -37.71 10.95 -26.58
CA LEU B 250 -38.88 10.77 -27.42
C LEU B 250 -39.82 9.75 -26.80
N ASP B 251 -41.06 9.76 -27.24
CA ASP B 251 -42.10 8.88 -26.74
C ASP B 251 -43.03 8.56 -27.90
N ILE B 252 -43.13 7.28 -28.25
CA ILE B 252 -43.84 6.83 -29.45
C ILE B 252 -45.08 6.06 -29.03
N ARG B 253 -46.17 6.25 -29.75
CA ARG B 253 -47.40 5.50 -29.56
C ARG B 253 -47.95 5.10 -30.92
N ARG B 254 -49.01 4.31 -30.90
CA ARG B 254 -49.72 3.88 -32.10
C ARG B 254 -51.19 4.22 -31.91
N ILE B 255 -51.71 5.14 -32.73
CA ILE B 255 -53.04 5.69 -32.52
C ILE B 255 -54.08 5.14 -33.48
N GLY B 256 -53.76 4.15 -34.30
CA GLY B 256 -54.73 3.63 -35.24
C GLY B 256 -54.07 2.75 -36.28
N ALA B 257 -54.82 2.46 -37.33
CA ALA B 257 -54.42 1.51 -38.35
C ALA B 257 -54.69 2.06 -39.75
N VAL B 258 -53.82 1.70 -40.68
CA VAL B 258 -53.97 2.09 -42.07
C VAL B 258 -54.62 0.91 -42.80
N LYS B 259 -55.81 1.15 -43.35
CA LYS B 259 -56.59 0.11 -44.00
C LYS B 259 -56.75 0.44 -45.48
N GLU B 260 -56.22 -0.41 -46.34
CA GLU B 260 -56.56 -0.42 -47.75
C GLU B 260 -57.47 -1.62 -47.98
N GLY B 261 -58.64 -1.37 -48.54
CA GLY B 261 -59.66 -2.40 -48.56
C GLY B 261 -60.00 -2.84 -47.15
N GLU B 262 -59.80 -4.13 -46.86
CA GLU B 262 -60.06 -4.67 -45.53
C GLU B 262 -58.82 -5.34 -44.96
N ASN B 263 -57.64 -4.97 -45.44
CA ASN B 263 -56.38 -5.43 -44.86
C ASN B 263 -55.69 -4.27 -44.16
N VAL B 264 -55.29 -4.49 -42.91
CA VAL B 264 -54.45 -3.52 -42.22
C VAL B 264 -53.03 -3.64 -42.76
N VAL B 265 -52.47 -2.52 -43.22
CA VAL B 265 -51.19 -2.55 -43.90
C VAL B 265 -50.23 -1.50 -43.36
N GLY B 266 -50.49 -0.97 -42.18
CA GLY B 266 -49.58 0.00 -41.61
C GLY B 266 -50.08 0.50 -40.27
N SER B 267 -49.25 1.32 -39.65
CA SER B 267 -49.52 1.89 -38.34
C SER B 267 -49.47 3.40 -38.41
N GLU B 268 -50.40 4.06 -37.73
CA GLU B 268 -50.41 5.52 -37.63
C GLU B 268 -49.82 5.90 -36.28
N THR B 269 -48.76 6.69 -36.30
CA THR B 269 -47.93 6.90 -35.11
C THR B 269 -47.94 8.34 -34.66
N ARG B 270 -47.55 8.53 -33.41
CA ARG B 270 -47.37 9.84 -32.81
C ARG B 270 -46.11 9.84 -31.97
N VAL B 271 -45.32 10.90 -32.08
CA VAL B 271 -44.08 11.04 -31.33
C VAL B 271 -44.13 12.35 -30.56
N LYS B 272 -43.88 12.28 -29.26
CA LYS B 272 -43.93 13.42 -28.37
C LYS B 272 -42.52 13.71 -27.84
N VAL B 273 -42.10 14.96 -27.94
CA VAL B 273 -40.76 15.37 -27.51
C VAL B 273 -40.90 15.88 -26.08
N VAL B 274 -40.47 15.05 -25.13
CA VAL B 274 -40.74 15.33 -23.73
C VAL B 274 -39.58 16.03 -23.02
N LYS B 275 -38.36 15.81 -23.44
CA LYS B 275 -37.22 16.56 -22.95
C LYS B 275 -36.39 16.99 -24.14
N ASN B 276 -36.06 18.27 -24.22
CA ASN B 276 -35.23 18.78 -25.30
C ASN B 276 -34.17 19.70 -24.72
N LYS B 277 -33.01 19.72 -25.36
CA LYS B 277 -31.86 20.48 -24.87
C LYS B 277 -31.19 21.26 -25.99
N ILE B 278 -31.80 21.36 -27.16
CA ILE B 278 -31.26 22.14 -28.26
C ILE B 278 -32.34 23.02 -28.87
N ALA B 279 -33.58 22.83 -28.46
CA ALA B 279 -34.67 23.70 -28.90
C ALA B 279 -35.83 23.53 -27.93
N ALA B 280 -36.85 24.35 -28.10
CA ALA B 280 -37.93 24.41 -27.12
C ALA B 280 -38.67 23.07 -27.07
N PRO B 281 -39.02 22.57 -25.88
CA PRO B 281 -39.65 21.25 -25.80
C PRO B 281 -41.16 21.22 -26.01
N PHE B 282 -41.73 20.01 -25.93
CA PHE B 282 -43.15 19.70 -25.99
C PHE B 282 -43.79 19.90 -27.36
N LYS B 283 -43.11 19.54 -28.45
CA LYS B 283 -43.75 19.49 -29.74
C LYS B 283 -44.24 18.06 -30.04
N GLN B 284 -44.96 17.91 -31.15
CA GLN B 284 -45.55 16.63 -31.55
C GLN B 284 -45.29 16.35 -33.02
N ALA B 285 -45.36 15.07 -33.37
CA ALA B 285 -45.23 14.61 -34.74
C ALA B 285 -46.27 13.53 -35.01
N GLU B 286 -46.63 13.37 -36.29
CA GLU B 286 -47.57 12.34 -36.71
C GLU B 286 -47.22 11.88 -38.12
N PHE B 287 -47.32 10.57 -38.35
CA PHE B 287 -46.94 10.01 -39.64
C PHE B 287 -47.29 8.52 -39.64
N GLN B 288 -47.08 7.89 -40.80
CA GLN B 288 -47.43 6.49 -40.99
C GLN B 288 -46.19 5.60 -41.01
N ILE B 289 -46.34 4.38 -40.51
CA ILE B 289 -45.38 3.30 -40.74
C ILE B 289 -46.09 2.21 -41.52
N LEU B 290 -45.60 1.93 -42.72
CA LEU B 290 -46.20 0.94 -43.60
C LEU B 290 -45.34 -0.31 -43.59
N TYR B 291 -45.97 -1.47 -43.40
CA TYR B 291 -45.22 -2.70 -43.19
C TYR B 291 -44.46 -3.06 -44.47
N GLY B 292 -43.15 -3.25 -44.33
CA GLY B 292 -42.32 -3.71 -45.42
C GLY B 292 -41.51 -2.64 -46.11
N GLU B 293 -41.88 -1.37 -45.99
CA GLU B 293 -41.07 -0.31 -46.57
C GLU B 293 -40.84 0.90 -45.66
N GLY B 294 -41.42 0.94 -44.47
CA GLY B 294 -41.05 1.96 -43.50
C GLY B 294 -41.91 3.21 -43.53
N ILE B 295 -41.28 4.36 -43.27
CA ILE B 295 -42.02 5.61 -43.11
C ILE B 295 -42.40 6.15 -44.48
N ASN B 296 -43.61 6.67 -44.56
CA ASN B 296 -44.15 7.24 -45.80
C ASN B 296 -43.80 8.72 -45.84
N PHE B 297 -42.70 9.05 -46.52
CA PHE B 297 -42.25 10.43 -46.58
C PHE B 297 -43.24 11.30 -47.35
N TYR B 298 -43.75 10.79 -48.47
CA TYR B 298 -44.68 11.59 -49.27
C TYR B 298 -45.99 11.81 -48.53
N GLY B 299 -46.38 10.89 -47.66
CA GLY B 299 -47.52 11.16 -46.80
C GLY B 299 -47.30 12.40 -45.97
N GLU B 300 -46.11 12.56 -45.40
CA GLU B 300 -45.79 13.79 -44.69
C GLU B 300 -45.78 14.98 -45.64
N LEU B 301 -45.29 14.77 -46.86
CA LEU B 301 -45.11 15.89 -47.77
C LEU B 301 -46.45 16.51 -48.15
N VAL B 302 -47.46 15.69 -48.43
CA VAL B 302 -48.73 16.26 -48.85
C VAL B 302 -49.36 17.06 -47.71
N ASP B 303 -49.36 16.52 -46.49
CA ASP B 303 -49.94 17.27 -45.37
C ASP B 303 -49.17 18.55 -45.10
N LEU B 304 -47.83 18.50 -45.16
CA LEU B 304 -47.09 19.73 -44.94
C LEU B 304 -47.39 20.75 -46.02
N GLY B 305 -47.43 20.33 -47.28
CA GLY B 305 -47.81 21.26 -48.32
C GLY B 305 -49.17 21.87 -48.07
N VAL B 306 -50.14 21.05 -47.66
CA VAL B 306 -51.47 21.57 -47.37
C VAL B 306 -51.39 22.64 -46.29
N LYS B 307 -50.71 22.34 -45.19
CA LYS B 307 -50.71 23.25 -44.06
C LYS B 307 -50.03 24.57 -44.41
N GLU B 308 -49.01 24.53 -45.26
CA GLU B 308 -48.34 25.74 -45.73
C GLU B 308 -48.91 26.24 -47.05
N LYS B 309 -50.14 25.87 -47.38
CA LYS B 309 -50.95 26.44 -48.46
C LYS B 309 -50.45 26.08 -49.85
N LEU B 310 -49.33 25.37 -50.00
CA LEU B 310 -48.89 25.00 -51.34
C LEU B 310 -49.85 24.04 -52.01
N ILE B 311 -50.44 23.13 -51.25
CA ILE B 311 -51.37 22.15 -51.79
C ILE B 311 -52.78 22.64 -51.52
N GLU B 312 -53.58 22.76 -52.58
CA GLU B 312 -54.91 23.34 -52.50
C GLU B 312 -55.89 22.27 -52.04
N LYS B 313 -56.21 22.30 -50.75
CA LYS B 313 -57.22 21.40 -50.20
C LYS B 313 -58.61 21.98 -50.40
N ALA B 314 -59.51 21.14 -50.90
CA ALA B 314 -60.91 21.51 -51.06
C ALA B 314 -61.77 20.36 -50.54
N GLY B 315 -63.07 20.54 -50.61
CA GLY B 315 -63.97 19.49 -50.16
C GLY B 315 -63.65 18.17 -50.83
N ALA B 316 -63.08 17.23 -50.06
CA ALA B 316 -62.74 15.91 -50.57
C ALA B 316 -61.98 16.01 -51.89
N TRP B 317 -61.14 17.04 -52.04
CA TRP B 317 -60.37 17.21 -53.26
C TRP B 317 -59.09 17.97 -52.95
N TYR B 318 -57.97 17.43 -53.43
CA TYR B 318 -56.66 18.04 -53.31
C TYR B 318 -56.19 18.49 -54.68
N SER B 319 -55.58 19.66 -54.74
CA SER B 319 -55.17 20.22 -56.02
C SER B 319 -53.88 21.02 -55.84
N TYR B 320 -53.12 21.09 -56.93
CA TYR B 320 -51.89 21.87 -56.99
C TYR B 320 -51.89 22.66 -58.28
N LYS B 321 -51.81 24.00 -58.16
CA LYS B 321 -51.83 24.88 -59.32
C LYS B 321 -53.09 24.63 -60.16
N GLY B 322 -54.20 24.33 -59.48
CA GLY B 322 -55.48 24.21 -60.13
C GLY B 322 -55.83 22.83 -60.67
N GLU B 323 -54.92 21.88 -60.64
CA GLU B 323 -55.21 20.53 -61.12
C GLU B 323 -55.60 19.63 -59.96
N LYS B 324 -56.72 18.94 -60.10
CA LYS B 324 -57.22 18.03 -59.06
C LYS B 324 -56.41 16.74 -59.12
N ILE B 325 -55.41 16.61 -58.25
CA ILE B 325 -54.51 15.46 -58.32
C ILE B 325 -55.14 14.21 -57.72
N GLY B 326 -56.17 14.34 -56.90
CA GLY B 326 -56.83 13.17 -56.35
C GLY B 326 -57.90 13.58 -55.37
N GLN B 327 -58.59 12.56 -54.85
CA GLN B 327 -59.62 12.80 -53.84
C GLN B 327 -59.07 12.63 -52.43
N GLY B 328 -58.55 11.43 -52.12
CA GLY B 328 -58.06 11.12 -50.80
C GLY B 328 -56.55 11.26 -50.69
N LYS B 329 -56.05 11.07 -49.46
CA LYS B 329 -54.63 11.22 -49.24
C LYS B 329 -53.83 10.21 -50.05
N ALA B 330 -54.35 8.98 -50.18
CA ALA B 330 -53.64 7.97 -50.94
C ALA B 330 -53.46 8.40 -52.39
N ASN B 331 -54.51 8.95 -53.00
CA ASN B 331 -54.41 9.38 -54.38
C ASN B 331 -53.39 10.51 -54.53
N ALA B 332 -53.42 11.47 -53.60
CA ALA B 332 -52.48 12.57 -53.66
C ALA B 332 -51.05 12.06 -53.55
N THR B 333 -50.82 11.11 -52.63
CA THR B 333 -49.49 10.53 -52.50
C THR B 333 -49.09 9.82 -53.78
N ALA B 334 -50.03 9.11 -54.40
CA ALA B 334 -49.72 8.42 -55.65
C ALA B 334 -49.28 9.40 -56.73
N TRP B 335 -50.05 10.48 -56.89
CA TRP B 335 -49.70 11.45 -57.93
C TRP B 335 -48.36 12.11 -57.63
N LEU B 336 -48.12 12.46 -56.37
CA LEU B 336 -46.84 13.07 -56.03
C LEU B 336 -45.70 12.11 -56.30
N LYS B 337 -45.90 10.82 -56.02
CA LYS B 337 -44.88 9.83 -56.32
C LYS B 337 -44.60 9.75 -57.81
N ASP B 338 -45.66 9.77 -58.62
CA ASP B 338 -45.51 9.49 -60.04
C ASP B 338 -44.66 10.54 -60.78
N ASN B 339 -44.63 11.78 -60.30
CA ASN B 339 -43.93 12.88 -60.98
C ASN B 339 -42.97 13.51 -59.98
N PRO B 340 -41.65 13.41 -60.23
CA PRO B 340 -40.70 14.00 -59.28
C PRO B 340 -40.77 15.51 -59.18
N GLU B 341 -41.08 16.20 -60.28
CA GLU B 341 -40.87 17.64 -60.32
C GLU B 341 -41.77 18.37 -59.32
N THR B 342 -43.04 18.00 -59.25
CA THR B 342 -43.94 18.67 -58.32
C THR B 342 -43.52 18.43 -56.87
N ALA B 343 -43.12 17.19 -56.57
CA ALA B 343 -42.68 16.86 -55.22
C ALA B 343 -41.45 17.69 -54.84
N LYS B 344 -40.48 17.79 -55.75
CA LYS B 344 -39.29 18.58 -55.45
C LYS B 344 -39.65 20.05 -55.25
N GLU B 345 -40.53 20.58 -56.09
CA GLU B 345 -40.94 21.97 -55.96
C GLU B 345 -41.54 22.24 -54.58
N ILE B 346 -42.46 21.36 -54.15
CA ILE B 346 -43.09 21.54 -52.84
C ILE B 346 -42.04 21.42 -51.74
N GLU B 347 -41.18 20.41 -51.84
CA GLU B 347 -40.24 20.12 -50.76
C GLU B 347 -39.27 21.27 -50.56
N LYS B 348 -38.79 21.86 -51.65
CA LYS B 348 -37.78 22.90 -51.53
C LYS B 348 -38.33 24.11 -50.77
N LYS B 349 -39.59 24.47 -51.01
CA LYS B 349 -40.18 25.59 -50.30
C LYS B 349 -40.49 25.22 -48.85
N VAL B 350 -41.00 24.01 -48.62
CA VAL B 350 -41.33 23.60 -47.25
C VAL B 350 -40.08 23.60 -46.37
N ARG B 351 -38.99 23.05 -46.90
CA ARG B 351 -37.76 22.95 -46.13
C ARG B 351 -37.33 24.33 -45.64
N GLU B 352 -37.34 25.32 -46.52
CA GLU B 352 -36.85 26.65 -46.16
C GLU B 352 -37.83 27.41 -45.28
N LEU B 353 -39.13 27.30 -45.55
CA LEU B 353 -40.11 27.96 -44.68
C LEU B 353 -40.04 27.42 -43.27
N LEU B 354 -39.82 26.12 -43.11
CA LEU B 354 -39.66 25.52 -41.79
C LEU B 354 -38.22 25.02 -41.60
N ASP C 30 -2.21 44.37 37.81
CA ASP C 30 -3.36 44.07 36.98
C ASP C 30 -3.05 44.26 35.50
N GLU C 31 -2.14 45.20 35.21
CA GLU C 31 -1.69 45.42 33.84
C GLU C 31 -0.74 44.34 33.35
N ASN C 32 -0.34 43.42 34.22
CA ASN C 32 0.56 42.35 33.80
C ASN C 32 -0.07 41.50 32.71
N LYS C 33 -1.36 41.21 32.83
CA LYS C 33 -2.04 40.47 31.77
C LYS C 33 -2.05 41.26 30.47
N GLN C 34 -2.29 42.57 30.53
CA GLN C 34 -2.24 43.36 29.30
C GLN C 34 -0.87 43.26 28.65
N LYS C 35 0.20 43.37 29.45
CA LYS C 35 1.54 43.31 28.89
C LYS C 35 1.82 41.95 28.27
N ALA C 36 1.48 40.88 28.99
CA ALA C 36 1.75 39.54 28.48
C ALA C 36 0.95 39.24 27.22
N LEU C 37 -0.31 39.65 27.18
CA LEU C 37 -1.12 39.43 25.99
C LEU C 37 -0.58 40.22 24.82
N ALA C 38 -0.13 41.46 25.05
CA ALA C 38 0.48 42.22 23.98
C ALA C 38 1.74 41.55 23.47
N ALA C 39 2.55 41.02 24.37
CA ALA C 39 3.76 40.31 23.94
C ALA C 39 3.40 39.10 23.09
N ALA C 40 2.39 38.34 23.50
CA ALA C 40 1.97 37.18 22.72
C ALA C 40 1.46 37.59 21.35
N LEU C 41 0.67 38.66 21.28
CA LEU C 41 0.18 39.15 20.00
C LEU C 41 1.33 39.55 19.10
N GLY C 42 2.33 40.23 19.66
CA GLY C 42 3.49 40.61 18.87
C GLY C 42 4.27 39.40 18.37
N GLN C 43 4.42 38.39 19.22
CA GLN C 43 5.11 37.18 18.80
C GLN C 43 4.39 36.49 17.65
N ILE C 44 3.07 36.36 17.76
CA ILE C 44 2.31 35.72 16.68
C ILE C 44 2.44 36.53 15.39
N GLU C 45 2.28 37.86 15.50
CA GLU C 45 2.36 38.69 14.31
C GLU C 45 3.75 38.64 13.68
N LYS C 46 4.78 38.46 14.50
CA LYS C 46 6.13 38.36 13.96
C LYS C 46 6.34 37.04 13.25
N GLN C 47 5.85 35.95 13.83
CA GLN C 47 6.13 34.64 13.25
C GLN C 47 5.29 34.36 12.02
N PHE C 48 4.00 34.75 12.03
CA PHE C 48 3.09 34.38 10.96
C PHE C 48 2.67 35.55 10.09
N GLY C 49 3.23 36.74 10.30
CA GLY C 49 2.95 37.86 9.44
C GLY C 49 1.86 38.77 9.97
N LYS C 50 1.77 39.95 9.37
CA LYS C 50 0.84 40.97 9.83
C LYS C 50 -0.59 40.52 9.60
N GLY C 51 -1.49 40.94 10.49
CA GLY C 51 -2.90 40.64 10.34
C GLY C 51 -3.24 39.18 10.47
N SER C 52 -2.41 38.41 11.21
CA SER C 52 -2.73 37.01 11.45
C SER C 52 -3.65 36.83 12.64
N ILE C 53 -3.67 37.79 13.57
CA ILE C 53 -4.59 37.78 14.69
C ILE C 53 -4.98 39.22 15.01
N MET C 54 -6.29 39.46 15.10
CA MET C 54 -6.82 40.78 15.41
C MET C 54 -8.22 40.57 15.98
N ARG C 55 -8.83 41.67 16.43
CA ARG C 55 -10.12 41.62 17.10
C ARG C 55 -11.23 41.68 16.06
N LEU C 56 -12.26 40.85 16.28
CA LEU C 56 -13.21 40.55 15.22
C LEU C 56 -13.96 41.81 14.78
N GLY C 57 -14.14 42.75 15.69
CA GLY C 57 -14.88 43.96 15.33
C GLY C 57 -14.11 44.93 14.47
N GLU C 58 -12.79 44.82 14.44
CA GLU C 58 -11.96 45.68 13.62
C GLU C 58 -11.54 45.04 12.30
N ASP C 59 -11.79 43.74 12.11
CA ASP C 59 -11.39 43.06 10.88
C ASP C 59 -12.46 43.31 9.83
N ARG C 60 -12.10 44.10 8.82
CA ARG C 60 -13.05 44.43 7.77
C ARG C 60 -13.12 43.37 6.68
N SER C 61 -12.32 42.31 6.77
CA SER C 61 -12.40 41.25 5.79
C SER C 61 -13.50 40.24 6.10
N MET C 62 -14.24 40.43 7.18
CA MET C 62 -15.28 39.49 7.59
C MET C 62 -16.66 39.85 7.08
N ASP C 63 -16.86 41.07 6.61
CA ASP C 63 -18.19 41.51 6.21
C ASP C 63 -18.66 40.75 4.98
N VAL C 64 -19.96 40.47 4.92
CA VAL C 64 -20.53 39.73 3.81
C VAL C 64 -20.91 40.67 2.68
N GLU C 65 -20.59 40.27 1.45
CA GLU C 65 -21.02 40.97 0.25
C GLU C 65 -21.78 40.00 -0.63
N THR C 66 -22.84 40.49 -1.28
CA THR C 66 -23.73 39.61 -2.02
C THR C 66 -23.99 40.17 -3.41
N ILE C 67 -24.36 39.27 -4.33
CA ILE C 67 -24.70 39.62 -5.70
C ILE C 67 -26.03 38.95 -6.05
N SER C 68 -26.71 39.51 -7.04
CA SER C 68 -28.07 39.11 -7.33
C SER C 68 -28.13 37.70 -7.94
N THR C 69 -29.30 37.06 -7.77
CA THR C 69 -29.58 35.74 -8.31
C THR C 69 -30.45 35.78 -9.55
N GLY C 70 -30.70 36.96 -10.11
CA GLY C 70 -31.63 37.08 -11.21
C GLY C 70 -33.03 37.43 -10.74
N SER C 71 -33.65 36.55 -9.96
CA SER C 71 -35.00 36.77 -9.50
C SER C 71 -35.02 37.62 -8.23
N LEU C 72 -35.99 38.51 -8.14
CA LEU C 72 -36.14 39.34 -6.96
C LEU C 72 -36.76 38.56 -5.81
N SER C 73 -37.71 37.67 -6.11
CA SER C 73 -38.33 36.86 -5.06
C SER C 73 -37.28 36.07 -4.29
N LEU C 74 -36.38 35.40 -5.02
CA LEU C 74 -35.34 34.61 -4.38
C LEU C 74 -34.35 35.49 -3.63
N ASP C 75 -34.07 36.68 -4.15
CA ASP C 75 -33.23 37.63 -3.44
C ASP C 75 -33.83 38.01 -2.10
N ILE C 76 -35.15 38.23 -2.06
CA ILE C 76 -35.80 38.51 -0.78
C ILE C 76 -35.76 37.29 0.11
N ALA C 77 -35.91 36.10 -0.46
CA ALA C 77 -35.92 34.89 0.35
C ALA C 77 -34.59 34.69 1.06
N LEU C 78 -33.48 34.85 0.35
CA LEU C 78 -32.19 34.59 0.96
C LEU C 78 -31.93 35.51 2.16
N GLY C 79 -32.50 36.70 2.17
CA GLY C 79 -32.46 37.54 3.36
C GLY C 79 -31.45 38.65 3.30
N ALA C 80 -30.26 38.38 2.80
CA ALA C 80 -29.23 39.41 2.66
C ALA C 80 -29.23 40.07 1.29
N GLY C 81 -29.98 39.54 0.33
CA GLY C 81 -30.13 40.17 -0.96
C GLY C 81 -29.40 39.52 -2.11
N GLY C 82 -28.82 38.33 -1.91
CA GLY C 82 -28.08 37.69 -2.98
C GLY C 82 -27.25 36.55 -2.44
N LEU C 83 -26.26 36.16 -3.24
CA LEU C 83 -25.35 35.09 -2.91
C LEU C 83 -24.05 35.64 -2.34
N PRO C 84 -23.48 35.03 -1.30
CA PRO C 84 -22.32 35.63 -0.62
C PRO C 84 -21.02 35.35 -1.37
N MET C 85 -20.22 36.40 -1.55
CA MET C 85 -18.90 36.26 -2.14
C MET C 85 -17.98 35.47 -1.22
N GLY C 86 -17.00 34.81 -1.82
CA GLY C 86 -16.04 34.07 -1.04
C GLY C 86 -16.60 32.88 -0.31
N ARG C 87 -17.55 32.17 -0.90
CA ARG C 87 -18.25 31.08 -0.22
C ARG C 87 -18.56 29.98 -1.22
N ILE C 88 -19.12 28.88 -0.72
CA ILE C 88 -19.53 27.74 -1.53
C ILE C 88 -21.05 27.66 -1.49
N VAL C 89 -21.66 27.41 -2.65
CA VAL C 89 -23.10 27.33 -2.79
C VAL C 89 -23.43 26.08 -3.59
N GLU C 90 -24.54 25.42 -3.23
CA GLU C 90 -24.96 24.17 -3.86
C GLU C 90 -26.37 24.30 -4.39
N ILE C 91 -26.59 23.77 -5.60
CA ILE C 91 -27.93 23.69 -6.20
C ILE C 91 -28.19 22.23 -6.54
N TYR C 92 -29.37 21.74 -6.16
CA TYR C 92 -29.73 20.36 -6.45
C TYR C 92 -31.22 20.26 -6.70
N GLY C 93 -31.60 19.32 -7.55
CA GLY C 93 -32.98 19.17 -7.94
C GLY C 93 -33.17 18.04 -8.95
N PRO C 94 -34.41 17.83 -9.38
CA PRO C 94 -34.68 16.76 -10.35
C PRO C 94 -34.33 17.19 -11.77
N GLU C 95 -34.57 16.34 -12.75
CA GLU C 95 -34.25 16.69 -14.13
C GLU C 95 -35.18 17.79 -14.63
N SER C 96 -34.69 18.57 -15.58
CA SER C 96 -35.48 19.52 -16.35
C SER C 96 -36.06 20.65 -15.51
N SER C 97 -35.49 20.90 -14.33
CA SER C 97 -35.74 22.14 -13.62
C SER C 97 -34.55 23.08 -13.83
N GLY C 98 -34.80 24.38 -13.70
CA GLY C 98 -33.86 25.35 -14.20
C GLY C 98 -32.56 25.52 -13.44
N LYS C 99 -31.73 24.47 -13.34
CA LYS C 99 -30.47 24.62 -12.62
C LYS C 99 -29.43 25.34 -13.49
N THR C 100 -29.14 24.79 -14.66
CA THR C 100 -28.21 25.44 -15.56
C THR C 100 -28.70 26.84 -15.91
N THR C 101 -30.01 27.00 -16.11
CA THR C 101 -30.54 28.32 -16.45
C THR C 101 -30.32 29.32 -15.33
N LEU C 102 -30.58 28.91 -14.09
CA LEU C 102 -30.39 29.84 -12.97
C LEU C 102 -28.92 30.21 -12.83
N THR C 103 -28.02 29.24 -12.96
CA THR C 103 -26.60 29.58 -12.88
C THR C 103 -26.19 30.53 -14.01
N LEU C 104 -26.68 30.30 -15.22
CA LEU C 104 -26.37 31.18 -16.33
C LEU C 104 -26.92 32.57 -16.11
N GLN C 105 -28.09 32.68 -15.48
CA GLN C 105 -28.60 34.01 -15.14
C GLN C 105 -27.70 34.71 -14.15
N VAL C 106 -27.18 33.99 -13.16
CA VAL C 106 -26.24 34.61 -12.24
C VAL C 106 -25.00 35.11 -12.98
N ILE C 107 -24.47 34.29 -13.87
CA ILE C 107 -23.28 34.70 -14.63
C ILE C 107 -23.59 35.91 -15.49
N ALA C 108 -24.73 35.89 -16.16
CA ALA C 108 -25.10 37.01 -17.02
C ALA C 108 -25.24 38.30 -16.24
N ALA C 109 -25.83 38.23 -15.04
CA ALA C 109 -25.97 39.43 -14.23
C ALA C 109 -24.63 39.93 -13.74
N ALA C 110 -23.73 39.02 -13.38
CA ALA C 110 -22.44 39.44 -12.86
C ALA C 110 -21.67 40.28 -13.88
N GLN C 111 -21.69 39.86 -15.14
CA GLN C 111 -20.87 40.52 -16.16
C GLN C 111 -21.28 41.96 -16.39
N ARG C 112 -22.53 42.32 -16.08
CA ARG C 112 -22.94 43.71 -16.25
C ARG C 112 -22.29 44.62 -15.22
N GLU C 113 -21.80 44.06 -14.11
CA GLU C 113 -21.10 44.83 -13.10
C GLU C 113 -19.59 44.77 -13.28
N GLY C 114 -19.11 44.42 -14.47
CA GLY C 114 -17.69 44.39 -14.74
C GLY C 114 -16.96 43.15 -14.29
N LYS C 115 -17.67 42.14 -13.79
CA LYS C 115 -17.00 40.97 -13.25
C LYS C 115 -16.65 39.97 -14.36
N THR C 116 -15.60 39.21 -14.13
CA THR C 116 -15.15 38.16 -15.04
C THR C 116 -15.51 36.80 -14.47
N CYS C 117 -15.99 35.91 -15.32
CA CYS C 117 -16.64 34.68 -14.89
C CYS C 117 -16.13 33.49 -15.69
N ALA C 118 -16.26 32.30 -15.11
CA ALA C 118 -15.81 31.06 -15.71
C ALA C 118 -16.88 29.99 -15.58
N PHE C 119 -16.79 28.97 -16.44
CA PHE C 119 -17.71 27.83 -16.44
C PHE C 119 -16.91 26.55 -16.65
N ILE C 120 -17.21 25.52 -15.88
CA ILE C 120 -16.60 24.19 -16.02
C ILE C 120 -17.72 23.19 -16.25
N ASP C 121 -17.65 22.47 -17.37
CA ASP C 121 -18.73 21.62 -17.85
C ASP C 121 -18.28 20.17 -17.80
N ALA C 122 -18.64 19.48 -16.72
CA ALA C 122 -18.34 18.06 -16.62
C ALA C 122 -19.29 17.19 -17.42
N GLU C 123 -20.48 17.71 -17.76
CA GLU C 123 -21.47 16.92 -18.46
C GLU C 123 -21.35 17.02 -19.98
N HIS C 124 -20.58 17.96 -20.49
CA HIS C 124 -20.40 18.12 -21.93
C HIS C 124 -21.74 18.35 -22.63
N ALA C 125 -22.55 19.25 -22.07
CA ALA C 125 -23.88 19.46 -22.61
C ALA C 125 -24.29 20.93 -22.66
N LEU C 126 -23.37 21.88 -22.71
CA LEU C 126 -23.75 23.28 -22.79
C LEU C 126 -23.94 23.70 -24.25
N ASP C 127 -24.89 24.58 -24.49
CA ASP C 127 -25.20 25.09 -25.82
C ASP C 127 -24.94 26.58 -25.86
N PRO C 128 -23.93 27.08 -26.58
CA PRO C 128 -23.60 28.51 -26.49
C PRO C 128 -24.73 29.45 -26.89
N ILE C 129 -25.52 29.10 -27.90
CA ILE C 129 -26.48 30.06 -28.42
C ILE C 129 -27.60 30.32 -27.43
N TYR C 130 -28.10 29.27 -26.78
CA TYR C 130 -29.09 29.49 -25.74
C TYR C 130 -28.52 30.38 -24.64
N ALA C 131 -27.25 30.21 -24.32
CA ALA C 131 -26.63 31.06 -23.31
C ALA C 131 -26.62 32.51 -23.77
N ARG C 132 -26.32 32.74 -25.05
CA ARG C 132 -26.36 34.10 -25.57
C ARG C 132 -27.76 34.69 -25.46
N LYS C 133 -28.78 33.86 -25.71
CA LYS C 133 -30.16 34.36 -25.61
C LYS C 133 -30.48 34.84 -24.21
N LEU C 134 -29.96 34.16 -23.20
CA LEU C 134 -30.23 34.51 -21.81
C LEU C 134 -29.51 35.78 -21.37
N GLY C 135 -28.61 36.31 -22.19
CA GLY C 135 -27.91 37.55 -21.89
C GLY C 135 -26.44 37.41 -21.61
N VAL C 136 -25.91 36.18 -21.53
CA VAL C 136 -24.51 36.00 -21.22
C VAL C 136 -23.66 36.58 -22.33
N ASP C 137 -22.42 36.95 -22.01
CA ASP C 137 -21.49 37.51 -22.98
C ASP C 137 -20.50 36.42 -23.36
N ILE C 138 -20.80 35.73 -24.47
CA ILE C 138 -20.07 34.51 -24.82
C ILE C 138 -18.60 34.80 -25.08
N ASP C 139 -18.28 36.00 -25.55
CA ASP C 139 -16.90 36.33 -25.90
C ASP C 139 -15.99 36.44 -24.69
N ASN C 140 -16.55 36.46 -23.47
CA ASN C 140 -15.77 36.70 -22.27
C ASN C 140 -15.86 35.58 -21.25
N LEU C 141 -16.42 34.44 -21.59
CA LEU C 141 -16.69 33.38 -20.62
C LEU C 141 -15.67 32.28 -20.78
N LEU C 142 -14.85 32.07 -19.75
CA LEU C 142 -13.89 30.98 -19.78
C LEU C 142 -14.58 29.65 -19.57
N CYS C 143 -14.27 28.68 -20.42
CA CYS C 143 -14.96 27.41 -20.40
C CYS C 143 -13.95 26.28 -20.43
N SER C 144 -14.33 25.13 -19.88
CA SER C 144 -13.51 23.94 -19.93
C SER C 144 -14.41 22.71 -19.87
N GLN C 145 -13.96 21.63 -20.52
CA GLN C 145 -14.67 20.36 -20.56
C GLN C 145 -13.69 19.28 -20.15
N PRO C 146 -13.40 19.20 -18.84
CA PRO C 146 -12.39 18.24 -18.37
C PRO C 146 -12.79 16.79 -18.57
N ASP C 147 -11.83 15.89 -18.55
CA ASP C 147 -12.11 14.47 -18.76
C ASP C 147 -12.10 13.71 -17.44
N THR C 148 -11.34 14.19 -16.47
CA THR C 148 -11.29 13.55 -15.15
C THR C 148 -11.60 14.56 -14.06
N GLY C 149 -12.13 14.08 -12.95
CA GLY C 149 -12.54 14.98 -11.87
C GLY C 149 -11.36 15.68 -11.23
N GLU C 150 -10.25 14.97 -11.07
CA GLU C 150 -9.06 15.60 -10.50
C GLU C 150 -8.69 16.83 -11.29
N GLN C 151 -8.72 16.74 -12.61
CA GLN C 151 -8.43 17.89 -13.46
C GLN C 151 -9.41 19.03 -13.21
N ALA C 152 -10.69 18.71 -13.06
CA ALA C 152 -11.69 19.76 -12.90
C ALA C 152 -11.46 20.53 -11.61
N LEU C 153 -11.24 19.82 -10.51
CA LEU C 153 -11.01 20.51 -9.24
C LEU C 153 -9.67 21.23 -9.23
N GLU C 154 -8.67 20.71 -9.93
CA GLU C 154 -7.41 21.42 -10.05
C GLU C 154 -7.59 22.74 -10.79
N ILE C 155 -8.36 22.74 -11.88
CA ILE C 155 -8.61 23.98 -12.60
C ILE C 155 -9.33 24.97 -11.69
N CYS C 156 -10.33 24.50 -10.95
CA CYS C 156 -11.02 25.39 -10.02
C CYS C 156 -10.04 26.01 -9.04
N ASP C 157 -9.13 25.20 -8.51
CA ASP C 157 -8.15 25.69 -7.55
C ASP C 157 -7.24 26.75 -8.17
N ALA C 158 -6.73 26.49 -9.37
CA ALA C 158 -5.81 27.45 -9.98
C ALA C 158 -6.52 28.77 -10.29
N LEU C 159 -7.74 28.70 -10.81
CA LEU C 159 -8.48 29.93 -11.08
C LEU C 159 -8.77 30.70 -9.81
N ALA C 160 -9.12 30.01 -8.72
CA ALA C 160 -9.30 30.71 -7.46
C ALA C 160 -8.01 31.37 -7.01
N ARG C 161 -6.89 30.68 -7.18
CA ARG C 161 -5.61 31.22 -6.72
C ARG C 161 -5.20 32.47 -7.48
N SER C 162 -5.44 32.50 -8.78
CA SER C 162 -4.98 33.62 -9.60
C SER C 162 -5.41 34.97 -9.02
N GLY C 163 -6.64 35.07 -8.54
CA GLY C 163 -7.18 36.33 -8.08
C GLY C 163 -7.91 37.13 -9.12
N ALA C 164 -8.01 36.63 -10.35
CA ALA C 164 -8.64 37.37 -11.44
C ALA C 164 -10.09 37.00 -11.67
N VAL C 165 -10.49 35.77 -11.32
CA VAL C 165 -11.83 35.26 -11.61
C VAL C 165 -12.72 35.52 -10.41
N ASP C 166 -14.00 35.75 -10.68
CA ASP C 166 -14.96 36.17 -9.67
C ASP C 166 -16.08 35.18 -9.42
N VAL C 167 -16.52 34.44 -10.43
CA VAL C 167 -17.56 33.43 -10.30
C VAL C 167 -17.15 32.21 -11.10
N ILE C 168 -17.25 31.03 -10.50
CA ILE C 168 -16.98 29.76 -11.17
C ILE C 168 -18.21 28.89 -11.00
N VAL C 169 -18.54 28.11 -12.02
CA VAL C 169 -19.66 27.18 -11.97
C VAL C 169 -19.19 25.80 -12.40
N VAL C 170 -19.35 24.82 -11.52
CA VAL C 170 -19.10 23.41 -11.83
C VAL C 170 -20.43 22.79 -12.18
N ASP C 171 -20.56 22.31 -13.42
CA ASP C 171 -21.87 21.99 -13.98
C ASP C 171 -22.54 20.78 -13.34
N SER C 172 -21.77 19.81 -12.85
CA SER C 172 -22.38 18.67 -12.20
C SER C 172 -21.38 17.90 -11.34
N VAL C 173 -21.63 17.82 -10.04
CA VAL C 173 -20.78 17.03 -9.15
C VAL C 173 -20.92 15.55 -9.46
N ALA C 174 -22.01 15.16 -10.12
CA ALA C 174 -22.25 13.76 -10.41
C ALA C 174 -21.36 13.25 -11.54
N ALA C 175 -20.94 14.12 -12.45
CA ALA C 175 -20.14 13.72 -13.59
C ALA C 175 -18.65 13.79 -13.33
N LEU C 176 -18.24 14.07 -12.10
CA LEU C 176 -16.84 14.10 -11.73
C LEU C 176 -16.40 12.68 -11.43
N THR C 177 -15.64 12.10 -12.35
CA THR C 177 -15.23 10.71 -12.22
C THR C 177 -13.77 10.64 -11.77
N PRO C 178 -13.46 9.89 -10.71
CA PRO C 178 -12.06 9.78 -10.29
C PRO C 178 -11.23 9.06 -11.34
N LYS C 179 -9.94 9.36 -11.34
CA LYS C 179 -9.07 8.89 -12.41
C LYS C 179 -9.02 7.37 -12.48
N ALA C 180 -8.95 6.71 -11.32
CA ALA C 180 -8.94 5.26 -11.33
C ALA C 180 -10.17 4.70 -12.04
N GLU C 181 -11.33 5.32 -11.81
CA GLU C 181 -12.56 4.83 -12.43
C GLU C 181 -12.53 4.95 -13.95
N ILE C 182 -11.91 6.01 -14.47
CA ILE C 182 -11.91 6.21 -15.92
C ILE C 182 -11.09 5.12 -16.61
N GLU C 183 -10.07 4.57 -15.94
CA GLU C 183 -9.23 3.55 -16.53
C GLU C 183 -9.68 2.14 -16.24
N GLY C 184 -10.72 1.96 -15.45
CA GLY C 184 -11.20 0.64 -15.12
C GLY C 184 -12.18 0.10 -16.14
N GLU C 185 -12.92 -0.92 -15.72
CA GLU C 185 -13.95 -1.51 -16.56
C GLU C 185 -15.33 -1.20 -15.99
N ILE C 186 -16.36 -1.47 -16.78
CA ILE C 186 -17.71 -1.39 -16.28
C ILE C 186 -17.94 -2.51 -15.27
N GLY C 187 -18.43 -2.15 -14.09
CA GLY C 187 -18.71 -3.13 -13.06
C GLY C 187 -17.63 -3.29 -12.01
N ASP C 188 -16.45 -2.72 -12.21
CA ASP C 188 -15.44 -2.75 -11.16
C ASP C 188 -15.88 -1.85 -10.02
N SER C 189 -15.66 -2.31 -8.78
CA SER C 189 -16.05 -1.53 -7.62
C SER C 189 -14.92 -0.58 -7.22
N HIS C 190 -15.20 0.72 -7.27
CA HIS C 190 -14.23 1.76 -6.92
C HIS C 190 -14.71 2.50 -5.69
N MET C 191 -15.11 1.72 -4.70
CA MET C 191 -15.78 2.19 -3.50
C MET C 191 -15.23 3.50 -2.98
N GLY C 192 -16.13 4.47 -2.74
CA GLY C 192 -15.84 5.64 -1.93
C GLY C 192 -14.71 6.52 -2.41
N LEU C 193 -14.23 6.36 -3.64
CA LEU C 193 -13.17 7.23 -4.13
C LEU C 193 -13.66 8.66 -4.31
N ALA C 194 -14.84 8.82 -4.91
CA ALA C 194 -15.36 10.15 -5.18
C ALA C 194 -15.56 10.94 -3.91
N ALA C 195 -16.07 10.28 -2.87
CA ALA C 195 -16.28 10.97 -1.61
C ALA C 195 -14.98 11.48 -1.02
N ARG C 196 -13.94 10.65 -1.04
CA ARG C 196 -12.63 11.09 -0.55
C ARG C 196 -12.13 12.27 -1.35
N MET C 197 -12.25 12.20 -2.68
CA MET C 197 -11.78 13.29 -3.52
C MET C 197 -12.48 14.59 -3.17
N MET C 198 -13.79 14.55 -2.97
CA MET C 198 -14.53 15.76 -2.63
C MET C 198 -14.15 16.25 -1.24
N SER C 199 -13.96 15.33 -0.30
CA SER C 199 -13.60 15.70 1.06
C SER C 199 -12.27 16.44 1.08
N GLN C 200 -11.33 16.04 0.21
CA GLN C 200 -10.06 16.74 0.14
C GLN C 200 -10.18 18.06 -0.62
N ALA C 201 -10.98 18.07 -1.68
CA ALA C 201 -11.15 19.29 -2.47
C ALA C 201 -11.68 20.41 -1.61
N MET C 202 -12.66 20.13 -0.75
CA MET C 202 -13.21 21.19 0.10
C MET C 202 -12.12 21.78 0.99
N ARG C 203 -11.34 20.91 1.64
CA ARG C 203 -10.26 21.37 2.51
C ARG C 203 -9.33 22.32 1.77
N LYS C 204 -8.98 21.97 0.54
CA LYS C 204 -8.02 22.80 -0.20
C LYS C 204 -8.65 24.10 -0.67
N LEU C 205 -9.94 24.08 -1.04
CA LEU C 205 -10.54 25.23 -1.70
C LEU C 205 -11.04 26.29 -0.71
N ALA C 206 -11.34 25.87 0.53
CA ALA C 206 -12.02 26.76 1.46
C ALA C 206 -11.26 28.05 1.71
N GLY C 207 -9.96 27.97 1.96
CA GLY C 207 -9.17 29.15 2.24
C GLY C 207 -8.96 30.05 1.04
N ASN C 208 -8.64 29.46 -0.11
CA ASN C 208 -8.37 30.25 -1.29
C ASN C 208 -9.58 31.05 -1.72
N LEU C 209 -10.77 30.43 -1.69
CA LEU C 209 -11.97 31.18 -2.04
C LEU C 209 -12.08 32.43 -1.17
N LYS C 210 -11.95 32.27 0.14
CA LYS C 210 -12.08 33.40 1.04
C LYS C 210 -11.06 34.48 0.75
N GLN C 211 -9.81 34.08 0.50
CA GLN C 211 -8.77 35.06 0.25
C GLN C 211 -9.06 35.87 -0.99
N SER C 212 -9.49 35.23 -2.07
CA SER C 212 -9.61 35.91 -3.36
C SER C 212 -10.98 36.54 -3.59
N ASN C 213 -11.90 36.44 -2.66
CA ASN C 213 -13.27 36.90 -2.85
C ASN C 213 -13.96 36.26 -4.05
N THR C 214 -13.63 35.02 -4.35
CA THR C 214 -14.28 34.32 -5.46
C THR C 214 -15.48 33.53 -4.94
N LEU C 215 -16.55 33.49 -5.73
CA LEU C 215 -17.70 32.66 -5.44
C LEU C 215 -17.63 31.39 -6.27
N LEU C 216 -18.09 30.28 -5.71
CA LEU C 216 -18.05 28.98 -6.35
C LEU C 216 -19.38 28.28 -6.17
N ILE C 217 -19.96 27.82 -7.27
CA ILE C 217 -21.28 27.19 -7.28
C ILE C 217 -21.13 25.76 -7.81
N PHE C 218 -21.73 24.81 -7.11
CA PHE C 218 -21.82 23.42 -7.56
C PHE C 218 -23.27 23.14 -7.95
N ILE C 219 -23.45 22.24 -8.89
CA ILE C 219 -24.77 21.73 -9.25
C ILE C 219 -24.78 20.23 -9.05
N ASN C 220 -25.84 19.71 -8.43
CA ASN C 220 -25.93 18.29 -8.10
C ASN C 220 -27.22 17.71 -8.64
N GLN C 221 -27.40 16.41 -8.39
CA GLN C 221 -28.55 15.66 -8.86
C GLN C 221 -29.14 14.83 -7.72
N ILE C 222 -30.39 14.42 -7.88
CA ILE C 222 -31.06 13.61 -6.88
C ILE C 222 -30.96 12.14 -7.25
N ARG C 223 -30.76 11.28 -6.25
CA ARG C 223 -30.79 9.83 -6.42
C ARG C 223 -31.24 9.19 -5.12
N MET C 224 -31.93 8.06 -5.23
CA MET C 224 -32.66 7.48 -4.11
C MET C 224 -31.75 6.65 -3.20
N LYS C 225 -32.28 6.32 -2.03
CA LYS C 225 -31.67 5.37 -1.11
C LYS C 225 -32.50 4.10 -1.03
N ILE C 226 -31.83 2.97 -0.89
CA ILE C 226 -32.52 1.71 -0.68
C ILE C 226 -32.64 1.42 0.81
N GLY C 227 -33.66 0.68 1.18
CA GLY C 227 -33.84 0.29 2.56
C GLY C 227 -34.35 1.40 3.45
N VAL C 228 -35.16 2.30 2.91
CA VAL C 228 -35.76 3.38 3.68
C VAL C 228 -37.26 3.14 3.73
N MET C 229 -37.81 3.08 4.95
CA MET C 229 -39.23 2.89 5.16
C MET C 229 -39.94 4.11 5.70
N PHE C 230 -39.20 5.08 6.24
CA PHE C 230 -39.78 6.32 6.73
C PHE C 230 -38.88 7.47 6.30
N GLY C 231 -39.46 8.67 6.25
CA GLY C 231 -38.70 9.80 5.80
C GLY C 231 -38.67 9.88 4.28
N ASN C 232 -37.59 10.48 3.77
CA ASN C 232 -37.48 10.78 2.36
C ASN C 232 -36.24 10.09 1.81
N PRO C 233 -36.34 9.19 0.83
CA PRO C 233 -35.14 8.53 0.31
C PRO C 233 -34.34 9.33 -0.71
N GLU C 234 -34.67 10.59 -0.97
CA GLU C 234 -33.90 11.38 -1.91
C GLU C 234 -32.59 11.83 -1.28
N THR C 235 -31.51 11.73 -2.05
CA THR C 235 -30.21 12.29 -1.67
C THR C 235 -29.44 12.71 -2.90
N THR C 236 -28.26 13.27 -2.66
CA THR C 236 -27.42 13.85 -3.69
C THR C 236 -26.14 13.05 -3.78
N THR C 237 -25.30 13.41 -4.75
CA THR C 237 -24.10 12.65 -5.04
C THR C 237 -22.86 13.34 -4.52
N GLY C 238 -21.92 12.54 -4.03
CA GLY C 238 -20.61 13.01 -3.65
C GLY C 238 -20.30 13.02 -2.16
N GLY C 239 -21.14 12.45 -1.34
CA GLY C 239 -20.81 12.30 0.06
C GLY C 239 -21.37 13.41 0.92
N ASN C 240 -20.72 13.62 2.07
CA ASN C 240 -21.22 14.53 3.09
C ASN C 240 -20.41 15.80 3.23
N ALA C 241 -19.23 15.87 2.63
CA ALA C 241 -18.37 17.04 2.85
C ALA C 241 -19.02 18.33 2.39
N LEU C 242 -19.63 18.31 1.20
CA LEU C 242 -20.20 19.52 0.65
C LEU C 242 -21.35 20.04 1.50
N LYS C 243 -22.04 19.13 2.20
CA LYS C 243 -23.12 19.55 3.07
C LYS C 243 -22.60 20.30 4.29
N PHE C 244 -21.35 20.07 4.67
CA PHE C 244 -20.77 20.79 5.80
C PHE C 244 -20.09 22.08 5.36
N TYR C 245 -19.50 22.09 4.17
CA TYR C 245 -18.76 23.26 3.73
C TYR C 245 -19.60 24.27 2.99
N ALA C 246 -20.78 23.90 2.50
CA ALA C 246 -21.61 24.84 1.76
C ALA C 246 -22.21 25.86 2.70
N SER C 247 -22.28 27.12 2.26
CA SER C 247 -22.90 28.18 3.03
C SER C 247 -24.37 28.36 2.73
N VAL C 248 -24.80 28.10 1.50
CA VAL C 248 -26.20 28.14 1.11
C VAL C 248 -26.51 26.91 0.27
N ARG C 249 -27.69 26.32 0.48
CA ARG C 249 -28.18 25.21 -0.32
C ARG C 249 -29.59 25.49 -0.79
N LEU C 250 -29.84 25.25 -2.08
CA LEU C 250 -31.11 25.53 -2.72
C LEU C 250 -31.68 24.25 -3.32
N ASP C 251 -32.99 24.09 -3.25
CA ASP C 251 -33.68 22.95 -3.84
C ASP C 251 -34.73 23.46 -4.81
N ILE C 252 -34.55 23.15 -6.09
CA ILE C 252 -35.30 23.77 -7.18
C ILE C 252 -36.18 22.72 -7.82
N ARG C 253 -37.46 23.04 -7.98
CA ARG C 253 -38.40 22.11 -8.59
C ARG C 253 -39.42 22.82 -9.47
N ARG C 254 -39.87 22.11 -10.50
CA ARG C 254 -40.88 22.58 -11.43
C ARG C 254 -42.25 22.10 -10.99
N ILE C 255 -43.26 22.98 -11.08
CA ILE C 255 -44.57 22.70 -10.52
C ILE C 255 -45.72 22.98 -11.50
N GLY C 256 -45.46 23.48 -12.69
CA GLY C 256 -46.55 23.76 -13.60
C GLY C 256 -46.04 24.11 -14.98
N ALA C 257 -46.95 24.61 -15.80
CA ALA C 257 -46.64 25.05 -17.15
C ALA C 257 -47.32 26.36 -17.48
N VAL C 258 -46.55 27.30 -18.03
CA VAL C 258 -47.09 28.53 -18.59
C VAL C 258 -47.56 28.24 -20.00
N LYS C 259 -48.68 28.82 -20.39
CA LYS C 259 -49.31 28.48 -21.66
C LYS C 259 -49.87 29.71 -22.33
N GLU C 260 -49.66 29.79 -23.65
CA GLU C 260 -50.35 30.76 -24.51
C GLU C 260 -51.12 29.90 -25.51
N GLY C 261 -52.43 30.05 -25.53
CA GLY C 261 -53.25 29.19 -26.36
C GLY C 261 -53.09 27.73 -26.00
N GLU C 262 -52.79 26.90 -27.00
CA GLU C 262 -52.50 25.49 -26.78
C GLU C 262 -51.01 25.18 -26.94
N ASN C 263 -50.19 26.22 -27.04
CA ASN C 263 -48.74 26.04 -26.98
C ASN C 263 -48.28 26.09 -25.54
N VAL C 264 -47.13 25.47 -25.29
CA VAL C 264 -46.47 25.52 -23.99
C VAL C 264 -45.25 26.39 -24.14
N VAL C 265 -45.24 27.53 -23.45
CA VAL C 265 -44.25 28.57 -23.68
C VAL C 265 -43.36 28.82 -22.48
N GLY C 266 -43.42 27.98 -21.45
CA GLY C 266 -42.58 28.19 -20.29
C GLY C 266 -42.90 27.22 -19.19
N SER C 267 -42.33 27.48 -18.02
CA SER C 267 -42.47 26.66 -16.84
C SER C 267 -42.81 27.54 -15.65
N GLU C 268 -43.25 26.91 -14.57
CA GLU C 268 -43.34 27.57 -13.27
C GLU C 268 -42.44 26.84 -12.29
N THR C 269 -41.66 27.60 -11.52
CA THR C 269 -40.56 27.05 -10.73
C THR C 269 -40.67 27.48 -9.27
N ARG C 270 -40.16 26.63 -8.38
CA ARG C 270 -40.15 26.89 -6.94
C ARG C 270 -38.76 26.64 -6.38
N VAL C 271 -38.30 27.51 -5.48
CA VAL C 271 -36.98 27.39 -4.88
C VAL C 271 -37.12 27.41 -3.36
N LYS C 272 -36.52 26.42 -2.70
CA LYS C 272 -36.56 26.27 -1.25
C LYS C 272 -35.17 26.47 -0.69
N VAL C 273 -35.03 27.35 0.29
CA VAL C 273 -33.75 27.61 0.93
C VAL C 273 -33.58 26.61 2.07
N VAL C 274 -32.85 25.53 1.82
CA VAL C 274 -32.74 24.46 2.80
C VAL C 274 -31.61 24.69 3.80
N LYS C 275 -30.64 25.53 3.47
CA LYS C 275 -29.56 25.86 4.38
C LYS C 275 -29.11 27.28 4.11
N ASN C 276 -29.22 28.12 5.12
CA ASN C 276 -28.78 29.50 5.02
C ASN C 276 -27.92 29.79 6.23
N LYS C 277 -26.72 30.31 5.97
CA LYS C 277 -25.75 30.59 7.01
C LYS C 277 -25.49 32.09 7.16
N ILE C 278 -26.27 32.91 6.47
CA ILE C 278 -26.13 34.37 6.53
C ILE C 278 -27.48 35.02 6.79
N ALA C 279 -28.51 34.21 7.04
CA ALA C 279 -29.82 34.71 7.42
C ALA C 279 -30.71 33.51 7.78
N ALA C 280 -31.91 33.80 8.26
CA ALA C 280 -32.80 32.72 8.66
C ALA C 280 -33.18 31.87 7.45
N PRO C 281 -33.17 30.53 7.59
CA PRO C 281 -33.44 29.67 6.43
C PRO C 281 -34.91 29.32 6.23
N PHE C 282 -35.18 28.47 5.24
CA PHE C 282 -36.43 27.76 5.01
C PHE C 282 -37.49 28.60 4.30
N LYS C 283 -37.16 29.78 3.79
CA LYS C 283 -38.12 30.55 3.04
C LYS C 283 -38.27 29.98 1.63
N GLN C 284 -39.09 30.62 0.82
CA GLN C 284 -39.38 30.14 -0.53
C GLN C 284 -39.34 31.30 -1.52
N ALA C 285 -39.52 30.94 -2.79
CA ALA C 285 -39.62 31.90 -3.88
C ALA C 285 -40.23 31.21 -5.08
N GLU C 286 -40.96 31.98 -5.88
CA GLU C 286 -41.62 31.46 -7.07
C GLU C 286 -41.48 32.44 -8.22
N PHE C 287 -41.16 31.92 -9.40
CA PHE C 287 -41.04 32.73 -10.60
C PHE C 287 -41.34 31.85 -11.81
N GLN C 288 -41.25 32.44 -12.99
CA GLN C 288 -41.49 31.75 -14.25
C GLN C 288 -40.24 31.81 -15.12
N ILE C 289 -39.93 30.71 -15.78
CA ILE C 289 -38.83 30.63 -16.73
C ILE C 289 -39.42 30.44 -18.12
N LEU C 290 -39.20 31.41 -18.99
CA LEU C 290 -39.73 31.40 -20.34
C LEU C 290 -38.70 30.83 -21.29
N TYR C 291 -39.11 29.86 -22.09
CA TYR C 291 -38.18 29.21 -23.01
C TYR C 291 -37.67 30.22 -24.02
N GLY C 292 -36.38 30.55 -23.92
CA GLY C 292 -35.73 31.45 -24.85
C GLY C 292 -35.43 32.83 -24.31
N GLU C 293 -36.00 33.22 -23.18
CA GLU C 293 -35.75 34.55 -22.63
C GLU C 293 -35.08 34.43 -21.27
N GLY C 294 -35.57 33.54 -20.41
CA GLY C 294 -35.05 33.40 -19.07
C GLY C 294 -36.09 33.71 -18.01
N ILE C 295 -35.65 34.30 -16.90
CA ILE C 295 -36.55 34.58 -15.78
C ILE C 295 -37.36 35.84 -16.08
N ASN C 296 -38.67 35.75 -15.85
CA ASN C 296 -39.60 36.85 -16.09
C ASN C 296 -39.62 37.74 -14.85
N PHE C 297 -38.79 38.78 -14.90
CA PHE C 297 -38.70 39.73 -13.79
C PHE C 297 -39.99 40.51 -13.63
N TYR C 298 -40.63 40.86 -14.74
CA TYR C 298 -41.78 41.76 -14.70
C TYR C 298 -43.08 41.10 -14.33
N GLY C 299 -43.06 39.82 -13.95
CA GLY C 299 -44.22 39.20 -13.34
C GLY C 299 -44.00 39.13 -11.85
N GLU C 300 -42.74 38.87 -11.47
CA GLU C 300 -42.37 38.98 -10.07
C GLU C 300 -42.67 40.38 -9.55
N LEU C 301 -42.42 41.40 -10.37
CA LEU C 301 -42.72 42.75 -9.92
C LEU C 301 -44.21 42.96 -9.67
N VAL C 302 -45.07 42.45 -10.55
CA VAL C 302 -46.50 42.55 -10.31
C VAL C 302 -46.89 41.84 -9.03
N ASP C 303 -46.41 40.61 -8.85
CA ASP C 303 -46.80 39.85 -7.68
C ASP C 303 -46.36 40.54 -6.40
N LEU C 304 -45.14 41.08 -6.38
CA LEU C 304 -44.68 41.78 -5.19
C LEU C 304 -45.45 43.08 -4.98
N GLY C 305 -45.83 43.74 -6.07
CA GLY C 305 -46.55 45.00 -5.95
C GLY C 305 -47.99 44.84 -5.55
N VAL C 306 -48.56 43.65 -5.70
CA VAL C 306 -49.87 43.38 -5.11
C VAL C 306 -49.76 42.80 -3.71
N LYS C 307 -48.77 41.95 -3.42
CA LYS C 307 -48.62 41.49 -2.05
C LYS C 307 -48.48 42.67 -1.11
N GLU C 308 -47.39 43.42 -1.24
CA GLU C 308 -47.34 44.77 -0.72
C GLU C 308 -48.26 45.64 -1.56
N LYS C 309 -48.94 46.56 -0.91
CA LYS C 309 -50.12 47.21 -1.51
C LYS C 309 -49.73 48.47 -2.28
N LEU C 310 -49.00 48.27 -3.39
CA LEU C 310 -48.87 49.35 -4.37
C LEU C 310 -49.81 49.15 -5.56
N ILE C 311 -50.20 47.91 -5.83
CA ILE C 311 -51.09 47.59 -6.94
C ILE C 311 -52.31 46.87 -6.38
N GLU C 312 -53.49 47.32 -6.78
CA GLU C 312 -54.75 46.78 -6.29
C GLU C 312 -55.32 45.83 -7.33
N LYS C 313 -55.62 44.62 -6.91
CA LYS C 313 -56.15 43.58 -7.79
C LYS C 313 -57.62 43.36 -7.49
N ALA C 314 -58.46 43.49 -8.51
CA ALA C 314 -59.92 43.32 -8.40
C ALA C 314 -60.33 42.23 -9.37
N GLY C 315 -60.46 41.02 -8.86
CA GLY C 315 -60.85 39.91 -9.72
C GLY C 315 -59.84 39.74 -10.83
N ALA C 316 -60.32 39.75 -12.07
CA ALA C 316 -59.44 39.63 -13.22
C ALA C 316 -58.78 40.96 -13.59
N TRP C 317 -59.20 42.06 -12.98
CA TRP C 317 -58.68 43.38 -13.30
C TRP C 317 -57.61 43.80 -12.30
N TYR C 318 -56.60 44.50 -12.80
CA TYR C 318 -55.52 45.05 -11.98
C TYR C 318 -55.53 46.57 -12.12
N SER C 319 -55.41 47.26 -10.99
CA SER C 319 -55.54 48.71 -10.97
C SER C 319 -54.44 49.33 -10.13
N TYR C 320 -53.74 50.29 -10.73
CA TYR C 320 -52.65 51.02 -10.08
C TYR C 320 -52.97 52.51 -10.12
N LYS C 321 -53.07 53.13 -8.94
CA LYS C 321 -53.44 54.54 -8.83
C LYS C 321 -54.74 54.82 -9.56
N GLY C 322 -55.69 53.89 -9.44
CA GLY C 322 -57.00 54.06 -10.04
C GLY C 322 -57.07 53.76 -11.53
N GLU C 323 -55.95 53.52 -12.18
CA GLU C 323 -55.94 53.23 -13.61
C GLU C 323 -55.99 51.72 -13.84
N LYS C 324 -56.94 51.28 -14.65
CA LYS C 324 -57.06 49.88 -15.00
C LYS C 324 -55.96 49.50 -15.98
N ILE C 325 -54.92 48.81 -15.49
CA ILE C 325 -53.77 48.51 -16.32
C ILE C 325 -54.04 47.35 -17.27
N GLY C 326 -54.92 46.43 -16.90
CA GLY C 326 -55.23 45.33 -17.78
C GLY C 326 -56.07 44.28 -17.09
N GLN C 327 -56.38 43.23 -17.85
CA GLN C 327 -57.13 42.08 -17.36
C GLN C 327 -56.28 40.84 -17.56
N GLY C 328 -56.01 40.12 -16.46
CA GLY C 328 -55.15 38.96 -16.52
C GLY C 328 -53.71 39.31 -16.24
N LYS C 329 -52.94 38.34 -15.76
CA LYS C 329 -51.55 38.61 -15.39
C LYS C 329 -50.72 38.99 -16.61
N ALA C 330 -50.96 38.32 -17.75
CA ALA C 330 -50.19 38.62 -18.95
C ALA C 330 -50.41 40.06 -19.39
N ASN C 331 -51.66 40.51 -19.41
CA ASN C 331 -51.94 41.89 -19.77
C ASN C 331 -51.34 42.86 -18.74
N ALA C 332 -51.35 42.47 -17.48
CA ALA C 332 -50.78 43.34 -16.45
C ALA C 332 -49.29 43.54 -16.67
N THR C 333 -48.56 42.45 -16.92
CA THR C 333 -47.13 42.57 -17.16
C THR C 333 -46.86 43.29 -18.48
N ALA C 334 -47.74 43.12 -19.47
CA ALA C 334 -47.61 43.89 -20.70
C ALA C 334 -47.72 45.38 -20.42
N TRP C 335 -48.70 45.77 -19.59
CA TRP C 335 -48.83 47.18 -19.23
C TRP C 335 -47.60 47.68 -18.50
N LEU C 336 -47.07 46.86 -17.57
CA LEU C 336 -45.83 47.24 -16.90
C LEU C 336 -44.73 47.52 -17.91
N LYS C 337 -44.59 46.65 -18.90
CA LYS C 337 -43.58 46.86 -19.93
C LYS C 337 -43.84 48.17 -20.67
N ASP C 338 -45.09 48.44 -21.01
CA ASP C 338 -45.42 49.58 -21.88
C ASP C 338 -45.14 50.93 -21.22
N ASN C 339 -44.94 50.99 -19.90
CA ASN C 339 -44.73 52.24 -19.19
C ASN C 339 -43.51 52.12 -18.28
N PRO C 340 -42.31 52.20 -18.86
CA PRO C 340 -41.10 51.93 -18.06
C PRO C 340 -40.97 52.81 -16.82
N GLU C 341 -41.39 54.07 -16.89
CA GLU C 341 -41.27 54.95 -15.73
C GLU C 341 -42.11 54.44 -14.56
N THR C 342 -43.33 53.98 -14.83
CA THR C 342 -44.15 53.44 -13.76
C THR C 342 -43.54 52.16 -13.18
N ALA C 343 -42.94 51.33 -14.02
CA ALA C 343 -42.25 50.15 -13.52
C ALA C 343 -41.10 50.54 -12.60
N LYS C 344 -40.32 51.54 -12.98
CA LYS C 344 -39.26 52.02 -12.10
C LYS C 344 -39.83 52.46 -10.77
N GLU C 345 -40.89 53.29 -10.82
CA GLU C 345 -41.46 53.82 -9.60
C GLU C 345 -41.93 52.72 -8.68
N ILE C 346 -42.61 51.72 -9.24
CA ILE C 346 -43.08 50.60 -8.43
C ILE C 346 -41.91 49.82 -7.86
N GLU C 347 -40.88 49.58 -8.67
CA GLU C 347 -39.79 48.71 -8.25
C GLU C 347 -39.01 49.33 -7.10
N LYS C 348 -38.76 50.64 -7.16
CA LYS C 348 -37.93 51.24 -6.11
C LYS C 348 -38.59 51.12 -4.75
N LYS C 349 -39.89 51.37 -4.68
CA LYS C 349 -40.59 51.33 -3.40
C LYS C 349 -40.50 49.94 -2.77
N VAL C 350 -40.79 48.90 -3.56
CA VAL C 350 -40.74 47.54 -3.04
C VAL C 350 -39.32 47.19 -2.62
N ARG C 351 -38.33 47.56 -3.43
CA ARG C 351 -36.95 47.31 -3.06
C ARG C 351 -36.64 47.89 -1.69
N GLU C 352 -37.00 49.15 -1.47
CA GLU C 352 -36.75 49.77 -0.17
C GLU C 352 -37.53 49.07 0.94
N LEU C 353 -38.79 48.75 0.70
CA LEU C 353 -39.66 48.27 1.76
C LEU C 353 -39.23 46.88 2.25
N LEU C 354 -39.04 45.94 1.33
CA LEU C 354 -38.70 44.58 1.71
C LEU C 354 -37.21 44.34 1.85
N ASP D 30 8.75 2.14 59.53
CA ASP D 30 9.89 2.12 60.43
C ASP D 30 10.57 3.49 60.45
N GLU D 31 11.41 3.70 61.46
CA GLU D 31 12.10 4.99 61.57
C GLU D 31 13.08 5.22 60.42
N ASN D 32 13.74 4.17 59.93
CA ASN D 32 14.67 4.35 58.82
C ASN D 32 13.94 4.77 57.55
N LYS D 33 12.77 4.17 57.29
CA LYS D 33 12.03 4.48 56.07
C LYS D 33 11.62 5.94 56.03
N GLN D 34 11.23 6.50 57.18
CA GLN D 34 10.77 7.89 57.21
C GLN D 34 11.85 8.83 56.68
N LYS D 35 13.06 8.73 57.22
CA LYS D 35 14.14 9.59 56.77
C LYS D 35 14.60 9.24 55.36
N ALA D 36 14.58 7.95 55.01
CA ALA D 36 14.96 7.55 53.65
C ALA D 36 14.03 8.19 52.62
N LEU D 37 12.74 8.29 52.96
CA LEU D 37 11.79 8.91 52.04
C LEU D 37 11.93 10.44 52.05
N ALA D 38 12.17 11.01 53.23
CA ALA D 38 12.33 12.46 53.32
C ALA D 38 13.51 12.94 52.49
N ALA D 39 14.63 12.22 52.54
CA ALA D 39 15.79 12.61 51.75
C ALA D 39 15.48 12.57 50.25
N ALA D 40 14.77 11.54 49.80
CA ALA D 40 14.43 11.44 48.39
C ALA D 40 13.52 12.59 47.95
N LEU D 41 12.52 12.92 48.78
CA LEU D 41 11.67 14.05 48.44
C LEU D 41 12.47 15.34 48.38
N GLY D 42 13.39 15.53 49.31
CA GLY D 42 14.24 16.71 49.26
C GLY D 42 15.05 16.77 47.98
N GLN D 43 15.63 15.64 47.58
CA GLN D 43 16.43 15.61 46.36
C GLN D 43 15.58 15.97 45.15
N ILE D 44 14.39 15.37 45.03
CA ILE D 44 13.56 15.62 43.86
C ILE D 44 13.13 17.08 43.81
N GLU D 45 12.74 17.64 44.96
CA GLU D 45 12.34 19.04 45.02
C GLU D 45 13.53 19.96 44.76
N LYS D 46 14.75 19.50 45.06
CA LYS D 46 15.93 20.31 44.82
C LYS D 46 16.28 20.31 43.34
N GLN D 47 16.01 19.21 42.65
CA GLN D 47 16.40 19.11 41.24
C GLN D 47 15.36 19.75 40.32
N PHE D 48 14.09 19.41 40.49
CA PHE D 48 13.06 19.84 39.55
C PHE D 48 12.24 21.03 40.02
N GLY D 49 12.51 21.58 41.18
CA GLY D 49 11.83 22.76 41.64
C GLY D 49 10.88 22.46 42.80
N LYS D 50 10.44 23.53 43.45
CA LYS D 50 9.55 23.40 44.60
C LYS D 50 8.14 23.05 44.13
N GLY D 51 7.63 21.92 44.62
CA GLY D 51 6.30 21.49 44.26
C GLY D 51 6.24 20.36 43.25
N SER D 52 7.37 19.78 42.87
CA SER D 52 7.37 18.67 41.93
C SER D 52 6.74 17.42 42.52
N ILE D 53 6.50 17.40 43.82
CA ILE D 53 5.88 16.25 44.47
C ILE D 53 5.21 16.73 45.75
N MET D 54 4.05 16.18 46.06
CA MET D 54 3.37 16.51 47.30
C MET D 54 2.19 15.56 47.48
N ARG D 55 1.64 15.56 48.69
CA ARG D 55 0.50 14.72 48.99
C ARG D 55 -0.70 15.15 48.17
N LEU D 56 -1.37 14.17 47.57
CA LEU D 56 -2.44 14.49 46.62
C LEU D 56 -3.56 15.26 47.29
N GLY D 57 -3.69 15.14 48.61
CA GLY D 57 -4.68 15.88 49.35
C GLY D 57 -4.26 17.28 49.74
N GLU D 58 -3.09 17.72 49.30
CA GLU D 58 -2.58 19.03 49.63
C GLU D 58 -2.41 19.94 48.41
N ASP D 59 -2.62 19.42 47.20
CA ASP D 59 -2.43 20.20 45.98
C ASP D 59 -3.76 20.83 45.61
N ARG D 60 -3.83 22.16 45.74
CA ARG D 60 -5.04 22.85 45.36
C ARG D 60 -5.12 23.12 43.86
N SER D 61 -4.01 22.94 43.14
CA SER D 61 -4.05 23.04 41.70
C SER D 61 -4.74 21.85 41.05
N MET D 62 -5.05 20.81 41.82
CA MET D 62 -5.74 19.63 41.32
C MET D 62 -7.24 19.70 41.54
N ASP D 63 -7.75 20.75 42.17
CA ASP D 63 -9.19 20.91 42.33
C ASP D 63 -9.81 21.33 41.00
N VAL D 64 -11.10 21.05 40.86
CA VAL D 64 -11.84 21.26 39.61
C VAL D 64 -12.69 22.51 39.75
N GLU D 65 -12.66 23.36 38.73
CA GLU D 65 -13.50 24.54 38.64
C GLU D 65 -14.18 24.54 37.29
N THR D 66 -15.46 24.92 37.26
CA THR D 66 -16.28 24.86 36.05
C THR D 66 -16.95 26.20 35.78
N ILE D 67 -17.35 26.40 34.53
CA ILE D 67 -18.07 27.61 34.10
C ILE D 67 -19.31 27.17 33.33
N SER D 68 -20.34 28.01 33.35
CA SER D 68 -21.62 27.64 32.78
C SER D 68 -21.54 27.51 31.26
N THR D 69 -22.44 26.69 30.71
CA THR D 69 -22.48 26.38 29.29
C THR D 69 -23.54 27.14 28.52
N GLY D 70 -24.40 27.89 29.20
CA GLY D 70 -25.44 28.66 28.56
C GLY D 70 -26.82 28.05 28.62
N SER D 71 -26.94 26.76 28.94
CA SER D 71 -28.23 26.09 29.03
C SER D 71 -28.30 25.29 30.31
N LEU D 72 -29.29 25.58 31.14
CA LEU D 72 -29.36 25.02 32.49
C LEU D 72 -29.44 23.50 32.46
N SER D 73 -30.24 22.94 31.56
CA SER D 73 -30.36 21.50 31.48
C SER D 73 -29.01 20.85 31.24
N LEU D 74 -28.19 21.46 30.40
CA LEU D 74 -26.89 20.86 30.08
C LEU D 74 -25.95 20.94 31.28
N ASP D 75 -26.01 22.02 32.06
CA ASP D 75 -25.19 22.08 33.26
C ASP D 75 -25.61 21.04 34.28
N ILE D 76 -26.91 20.79 34.41
CA ILE D 76 -27.34 19.72 35.29
C ILE D 76 -26.82 18.38 34.79
N ALA D 77 -26.90 18.16 33.48
CA ALA D 77 -26.46 16.88 32.92
C ALA D 77 -24.97 16.66 33.13
N LEU D 78 -24.15 17.69 32.94
CA LEU D 78 -22.70 17.51 33.05
C LEU D 78 -22.29 17.07 34.46
N GLY D 79 -23.14 17.28 35.46
CA GLY D 79 -22.85 16.81 36.79
C GLY D 79 -22.15 17.84 37.65
N ALA D 80 -21.01 18.33 37.19
CA ALA D 80 -20.23 19.30 37.94
C ALA D 80 -20.82 20.71 37.89
N GLY D 81 -21.65 21.01 36.90
CA GLY D 81 -22.24 22.32 36.79
C GLY D 81 -21.69 23.18 35.68
N GLY D 82 -21.07 22.59 34.67
CA GLY D 82 -20.49 23.35 33.59
C GLY D 82 -19.34 22.58 32.97
N LEU D 83 -18.50 23.32 32.24
CA LEU D 83 -17.34 22.68 31.62
C LEU D 83 -16.09 23.00 32.42
N PRO D 84 -15.17 22.04 32.59
CA PRO D 84 -13.98 22.29 33.41
C PRO D 84 -12.96 23.18 32.72
N MET D 85 -12.22 23.94 33.52
CA MET D 85 -11.14 24.76 33.02
C MET D 85 -9.82 24.02 33.13
N GLY D 86 -8.90 24.34 32.22
CA GLY D 86 -7.62 23.65 32.18
C GLY D 86 -7.68 22.31 31.52
N ARG D 87 -8.71 22.02 30.73
CA ARG D 87 -8.94 20.71 30.17
C ARG D 87 -9.19 20.84 28.67
N ILE D 88 -9.61 19.74 28.07
CA ILE D 88 -10.02 19.72 26.67
C ILE D 88 -11.44 19.18 26.60
N VAL D 89 -12.26 19.80 25.76
CA VAL D 89 -13.63 19.40 25.52
C VAL D 89 -13.82 19.25 24.01
N GLU D 90 -14.62 18.28 23.59
CA GLU D 90 -14.92 18.05 22.19
C GLU D 90 -16.42 18.04 21.96
N ILE D 91 -16.86 18.66 20.86
CA ILE D 91 -18.26 18.76 20.50
C ILE D 91 -18.39 18.37 19.04
N TYR D 92 -19.14 17.31 18.77
CA TYR D 92 -19.29 16.81 17.41
C TYR D 92 -20.75 16.46 17.15
N GLY D 93 -21.12 16.56 15.87
CA GLY D 93 -22.46 16.23 15.45
C GLY D 93 -22.62 16.40 13.95
N PRO D 94 -23.83 16.21 13.46
CA PRO D 94 -24.09 16.38 12.03
C PRO D 94 -24.27 17.84 11.62
N GLU D 95 -24.66 18.08 10.37
CA GLU D 95 -24.72 19.44 9.85
C GLU D 95 -25.96 20.17 10.33
N SER D 96 -25.87 21.50 10.32
CA SER D 96 -26.97 22.37 10.75
C SER D 96 -27.53 21.90 12.10
N SER D 97 -26.64 21.46 12.97
CA SER D 97 -27.04 20.88 14.25
C SER D 97 -27.02 21.87 15.40
N GLY D 98 -26.25 22.95 15.31
CA GLY D 98 -26.21 23.97 16.34
C GLY D 98 -24.99 23.93 17.22
N LYS D 99 -23.82 23.55 16.70
CA LYS D 99 -22.64 23.46 17.56
C LYS D 99 -21.74 24.68 17.43
N THR D 100 -22.09 25.65 16.59
CA THR D 100 -21.42 26.95 16.66
C THR D 100 -22.17 27.90 17.56
N THR D 101 -23.51 27.85 17.55
CA THR D 101 -24.28 28.66 18.47
C THR D 101 -24.01 28.27 19.91
N LEU D 102 -23.84 26.97 20.17
CA LEU D 102 -23.55 26.52 21.52
C LEU D 102 -22.22 27.10 22.00
N THR D 103 -21.21 27.09 21.14
CA THR D 103 -19.90 27.61 21.52
C THR D 103 -19.90 29.12 21.67
N LEU D 104 -20.66 29.85 20.85
CA LEU D 104 -20.76 31.28 21.05
C LEU D 104 -21.53 31.62 22.32
N GLN D 105 -22.53 30.81 22.67
CA GLN D 105 -23.21 30.95 23.95
C GLN D 105 -22.23 30.74 25.10
N VAL D 106 -21.37 29.74 24.99
CA VAL D 106 -20.35 29.51 26.01
C VAL D 106 -19.42 30.72 26.13
N ILE D 107 -18.96 31.24 24.99
CA ILE D 107 -18.08 32.40 25.01
C ILE D 107 -18.75 33.57 25.70
N ALA D 108 -20.03 33.78 25.41
CA ALA D 108 -20.71 34.99 25.87
C ALA D 108 -20.70 35.08 27.39
N ALA D 109 -20.98 33.96 28.07
CA ALA D 109 -21.06 33.99 29.52
C ALA D 109 -19.72 34.32 30.16
N ALA D 110 -18.62 33.78 29.62
CA ALA D 110 -17.33 34.03 30.21
C ALA D 110 -16.95 35.51 30.14
N GLN D 111 -17.23 36.16 29.02
CA GLN D 111 -16.94 37.58 28.90
C GLN D 111 -17.75 38.38 29.91
N ARG D 112 -18.98 37.97 30.18
CA ARG D 112 -19.77 38.62 31.22
C ARG D 112 -19.13 38.52 32.58
N GLU D 113 -18.18 37.60 32.77
CA GLU D 113 -17.46 37.46 34.03
C GLU D 113 -16.06 38.06 33.97
N GLY D 114 -15.67 38.66 32.86
CA GLY D 114 -14.38 39.29 32.77
C GLY D 114 -13.28 38.45 32.18
N LYS D 115 -13.61 37.32 31.57
CA LYS D 115 -12.60 36.46 30.98
C LYS D 115 -12.37 36.82 29.52
N THR D 116 -11.11 36.82 29.11
CA THR D 116 -10.73 37.05 27.72
C THR D 116 -10.90 35.78 26.92
N CYS D 117 -11.14 35.92 25.61
CA CYS D 117 -11.46 34.80 24.76
C CYS D 117 -10.80 34.93 23.39
N ALA D 118 -10.64 33.79 22.73
CA ALA D 118 -10.15 33.71 21.37
C ALA D 118 -10.98 32.71 20.59
N PHE D 119 -11.09 32.95 19.28
CA PHE D 119 -11.84 32.10 18.37
C PHE D 119 -11.05 31.93 17.08
N ILE D 120 -10.86 30.68 16.65
CA ILE D 120 -10.00 30.34 15.53
C ILE D 120 -10.87 29.69 14.47
N ASP D 121 -11.03 30.34 13.33
CA ASP D 121 -11.96 29.92 12.29
C ASP D 121 -11.22 29.26 11.13
N ALA D 122 -10.93 27.97 11.32
CA ALA D 122 -10.29 27.21 10.25
C ALA D 122 -11.23 27.03 9.07
N GLU D 123 -12.53 27.16 9.28
CA GLU D 123 -13.52 26.90 8.25
C GLU D 123 -13.77 28.11 7.36
N HIS D 124 -13.41 29.31 7.81
CA HIS D 124 -13.64 30.53 7.07
C HIS D 124 -15.14 30.74 6.82
N ALA D 125 -15.93 30.59 7.89
CA ALA D 125 -17.37 30.69 7.76
C ALA D 125 -18.07 31.42 8.90
N LEU D 126 -17.40 32.29 9.65
CA LEU D 126 -18.05 32.98 10.75
C LEU D 126 -18.67 34.29 10.28
N ASP D 127 -19.84 34.61 10.84
CA ASP D 127 -20.55 35.84 10.54
C ASP D 127 -20.46 36.78 11.73
N PRO D 128 -19.79 37.93 11.63
CA PRO D 128 -19.61 38.78 12.81
C PRO D 128 -20.92 39.20 13.46
N ILE D 129 -21.89 39.63 12.66
CA ILE D 129 -23.07 40.27 13.22
C ILE D 129 -23.91 39.27 14.02
N TYR D 130 -23.98 38.02 13.56
CA TYR D 130 -24.71 37.01 14.30
C TYR D 130 -24.05 36.73 15.64
N ALA D 131 -22.73 36.77 15.69
CA ALA D 131 -22.04 36.69 16.97
C ALA D 131 -22.39 37.88 17.85
N ARG D 132 -22.46 39.08 17.26
CA ARG D 132 -22.83 40.23 18.07
C ARG D 132 -24.26 40.10 18.59
N LYS D 133 -25.09 39.33 17.87
CA LYS D 133 -26.51 39.28 18.18
C LYS D 133 -26.86 38.17 19.15
N LEU D 134 -26.01 37.15 19.28
CA LEU D 134 -26.23 36.13 20.29
C LEU D 134 -25.87 36.66 21.67
N GLY D 135 -24.95 37.61 21.74
CA GLY D 135 -24.56 38.19 23.01
C GLY D 135 -23.09 38.47 23.16
N VAL D 136 -22.31 38.15 22.15
CA VAL D 136 -20.86 38.22 22.23
C VAL D 136 -20.40 39.66 22.03
N ASP D 137 -19.43 40.07 22.83
CA ASP D 137 -18.80 41.39 22.69
C ASP D 137 -17.77 41.27 21.57
N ILE D 138 -18.18 41.69 20.38
CA ILE D 138 -17.40 41.42 19.18
C ILE D 138 -16.12 42.24 19.10
N ASP D 139 -16.01 43.29 19.91
CA ASP D 139 -14.82 44.14 19.83
C ASP D 139 -13.66 43.63 20.68
N ASN D 140 -13.88 42.66 21.56
CA ASN D 140 -12.82 42.11 22.40
C ASN D 140 -12.46 40.67 22.06
N LEU D 141 -13.28 39.98 21.26
CA LEU D 141 -12.99 38.60 20.91
C LEU D 141 -11.89 38.56 19.87
N LEU D 142 -10.83 37.81 20.16
CA LEU D 142 -9.76 37.62 19.20
C LEU D 142 -10.21 36.66 18.10
N CYS D 143 -9.68 36.85 16.91
CA CYS D 143 -10.05 36.04 15.75
C CYS D 143 -8.82 35.76 14.90
N SER D 144 -8.70 34.52 14.44
CA SER D 144 -7.64 34.13 13.53
C SER D 144 -8.22 33.21 12.46
N GLN D 145 -7.64 33.27 11.27
CA GLN D 145 -8.04 32.45 10.14
C GLN D 145 -6.80 31.82 9.52
N PRO D 146 -6.30 30.72 10.10
CA PRO D 146 -5.01 30.19 9.67
C PRO D 146 -5.04 29.58 8.29
N ASP D 147 -3.88 29.63 7.63
CA ASP D 147 -3.69 29.06 6.31
C ASP D 147 -3.27 27.60 6.34
N THR D 148 -3.05 27.03 7.51
CA THR D 148 -2.61 25.66 7.64
C THR D 148 -2.85 25.21 9.07
N GLY D 149 -3.19 23.93 9.23
CA GLY D 149 -3.49 23.42 10.55
C GLY D 149 -2.35 23.60 11.53
N GLU D 150 -1.12 23.37 11.08
CA GLU D 150 0.03 23.60 11.94
C GLU D 150 0.03 25.03 12.48
N GLN D 151 -0.33 26.00 11.64
CA GLN D 151 -0.34 27.38 12.09
C GLN D 151 -1.43 27.60 13.14
N ALA D 152 -2.59 26.99 12.95
CA ALA D 152 -3.66 27.09 13.94
C ALA D 152 -3.20 26.55 15.29
N LEU D 153 -2.60 25.37 15.29
CA LEU D 153 -2.17 24.78 16.56
C LEU D 153 -1.02 25.56 17.18
N GLU D 154 -0.13 26.12 16.34
CA GLU D 154 0.92 26.98 16.88
C GLU D 154 0.33 28.20 17.57
N ILE D 155 -0.69 28.82 16.98
CA ILE D 155 -1.33 29.96 17.61
C ILE D 155 -1.99 29.53 18.92
N CYS D 156 -2.65 28.37 18.93
CA CYS D 156 -3.26 27.88 20.15
C CYS D 156 -2.23 27.77 21.27
N ASP D 157 -1.08 27.14 20.98
CA ASP D 157 -0.05 27.00 22.00
C ASP D 157 0.52 28.34 22.42
N ALA D 158 0.68 29.27 21.47
CA ALA D 158 1.22 30.58 21.78
C ALA D 158 0.31 31.34 22.74
N LEU D 159 -1.00 31.24 22.56
CA LEU D 159 -1.90 31.90 23.51
C LEU D 159 -2.02 31.13 24.81
N ALA D 160 -1.87 29.80 24.79
CA ALA D 160 -1.92 29.04 26.03
C ALA D 160 -0.73 29.38 26.92
N ARG D 161 0.46 29.51 26.34
CA ARG D 161 1.63 29.84 27.13
C ARG D 161 1.55 31.23 27.75
N SER D 162 0.81 32.14 27.12
CA SER D 162 0.79 33.53 27.58
C SER D 162 0.14 33.70 28.94
N GLY D 163 -0.83 32.85 29.28
CA GLY D 163 -1.50 32.96 30.55
C GLY D 163 -2.52 34.07 30.64
N ALA D 164 -2.95 34.65 29.52
CA ALA D 164 -3.86 35.79 29.51
C ALA D 164 -5.17 35.51 28.80
N VAL D 165 -5.38 34.31 28.28
CA VAL D 165 -6.58 33.95 27.54
C VAL D 165 -7.22 32.77 28.24
N ASP D 166 -8.52 32.88 28.53
CA ASP D 166 -9.20 31.88 29.33
C ASP D 166 -9.99 30.86 28.52
N VAL D 167 -10.32 31.16 27.25
CA VAL D 167 -11.08 30.24 26.41
C VAL D 167 -10.60 30.36 24.97
N ILE D 168 -10.31 29.21 24.36
CA ILE D 168 -9.97 29.11 22.96
C ILE D 168 -10.95 28.16 22.30
N VAL D 169 -11.35 28.46 21.07
CA VAL D 169 -12.27 27.63 20.30
C VAL D 169 -11.70 27.42 18.90
N VAL D 170 -11.72 26.18 18.45
CA VAL D 170 -11.24 25.81 17.12
C VAL D 170 -12.47 25.39 16.30
N ASP D 171 -12.72 26.10 15.20
CA ASP D 171 -14.02 25.97 14.53
C ASP D 171 -14.25 24.57 14.00
N SER D 172 -13.22 23.92 13.45
CA SER D 172 -13.40 22.56 12.95
C SER D 172 -12.04 21.87 12.84
N VAL D 173 -12.06 20.56 13.05
CA VAL D 173 -10.84 19.77 12.90
C VAL D 173 -10.77 19.17 11.51
N ALA D 174 -11.90 19.00 10.84
CA ALA D 174 -11.88 18.47 9.47
C ALA D 174 -11.25 19.46 8.49
N ALA D 175 -11.01 20.70 8.92
CA ALA D 175 -10.42 21.70 8.04
C ALA D 175 -8.95 21.95 8.32
N LEU D 176 -8.39 21.36 9.37
CA LEU D 176 -6.99 21.59 9.69
C LEU D 176 -6.13 20.81 8.71
N THR D 177 -5.79 21.45 7.61
CA THR D 177 -5.06 20.80 6.54
C THR D 177 -3.56 20.84 6.83
N PRO D 178 -2.84 19.74 6.64
CA PRO D 178 -1.38 19.81 6.77
C PRO D 178 -0.75 20.60 5.65
N LYS D 179 0.46 21.11 5.92
CA LYS D 179 1.15 21.91 4.93
C LYS D 179 1.47 21.10 3.69
N ALA D 180 1.91 19.85 3.86
CA ALA D 180 2.24 19.03 2.71
C ALA D 180 1.03 18.82 1.80
N GLU D 181 -0.16 18.77 2.37
CA GLU D 181 -1.36 18.61 1.56
C GLU D 181 -1.73 19.90 0.83
N ILE D 182 -1.33 21.05 1.38
CA ILE D 182 -1.66 22.32 0.77
C ILE D 182 -0.85 22.54 -0.51
N GLU D 183 0.43 22.20 -0.48
CA GLU D 183 1.31 22.48 -1.61
C GLU D 183 1.24 21.43 -2.70
N GLY D 184 0.50 20.34 -2.47
CA GLY D 184 0.42 19.27 -3.44
C GLY D 184 -0.72 19.47 -4.43
N GLU D 185 -1.06 18.39 -5.10
CA GLU D 185 -2.15 18.36 -6.06
C GLU D 185 -3.28 17.48 -5.55
N ILE D 186 -4.47 17.68 -6.12
CA ILE D 186 -5.61 16.85 -5.78
C ILE D 186 -5.41 15.46 -6.36
N GLY D 187 -5.70 14.44 -5.56
CA GLY D 187 -5.45 13.07 -5.93
C GLY D 187 -4.23 12.47 -5.30
N ASP D 188 -3.37 13.28 -4.68
CA ASP D 188 -2.20 12.75 -4.01
C ASP D 188 -2.61 11.98 -2.75
N SER D 189 -1.79 11.00 -2.39
CA SER D 189 -2.02 10.22 -1.18
C SER D 189 -1.24 10.85 -0.04
N HIS D 190 -1.92 11.07 1.06
CA HIS D 190 -1.37 11.67 2.27
C HIS D 190 -1.77 10.83 3.47
N MET D 191 -1.51 9.54 3.37
CA MET D 191 -2.05 8.55 4.27
C MET D 191 -1.69 8.86 5.72
N GLY D 192 -2.70 9.17 6.53
CA GLY D 192 -2.53 9.29 7.96
C GLY D 192 -1.60 10.39 8.43
N LEU D 193 -1.63 11.56 7.79
CA LEU D 193 -0.69 12.61 8.15
C LEU D 193 -1.29 13.57 9.17
N ALA D 194 -2.54 13.99 8.94
CA ALA D 194 -3.22 14.84 9.91
C ALA D 194 -3.37 14.17 11.26
N ALA D 195 -3.57 12.84 11.28
CA ALA D 195 -3.66 12.14 12.56
C ALA D 195 -2.35 12.25 13.34
N ARG D 196 -1.23 12.07 12.65
CA ARG D 196 0.06 12.20 13.31
C ARG D 196 0.25 13.61 13.86
N MET D 197 -0.14 14.60 13.05
CA MET D 197 -0.07 16.00 13.49
C MET D 197 -0.91 16.22 14.73
N MET D 198 -2.12 15.67 14.76
CA MET D 198 -3.01 15.86 15.90
C MET D 198 -2.43 15.22 17.16
N SER D 199 -1.87 14.01 17.02
CA SER D 199 -1.26 13.37 18.18
C SER D 199 -0.14 14.23 18.75
N GLN D 200 0.74 14.71 17.87
CA GLN D 200 1.79 15.61 18.34
C GLN D 200 1.21 16.81 19.05
N ALA D 201 0.16 17.39 18.50
CA ALA D 201 -0.41 18.62 19.06
C ALA D 201 -0.96 18.38 20.45
N MET D 202 -1.75 17.33 20.64
CA MET D 202 -2.27 17.03 21.97
C MET D 202 -1.14 16.77 22.95
N ARG D 203 -0.15 15.99 22.52
CA ARG D 203 0.99 15.70 23.37
C ARG D 203 1.65 16.98 23.86
N LYS D 204 1.74 17.99 22.99
CA LYS D 204 2.43 19.23 23.34
C LYS D 204 1.55 20.22 24.10
N LEU D 205 0.22 20.12 23.94
CA LEU D 205 -0.67 21.10 24.56
C LEU D 205 -1.16 20.67 25.93
N ALA D 206 -1.14 19.37 26.23
CA ALA D 206 -1.79 18.88 27.44
C ALA D 206 -1.28 19.57 28.69
N GLY D 207 0.02 19.88 28.74
CA GLY D 207 0.60 20.46 29.94
C GLY D 207 0.42 21.95 30.04
N ASN D 208 0.63 22.65 28.93
CA ASN D 208 0.46 24.10 28.92
C ASN D 208 -0.97 24.48 29.27
N LEU D 209 -1.95 23.71 28.79
CA LEU D 209 -3.34 24.05 29.13
C LEU D 209 -3.56 24.01 30.63
N LYS D 210 -3.11 22.96 31.31
CA LYS D 210 -3.39 22.85 32.74
C LYS D 210 -2.57 23.84 33.54
N GLN D 211 -1.33 24.10 33.13
CA GLN D 211 -0.53 25.08 33.84
C GLN D 211 -1.19 26.46 33.75
N SER D 212 -1.65 26.84 32.56
CA SER D 212 -2.24 28.17 32.38
C SER D 212 -3.71 28.21 32.73
N ASN D 213 -4.35 27.06 32.94
CA ASN D 213 -5.76 27.00 33.32
C ASN D 213 -6.66 27.57 32.23
N THR D 214 -6.64 26.92 31.08
CA THR D 214 -7.39 27.35 29.90
C THR D 214 -8.25 26.20 29.39
N LEU D 215 -9.35 26.56 28.71
CA LEU D 215 -10.30 25.60 28.17
C LEU D 215 -10.26 25.64 26.65
N LEU D 216 -10.01 24.49 26.04
CA LEU D 216 -9.82 24.37 24.60
C LEU D 216 -10.90 23.46 24.04
N ILE D 217 -11.72 24.01 23.14
CA ILE D 217 -12.91 23.33 22.62
C ILE D 217 -12.70 23.01 21.16
N PHE D 218 -12.74 21.72 20.84
CA PHE D 218 -12.64 21.27 19.47
C PHE D 218 -14.01 20.90 18.94
N ILE D 219 -14.36 21.42 17.78
CA ILE D 219 -15.56 21.02 17.06
C ILE D 219 -15.16 20.05 15.96
N ASN D 220 -15.97 19.03 15.75
CA ASN D 220 -15.65 17.97 14.80
C ASN D 220 -16.86 17.62 13.97
N GLN D 221 -16.61 17.00 12.81
CA GLN D 221 -17.63 16.62 11.84
C GLN D 221 -17.86 15.11 11.89
N ILE D 222 -18.72 14.62 11.00
CA ILE D 222 -19.04 13.20 10.92
C ILE D 222 -18.78 12.70 9.50
N ARG D 223 -18.23 11.50 9.42
CA ARG D 223 -18.09 10.78 8.16
C ARG D 223 -18.54 9.35 8.39
N MET D 224 -18.54 8.56 7.31
CA MET D 224 -18.99 7.18 7.37
C MET D 224 -17.82 6.21 7.26
N LYS D 225 -17.96 5.06 7.91
CA LYS D 225 -17.00 3.97 7.79
C LYS D 225 -17.49 3.02 6.70
N ILE D 226 -16.67 2.81 5.67
CA ILE D 226 -17.07 1.93 4.58
C ILE D 226 -16.88 0.48 4.99
N GLY D 227 -17.79 -0.38 4.54
CA GLY D 227 -17.61 -1.81 4.69
C GLY D 227 -17.73 -2.35 6.08
N VAL D 228 -18.46 -1.65 6.96
CA VAL D 228 -18.68 -2.16 8.31
C VAL D 228 -19.72 -3.27 8.25
N MET D 229 -19.50 -4.30 9.07
CA MET D 229 -20.38 -5.45 9.09
C MET D 229 -21.46 -5.34 10.16
N PHE D 230 -21.14 -4.76 11.31
CA PHE D 230 -22.05 -4.71 12.43
C PHE D 230 -21.76 -3.48 13.28
N GLY D 231 -22.82 -2.76 13.63
CA GLY D 231 -22.70 -1.61 14.51
C GLY D 231 -22.96 -0.29 13.82
N ASN D 232 -22.80 0.78 14.60
CA ASN D 232 -23.05 2.13 14.10
C ASN D 232 -21.88 2.58 13.23
N PRO D 233 -22.11 2.97 11.98
CA PRO D 233 -21.00 3.27 11.07
C PRO D 233 -20.42 4.67 11.19
N GLU D 234 -21.05 5.57 11.92
CA GLU D 234 -20.55 6.94 11.98
C GLU D 234 -19.27 7.04 12.79
N THR D 235 -18.39 7.96 12.40
CA THR D 235 -17.17 8.25 13.14
C THR D 235 -16.85 9.73 12.99
N THR D 236 -15.73 10.13 13.57
CA THR D 236 -15.23 11.48 13.44
C THR D 236 -13.89 11.50 12.72
N THR D 237 -13.51 12.67 12.25
CA THR D 237 -12.27 12.85 11.50
C THR D 237 -11.16 13.34 12.40
N GLY D 238 -9.93 13.05 12.00
CA GLY D 238 -8.77 13.51 12.72
C GLY D 238 -8.11 12.50 13.63
N GLY D 239 -8.50 11.23 13.59
CA GLY D 239 -7.76 10.19 14.28
C GLY D 239 -8.32 9.80 15.63
N ASN D 240 -7.50 9.07 16.38
CA ASN D 240 -7.93 8.51 17.65
C ASN D 240 -7.42 9.28 18.86
N ALA D 241 -6.46 10.18 18.68
CA ALA D 241 -5.79 10.79 19.83
C ALA D 241 -6.75 11.63 20.67
N LEU D 242 -7.63 12.38 20.01
CA LEU D 242 -8.50 13.28 20.77
C LEU D 242 -9.54 12.51 21.58
N LYS D 243 -9.91 11.31 21.14
CA LYS D 243 -10.81 10.50 21.92
C LYS D 243 -10.21 10.13 23.27
N PHE D 244 -8.89 9.99 23.33
CA PHE D 244 -8.22 9.72 24.60
C PHE D 244 -7.99 11.00 25.39
N TYR D 245 -7.51 12.05 24.72
CA TYR D 245 -7.01 13.21 25.45
C TYR D 245 -8.10 14.14 25.93
N ALA D 246 -9.35 13.95 25.51
CA ALA D 246 -10.44 14.81 25.96
C ALA D 246 -10.96 14.36 27.32
N SER D 247 -11.44 15.33 28.10
CA SER D 247 -12.14 15.04 29.34
C SER D 247 -13.65 14.92 29.15
N VAL D 248 -14.20 15.57 28.13
CA VAL D 248 -15.64 15.59 27.89
C VAL D 248 -15.91 15.63 26.39
N ARG D 249 -16.85 14.80 25.94
CA ARG D 249 -17.30 14.79 24.55
C ARG D 249 -18.81 14.87 24.51
N LEU D 250 -19.33 15.72 23.64
CA LEU D 250 -20.77 15.97 23.55
C LEU D 250 -21.25 15.66 22.14
N ASP D 251 -22.48 15.16 22.04
CA ASP D 251 -23.11 14.86 20.77
C ASP D 251 -24.40 15.66 20.68
N ILE D 252 -24.55 16.45 19.61
CA ILE D 252 -25.62 17.43 19.48
C ILE D 252 -26.35 17.16 18.17
N ARG D 253 -27.69 17.13 18.23
CA ARG D 253 -28.51 16.74 17.09
C ARG D 253 -29.80 17.53 17.07
N ARG D 254 -30.45 17.54 15.90
CA ARG D 254 -31.68 18.30 15.69
C ARG D 254 -32.87 17.36 15.65
N ILE D 255 -33.99 17.80 16.23
CA ILE D 255 -35.16 16.96 16.41
C ILE D 255 -36.36 17.46 15.61
N GLY D 256 -36.65 18.76 15.68
CA GLY D 256 -37.86 19.25 15.06
C GLY D 256 -37.83 20.75 14.89
N ALA D 257 -38.96 21.27 14.44
CA ALA D 257 -39.08 22.69 14.13
C ALA D 257 -39.96 23.38 15.15
N VAL D 258 -39.68 24.66 15.36
CA VAL D 258 -40.45 25.52 16.27
C VAL D 258 -41.26 26.49 15.43
N LYS D 259 -42.57 26.44 15.58
CA LYS D 259 -43.49 27.20 14.75
C LYS D 259 -44.05 28.38 15.54
N GLU D 260 -43.72 29.59 15.10
CA GLU D 260 -44.40 30.80 15.55
C GLU D 260 -45.76 30.94 14.89
N GLY D 261 -46.04 30.14 13.89
CA GLY D 261 -47.24 30.23 13.09
C GLY D 261 -47.16 29.17 12.01
N GLU D 262 -47.37 29.57 10.76
CA GLU D 262 -47.11 28.69 9.63
C GLU D 262 -45.66 28.74 9.16
N ASN D 263 -44.82 29.55 9.81
CA ASN D 263 -43.44 29.74 9.41
C ASN D 263 -42.50 29.37 10.55
N VAL D 264 -41.38 28.74 10.19
CA VAL D 264 -40.46 28.18 11.17
C VAL D 264 -39.66 29.30 11.81
N VAL D 265 -39.43 29.18 13.12
CA VAL D 265 -38.71 30.20 13.87
C VAL D 265 -37.64 29.63 14.79
N GLY D 266 -37.36 28.33 14.73
CA GLY D 266 -36.34 27.79 15.60
C GLY D 266 -36.17 26.30 15.41
N SER D 267 -35.35 25.71 16.27
CA SER D 267 -34.98 24.31 16.19
C SER D 267 -35.13 23.64 17.55
N GLU D 268 -35.21 22.31 17.53
CA GLU D 268 -35.22 21.52 18.75
C GLU D 268 -33.97 20.67 18.84
N THR D 269 -33.31 20.69 19.99
CA THR D 269 -31.97 20.13 20.13
C THR D 269 -31.91 19.21 21.33
N ARG D 270 -31.16 18.12 21.18
CA ARG D 270 -30.79 17.28 22.31
C ARG D 270 -29.30 16.99 22.27
N VAL D 271 -28.67 17.09 23.43
CA VAL D 271 -27.24 16.84 23.58
C VAL D 271 -27.06 15.62 24.47
N LYS D 272 -26.02 14.86 24.21
CA LYS D 272 -25.67 13.69 25.01
C LYS D 272 -24.26 13.88 25.55
N VAL D 273 -24.01 13.33 26.73
CA VAL D 273 -22.67 13.30 27.30
C VAL D 273 -22.12 11.91 27.05
N VAL D 274 -21.42 11.77 25.92
CA VAL D 274 -20.87 10.47 25.53
C VAL D 274 -19.58 10.14 26.24
N LYS D 275 -18.90 11.14 26.81
CA LYS D 275 -17.75 10.91 27.67
C LYS D 275 -17.79 11.89 28.82
N ASN D 276 -17.19 11.50 29.95
CA ASN D 276 -17.13 12.37 31.11
C ASN D 276 -16.12 11.83 32.10
N LYS D 277 -15.17 12.69 32.50
CA LYS D 277 -14.15 12.34 33.49
C LYS D 277 -14.32 13.08 34.80
N ILE D 278 -15.32 13.96 34.90
CA ILE D 278 -15.54 14.73 36.12
C ILE D 278 -16.88 14.41 36.78
N ALA D 279 -17.68 13.50 36.25
CA ALA D 279 -18.97 13.13 36.83
C ALA D 279 -19.48 11.91 36.08
N ALA D 280 -20.62 11.39 36.52
CA ALA D 280 -21.17 10.20 35.90
C ALA D 280 -21.52 10.48 34.44
N PRO D 281 -21.27 9.55 33.54
CA PRO D 281 -21.49 9.80 32.12
C PRO D 281 -22.90 9.40 31.67
N PHE D 282 -23.16 9.63 30.38
CA PHE D 282 -24.26 9.06 29.61
C PHE D 282 -25.61 9.73 29.84
N LYS D 283 -25.65 10.93 30.38
CA LYS D 283 -26.93 11.60 30.59
C LYS D 283 -27.34 12.38 29.35
N GLN D 284 -28.37 13.22 29.48
CA GLN D 284 -28.99 13.88 28.33
C GLN D 284 -29.44 15.29 28.70
N ALA D 285 -29.92 16.01 27.69
CA ALA D 285 -30.32 17.40 27.86
C ALA D 285 -31.00 17.90 26.59
N GLU D 286 -32.04 18.72 26.75
CA GLU D 286 -32.79 19.26 25.62
C GLU D 286 -33.04 20.74 25.80
N PHE D 287 -33.32 21.43 24.69
CA PHE D 287 -33.58 22.86 24.71
C PHE D 287 -33.93 23.32 23.30
N GLN D 288 -34.29 24.59 23.18
CA GLN D 288 -34.68 25.19 21.91
C GLN D 288 -33.68 26.26 21.50
N ILE D 289 -33.37 26.32 20.21
CA ILE D 289 -32.56 27.39 19.63
C ILE D 289 -33.46 28.23 18.75
N LEU D 290 -33.63 29.50 19.11
CA LEU D 290 -34.46 30.44 18.38
C LEU D 290 -33.56 31.30 17.50
N TYR D 291 -33.83 31.30 16.19
CA TYR D 291 -32.96 31.98 15.24
C TYR D 291 -32.83 33.45 15.63
N GLY D 292 -31.59 33.92 15.75
CA GLY D 292 -31.34 35.31 16.03
C GLY D 292 -31.23 35.67 17.49
N GLU D 293 -31.49 34.75 18.40
CA GLU D 293 -31.39 35.02 19.83
C GLU D 293 -30.56 34.03 20.60
N GLY D 294 -30.50 32.77 20.20
CA GLY D 294 -29.79 31.76 20.96
C GLY D 294 -30.74 30.93 21.80
N ILE D 295 -30.23 30.28 22.83
CA ILE D 295 -31.05 29.40 23.65
C ILE D 295 -32.05 30.25 24.43
N ASN D 296 -33.26 29.72 24.60
CA ASN D 296 -34.27 30.39 25.41
C ASN D 296 -34.23 29.76 26.79
N PHE D 297 -33.61 30.48 27.72
CA PHE D 297 -33.45 29.99 29.09
C PHE D 297 -34.80 29.83 29.78
N TYR D 298 -35.71 30.77 29.57
CA TYR D 298 -36.98 30.75 30.26
C TYR D 298 -37.86 29.61 29.80
N GLY D 299 -37.65 29.09 28.59
CA GLY D 299 -38.34 27.88 28.19
C GLY D 299 -37.87 26.67 28.98
N GLU D 300 -36.56 26.60 29.24
CA GLU D 300 -36.03 25.54 30.09
C GLU D 300 -36.56 25.64 31.50
N LEU D 301 -36.69 26.87 32.00
CA LEU D 301 -37.02 27.04 33.41
C LEU D 301 -38.37 26.44 33.74
N VAL D 302 -39.36 26.63 32.87
CA VAL D 302 -40.69 26.11 33.15
C VAL D 302 -40.71 24.60 33.07
N ASP D 303 -39.99 24.02 32.11
CA ASP D 303 -39.93 22.57 32.03
C ASP D 303 -39.30 21.98 33.28
N LEU D 304 -38.21 22.57 33.75
CA LEU D 304 -37.56 22.06 34.95
C LEU D 304 -38.44 22.24 36.17
N GLY D 305 -39.18 23.36 36.23
CA GLY D 305 -40.12 23.54 37.33
C GLY D 305 -41.21 22.49 37.33
N VAL D 306 -41.84 22.21 36.22
CA VAL D 306 -42.84 21.16 36.23
C VAL D 306 -42.27 19.86 36.75
N LYS D 307 -41.24 19.35 36.11
CA LYS D 307 -40.62 18.11 36.54
C LYS D 307 -40.33 18.15 38.00
N GLU D 308 -40.16 19.32 38.59
CA GLU D 308 -39.79 19.38 40.00
C GLU D 308 -40.93 19.80 40.91
N LYS D 309 -42.16 19.85 40.41
CA LYS D 309 -43.36 20.14 41.19
C LYS D 309 -43.44 21.57 41.69
N LEU D 310 -42.54 22.45 41.25
CA LEU D 310 -42.68 23.87 41.56
C LEU D 310 -43.63 24.58 40.62
N ILE D 311 -44.10 23.92 39.56
CA ILE D 311 -45.11 24.47 38.65
C ILE D 311 -46.19 23.42 38.48
N GLU D 312 -47.44 23.88 38.33
CA GLU D 312 -48.58 23.00 38.20
C GLU D 312 -49.14 23.05 36.79
N LYS D 313 -49.22 21.89 36.16
CA LYS D 313 -49.86 21.74 34.84
C LYS D 313 -51.27 21.21 35.07
N ALA D 314 -52.24 22.12 35.05
CA ALA D 314 -53.65 21.75 35.16
C ALA D 314 -54.16 21.34 33.77
N GLY D 315 -53.70 20.17 33.35
CA GLY D 315 -54.02 19.71 32.00
C GLY D 315 -53.42 20.63 30.97
N ALA D 316 -54.24 21.06 30.01
CA ALA D 316 -53.76 21.93 28.95
C ALA D 316 -53.32 23.29 29.46
N TRP D 317 -53.68 23.65 30.68
CA TRP D 317 -53.38 24.96 31.25
C TRP D 317 -52.23 24.85 32.23
N TYR D 318 -51.23 25.72 32.09
CA TYR D 318 -50.21 25.86 33.10
C TYR D 318 -50.78 26.60 34.30
N SER D 319 -50.13 26.41 35.46
CA SER D 319 -50.57 27.10 36.66
C SER D 319 -49.38 27.30 37.59
N TYR D 320 -49.47 28.33 38.42
CA TYR D 320 -48.44 28.64 39.38
C TYR D 320 -49.05 29.14 40.67
N LYS D 321 -48.68 28.51 41.79
CA LYS D 321 -48.96 29.05 43.12
C LYS D 321 -50.44 29.39 43.29
N GLY D 322 -51.32 28.67 42.60
CA GLY D 322 -52.74 28.86 42.72
C GLY D 322 -53.38 29.79 41.71
N GLU D 323 -52.67 30.14 40.64
CA GLU D 323 -53.22 30.99 39.60
C GLU D 323 -52.92 30.38 38.25
N LYS D 324 -53.75 30.74 37.26
CA LYS D 324 -53.69 30.16 35.93
C LYS D 324 -52.75 30.99 35.06
N ILE D 325 -52.07 30.33 34.14
CA ILE D 325 -50.89 30.90 33.49
C ILE D 325 -51.08 31.07 31.98
N GLY D 326 -51.36 29.98 31.27
CA GLY D 326 -51.48 30.05 29.83
C GLY D 326 -51.97 28.73 29.27
N GLN D 327 -52.05 28.68 27.95
CA GLN D 327 -52.53 27.50 27.24
C GLN D 327 -51.42 26.68 26.61
N GLY D 328 -50.16 27.01 26.87
CA GLY D 328 -49.08 26.25 26.27
C GLY D 328 -47.75 26.72 26.80
N LYS D 329 -46.69 26.06 26.29
CA LYS D 329 -45.34 26.42 26.70
C LYS D 329 -45.02 27.86 26.33
N ALA D 330 -45.41 28.29 25.13
CA ALA D 330 -45.10 29.64 24.69
C ALA D 330 -45.73 30.67 25.62
N ASN D 331 -47.00 30.48 25.97
CA ASN D 331 -47.66 31.41 26.88
C ASN D 331 -46.98 31.39 28.24
N ALA D 332 -46.62 30.20 28.73
CA ALA D 332 -45.98 30.12 30.04
C ALA D 332 -44.68 30.89 30.06
N THR D 333 -43.83 30.68 29.04
CA THR D 333 -42.54 31.35 29.02
C THR D 333 -42.70 32.85 28.81
N ALA D 334 -43.65 33.27 27.99
CA ALA D 334 -43.90 34.69 27.82
C ALA D 334 -44.32 35.33 29.14
N TRP D 335 -45.26 34.70 29.83
CA TRP D 335 -45.72 35.23 31.11
C TRP D 335 -44.55 35.31 32.09
N LEU D 336 -43.74 34.26 32.15
CA LEU D 336 -42.60 34.27 33.06
C LEU D 336 -41.63 35.38 32.72
N LYS D 337 -41.37 35.59 31.43
CA LYS D 337 -40.46 36.64 31.03
C LYS D 337 -40.99 38.00 31.46
N ASP D 338 -42.28 38.24 31.26
CA ASP D 338 -42.87 39.52 31.63
C ASP D 338 -42.96 39.73 33.13
N ASN D 339 -42.68 38.69 33.93
CA ASN D 339 -42.86 38.72 35.38
C ASN D 339 -41.57 38.29 36.06
N PRO D 340 -40.61 39.20 36.24
CA PRO D 340 -39.31 38.81 36.81
C PRO D 340 -39.39 38.20 38.19
N GLU D 341 -40.36 38.59 39.02
CA GLU D 341 -40.40 38.10 40.39
C GLU D 341 -40.54 36.58 40.43
N THR D 342 -41.54 36.05 39.74
CA THR D 342 -41.75 34.60 39.74
C THR D 342 -40.60 33.87 39.07
N ALA D 343 -40.02 34.46 38.02
CA ALA D 343 -38.88 33.85 37.37
C ALA D 343 -37.73 33.67 38.35
N LYS D 344 -37.40 34.72 39.10
CA LYS D 344 -36.33 34.61 40.08
C LYS D 344 -36.70 33.58 41.16
N GLU D 345 -37.94 33.62 41.63
CA GLU D 345 -38.33 32.68 42.68
C GLU D 345 -38.14 31.24 42.22
N ILE D 346 -38.55 30.93 40.99
CA ILE D 346 -38.48 29.56 40.50
C ILE D 346 -37.02 29.17 40.25
N GLU D 347 -36.24 30.07 39.66
CA GLU D 347 -34.87 29.72 39.31
C GLU D 347 -34.02 29.47 40.54
N LYS D 348 -34.12 30.36 41.53
CA LYS D 348 -33.26 30.25 42.69
C LYS D 348 -33.64 29.08 43.59
N LYS D 349 -34.76 28.42 43.33
CA LYS D 349 -35.11 27.17 43.99
C LYS D 349 -34.74 25.96 43.14
N VAL D 350 -34.99 26.03 41.83
CA VAL D 350 -34.67 24.90 40.95
C VAL D 350 -33.17 24.62 40.98
N ARG D 351 -32.37 25.68 41.09
CA ARG D 351 -30.92 25.49 41.09
C ARG D 351 -30.46 24.66 42.28
N GLU D 352 -31.20 24.69 43.38
CA GLU D 352 -30.73 24.11 44.63
C GLU D 352 -30.80 22.58 44.63
N LEU D 353 -31.87 22.01 44.09
CA LEU D 353 -32.10 20.58 44.23
C LEU D 353 -31.19 19.76 43.33
N LEU D 354 -30.92 20.21 42.11
CA LEU D 354 -30.28 19.37 41.11
C LEU D 354 -28.82 19.72 40.84
N ASP E 30 36.17 -35.06 40.22
CA ASP E 30 37.56 -34.93 40.60
C ASP E 30 37.75 -33.73 41.52
N GLU E 31 38.53 -33.91 42.58
CA GLU E 31 38.72 -32.84 43.55
C GLU E 31 39.55 -31.68 42.99
N ASN E 32 40.42 -31.96 42.01
CA ASN E 32 41.15 -30.89 41.36
C ASN E 32 40.23 -29.91 40.65
N LYS E 33 39.05 -30.37 40.22
CA LYS E 33 38.05 -29.48 39.68
C LYS E 33 37.37 -28.67 40.78
N GLN E 34 37.07 -29.32 41.91
CA GLN E 34 36.35 -28.64 42.97
C GLN E 34 37.19 -27.54 43.58
N LYS E 35 38.49 -27.77 43.73
CA LYS E 35 39.35 -26.73 44.28
C LYS E 35 39.36 -25.50 43.39
N ALA E 36 39.46 -25.70 42.07
CA ALA E 36 39.42 -24.59 41.15
C ALA E 36 38.08 -23.87 41.20
N LEU E 37 36.98 -24.64 41.29
CA LEU E 37 35.66 -24.02 41.35
C LEU E 37 35.52 -23.14 42.58
N ALA E 38 35.93 -23.66 43.74
CA ALA E 38 35.84 -22.87 44.96
C ALA E 38 36.73 -21.64 44.88
N ALA E 39 37.93 -21.78 44.32
CA ALA E 39 38.81 -20.63 44.20
C ALA E 39 38.19 -19.55 43.32
N ALA E 40 37.63 -19.94 42.18
CA ALA E 40 37.02 -18.96 41.29
C ALA E 40 35.84 -18.27 41.95
N LEU E 41 34.97 -19.04 42.62
CA LEU E 41 33.83 -18.44 43.29
C LEU E 41 34.29 -17.45 44.35
N GLY E 42 35.29 -17.84 45.13
CA GLY E 42 35.79 -16.95 46.16
C GLY E 42 36.34 -15.66 45.58
N GLN E 43 37.09 -15.75 44.49
CA GLN E 43 37.66 -14.55 43.89
C GLN E 43 36.57 -13.63 43.35
N ILE E 44 35.55 -14.20 42.71
CA ILE E 44 34.43 -13.38 42.23
C ILE E 44 33.77 -12.67 43.40
N GLU E 45 33.50 -13.42 44.48
CA GLU E 45 32.87 -12.82 45.65
C GLU E 45 33.71 -11.74 46.28
N LYS E 46 35.03 -11.90 46.27
CA LYS E 46 35.91 -10.86 46.78
C LYS E 46 35.84 -9.61 45.93
N GLN E 47 35.93 -9.76 44.61
CA GLN E 47 35.99 -8.59 43.75
C GLN E 47 34.68 -7.83 43.76
N PHE E 48 33.55 -8.53 43.78
CA PHE E 48 32.25 -7.89 43.62
C PHE E 48 31.38 -7.93 44.86
N GLY E 49 31.83 -8.56 45.95
CA GLY E 49 31.11 -8.53 47.20
C GLY E 49 30.31 -9.81 47.45
N LYS E 50 30.01 -10.04 48.72
CA LYS E 50 29.23 -11.20 49.11
C LYS E 50 27.86 -11.17 48.43
N GLY E 51 27.38 -12.33 48.03
CA GLY E 51 26.09 -12.41 47.38
C GLY E 51 26.10 -12.10 45.91
N SER E 52 27.28 -12.07 45.28
CA SER E 52 27.35 -11.85 43.85
C SER E 52 26.96 -13.10 43.07
N ILE E 53 27.20 -14.28 43.62
CA ILE E 53 26.97 -15.54 42.92
C ILE E 53 26.65 -16.62 43.96
N MET E 54 25.66 -17.46 43.67
CA MET E 54 25.25 -18.48 44.63
C MET E 54 24.30 -19.45 43.95
N ARG E 55 24.17 -20.62 44.56
CA ARG E 55 23.31 -21.66 44.02
C ARG E 55 21.86 -21.18 44.00
N LEU E 56 21.16 -21.45 42.90
CA LEU E 56 19.85 -20.88 42.69
C LEU E 56 18.83 -21.42 43.69
N GLY E 57 19.08 -22.59 44.25
CA GLY E 57 18.19 -23.15 45.25
C GLY E 57 18.36 -22.57 46.63
N GLU E 58 19.30 -21.64 46.81
CA GLU E 58 19.61 -21.06 48.11
C GLU E 58 19.37 -19.56 48.17
N ASP E 59 18.98 -18.93 47.06
CA ASP E 59 18.84 -17.48 47.01
C ASP E 59 17.37 -17.17 47.22
N ARG E 60 17.04 -16.68 48.41
CA ARG E 60 15.65 -16.43 48.78
C ARG E 60 15.08 -15.17 48.15
N SER E 61 15.91 -14.32 47.55
CA SER E 61 15.41 -13.14 46.89
C SER E 61 14.77 -13.43 45.55
N MET E 62 15.01 -14.62 44.99
CA MET E 62 14.37 -15.00 43.75
C MET E 62 12.90 -15.37 43.93
N ASP E 63 12.52 -15.74 45.15
CA ASP E 63 11.14 -16.16 45.40
C ASP E 63 10.17 -15.04 45.05
N VAL E 64 9.04 -15.43 44.48
CA VAL E 64 8.09 -14.48 43.95
C VAL E 64 7.02 -14.17 44.99
N GLU E 65 6.62 -12.90 45.06
CA GLU E 65 5.62 -12.43 46.00
C GLU E 65 4.65 -11.53 45.25
N THR E 66 3.37 -11.56 45.63
CA THR E 66 2.31 -10.90 44.89
C THR E 66 1.44 -10.05 45.81
N ILE E 67 0.76 -9.07 45.23
CA ILE E 67 -0.24 -8.25 45.91
C ILE E 67 -1.52 -8.24 45.08
N SER E 68 -2.64 -8.01 45.75
CA SER E 68 -3.95 -8.23 45.14
C SER E 68 -4.29 -7.16 44.11
N THR E 69 -5.05 -7.57 43.09
CA THR E 69 -5.45 -6.69 42.01
C THR E 69 -6.82 -6.05 42.23
N GLY E 70 -7.52 -6.39 43.30
CA GLY E 70 -8.81 -5.80 43.57
C GLY E 70 -10.00 -6.51 42.97
N SER E 71 -9.78 -7.58 42.21
CA SER E 71 -10.86 -8.43 41.71
C SER E 71 -10.44 -9.88 41.82
N LEU E 72 -11.34 -10.71 42.33
CA LEU E 72 -11.02 -12.13 42.54
C LEU E 72 -10.80 -12.85 41.22
N SER E 73 -11.61 -12.53 40.21
CA SER E 73 -11.51 -13.22 38.93
C SER E 73 -10.14 -13.00 38.30
N LEU E 74 -9.64 -11.77 38.33
CA LEU E 74 -8.35 -11.49 37.72
C LEU E 74 -7.21 -12.12 38.52
N ASP E 75 -7.34 -12.14 39.85
CA ASP E 75 -6.34 -12.84 40.65
C ASP E 75 -6.33 -14.33 40.39
N ILE E 76 -7.47 -14.92 40.03
CA ILE E 76 -7.48 -16.31 39.57
C ILE E 76 -6.84 -16.42 38.21
N ALA E 77 -7.11 -15.46 37.32
CA ALA E 77 -6.52 -15.50 35.99
C ALA E 77 -5.01 -15.50 36.06
N LEU E 78 -4.43 -14.65 36.89
CA LEU E 78 -2.99 -14.70 37.16
C LEU E 78 -2.79 -15.83 38.16
N GLY E 79 -2.03 -16.85 37.74
CA GLY E 79 -1.98 -18.07 38.52
C GLY E 79 -1.51 -17.87 39.95
N ALA E 80 -0.55 -16.97 40.16
CA ALA E 80 0.08 -16.82 41.46
C ALA E 80 -0.77 -16.04 42.44
N GLY E 81 -1.85 -15.41 42.00
CA GLY E 81 -2.74 -14.72 42.92
C GLY E 81 -2.52 -13.24 43.04
N GLY E 82 -2.03 -12.57 42.00
CA GLY E 82 -1.85 -11.15 42.04
C GLY E 82 -0.71 -10.71 41.15
N LEU E 83 -0.26 -9.48 41.38
CA LEU E 83 0.83 -8.90 40.61
C LEU E 83 2.15 -9.08 41.35
N PRO E 84 3.23 -9.43 40.64
CA PRO E 84 4.49 -9.72 41.34
C PRO E 84 5.25 -8.47 41.74
N MET E 85 5.86 -8.52 42.93
CA MET E 85 6.65 -7.41 43.42
C MET E 85 8.03 -7.41 42.79
N GLY E 86 8.53 -6.22 42.49
CA GLY E 86 9.84 -6.06 41.91
C GLY E 86 9.90 -6.12 40.41
N ARG E 87 8.79 -6.45 39.75
CA ARG E 87 8.76 -6.61 38.30
C ARG E 87 8.14 -5.39 37.64
N ILE E 88 7.90 -5.48 36.32
CA ILE E 88 7.24 -4.44 35.54
C ILE E 88 5.95 -5.01 34.99
N VAL E 89 4.93 -4.15 34.87
CA VAL E 89 3.60 -4.54 34.42
C VAL E 89 3.10 -3.50 33.43
N GLU E 90 2.41 -3.96 32.39
CA GLU E 90 1.84 -3.08 31.37
C GLU E 90 0.35 -3.34 31.22
N ILE E 91 -0.44 -2.26 31.13
CA ILE E 91 -1.88 -2.33 30.94
C ILE E 91 -2.25 -1.40 29.80
N TYR E 92 -3.08 -1.88 28.87
CA TYR E 92 -3.52 -1.06 27.75
C TYR E 92 -4.93 -1.45 27.34
N GLY E 93 -5.59 -0.49 26.68
CA GLY E 93 -6.92 -0.71 26.13
C GLY E 93 -7.39 0.53 25.41
N PRO E 94 -8.59 0.47 24.82
CA PRO E 94 -9.17 1.67 24.21
C PRO E 94 -9.67 2.64 25.28
N GLU E 95 -10.32 3.72 24.83
CA GLU E 95 -10.68 4.78 25.75
C GLU E 95 -11.97 4.47 26.49
N SER E 96 -12.04 4.93 27.75
CA SER E 96 -13.12 4.63 28.68
C SER E 96 -13.18 3.16 29.04
N SER E 97 -12.06 2.44 28.94
CA SER E 97 -12.05 1.03 29.29
C SER E 97 -12.06 0.81 30.80
N GLY E 98 -11.37 1.63 31.55
CA GLY E 98 -11.29 1.50 32.99
C GLY E 98 -9.90 1.35 33.55
N LYS E 99 -8.86 1.79 32.83
CA LYS E 99 -7.50 1.61 33.29
C LYS E 99 -7.26 2.35 34.61
N THR E 100 -7.61 3.64 34.65
CA THR E 100 -7.27 4.45 35.81
C THR E 100 -7.97 3.95 37.06
N THR E 101 -9.25 3.58 36.94
CA THR E 101 -9.97 3.06 38.09
C THR E 101 -9.38 1.74 38.55
N LEU E 102 -8.93 0.89 37.63
CA LEU E 102 -8.30 -0.37 38.03
C LEU E 102 -7.02 -0.09 38.83
N THR E 103 -6.19 0.83 38.35
CA THR E 103 -4.94 1.09 39.05
C THR E 103 -5.18 1.77 40.38
N LEU E 104 -6.18 2.64 40.48
CA LEU E 104 -6.53 3.23 41.77
C LEU E 104 -7.03 2.17 42.75
N GLN E 105 -7.84 1.22 42.26
CA GLN E 105 -8.31 0.14 43.14
C GLN E 105 -7.15 -0.73 43.59
N VAL E 106 -6.13 -0.91 42.74
CA VAL E 106 -4.95 -1.66 43.15
C VAL E 106 -4.19 -0.92 44.24
N ILE E 107 -3.96 0.38 44.03
CA ILE E 107 -3.28 1.19 45.04
C ILE E 107 -4.02 1.08 46.37
N ALA E 108 -5.34 1.17 46.33
CA ALA E 108 -6.13 1.15 47.55
C ALA E 108 -5.85 -0.10 48.36
N ALA E 109 -5.94 -1.27 47.73
CA ALA E 109 -5.72 -2.51 48.45
C ALA E 109 -4.26 -2.63 48.91
N ALA E 110 -3.33 -2.00 48.20
CA ALA E 110 -1.95 -1.99 48.69
C ALA E 110 -1.84 -1.26 50.02
N GLN E 111 -2.49 -0.10 50.14
CA GLN E 111 -2.30 0.75 51.31
C GLN E 111 -2.92 0.17 52.56
N ARG E 112 -4.03 -0.56 52.43
CA ARG E 112 -4.70 -1.10 53.61
C ARG E 112 -3.84 -2.11 54.35
N GLU E 113 -2.80 -2.64 53.71
CA GLU E 113 -1.83 -3.50 54.38
C GLU E 113 -0.65 -2.72 54.95
N GLY E 114 -0.53 -1.43 54.65
CA GLY E 114 0.48 -0.58 55.23
C GLY E 114 1.52 -0.05 54.28
N LYS E 115 1.36 -0.25 52.98
CA LYS E 115 2.39 0.12 52.02
C LYS E 115 2.23 1.56 51.55
N THR E 116 3.31 2.11 51.01
CA THR E 116 3.34 3.47 50.48
C THR E 116 3.26 3.42 48.95
N CYS E 117 2.52 4.37 48.38
CA CYS E 117 2.25 4.40 46.95
C CYS E 117 2.59 5.76 46.37
N ALA E 118 2.63 5.83 45.04
CA ALA E 118 2.93 7.06 44.33
C ALA E 118 2.28 7.02 42.95
N PHE E 119 1.81 8.17 42.49
CA PHE E 119 1.09 8.31 41.23
C PHE E 119 1.69 9.44 40.41
N ILE E 120 1.85 9.22 39.12
CA ILE E 120 2.43 10.22 38.22
C ILE E 120 1.43 10.47 37.10
N ASP E 121 0.79 11.65 37.13
CA ASP E 121 -0.34 11.96 36.25
C ASP E 121 0.16 12.81 35.08
N ALA E 122 0.76 12.12 34.10
CA ALA E 122 1.34 12.81 32.95
C ALA E 122 0.29 13.40 32.04
N GLU E 123 -0.91 12.83 32.00
CA GLU E 123 -1.98 13.39 31.18
C GLU E 123 -2.63 14.62 31.81
N HIS E 124 -2.36 14.90 33.08
CA HIS E 124 -2.92 16.05 33.76
C HIS E 124 -4.44 15.94 33.87
N ALA E 125 -4.93 14.78 34.32
CA ALA E 125 -6.36 14.53 34.34
C ALA E 125 -6.89 13.82 35.58
N LEU E 126 -6.07 13.54 36.58
CA LEU E 126 -6.57 12.81 37.75
C LEU E 126 -7.47 13.72 38.59
N ASP E 127 -8.42 13.10 39.30
CA ASP E 127 -9.41 13.82 40.09
C ASP E 127 -9.36 13.36 41.54
N PRO E 128 -8.93 14.19 42.50
CA PRO E 128 -8.81 13.68 43.88
C PRO E 128 -10.09 13.12 44.46
N ILE E 129 -11.23 13.77 44.23
CA ILE E 129 -12.44 13.37 44.94
C ILE E 129 -12.89 11.98 44.49
N TYR E 130 -12.89 11.73 43.18
CA TYR E 130 -13.27 10.41 42.72
C TYR E 130 -12.28 9.36 43.18
N ALA E 131 -10.99 9.71 43.22
CA ALA E 131 -9.99 8.77 43.73
C ALA E 131 -10.25 8.46 45.19
N ARG E 132 -10.83 9.41 45.93
CA ARG E 132 -11.20 9.12 47.32
C ARG E 132 -12.38 8.19 47.38
N LYS E 133 -13.38 8.41 46.53
CA LYS E 133 -14.56 7.55 46.55
C LYS E 133 -14.22 6.12 46.20
N LEU E 134 -13.32 5.91 45.24
CA LEU E 134 -12.87 4.54 44.94
C LEU E 134 -12.21 3.87 46.13
N GLY E 135 -11.75 4.63 47.12
CA GLY E 135 -11.19 4.08 48.34
C GLY E 135 -9.77 4.46 48.63
N VAL E 136 -9.14 5.29 47.81
CA VAL E 136 -7.75 5.66 48.03
C VAL E 136 -7.67 6.66 49.16
N ASP E 137 -6.57 6.62 49.91
CA ASP E 137 -6.31 7.56 50.98
C ASP E 137 -5.43 8.68 50.42
N ILE E 138 -6.07 9.81 50.12
CA ILE E 138 -5.38 10.88 49.42
C ILE E 138 -4.58 11.77 50.34
N ASP E 139 -4.62 11.55 51.66
CA ASP E 139 -3.78 12.32 52.56
C ASP E 139 -2.38 11.77 52.66
N ASN E 140 -2.12 10.59 52.09
CA ASN E 140 -0.80 9.97 52.13
C ASN E 140 -0.26 9.58 50.77
N LEU E 141 -1.07 9.60 49.72
CA LEU E 141 -0.61 9.23 48.40
C LEU E 141 0.22 10.35 47.80
N LEU E 142 1.37 9.99 47.22
CA LEU E 142 2.21 10.94 46.53
C LEU E 142 1.70 11.14 45.12
N CYS E 143 1.97 12.32 44.55
CA CYS E 143 1.51 12.65 43.21
C CYS E 143 2.52 13.55 42.53
N SER E 144 2.45 13.59 41.20
CA SER E 144 3.35 14.44 40.42
C SER E 144 2.79 14.57 39.02
N GLN E 145 3.01 15.75 38.43
CA GLN E 145 2.45 16.12 37.13
C GLN E 145 3.60 16.64 36.27
N PRO E 146 4.43 15.74 35.73
CA PRO E 146 5.70 16.16 35.16
C PRO E 146 5.57 17.09 33.97
N ASP E 147 6.53 18.00 33.84
CA ASP E 147 6.54 18.91 32.70
C ASP E 147 6.97 18.20 31.43
N THR E 148 7.94 17.29 31.52
CA THR E 148 8.39 16.48 30.39
C THR E 148 8.51 15.04 30.83
N GLY E 149 8.64 14.15 29.85
CA GLY E 149 8.81 12.74 30.14
C GLY E 149 10.11 12.40 30.84
N GLU E 150 11.19 13.12 30.51
CA GLU E 150 12.48 12.82 31.12
C GLU E 150 12.41 12.91 32.63
N GLN E 151 11.83 13.98 33.16
CA GLN E 151 11.75 14.10 34.60
C GLN E 151 10.75 13.13 35.19
N ALA E 152 9.75 12.68 34.43
CA ALA E 152 8.91 11.60 34.92
C ALA E 152 9.74 10.36 35.21
N LEU E 153 10.53 9.93 34.23
CA LEU E 153 11.32 8.72 34.42
C LEU E 153 12.42 8.93 35.46
N GLU E 154 12.94 10.16 35.55
CA GLU E 154 13.95 10.46 36.57
C GLU E 154 13.36 10.39 37.97
N ILE E 155 12.14 10.90 38.16
CA ILE E 155 11.46 10.78 39.44
C ILE E 155 11.21 9.32 39.78
N CYS E 156 10.81 8.53 38.79
CA CYS E 156 10.62 7.11 39.03
C CYS E 156 11.91 6.45 39.52
N ASP E 157 13.03 6.76 38.86
CA ASP E 157 14.31 6.19 39.29
C ASP E 157 14.67 6.65 40.69
N ALA E 158 14.46 7.92 41.00
CA ALA E 158 14.77 8.43 42.33
C ALA E 158 13.95 7.72 43.39
N LEU E 159 12.66 7.55 43.12
CA LEU E 159 11.81 6.88 44.10
C LEU E 159 12.24 5.43 44.30
N ALA E 160 12.58 4.74 43.22
CA ALA E 160 13.03 3.36 43.35
C ALA E 160 14.29 3.26 44.19
N ARG E 161 15.28 4.12 43.91
CA ARG E 161 16.50 4.10 44.72
C ARG E 161 16.22 4.48 46.16
N SER E 162 15.21 5.32 46.41
CA SER E 162 14.91 5.73 47.77
C SER E 162 14.61 4.55 48.68
N GLY E 163 14.06 3.47 48.15
CA GLY E 163 13.79 2.30 48.96
C GLY E 163 12.62 2.42 49.90
N ALA E 164 11.81 3.46 49.79
CA ALA E 164 10.74 3.73 50.74
C ALA E 164 9.37 3.86 50.09
N VAL E 165 9.24 3.48 48.82
CA VAL E 165 7.97 3.49 48.11
C VAL E 165 7.76 2.11 47.52
N ASP E 166 6.54 1.59 47.65
CA ASP E 166 6.28 0.19 47.33
C ASP E 166 5.54 0.01 46.01
N VAL E 167 4.72 0.98 45.59
CA VAL E 167 4.00 0.89 44.33
C VAL E 167 4.13 2.22 43.61
N ILE E 168 4.36 2.16 42.30
CA ILE E 168 4.38 3.33 41.43
C ILE E 168 3.57 3.00 40.18
N VAL E 169 2.87 4.01 39.65
CA VAL E 169 2.08 3.85 38.44
C VAL E 169 2.23 5.11 37.60
N VAL E 170 2.36 4.93 36.29
CA VAL E 170 2.60 6.01 35.33
C VAL E 170 1.35 6.16 34.47
N ASP E 171 0.79 7.38 34.43
CA ASP E 171 -0.54 7.57 33.87
C ASP E 171 -0.62 7.25 32.38
N SER E 172 0.32 7.71 31.57
CA SER E 172 0.28 7.38 30.15
C SER E 172 1.67 7.50 29.57
N VAL E 173 2.09 6.50 28.79
CA VAL E 173 3.34 6.61 28.06
C VAL E 173 3.15 7.42 26.78
N ALA E 174 1.92 7.77 26.44
CA ALA E 174 1.69 8.64 25.29
C ALA E 174 1.83 10.11 25.65
N ALA E 175 1.98 10.43 26.93
CA ALA E 175 2.20 11.80 27.37
C ALA E 175 3.66 12.10 27.69
N LEU E 176 4.54 11.10 27.62
CA LEU E 176 5.95 11.32 27.90
C LEU E 176 6.67 11.94 26.71
N THR E 177 6.74 13.27 26.67
CA THR E 177 7.40 14.00 25.60
C THR E 177 8.91 14.05 25.84
N PRO E 178 9.72 13.90 24.80
CA PRO E 178 11.12 14.29 24.91
C PRO E 178 11.25 15.79 25.02
N LYS E 179 12.36 16.24 25.59
CA LYS E 179 12.54 17.67 25.78
C LYS E 179 12.61 18.41 24.46
N ALA E 180 13.08 17.74 23.41
CA ALA E 180 13.18 18.38 22.10
C ALA E 180 11.82 18.74 21.54
N GLU E 181 10.82 17.88 21.73
CA GLU E 181 9.49 18.16 21.19
C GLU E 181 8.89 19.40 21.83
N ILE E 182 8.96 19.50 23.15
CA ILE E 182 8.36 20.64 23.83
C ILE E 182 8.97 21.95 23.33
N GLU E 183 10.28 21.96 23.09
CA GLU E 183 10.94 23.17 22.64
C GLU E 183 10.90 23.35 21.13
N GLY E 184 10.38 22.38 20.39
CA GLY E 184 10.30 22.46 18.95
C GLY E 184 9.03 23.14 18.47
N GLU E 185 8.70 22.90 17.21
CA GLU E 185 7.51 23.45 16.59
C GLU E 185 6.59 22.32 16.14
N ILE E 186 5.30 22.62 16.03
CA ILE E 186 4.35 21.62 15.57
C ILE E 186 4.64 21.30 14.12
N GLY E 187 4.86 20.02 13.83
CA GLY E 187 5.17 19.57 12.49
C GLY E 187 6.60 19.11 12.29
N ASP E 188 7.47 19.30 13.27
CA ASP E 188 8.83 18.81 13.18
C ASP E 188 8.83 17.29 13.28
N SER E 189 9.85 16.66 12.71
CA SER E 189 9.86 15.21 12.63
C SER E 189 10.09 14.57 13.99
N HIS E 190 11.26 14.82 14.60
CA HIS E 190 11.59 14.21 15.88
C HIS E 190 11.40 12.69 15.84
N MET E 191 12.00 12.04 14.86
CA MET E 191 11.69 10.65 14.58
C MET E 191 12.39 9.70 15.53
N GLY E 192 11.60 8.89 16.23
CA GLY E 192 12.12 7.78 17.03
C GLY E 192 12.74 8.14 18.36
N LEU E 193 12.53 9.34 18.88
CA LEU E 193 13.17 9.71 20.14
C LEU E 193 12.56 8.97 21.32
N ALA E 194 11.23 8.90 21.37
CA ALA E 194 10.56 8.29 22.51
C ALA E 194 10.97 6.83 22.67
N ALA E 195 11.19 6.12 21.57
CA ALA E 195 11.65 4.74 21.67
C ALA E 195 13.01 4.65 22.33
N ARG E 196 13.93 5.54 21.98
CA ARG E 196 15.23 5.55 22.64
C ARG E 196 15.06 5.86 24.12
N MET E 197 14.16 6.80 24.45
CA MET E 197 13.93 7.14 25.84
C MET E 197 13.47 5.92 26.61
N MET E 198 12.51 5.17 26.06
CA MET E 198 11.98 4.00 26.76
C MET E 198 13.04 2.93 26.91
N SER E 199 13.85 2.71 25.87
CA SER E 199 14.89 1.70 25.96
C SER E 199 15.88 2.03 27.07
N GLN E 200 16.42 3.24 27.06
CA GLN E 200 17.33 3.65 28.12
C GLN E 200 16.68 3.51 29.48
N ALA E 201 15.41 3.89 29.59
CA ALA E 201 14.73 3.88 30.87
C ALA E 201 14.63 2.47 31.44
N MET E 202 14.12 1.52 30.67
CA MET E 202 14.02 0.16 31.17
C MET E 202 15.39 -0.39 31.52
N ARG E 203 16.35 -0.18 30.62
CA ARG E 203 17.69 -0.70 30.82
C ARG E 203 18.26 -0.22 32.14
N LYS E 204 17.98 1.02 32.52
CA LYS E 204 18.51 1.53 33.79
C LYS E 204 17.66 1.09 34.98
N LEU E 205 16.34 1.00 34.80
CA LEU E 205 15.45 0.86 35.94
C LEU E 205 15.44 -0.56 36.51
N ALA E 206 15.47 -1.57 35.63
CA ALA E 206 15.13 -2.92 36.10
C ALA E 206 15.88 -3.32 37.36
N GLY E 207 17.19 -3.09 37.40
CA GLY E 207 17.97 -3.50 38.55
C GLY E 207 17.58 -2.80 39.82
N ASN E 208 17.34 -1.49 39.74
CA ASN E 208 16.91 -0.73 40.91
C ASN E 208 15.56 -1.21 41.41
N LEU E 209 14.62 -1.44 40.50
CA LEU E 209 13.30 -1.92 40.91
C LEU E 209 13.37 -3.28 41.55
N LYS E 210 14.26 -4.16 41.10
CA LYS E 210 14.39 -5.46 41.74
C LYS E 210 15.09 -5.38 43.09
N GLN E 211 16.10 -4.53 43.22
CA GLN E 211 16.77 -4.39 44.51
C GLN E 211 15.83 -3.84 45.56
N SER E 212 15.06 -2.80 45.22
CA SER E 212 14.22 -2.14 46.20
C SER E 212 12.90 -2.87 46.44
N ASN E 213 12.55 -3.85 45.61
CA ASN E 213 11.29 -4.59 45.74
C ASN E 213 10.09 -3.67 45.52
N THR E 214 10.06 -3.06 44.33
CA THR E 214 9.06 -2.08 43.97
C THR E 214 8.32 -2.54 42.72
N LEU E 215 7.02 -2.25 42.65
CA LEU E 215 6.18 -2.62 41.53
C LEU E 215 5.79 -1.37 40.75
N LEU E 216 6.01 -1.40 39.44
CA LEU E 216 5.77 -0.27 38.56
C LEU E 216 4.79 -0.68 37.47
N ILE E 217 3.76 0.13 37.24
CA ILE E 217 2.71 -0.14 36.27
C ILE E 217 2.68 0.96 35.23
N PHE E 218 2.71 0.58 33.95
CA PHE E 218 2.61 1.49 32.83
C PHE E 218 1.25 1.36 32.16
N ILE E 219 0.63 2.50 31.85
CA ILE E 219 -0.60 2.55 31.07
C ILE E 219 -0.25 3.00 29.66
N ASN E 220 -0.95 2.45 28.67
CA ASN E 220 -0.65 2.72 27.27
C ASN E 220 -1.94 2.79 26.47
N GLN E 221 -1.94 3.64 25.45
CA GLN E 221 -3.05 3.80 24.53
C GLN E 221 -2.78 3.06 23.22
N ILE E 222 -3.83 2.88 22.45
CA ILE E 222 -3.77 2.17 21.19
C ILE E 222 -3.71 3.16 20.03
N ARG E 223 -2.95 2.79 19.01
CA ARG E 223 -2.96 3.48 17.73
C ARG E 223 -3.19 2.44 16.63
N MET E 224 -3.17 2.91 15.38
CA MET E 224 -3.38 2.03 14.23
C MET E 224 -2.22 2.19 13.24
N LYS E 225 -1.74 1.07 12.72
CA LYS E 225 -0.67 1.08 11.73
C LYS E 225 -1.23 1.37 10.34
N ILE E 226 -0.51 2.18 9.57
CA ILE E 226 -0.82 2.34 8.16
C ILE E 226 0.00 1.34 7.37
N GLY E 227 -0.62 0.76 6.34
CA GLY E 227 0.10 -0.06 5.40
C GLY E 227 0.15 -1.53 5.73
N VAL E 228 -0.14 -1.92 6.97
CA VAL E 228 -0.24 -3.34 7.29
C VAL E 228 -1.34 -3.93 6.43
N MET E 229 -1.02 -5.04 5.76
CA MET E 229 -1.96 -5.70 4.85
C MET E 229 -2.55 -6.99 5.42
N PHE E 230 -2.10 -7.43 6.58
CA PHE E 230 -2.55 -8.70 7.14
C PHE E 230 -2.40 -8.67 8.64
N GLY E 231 -3.40 -9.19 9.33
CA GLY E 231 -3.38 -9.22 10.77
C GLY E 231 -4.13 -8.07 11.40
N ASN E 232 -4.07 -8.03 12.72
CA ASN E 232 -4.73 -6.98 13.47
C ASN E 232 -3.92 -5.69 13.34
N PRO E 233 -4.52 -4.59 12.88
CA PRO E 233 -3.75 -3.36 12.65
C PRO E 233 -3.56 -2.49 13.88
N GLU E 234 -3.76 -3.01 15.07
CA GLU E 234 -3.58 -2.21 16.28
C GLU E 234 -2.14 -2.23 16.76
N THR E 235 -1.74 -1.17 17.46
CA THR E 235 -0.43 -1.08 18.09
C THR E 235 -0.50 -0.18 19.30
N THR E 236 0.53 -0.26 20.12
CA THR E 236 0.68 0.57 21.31
C THR E 236 1.80 1.59 21.10
N THR E 237 1.66 2.72 21.78
CA THR E 237 2.56 3.85 21.56
C THR E 237 3.84 3.72 22.38
N GLY E 238 4.90 4.35 21.88
CA GLY E 238 6.13 4.47 22.63
C GLY E 238 7.11 3.34 22.47
N GLY E 239 7.52 3.06 21.24
CA GLY E 239 8.53 2.04 21.00
C GLY E 239 8.04 0.66 21.38
N ASN E 240 8.97 -0.30 21.33
CA ASN E 240 8.66 -1.68 21.66
C ASN E 240 9.73 -2.36 22.52
N ALA E 241 10.30 -1.64 23.49
CA ALA E 241 11.15 -2.30 24.47
C ALA E 241 10.36 -2.72 25.70
N LEU E 242 9.28 -1.99 25.99
CA LEU E 242 8.50 -2.27 27.19
C LEU E 242 7.89 -3.65 27.15
N LYS E 243 7.44 -4.09 25.97
CA LYS E 243 6.85 -5.43 25.86
C LYS E 243 7.88 -6.51 26.11
N PHE E 244 9.15 -6.28 25.75
CA PHE E 244 10.21 -7.21 26.13
C PHE E 244 10.42 -7.20 27.64
N TYR E 245 10.55 -6.00 28.22
CA TYR E 245 10.92 -5.91 29.62
C TYR E 245 9.75 -6.14 30.57
N ALA E 246 8.52 -6.10 30.08
CA ALA E 246 7.38 -6.32 30.94
C ALA E 246 7.34 -7.75 31.43
N SER E 247 6.69 -7.96 32.57
CA SER E 247 6.48 -9.30 33.12
C SER E 247 5.04 -9.77 33.01
N VAL E 248 4.08 -8.84 33.04
CA VAL E 248 2.68 -9.14 32.84
C VAL E 248 2.08 -8.05 31.96
N ARG E 249 1.33 -8.44 30.94
CA ARG E 249 0.61 -7.49 30.11
C ARG E 249 -0.88 -7.81 30.15
N LEU E 250 -1.70 -6.81 30.48
CA LEU E 250 -3.14 -6.96 30.62
C LEU E 250 -3.86 -6.05 29.62
N ASP E 251 -4.91 -6.58 29.02
CA ASP E 251 -5.72 -5.88 28.02
C ASP E 251 -7.14 -5.75 28.55
N ILE E 252 -7.66 -4.53 28.58
CA ILE E 252 -8.93 -4.23 29.23
C ILE E 252 -9.85 -3.54 28.24
N ARG E 253 -11.07 -4.03 28.12
CA ARG E 253 -12.00 -3.54 27.11
C ARG E 253 -13.42 -3.56 27.67
N ARG E 254 -14.28 -2.71 27.11
CA ARG E 254 -15.68 -2.61 27.53
C ARG E 254 -16.55 -3.42 26.58
N ILE E 255 -17.53 -4.12 27.14
CA ILE E 255 -18.33 -5.07 26.39
C ILE E 255 -19.83 -4.90 26.58
N GLY E 256 -20.26 -3.98 27.43
CA GLY E 256 -21.69 -3.81 27.64
C GLY E 256 -22.05 -2.79 28.70
N ALA E 257 -23.34 -2.49 28.79
CA ALA E 257 -23.85 -1.53 29.75
C ALA E 257 -24.57 -2.24 30.89
N VAL E 258 -24.70 -1.53 32.01
CA VAL E 258 -25.31 -2.04 33.23
C VAL E 258 -26.36 -1.04 33.68
N LYS E 259 -27.60 -1.51 33.84
CA LYS E 259 -28.75 -0.64 33.98
C LYS E 259 -29.58 -1.03 35.20
N GLU E 260 -30.08 -0.02 35.91
CA GLU E 260 -31.05 -0.24 36.97
C GLU E 260 -32.46 0.13 36.54
N GLY E 261 -32.59 1.16 35.73
CA GLY E 261 -33.84 1.50 35.10
C GLY E 261 -33.59 1.81 33.65
N GLU E 262 -33.97 3.02 33.22
CA GLU E 262 -33.57 3.50 31.91
C GLU E 262 -32.23 4.21 31.93
N ASN E 263 -31.56 4.27 33.09
CA ASN E 263 -30.32 5.01 33.24
C ASN E 263 -29.18 4.08 33.62
N VAL E 264 -28.06 4.20 32.90
CA VAL E 264 -26.92 3.32 33.11
C VAL E 264 -26.24 3.64 34.43
N VAL E 265 -25.63 2.60 35.03
CA VAL E 265 -24.99 2.76 36.33
C VAL E 265 -23.61 2.10 36.36
N GLY E 266 -23.23 1.39 35.30
CA GLY E 266 -21.96 0.70 35.32
C GLY E 266 -21.52 0.30 33.92
N SER E 267 -20.46 -0.50 33.86
CA SER E 267 -19.93 -1.01 32.61
C SER E 267 -19.47 -2.45 32.79
N GLU E 268 -19.76 -3.27 31.79
CA GLU E 268 -19.21 -4.61 31.73
C GLU E 268 -17.77 -4.55 31.22
N THR E 269 -16.91 -5.39 31.77
CA THR E 269 -15.50 -5.36 31.43
C THR E 269 -14.97 -6.76 31.20
N ARG E 270 -13.87 -6.84 30.44
CA ARG E 270 -13.12 -8.07 30.24
C ARG E 270 -11.63 -7.75 30.34
N VAL E 271 -10.85 -8.73 30.76
CA VAL E 271 -9.40 -8.58 30.90
C VAL E 271 -8.74 -9.83 30.33
N LYS E 272 -7.73 -9.62 29.50
CA LYS E 272 -6.96 -10.71 28.90
C LYS E 272 -5.52 -10.63 29.37
N VAL E 273 -4.97 -11.75 29.81
CA VAL E 273 -3.57 -11.81 30.24
C VAL E 273 -2.77 -12.25 29.02
N VAL E 274 -2.39 -11.28 28.21
CA VAL E 274 -1.74 -11.56 26.93
C VAL E 274 -0.25 -11.83 27.07
N LYS E 275 0.30 -11.75 28.28
CA LYS E 275 1.67 -12.16 28.54
C LYS E 275 1.80 -12.50 30.01
N ASN E 276 2.71 -13.40 30.34
CA ASN E 276 2.88 -13.85 31.71
C ASN E 276 4.22 -14.53 31.87
N LYS E 277 4.96 -14.11 32.90
CA LYS E 277 6.19 -14.79 33.31
C LYS E 277 6.05 -15.47 34.66
N ILE E 278 4.84 -15.56 35.20
CA ILE E 278 4.59 -16.19 36.49
C ILE E 278 3.85 -17.50 36.33
N ALA E 279 2.68 -17.46 35.70
CA ALA E 279 1.88 -18.65 35.46
C ALA E 279 1.46 -18.68 34.00
N ALA E 280 0.64 -19.65 33.64
CA ALA E 280 0.29 -19.86 32.25
C ALA E 280 -0.52 -18.68 31.72
N PRO E 281 -0.28 -18.24 30.48
CA PRO E 281 -0.99 -17.08 29.95
C PRO E 281 -2.29 -17.45 29.24
N PHE E 282 -2.93 -16.42 28.69
CA PHE E 282 -4.12 -16.51 27.84
C PHE E 282 -5.38 -16.89 28.59
N LYS E 283 -5.58 -16.40 29.80
CA LYS E 283 -6.85 -16.58 30.49
C LYS E 283 -7.64 -15.28 30.47
N GLN E 284 -8.90 -15.36 30.90
CA GLN E 284 -9.82 -14.23 30.85
C GLN E 284 -10.49 -14.04 32.21
N ALA E 285 -10.89 -12.80 32.47
CA ALA E 285 -11.65 -12.44 33.66
C ALA E 285 -12.74 -11.48 33.25
N GLU E 286 -13.81 -11.43 34.03
CA GLU E 286 -14.92 -10.53 33.74
C GLU E 286 -15.51 -10.02 35.04
N PHE E 287 -15.91 -8.75 35.03
CA PHE E 287 -16.46 -8.12 36.21
C PHE E 287 -17.14 -6.83 35.80
N GLN E 288 -17.85 -6.23 36.75
CA GLN E 288 -18.56 -4.97 36.55
C GLN E 288 -17.83 -3.83 37.24
N ILE E 289 -17.96 -2.63 36.70
CA ILE E 289 -17.46 -1.41 37.30
C ILE E 289 -18.63 -0.46 37.49
N LEU E 290 -18.98 -0.18 38.75
CA LEU E 290 -20.14 0.62 39.09
C LEU E 290 -19.67 2.02 39.49
N TYR E 291 -20.27 3.04 38.87
CA TYR E 291 -19.76 4.40 39.02
C TYR E 291 -19.91 4.86 40.46
N GLY E 292 -18.89 5.56 40.96
CA GLY E 292 -18.86 5.99 42.34
C GLY E 292 -18.37 4.95 43.31
N GLU E 293 -18.65 3.67 43.05
CA GLU E 293 -18.21 2.58 43.92
C GLU E 293 -16.91 1.94 43.44
N GLY E 294 -16.87 1.47 42.20
CA GLY E 294 -15.68 0.79 41.70
C GLY E 294 -16.00 -0.62 41.24
N ILE E 295 -15.08 -1.55 41.48
CA ILE E 295 -15.31 -2.93 41.09
C ILE E 295 -16.27 -3.58 42.08
N ASN E 296 -17.27 -4.27 41.55
CA ASN E 296 -18.31 -4.92 42.36
C ASN E 296 -17.78 -6.28 42.79
N PHE E 297 -17.44 -6.39 44.06
CA PHE E 297 -16.78 -7.61 44.55
C PHE E 297 -17.77 -8.76 44.67
N TYR E 298 -18.97 -8.48 45.17
CA TYR E 298 -19.90 -9.56 45.51
C TYR E 298 -20.51 -10.21 44.28
N GLY E 299 -20.57 -9.52 43.15
CA GLY E 299 -20.99 -10.17 41.93
C GLY E 299 -20.05 -11.30 41.55
N GLU E 300 -18.75 -11.11 41.77
CA GLU E 300 -17.81 -12.19 41.55
C GLU E 300 -18.08 -13.36 42.48
N LEU E 301 -18.45 -13.09 43.73
CA LEU E 301 -18.80 -14.19 44.62
C LEU E 301 -20.01 -14.94 44.12
N VAL E 302 -21.03 -14.24 43.62
CA VAL E 302 -22.18 -14.93 43.04
C VAL E 302 -21.74 -15.82 41.88
N ASP E 303 -20.96 -15.27 40.96
CA ASP E 303 -20.59 -16.04 39.76
C ASP E 303 -19.76 -17.26 40.13
N LEU E 304 -18.79 -17.07 41.03
CA LEU E 304 -17.90 -18.18 41.39
C LEU E 304 -18.59 -19.20 42.28
N GLY E 305 -19.52 -18.77 43.13
CA GLY E 305 -20.31 -19.73 43.87
C GLY E 305 -21.18 -20.58 42.95
N VAL E 306 -21.72 -19.96 41.91
CA VAL E 306 -22.46 -20.73 40.92
C VAL E 306 -21.54 -21.73 40.24
N LYS E 307 -20.35 -21.29 39.87
CA LYS E 307 -19.42 -22.17 39.15
C LYS E 307 -19.02 -23.37 40.01
N GLU E 308 -18.73 -23.14 41.29
CA GLU E 308 -18.25 -24.19 42.18
C GLU E 308 -19.38 -24.90 42.92
N LYS E 309 -20.63 -24.70 42.48
CA LYS E 309 -21.78 -25.42 43.02
C LYS E 309 -22.07 -25.07 44.48
N LEU E 310 -21.47 -23.99 44.99
CA LEU E 310 -21.83 -23.52 46.31
C LEU E 310 -23.17 -22.79 46.30
N ILE E 311 -23.50 -22.14 45.18
CA ILE E 311 -24.77 -21.45 45.00
C ILE E 311 -25.62 -22.28 44.05
N GLU E 312 -26.82 -22.64 44.48
CA GLU E 312 -27.72 -23.46 43.70
C GLU E 312 -28.54 -22.57 42.78
N LYS E 313 -28.28 -22.64 41.48
CA LYS E 313 -29.08 -21.90 40.52
C LYS E 313 -30.38 -22.64 40.25
N ALA E 314 -31.50 -21.90 40.32
CA ALA E 314 -32.82 -22.44 40.02
C ALA E 314 -33.47 -21.51 39.00
N GLY E 315 -33.20 -21.76 37.73
CA GLY E 315 -33.74 -20.90 36.69
C GLY E 315 -33.36 -19.46 36.95
N ALA E 316 -34.38 -18.59 37.03
CA ALA E 316 -34.14 -17.19 37.36
C ALA E 316 -33.88 -16.99 38.85
N TRP E 317 -34.09 -18.01 39.67
CA TRP E 317 -33.90 -17.92 41.11
C TRP E 317 -32.61 -18.60 41.54
N TYR E 318 -31.96 -18.02 42.54
CA TYR E 318 -30.74 -18.57 43.12
C TYR E 318 -31.02 -18.97 44.56
N SER E 319 -30.43 -20.09 44.98
CA SER E 319 -30.63 -20.59 46.32
C SER E 319 -29.32 -21.07 46.90
N TYR E 320 -29.09 -20.75 48.17
CA TYR E 320 -27.90 -21.15 48.89
C TYR E 320 -28.29 -22.07 50.03
N LYS E 321 -27.84 -23.32 49.97
CA LYS E 321 -28.14 -24.30 51.00
C LYS E 321 -29.63 -24.43 51.22
N GLY E 322 -30.39 -24.42 50.13
CA GLY E 322 -31.82 -24.58 50.13
C GLY E 322 -32.61 -23.29 50.14
N GLU E 323 -32.20 -22.31 50.94
CA GLU E 323 -32.94 -21.06 51.05
C GLU E 323 -32.81 -20.26 49.76
N LYS E 324 -33.92 -19.67 49.31
CA LYS E 324 -33.89 -18.81 48.13
C LYS E 324 -33.35 -17.45 48.51
N ILE E 325 -32.18 -17.11 47.97
CA ILE E 325 -31.55 -15.84 48.31
C ILE E 325 -32.15 -14.70 47.49
N GLY E 326 -32.58 -14.97 46.26
CA GLY E 326 -33.19 -13.92 45.46
C GLY E 326 -33.27 -14.35 44.01
N GLN E 327 -33.91 -13.49 43.22
CA GLN E 327 -34.10 -13.71 41.79
C GLN E 327 -33.34 -12.63 41.03
N GLY E 328 -32.43 -13.06 40.17
CA GLY E 328 -31.57 -12.15 39.43
C GLY E 328 -30.25 -11.91 40.13
N LYS E 329 -29.26 -11.50 39.34
CA LYS E 329 -27.92 -11.30 39.87
C LYS E 329 -27.88 -10.14 40.86
N ALA E 330 -28.53 -9.02 40.53
CA ALA E 330 -28.51 -7.88 41.43
C ALA E 330 -29.17 -8.22 42.76
N ASN E 331 -30.30 -8.92 42.71
CA ASN E 331 -30.99 -9.30 43.95
C ASN E 331 -30.10 -10.21 44.79
N ALA E 332 -29.44 -11.17 44.15
CA ALA E 332 -28.57 -12.07 44.90
C ALA E 332 -27.42 -11.32 45.54
N THR E 333 -26.84 -10.37 44.80
CA THR E 333 -25.75 -9.56 45.37
C THR E 333 -26.26 -8.78 46.58
N ALA E 334 -27.47 -8.24 46.49
CA ALA E 334 -28.03 -7.52 47.63
C ALA E 334 -28.20 -8.45 48.83
N TRP E 335 -28.77 -9.62 48.60
CA TRP E 335 -28.93 -10.60 49.66
C TRP E 335 -27.59 -10.87 50.33
N LEU E 336 -26.56 -11.15 49.53
CA LEU E 336 -25.25 -11.40 50.11
C LEU E 336 -24.76 -10.21 50.91
N LYS E 337 -24.91 -9.00 50.37
CA LYS E 337 -24.47 -7.81 51.08
C LYS E 337 -25.12 -7.72 52.45
N ASP E 338 -26.38 -8.13 52.57
CA ASP E 338 -27.10 -7.99 53.83
C ASP E 338 -26.91 -9.17 54.78
N ASN E 339 -26.18 -10.21 54.39
CA ASN E 339 -26.01 -11.43 55.19
C ASN E 339 -24.53 -11.78 55.25
N PRO E 340 -23.74 -11.04 56.03
CA PRO E 340 -22.28 -11.13 55.88
C PRO E 340 -21.68 -12.52 56.06
N GLU E 341 -22.18 -13.31 57.01
CA GLU E 341 -21.50 -14.56 57.34
C GLU E 341 -21.52 -15.55 56.18
N THR E 342 -22.65 -15.66 55.49
CA THR E 342 -22.74 -16.57 54.36
C THR E 342 -21.79 -16.14 53.24
N ALA E 343 -21.72 -14.83 52.97
CA ALA E 343 -20.77 -14.34 51.99
C ALA E 343 -19.33 -14.65 52.41
N LYS E 344 -19.05 -14.56 53.71
CA LYS E 344 -17.72 -14.89 54.20
C LYS E 344 -17.38 -16.34 53.90
N GLU E 345 -18.26 -17.26 54.26
CA GLU E 345 -17.93 -18.67 54.07
C GLU E 345 -17.82 -18.98 52.59
N ILE E 346 -18.66 -18.35 51.76
CA ILE E 346 -18.57 -18.55 50.32
C ILE E 346 -17.21 -18.10 49.81
N GLU E 347 -16.75 -16.93 50.26
CA GLU E 347 -15.48 -16.41 49.76
C GLU E 347 -14.32 -17.32 50.16
N LYS E 348 -14.30 -17.76 51.42
CA LYS E 348 -13.25 -18.68 51.84
C LYS E 348 -13.28 -19.99 51.07
N LYS E 349 -14.46 -20.57 50.85
CA LYS E 349 -14.51 -21.83 50.11
C LYS E 349 -14.05 -21.64 48.67
N VAL E 350 -14.46 -20.54 48.02
CA VAL E 350 -14.02 -20.28 46.65
C VAL E 350 -12.51 -20.14 46.61
N ARG E 351 -11.93 -19.44 47.58
CA ARG E 351 -10.48 -19.33 47.64
C ARG E 351 -9.84 -20.70 47.80
N GLU E 352 -10.42 -21.55 48.64
CA GLU E 352 -9.85 -22.88 48.87
C GLU E 352 -9.86 -23.70 47.59
N LEU E 353 -10.95 -23.64 46.83
CA LEU E 353 -11.06 -24.47 45.63
C LEU E 353 -10.23 -23.93 44.48
N LEU E 354 -10.44 -22.67 44.10
CA LEU E 354 -9.81 -22.11 42.89
C LEU E 354 -8.50 -21.41 43.16
N ASP F 30 66.43 -29.37 -1.54
CA ASP F 30 65.23 -29.83 -0.84
C ASP F 30 65.55 -30.18 0.61
N GLU F 31 66.69 -30.85 0.82
CA GLU F 31 67.09 -31.19 2.18
C GLU F 31 67.38 -29.93 3.00
N ASN F 32 68.00 -28.92 2.39
CA ASN F 32 68.28 -27.69 3.11
C ASN F 32 66.99 -27.06 3.61
N LYS F 33 65.96 -27.00 2.76
CA LYS F 33 64.69 -26.44 3.20
C LYS F 33 64.09 -27.27 4.32
N GLN F 34 64.21 -28.60 4.24
CA GLN F 34 63.64 -29.45 5.27
C GLN F 34 64.30 -29.19 6.62
N LYS F 35 65.63 -29.14 6.64
CA LYS F 35 66.31 -28.87 7.89
C LYS F 35 66.01 -27.47 8.41
N ALA F 36 65.93 -26.50 7.51
CA ALA F 36 65.60 -25.14 7.93
C ALA F 36 64.23 -25.09 8.57
N LEU F 37 63.25 -25.76 7.97
CA LEU F 37 61.91 -25.81 8.55
C LEU F 37 61.94 -26.47 9.92
N ALA F 38 62.70 -27.56 10.05
CA ALA F 38 62.80 -28.23 11.34
C ALA F 38 63.32 -27.27 12.40
N ALA F 39 64.42 -26.58 12.11
CA ALA F 39 64.99 -25.66 13.09
C ALA F 39 64.04 -24.51 13.39
N ALA F 40 63.34 -24.01 12.37
CA ALA F 40 62.41 -22.90 12.58
C ALA F 40 61.28 -23.32 13.51
N LEU F 41 60.72 -24.50 13.31
CA LEU F 41 59.70 -24.99 14.24
C LEU F 41 60.28 -25.19 15.63
N GLY F 42 61.51 -25.69 15.72
CA GLY F 42 62.08 -25.96 17.03
C GLY F 42 62.26 -24.70 17.86
N GLN F 43 62.73 -23.62 17.23
CA GLN F 43 62.91 -22.38 17.97
C GLN F 43 61.59 -21.84 18.49
N ILE F 44 60.56 -21.86 17.64
CA ILE F 44 59.24 -21.40 18.06
C ILE F 44 58.76 -22.22 19.24
N GLU F 45 58.90 -23.54 19.15
CA GLU F 45 58.40 -24.40 20.21
C GLU F 45 59.18 -24.16 21.51
N LYS F 46 60.47 -23.88 21.40
CA LYS F 46 61.25 -23.57 22.59
C LYS F 46 60.78 -22.27 23.23
N GLN F 47 60.45 -21.27 22.43
CA GLN F 47 60.13 -19.95 22.99
C GLN F 47 58.71 -19.86 23.53
N PHE F 48 57.72 -20.30 22.77
CA PHE F 48 56.32 -20.12 23.15
C PHE F 48 55.67 -21.37 23.73
N GLY F 49 56.44 -22.39 24.08
CA GLY F 49 55.90 -23.53 24.79
C GLY F 49 55.44 -24.64 23.86
N LYS F 50 55.35 -25.85 24.44
CA LYS F 50 54.96 -27.02 23.69
C LYS F 50 53.58 -26.84 23.07
N GLY F 51 53.46 -27.21 21.80
CA GLY F 51 52.18 -27.23 21.12
C GLY F 51 51.82 -25.98 20.36
N SER F 52 52.70 -24.98 20.32
CA SER F 52 52.35 -23.75 19.63
C SER F 52 52.09 -23.99 18.16
N ILE F 53 52.93 -24.78 17.51
CA ILE F 53 52.79 -25.08 16.09
C ILE F 53 52.84 -26.60 15.91
N MET F 54 51.86 -27.13 15.20
CA MET F 54 51.88 -28.52 14.76
C MET F 54 50.93 -28.63 13.58
N ARG F 55 51.06 -29.73 12.84
CA ARG F 55 50.32 -29.86 11.60
C ARG F 55 48.84 -30.10 11.89
N LEU F 56 47.98 -29.53 11.04
CA LEU F 56 46.55 -29.53 11.32
C LEU F 56 45.99 -30.94 11.34
N GLY F 57 46.69 -31.90 10.73
CA GLY F 57 46.20 -33.27 10.71
C GLY F 57 46.52 -34.05 11.95
N GLU F 58 47.13 -33.43 12.95
CA GLU F 58 47.51 -34.10 14.18
C GLU F 58 47.07 -33.36 15.43
N ASP F 59 46.42 -32.19 15.24
CA ASP F 59 45.90 -31.40 16.35
C ASP F 59 44.56 -31.94 16.76
N ARG F 60 44.49 -32.71 17.83
CA ARG F 60 43.21 -33.31 18.17
C ARG F 60 42.37 -32.42 19.07
N SER F 61 42.84 -31.23 19.40
CA SER F 61 41.99 -30.25 20.05
C SER F 61 41.19 -29.44 19.05
N MET F 62 41.44 -29.62 17.75
CA MET F 62 40.72 -28.89 16.72
C MET F 62 39.39 -29.53 16.36
N ASP F 63 39.17 -30.78 16.76
CA ASP F 63 37.94 -31.48 16.38
C ASP F 63 36.74 -30.84 17.07
N VAL F 64 35.55 -31.07 16.50
CA VAL F 64 34.33 -30.47 17.03
C VAL F 64 33.53 -31.49 17.82
N GLU F 65 33.21 -31.14 19.08
CA GLU F 65 32.28 -31.88 19.91
C GLU F 65 30.94 -31.17 19.86
N THR F 66 29.95 -31.73 20.55
CA THR F 66 28.58 -31.25 20.38
C THR F 66 27.75 -31.57 21.62
N ILE F 67 26.78 -30.69 21.90
CA ILE F 67 25.84 -30.84 23.00
C ILE F 67 24.43 -30.83 22.42
N SER F 68 23.55 -31.61 23.03
CA SER F 68 22.19 -31.73 22.52
C SER F 68 21.35 -30.51 22.90
N THR F 69 20.49 -30.09 21.97
CA THR F 69 19.68 -28.90 22.18
C THR F 69 18.36 -29.19 22.87
N GLY F 70 18.08 -30.44 23.19
CA GLY F 70 16.79 -30.80 23.74
C GLY F 70 15.72 -31.04 22.72
N SER F 71 15.98 -30.74 21.44
CA SER F 71 15.01 -30.89 20.37
C SER F 71 15.62 -31.71 19.25
N LEU F 72 15.04 -32.88 18.99
CA LEU F 72 15.59 -33.77 17.97
C LEU F 72 15.57 -33.13 16.59
N SER F 73 14.49 -32.43 16.27
CA SER F 73 14.40 -31.79 14.96
C SER F 73 15.48 -30.73 14.78
N LEU F 74 15.74 -29.94 15.84
CA LEU F 74 16.80 -28.94 15.75
C LEU F 74 18.18 -29.58 15.73
N ASP F 75 18.35 -30.70 16.44
CA ASP F 75 19.60 -31.44 16.34
C ASP F 75 19.85 -31.89 14.91
N ILE F 76 18.81 -32.34 14.21
CA ILE F 76 18.96 -32.70 12.80
C ILE F 76 19.29 -31.46 11.99
N ALA F 77 18.58 -30.36 12.24
CA ALA F 77 18.76 -29.16 11.42
C ALA F 77 20.18 -28.63 11.49
N LEU F 78 20.78 -28.61 12.68
CA LEU F 78 22.09 -27.99 12.83
C LEU F 78 23.17 -28.70 12.03
N GLY F 79 22.94 -29.93 11.60
CA GLY F 79 23.90 -30.62 10.76
C GLY F 79 24.87 -31.51 11.51
N ALA F 80 25.51 -30.97 12.53
CA ALA F 80 26.49 -31.73 13.31
C ALA F 80 25.88 -32.45 14.50
N GLY F 81 24.58 -32.26 14.76
CA GLY F 81 23.92 -32.92 15.86
C GLY F 81 23.71 -32.09 17.10
N GLY F 82 24.16 -30.84 17.12
CA GLY F 82 23.92 -29.98 18.25
C GLY F 82 24.85 -28.77 18.23
N LEU F 83 24.85 -28.06 19.36
CA LEU F 83 25.65 -26.85 19.49
C LEU F 83 27.10 -27.22 19.83
N PRO F 84 28.07 -26.59 19.19
CA PRO F 84 29.47 -26.99 19.41
C PRO F 84 29.99 -26.54 20.76
N MET F 85 31.05 -27.21 21.20
CA MET F 85 31.68 -26.88 22.46
C MET F 85 32.78 -25.86 22.23
N GLY F 86 33.06 -25.07 23.27
CA GLY F 86 34.11 -24.08 23.19
C GLY F 86 33.91 -23.02 22.14
N ARG F 87 32.70 -22.49 22.01
CA ARG F 87 32.41 -21.47 21.02
C ARG F 87 31.22 -20.64 21.47
N ILE F 88 30.92 -19.61 20.70
CA ILE F 88 29.90 -18.61 21.04
C ILE F 88 28.68 -18.83 20.15
N VAL F 89 27.50 -18.58 20.71
CA VAL F 89 26.23 -18.75 20.00
C VAL F 89 25.36 -17.55 20.30
N GLU F 90 24.38 -17.29 19.43
CA GLU F 90 23.44 -16.20 19.61
C GLU F 90 22.04 -16.67 19.22
N ILE F 91 21.11 -16.61 20.16
CA ILE F 91 19.71 -16.92 19.93
C ILE F 91 18.93 -15.63 20.12
N TYR F 92 18.11 -15.26 19.14
CA TYR F 92 17.37 -14.01 19.18
C TYR F 92 15.99 -14.19 18.55
N GLY F 93 15.21 -13.11 18.56
CA GLY F 93 13.88 -13.14 18.00
C GLY F 93 12.93 -12.15 18.65
N PRO F 94 11.64 -12.23 18.32
CA PRO F 94 10.65 -11.39 18.99
C PRO F 94 10.36 -11.89 20.39
N GLU F 95 9.40 -11.23 21.04
CA GLU F 95 9.12 -11.53 22.44
C GLU F 95 8.13 -12.69 22.58
N SER F 96 8.20 -13.36 23.74
CA SER F 96 7.37 -14.52 24.02
C SER F 96 7.51 -15.57 22.91
N SER F 97 8.74 -15.81 22.49
CA SER F 97 9.02 -16.73 21.40
C SER F 97 9.71 -18.02 21.84
N GLY F 98 10.38 -18.03 22.99
CA GLY F 98 10.88 -19.27 23.54
C GLY F 98 12.37 -19.33 23.84
N LYS F 99 13.04 -18.17 23.93
CA LYS F 99 14.47 -18.18 24.14
C LYS F 99 14.85 -18.80 25.49
N THR F 100 14.25 -18.30 26.57
CA THR F 100 14.63 -18.77 27.89
C THR F 100 14.33 -20.24 28.09
N THR F 101 13.17 -20.69 27.60
CA THR F 101 12.82 -22.10 27.73
C THR F 101 13.83 -22.98 26.99
N LEU F 102 14.21 -22.59 25.78
CA LEU F 102 15.18 -23.37 25.02
C LEU F 102 16.51 -23.45 25.76
N THR F 103 17.00 -22.32 26.24
CA THR F 103 18.29 -22.34 26.92
C THR F 103 18.24 -23.15 28.20
N LEU F 104 17.15 -23.06 28.96
CA LEU F 104 17.03 -23.88 30.16
C LEU F 104 16.94 -25.35 29.83
N GLN F 105 16.31 -25.71 28.71
CA GLN F 105 16.30 -27.11 28.29
C GLN F 105 17.70 -27.59 27.93
N VAL F 106 18.49 -26.74 27.28
CA VAL F 106 19.87 -27.12 27.01
C VAL F 106 20.62 -27.36 28.32
N ILE F 107 20.45 -26.46 29.30
CA ILE F 107 21.12 -26.63 30.59
C ILE F 107 20.67 -27.93 31.25
N ALA F 108 19.37 -28.19 31.25
CA ALA F 108 18.85 -29.39 31.88
C ALA F 108 19.37 -30.65 31.19
N ALA F 109 19.44 -30.63 29.87
CA ALA F 109 19.98 -31.78 29.14
C ALA F 109 21.45 -32.00 29.47
N ALA F 110 22.22 -30.94 29.58
CA ALA F 110 23.64 -31.09 29.86
C ALA F 110 23.90 -31.62 31.26
N GLN F 111 23.01 -31.34 32.21
CA GLN F 111 23.26 -31.73 33.59
C GLN F 111 23.05 -33.22 33.81
N ARG F 112 22.34 -33.89 32.90
CA ARG F 112 22.18 -35.33 33.03
C ARG F 112 23.47 -36.07 32.69
N GLU F 113 24.39 -35.43 31.98
CA GLU F 113 25.67 -36.01 31.63
C GLU F 113 26.77 -35.64 32.60
N GLY F 114 26.48 -34.85 33.62
CA GLY F 114 27.44 -34.59 34.68
C GLY F 114 28.18 -33.27 34.59
N LYS F 115 27.77 -32.36 33.71
CA LYS F 115 28.47 -31.10 33.55
C LYS F 115 27.93 -30.06 34.54
N THR F 116 28.68 -28.98 34.68
CA THR F 116 28.30 -27.87 35.55
C THR F 116 27.88 -26.69 34.69
N CYS F 117 26.76 -26.05 35.05
CA CYS F 117 26.17 -24.99 34.24
C CYS F 117 25.88 -23.76 35.10
N ALA F 118 25.81 -22.61 34.44
CA ALA F 118 25.65 -21.32 35.10
C ALA F 118 24.75 -20.42 34.29
N PHE F 119 24.18 -19.40 34.95
CA PHE F 119 23.17 -18.53 34.37
C PHE F 119 23.39 -17.11 34.89
N ILE F 120 23.63 -16.17 33.98
CA ILE F 120 23.77 -14.75 34.29
C ILE F 120 22.49 -14.06 33.86
N ASP F 121 21.70 -13.60 34.84
CA ASP F 121 20.36 -13.08 34.58
C ASP F 121 20.33 -11.57 34.69
N ALA F 122 20.63 -10.92 33.56
CA ALA F 122 20.78 -9.47 33.55
C ALA F 122 19.43 -8.76 33.60
N GLU F 123 18.37 -9.42 33.15
CA GLU F 123 17.05 -8.79 33.14
C GLU F 123 16.32 -8.92 34.47
N HIS F 124 16.90 -9.62 35.44
CA HIS F 124 16.30 -9.76 36.76
C HIS F 124 14.88 -10.32 36.64
N ALA F 125 14.75 -11.38 35.86
CA ALA F 125 13.43 -11.95 35.63
C ALA F 125 13.40 -13.47 35.60
N LEU F 126 14.39 -14.17 36.16
CA LEU F 126 14.33 -15.63 36.20
C LEU F 126 13.37 -16.08 37.29
N ASP F 127 12.77 -17.25 37.07
CA ASP F 127 11.86 -17.86 38.03
C ASP F 127 12.37 -19.24 38.41
N PRO F 128 12.73 -19.50 39.67
CA PRO F 128 13.37 -20.78 39.98
C PRO F 128 12.44 -21.98 39.94
N ILE F 129 11.22 -21.86 40.44
CA ILE F 129 10.34 -23.02 40.48
C ILE F 129 10.04 -23.52 39.08
N TYR F 130 9.76 -22.60 38.15
CA TYR F 130 9.50 -23.01 36.77
C TYR F 130 10.75 -23.61 36.14
N ALA F 131 11.92 -23.19 36.58
CA ALA F 131 13.15 -23.81 36.12
C ALA F 131 13.32 -25.21 36.68
N ARG F 132 12.69 -25.50 37.83
CA ARG F 132 12.70 -26.86 38.34
C ARG F 132 11.69 -27.73 37.60
N LYS F 133 10.57 -27.15 37.18
CA LYS F 133 9.60 -27.95 36.45
C LYS F 133 10.18 -28.52 35.17
N LEU F 134 10.93 -27.72 34.43
CA LEU F 134 11.51 -28.18 33.18
C LEU F 134 12.61 -29.21 33.38
N GLY F 135 13.23 -29.27 34.55
CA GLY F 135 14.21 -30.30 34.87
C GLY F 135 15.49 -29.82 35.50
N VAL F 136 15.74 -28.52 35.55
CA VAL F 136 17.05 -28.04 36.00
C VAL F 136 17.27 -28.46 37.44
N ASP F 137 18.52 -28.82 37.75
CA ASP F 137 18.96 -29.05 39.12
C ASP F 137 19.22 -27.67 39.74
N ILE F 138 18.18 -27.14 40.39
CA ILE F 138 18.25 -25.78 40.91
C ILE F 138 19.28 -25.67 42.02
N ASP F 139 19.56 -26.77 42.71
CA ASP F 139 20.51 -26.76 43.80
C ASP F 139 21.96 -26.76 43.32
N ASN F 140 22.21 -27.16 42.08
CA ASN F 140 23.57 -27.19 41.54
C ASN F 140 23.79 -26.17 40.44
N LEU F 141 22.94 -25.17 40.30
CA LEU F 141 23.06 -24.19 39.23
C LEU F 141 23.53 -22.85 39.81
N LEU F 142 24.56 -22.28 39.20
CA LEU F 142 25.09 -21.00 39.66
C LEU F 142 24.34 -19.87 38.99
N CYS F 143 23.78 -18.97 39.79
CA CYS F 143 23.00 -17.86 39.28
C CYS F 143 23.61 -16.56 39.78
N SER F 144 23.71 -15.59 38.88
CA SER F 144 24.24 -14.28 39.20
C SER F 144 23.40 -13.22 38.52
N GLN F 145 23.09 -12.15 39.26
CA GLN F 145 22.26 -11.06 38.77
C GLN F 145 23.07 -9.78 38.86
N PRO F 146 23.87 -9.46 37.86
CA PRO F 146 24.82 -8.36 38.00
C PRO F 146 24.17 -6.99 37.91
N ASP F 147 24.99 -5.96 38.17
CA ASP F 147 24.51 -4.59 38.17
C ASP F 147 24.80 -3.89 36.86
N THR F 148 25.96 -4.15 36.26
CA THR F 148 26.39 -3.46 35.04
C THR F 148 26.84 -4.48 34.01
N GLY F 149 27.08 -4.00 32.80
CA GLY F 149 27.59 -4.88 31.75
C GLY F 149 29.00 -5.36 32.02
N GLU F 150 29.86 -4.46 32.52
CA GLU F 150 31.26 -4.81 32.74
C GLU F 150 31.39 -5.93 33.77
N GLN F 151 30.71 -5.81 34.90
CA GLN F 151 30.74 -6.87 35.91
C GLN F 151 30.15 -8.16 35.37
N ALA F 152 29.07 -8.06 34.59
CA ALA F 152 28.45 -9.26 34.03
C ALA F 152 29.40 -10.00 33.10
N LEU F 153 30.19 -9.26 32.32
CA LEU F 153 31.13 -9.90 31.42
C LEU F 153 32.37 -10.40 32.15
N GLU F 154 32.80 -9.70 33.21
CA GLU F 154 33.95 -10.14 33.97
C GLU F 154 33.68 -11.43 34.73
N ILE F 155 32.45 -11.62 35.22
CA ILE F 155 32.11 -12.88 35.85
C ILE F 155 32.25 -14.03 34.86
N CYS F 156 31.81 -13.80 33.62
CA CYS F 156 31.98 -14.81 32.58
C CYS F 156 33.45 -15.09 32.33
N ASP F 157 34.27 -14.05 32.31
CA ASP F 157 35.71 -14.25 32.13
C ASP F 157 36.29 -15.10 33.24
N ALA F 158 35.91 -14.82 34.48
CA ALA F 158 36.41 -15.61 35.60
C ALA F 158 36.01 -17.07 35.48
N LEU F 159 34.74 -17.32 35.13
CA LEU F 159 34.29 -18.71 34.96
C LEU F 159 35.01 -19.40 33.81
N ALA F 160 35.20 -18.70 32.70
CA ALA F 160 35.87 -19.30 31.56
C ALA F 160 37.32 -19.65 31.88
N ARG F 161 38.01 -18.89 32.72
CA ARG F 161 39.35 -19.25 33.09
C ARG F 161 39.36 -20.19 34.28
N SER F 162 38.24 -20.43 34.92
CA SER F 162 38.24 -21.41 36.01
C SER F 162 38.54 -22.81 35.52
N GLY F 163 38.01 -23.19 34.36
CA GLY F 163 38.17 -24.54 33.87
C GLY F 163 37.20 -25.55 34.41
N ALA F 164 36.15 -25.12 35.11
CA ALA F 164 35.23 -26.05 35.74
C ALA F 164 33.80 -25.96 35.22
N VAL F 165 33.40 -24.82 34.64
CA VAL F 165 32.04 -24.61 34.16
C VAL F 165 31.99 -24.94 32.68
N ASP F 166 30.88 -25.53 32.23
CA ASP F 166 30.78 -26.07 30.88
C ASP F 166 29.73 -25.36 30.03
N VAL F 167 28.77 -24.67 30.63
CA VAL F 167 27.80 -23.88 29.88
C VAL F 167 27.54 -22.59 30.65
N ILE F 168 27.45 -21.48 29.92
CA ILE F 168 27.11 -20.18 30.48
C ILE F 168 25.98 -19.58 29.64
N VAL F 169 25.09 -18.85 30.30
CA VAL F 169 24.00 -18.16 29.64
C VAL F 169 23.97 -16.71 30.13
N VAL F 170 23.87 -15.78 29.18
CA VAL F 170 23.63 -14.37 29.47
C VAL F 170 22.21 -14.06 29.02
N ASP F 171 21.37 -13.64 29.96
CA ASP F 171 19.94 -13.55 29.68
C ASP F 171 19.64 -12.61 28.52
N SER F 172 20.28 -11.45 28.46
CA SER F 172 20.06 -10.56 27.32
C SER F 172 21.25 -9.65 27.15
N VAL F 173 21.57 -9.37 25.89
CA VAL F 173 22.59 -8.37 25.60
C VAL F 173 22.03 -6.97 25.78
N ALA F 174 20.72 -6.80 25.65
CA ALA F 174 20.10 -5.50 25.82
C ALA F 174 20.20 -5.02 27.26
N ALA F 175 20.09 -5.93 28.23
CA ALA F 175 20.13 -5.53 29.63
C ALA F 175 21.52 -5.08 30.08
N LEU F 176 22.59 -5.55 29.43
CA LEU F 176 23.92 -5.08 29.78
C LEU F 176 24.01 -3.57 29.58
N THR F 177 24.61 -2.87 30.55
CA THR F 177 24.58 -1.42 30.60
C THR F 177 25.94 -0.90 31.05
N PRO F 178 26.62 -0.09 30.25
CA PRO F 178 27.89 0.48 30.71
C PRO F 178 27.71 1.29 31.99
N LYS F 179 28.72 1.22 32.86
CA LYS F 179 28.62 1.88 34.16
C LYS F 179 28.44 3.38 34.00
N ALA F 180 29.11 3.97 33.01
CA ALA F 180 28.96 5.41 32.79
C ALA F 180 27.53 5.78 32.51
N GLU F 181 26.72 4.85 32.00
CA GLU F 181 25.33 5.14 31.70
C GLU F 181 24.45 5.02 32.94
N ILE F 182 24.81 4.14 33.87
CA ILE F 182 24.04 3.99 35.10
C ILE F 182 24.09 5.29 35.90
N GLU F 183 25.22 5.99 35.83
CA GLU F 183 25.40 7.20 36.63
C GLU F 183 24.64 8.39 36.06
N GLY F 184 24.53 8.49 34.75
CA GLY F 184 23.95 9.67 34.13
C GLY F 184 22.44 9.72 34.23
N GLU F 185 21.89 10.80 33.68
CA GLU F 185 20.45 11.00 33.60
C GLU F 185 19.88 10.23 32.41
N ILE F 186 18.55 10.23 32.31
CA ILE F 186 17.87 9.40 31.32
C ILE F 186 17.85 10.01 29.94
N GLY F 187 18.26 11.27 29.79
CA GLY F 187 18.39 11.87 28.49
C GLY F 187 19.80 11.86 27.93
N ASP F 188 20.79 11.47 28.74
CA ASP F 188 22.19 11.58 28.34
C ASP F 188 22.47 10.64 27.17
N SER F 189 23.23 11.13 26.20
CA SER F 189 23.65 10.28 25.10
C SER F 189 25.02 9.72 25.38
N HIS F 190 25.11 8.39 25.42
CA HIS F 190 26.36 7.68 25.61
C HIS F 190 26.72 6.99 24.31
N MET F 191 26.63 7.78 23.23
CA MET F 191 26.70 7.37 21.85
C MET F 191 27.83 6.37 21.61
N GLY F 192 27.46 5.11 21.31
CA GLY F 192 28.38 4.10 20.82
C GLY F 192 29.10 3.27 21.87
N LEU F 193 28.75 3.40 23.15
CA LEU F 193 29.56 2.78 24.20
C LEU F 193 29.35 1.27 24.27
N ALA F 194 28.09 0.83 24.20
CA ALA F 194 27.80 -0.58 24.40
C ALA F 194 28.49 -1.44 23.35
N ALA F 195 28.51 -0.99 22.10
CA ALA F 195 29.15 -1.77 21.05
C ALA F 195 30.64 -1.91 21.31
N ARG F 196 31.31 -0.84 21.72
CA ARG F 196 32.74 -0.94 22.01
C ARG F 196 33.00 -1.91 23.15
N MET F 197 32.19 -1.82 24.21
CA MET F 197 32.35 -2.75 25.32
C MET F 197 32.21 -4.19 24.84
N MET F 198 31.23 -4.45 23.97
CA MET F 198 31.02 -5.80 23.46
C MET F 198 32.19 -6.25 22.59
N SER F 199 32.71 -5.37 21.75
CA SER F 199 33.81 -5.75 20.86
C SER F 199 35.08 -6.05 21.65
N GLN F 200 35.26 -5.41 22.80
CA GLN F 200 36.33 -5.84 23.71
C GLN F 200 36.03 -7.19 24.34
N ALA F 201 34.78 -7.40 24.74
CA ALA F 201 34.43 -8.66 25.39
C ALA F 201 34.72 -9.85 24.49
N MET F 202 34.35 -9.76 23.21
CA MET F 202 34.57 -10.91 22.33
C MET F 202 36.05 -11.19 22.15
N ARG F 203 36.82 -10.13 21.89
CA ARG F 203 38.26 -10.24 21.75
C ARG F 203 38.90 -10.95 22.93
N LYS F 204 38.41 -10.68 24.14
CA LYS F 204 39.01 -11.33 25.31
C LYS F 204 38.45 -12.71 25.58
N LEU F 205 37.22 -13.01 25.16
CA LEU F 205 36.59 -14.27 25.51
C LEU F 205 36.94 -15.39 24.53
N ALA F 206 37.20 -15.03 23.28
CA ALA F 206 37.37 -16.07 22.26
C ALA F 206 38.43 -17.10 22.66
N GLY F 207 39.62 -16.65 23.02
CA GLY F 207 40.70 -17.59 23.29
C GLY F 207 40.49 -18.45 24.52
N ASN F 208 40.05 -17.82 25.61
CA ASN F 208 39.84 -18.57 26.85
C ASN F 208 38.77 -19.62 26.68
N LEU F 209 37.69 -19.30 25.98
CA LEU F 209 36.63 -20.29 25.81
C LEU F 209 37.16 -21.55 25.13
N LYS F 210 37.95 -21.39 24.07
CA LYS F 210 38.53 -22.55 23.40
C LYS F 210 39.50 -23.28 24.31
N GLN F 211 40.34 -22.53 25.03
CA GLN F 211 41.34 -23.17 25.88
C GLN F 211 40.69 -24.03 26.95
N SER F 212 39.54 -23.59 27.46
CA SER F 212 38.86 -24.30 28.54
C SER F 212 37.74 -25.22 28.05
N ASN F 213 37.38 -25.17 26.77
CA ASN F 213 36.33 -26.02 26.22
C ASN F 213 34.99 -25.73 26.88
N THR F 214 34.54 -24.48 26.74
CA THR F 214 33.33 -23.97 27.37
C THR F 214 32.40 -23.41 26.31
N LEU F 215 31.14 -23.80 26.37
CA LEU F 215 30.11 -23.22 25.52
C LEU F 215 29.55 -21.97 26.18
N LEU F 216 29.43 -20.90 25.41
CA LEU F 216 28.84 -19.64 25.88
C LEU F 216 27.75 -19.24 24.91
N ILE F 217 26.55 -18.98 25.45
CA ILE F 217 25.37 -18.64 24.65
C ILE F 217 24.95 -17.23 25.00
N PHE F 218 24.82 -16.39 23.98
CA PHE F 218 24.23 -15.06 24.11
C PHE F 218 22.79 -15.08 23.66
N ILE F 219 21.94 -14.34 24.36
CA ILE F 219 20.55 -14.11 23.95
C ILE F 219 20.41 -12.64 23.62
N ASN F 220 19.51 -12.31 22.71
CA ASN F 220 19.41 -10.95 22.18
C ASN F 220 17.94 -10.56 22.02
N GLN F 221 17.73 -9.30 21.66
CA GLN F 221 16.41 -8.73 21.44
C GLN F 221 16.39 -7.99 20.11
N ILE F 222 15.18 -7.79 19.57
CA ILE F 222 14.99 -7.21 18.24
C ILE F 222 14.52 -5.78 18.34
N ARG F 223 15.11 -4.92 17.51
CA ARG F 223 14.74 -3.53 17.41
C ARG F 223 14.68 -3.17 15.94
N MET F 224 13.88 -2.16 15.61
CA MET F 224 13.73 -1.74 14.22
C MET F 224 14.81 -0.73 13.85
N LYS F 225 15.19 -0.71 12.58
CA LYS F 225 16.17 0.22 12.04
C LYS F 225 15.44 1.32 11.28
N ILE F 226 15.57 2.55 11.77
CA ILE F 226 14.92 3.68 11.12
C ILE F 226 15.70 4.11 9.91
N GLY F 227 15.00 4.55 8.87
CA GLY F 227 15.65 5.05 7.68
C GLY F 227 15.93 4.03 6.62
N VAL F 228 15.52 2.77 6.81
CA VAL F 228 15.65 1.77 5.77
C VAL F 228 14.45 1.90 4.84
N MET F 229 14.70 2.31 3.59
CA MET F 229 13.61 2.54 2.65
C MET F 229 12.98 1.24 2.20
N PHE F 230 13.78 0.25 1.83
CA PHE F 230 13.28 -0.98 1.24
C PHE F 230 14.12 -2.14 1.73
N GLY F 231 13.44 -3.25 2.03
CA GLY F 231 14.11 -4.43 2.53
C GLY F 231 13.70 -4.77 3.94
N ASN F 232 14.57 -5.50 4.61
CA ASN F 232 14.32 -5.92 5.98
C ASN F 232 14.68 -4.80 6.94
N PRO F 233 13.77 -4.37 7.82
CA PRO F 233 14.10 -3.31 8.78
C PRO F 233 14.55 -3.80 10.16
N GLU F 234 14.46 -5.09 10.45
CA GLU F 234 14.79 -5.59 11.78
C GLU F 234 16.29 -5.53 12.03
N THR F 235 16.68 -5.62 13.30
CA THR F 235 18.08 -5.71 13.66
C THR F 235 18.19 -6.05 15.14
N THR F 236 19.24 -6.78 15.49
CA THR F 236 19.51 -7.10 16.88
C THR F 236 20.30 -5.98 17.54
N THR F 237 20.53 -6.14 18.84
CA THR F 237 21.15 -5.10 19.65
C THR F 237 22.58 -5.45 20.00
N GLY F 238 23.40 -4.41 20.13
CA GLY F 238 24.73 -4.55 20.71
C GLY F 238 25.89 -4.37 19.78
N GLY F 239 25.65 -3.99 18.52
CA GLY F 239 26.75 -3.78 17.60
C GLY F 239 26.89 -4.91 16.60
N ASN F 240 28.12 -5.06 16.11
CA ASN F 240 28.39 -5.97 15.00
C ASN F 240 29.40 -7.05 15.33
N ALA F 241 30.10 -6.97 16.47
CA ALA F 241 31.13 -7.94 16.76
C ALA F 241 30.58 -9.34 16.91
N LEU F 242 29.40 -9.47 17.54
CA LEU F 242 28.88 -10.78 17.88
C LEU F 242 28.53 -11.58 16.63
N LYS F 243 28.16 -10.91 15.54
CA LYS F 243 27.91 -11.62 14.29
C LYS F 243 29.17 -12.28 13.78
N PHE F 244 30.27 -11.53 13.73
CA PHE F 244 31.52 -12.10 13.26
C PHE F 244 32.01 -13.23 14.17
N TYR F 245 31.88 -13.08 15.48
CA TYR F 245 32.44 -14.08 16.39
C TYR F 245 31.52 -15.26 16.63
N ALA F 246 30.23 -15.16 16.31
CA ALA F 246 29.29 -16.21 16.65
C ALA F 246 29.42 -17.37 15.67
N SER F 247 29.62 -18.58 16.21
CA SER F 247 29.74 -19.77 15.39
C SER F 247 28.39 -20.25 14.87
N VAL F 248 27.33 -20.09 15.63
CA VAL F 248 25.97 -20.42 15.21
C VAL F 248 25.08 -19.24 15.59
N ARG F 249 23.98 -19.08 14.88
CA ARG F 249 23.00 -18.04 15.18
C ARG F 249 21.60 -18.59 14.88
N LEU F 250 20.75 -18.62 15.89
CA LEU F 250 19.42 -19.18 15.78
C LEU F 250 18.39 -18.07 15.81
N ASP F 251 17.39 -18.16 14.94
CA ASP F 251 16.23 -17.28 14.94
C ASP F 251 15.00 -18.11 15.30
N ILE F 252 14.22 -17.64 16.28
CA ILE F 252 13.10 -18.40 16.84
C ILE F 252 11.85 -17.54 16.79
N ARG F 253 10.75 -18.11 16.33
CA ARG F 253 9.46 -17.42 16.21
C ARG F 253 8.33 -18.29 16.71
N ARG F 254 7.25 -17.65 17.15
CA ARG F 254 6.00 -18.36 17.46
C ARG F 254 5.03 -18.21 16.30
N ILE F 255 4.46 -19.33 15.87
CA ILE F 255 3.64 -19.36 14.66
C ILE F 255 2.19 -19.78 14.91
N GLY F 256 1.87 -20.39 16.05
CA GLY F 256 0.51 -20.85 16.26
C GLY F 256 0.25 -21.13 17.73
N ALA F 257 -0.94 -21.67 17.98
CA ALA F 257 -1.34 -22.07 19.32
C ALA F 257 -1.67 -23.56 19.36
N VAL F 258 -1.61 -24.13 20.56
CA VAL F 258 -1.95 -25.53 20.80
C VAL F 258 -3.11 -25.56 21.78
N LYS F 259 -4.15 -26.30 21.44
CA LYS F 259 -5.43 -26.18 22.12
C LYS F 259 -5.97 -27.54 22.54
N GLU F 260 -6.64 -27.56 23.69
CA GLU F 260 -7.41 -28.69 24.17
C GLU F 260 -8.85 -28.22 24.35
N GLY F 261 -9.68 -28.46 23.36
CA GLY F 261 -11.02 -27.89 23.39
C GLY F 261 -10.95 -26.42 23.08
N GLU F 262 -11.31 -25.59 24.05
CA GLU F 262 -11.22 -24.14 23.89
C GLU F 262 -10.04 -23.55 24.64
N ASN F 263 -9.23 -24.37 25.30
CA ASN F 263 -8.12 -23.89 26.10
C ASN F 263 -6.86 -23.81 25.26
N VAL F 264 -5.88 -23.04 25.75
CA VAL F 264 -4.58 -22.89 25.11
C VAL F 264 -3.52 -23.44 26.05
N VAL F 265 -2.68 -24.33 25.55
CA VAL F 265 -1.80 -25.13 26.41
C VAL F 265 -0.36 -25.10 25.92
N GLY F 266 -0.10 -24.41 24.81
CA GLY F 266 1.25 -24.40 24.28
C GLY F 266 1.35 -23.45 23.12
N SER F 267 2.48 -23.53 22.42
CA SER F 267 2.76 -22.65 21.29
C SER F 267 3.62 -23.37 20.26
N GLU F 268 3.26 -23.23 18.99
CA GLU F 268 4.08 -23.77 17.92
C GLU F 268 5.27 -22.86 17.64
N THR F 269 6.37 -23.46 17.22
CA THR F 269 7.64 -22.75 17.06
C THR F 269 8.31 -23.13 15.75
N ARG F 270 9.16 -22.24 15.25
CA ARG F 270 9.97 -22.48 14.07
C ARG F 270 11.33 -21.86 14.31
N VAL F 271 12.38 -22.67 14.25
CA VAL F 271 13.74 -22.23 14.50
C VAL F 271 14.52 -22.35 13.20
N LYS F 272 15.08 -21.22 12.76
CA LYS F 272 15.81 -21.14 11.51
C LYS F 272 17.28 -20.90 11.80
N VAL F 273 18.15 -21.55 11.05
CA VAL F 273 19.58 -21.40 11.20
C VAL F 273 20.06 -20.36 10.21
N VAL F 274 20.68 -19.29 10.70
CA VAL F 274 21.05 -18.15 9.88
C VAL F 274 22.55 -17.99 9.74
N LYS F 275 23.35 -18.62 10.58
CA LYS F 275 24.79 -18.65 10.42
C LYS F 275 25.28 -19.97 11.01
N ASN F 276 26.24 -20.61 10.35
CA ASN F 276 26.64 -21.94 10.77
C ASN F 276 28.03 -22.23 10.22
N LYS F 277 28.98 -22.51 11.11
CA LYS F 277 30.36 -22.81 10.73
C LYS F 277 30.68 -24.29 10.77
N ILE F 278 29.72 -25.14 11.13
CA ILE F 278 29.97 -26.57 11.24
C ILE F 278 29.09 -27.39 10.30
N ALA F 279 28.25 -26.75 9.49
CA ALA F 279 27.44 -27.41 8.48
C ALA F 279 26.80 -26.32 7.61
N ALA F 280 25.94 -26.72 6.69
CA ALA F 280 25.32 -25.76 5.80
C ALA F 280 24.26 -24.95 6.54
N PRO F 281 24.10 -23.67 6.22
CA PRO F 281 23.10 -22.86 6.90
C PRO F 281 21.75 -22.89 6.19
N PHE F 282 20.78 -22.19 6.79
CA PHE F 282 19.46 -21.99 6.23
C PHE F 282 18.62 -23.27 6.21
N LYS F 283 18.56 -23.96 7.34
CA LYS F 283 17.63 -25.05 7.58
C LYS F 283 16.61 -24.65 8.64
N GLN F 284 15.75 -25.59 9.02
CA GLN F 284 14.62 -25.28 9.88
C GLN F 284 14.29 -26.42 10.83
N ALA F 285 13.43 -26.10 11.80
CA ALA F 285 12.92 -27.07 12.77
C ALA F 285 11.63 -26.54 13.36
N GLU F 286 10.65 -27.43 13.52
CA GLU F 286 9.38 -27.08 14.13
C GLU F 286 9.04 -28.08 15.22
N PHE F 287 8.59 -27.57 16.36
CA PHE F 287 8.20 -28.41 17.49
C PHE F 287 7.13 -27.68 18.28
N GLN F 288 6.79 -28.23 19.44
CA GLN F 288 5.81 -27.61 20.33
C GLN F 288 6.44 -27.37 21.70
N ILE F 289 5.95 -26.33 22.37
CA ILE F 289 6.28 -26.05 23.76
C ILE F 289 4.99 -26.10 24.57
N LEU F 290 4.96 -26.95 25.59
CA LEU F 290 3.80 -27.12 26.44
C LEU F 290 4.11 -26.56 27.82
N TYR F 291 3.24 -25.68 28.31
CA TYR F 291 3.50 -24.97 29.56
C TYR F 291 3.55 -25.97 30.70
N GLY F 292 4.60 -25.90 31.50
CA GLY F 292 4.82 -26.85 32.56
C GLY F 292 5.57 -28.09 32.16
N GLU F 293 5.78 -28.30 30.86
CA GLU F 293 6.66 -29.34 30.36
C GLU F 293 7.66 -28.71 29.41
N GLY F 294 8.60 -29.51 28.95
CA GLY F 294 9.63 -29.01 28.07
C GLY F 294 9.18 -28.88 26.63
N ILE F 295 10.07 -29.25 25.71
CA ILE F 295 9.69 -29.41 24.31
C ILE F 295 9.05 -30.76 24.12
N ASN F 296 8.06 -30.82 23.24
CA ASN F 296 7.33 -32.07 23.01
C ASN F 296 8.18 -33.02 22.19
N PHE F 297 8.80 -33.99 22.86
CA PHE F 297 9.72 -34.92 22.19
C PHE F 297 8.95 -35.91 21.31
N TYR F 298 7.86 -36.46 21.84
CA TYR F 298 7.18 -37.53 21.14
C TYR F 298 6.47 -37.03 19.89
N GLY F 299 6.04 -35.77 19.88
CA GLY F 299 5.51 -35.21 18.65
C GLY F 299 6.55 -35.13 17.56
N GLU F 300 7.77 -34.72 17.93
CA GLU F 300 8.86 -34.73 16.97
C GLU F 300 9.12 -36.14 16.48
N LEU F 301 9.08 -37.11 17.38
CA LEU F 301 9.27 -38.51 16.97
C LEU F 301 8.20 -38.93 15.96
N VAL F 302 6.95 -38.56 16.21
CA VAL F 302 5.87 -38.92 15.29
C VAL F 302 6.12 -38.32 13.92
N ASP F 303 6.41 -37.01 13.88
CA ASP F 303 6.59 -36.35 12.60
C ASP F 303 7.79 -36.93 11.84
N LEU F 304 8.88 -37.21 12.54
CA LEU F 304 10.05 -37.76 11.88
C LEU F 304 9.79 -39.17 11.37
N GLY F 305 9.01 -39.95 12.13
CA GLY F 305 8.64 -41.26 11.63
C GLY F 305 7.78 -41.18 10.38
N VAL F 306 6.83 -40.26 10.36
CA VAL F 306 6.00 -40.09 9.18
C VAL F 306 6.85 -39.70 7.99
N LYS F 307 7.80 -38.81 8.17
CA LYS F 307 8.60 -38.35 7.05
C LYS F 307 9.41 -39.50 6.57
N GLU F 308 10.10 -40.16 7.46
CA GLU F 308 10.96 -41.27 7.05
C GLU F 308 10.16 -42.48 6.60
N LYS F 309 8.85 -42.48 6.79
CA LYS F 309 7.90 -43.51 6.35
C LYS F 309 7.85 -44.70 7.29
N LEU F 310 8.57 -44.69 8.42
CA LEU F 310 8.38 -45.75 9.40
C LEU F 310 7.01 -45.66 10.06
N ILE F 311 6.31 -44.53 9.88
CA ILE F 311 4.97 -44.33 10.41
C ILE F 311 4.03 -44.09 9.24
N GLU F 312 2.95 -44.85 9.18
CA GLU F 312 2.01 -44.80 8.07
C GLU F 312 0.79 -43.97 8.44
N LYS F 313 0.53 -42.94 7.64
CA LYS F 313 -0.58 -42.03 7.86
C LYS F 313 -1.52 -42.04 6.66
N ALA F 314 -2.82 -42.12 6.94
CA ALA F 314 -3.85 -42.08 5.90
C ALA F 314 -5.05 -41.35 6.48
N GLY F 315 -5.52 -40.32 5.77
CA GLY F 315 -6.61 -39.52 6.30
C GLY F 315 -6.23 -38.96 7.65
N ALA F 316 -7.12 -39.14 8.63
CA ALA F 316 -6.81 -38.78 10.01
C ALA F 316 -6.14 -39.90 10.77
N TRP F 317 -5.92 -41.04 10.14
CA TRP F 317 -5.43 -42.23 10.83
C TRP F 317 -3.92 -42.36 10.67
N TYR F 318 -3.31 -42.99 11.67
CA TYR F 318 -1.89 -43.33 11.65
C TYR F 318 -1.75 -44.84 11.85
N SER F 319 -0.58 -45.37 11.51
CA SER F 319 -0.37 -46.80 11.66
C SER F 319 1.12 -47.10 11.83
N TYR F 320 1.40 -48.27 12.39
CA TYR F 320 2.76 -48.76 12.55
C TYR F 320 2.77 -50.26 12.32
N LYS F 321 3.66 -50.72 11.43
CA LYS F 321 3.72 -52.12 11.04
C LYS F 321 2.37 -52.58 10.50
N GLY F 322 1.64 -51.68 9.85
CA GLY F 322 0.34 -51.98 9.30
C GLY F 322 -0.82 -51.85 10.27
N GLU F 323 -0.55 -51.72 11.56
CA GLU F 323 -1.61 -51.66 12.56
C GLU F 323 -1.99 -50.21 12.87
N LYS F 324 -3.28 -49.95 12.95
CA LYS F 324 -3.74 -48.61 13.30
C LYS F 324 -3.30 -48.24 14.71
N ILE F 325 -2.97 -46.97 14.91
CA ILE F 325 -2.42 -46.50 16.18
C ILE F 325 -3.13 -45.27 16.74
N GLY F 326 -4.02 -44.65 15.98
CA GLY F 326 -4.78 -43.53 16.52
C GLY F 326 -5.28 -42.62 15.42
N GLN F 327 -6.01 -41.59 15.85
CA GLN F 327 -6.57 -40.58 14.96
C GLN F 327 -6.08 -39.21 15.40
N GLY F 328 -5.48 -38.48 14.47
CA GLY F 328 -4.92 -37.17 14.78
C GLY F 328 -3.58 -37.30 15.47
N LYS F 329 -2.81 -36.21 15.51
CA LYS F 329 -1.49 -36.27 16.10
C LYS F 329 -1.56 -36.46 17.62
N ALA F 330 -2.57 -35.88 18.26
CA ALA F 330 -2.64 -35.98 19.72
C ALA F 330 -2.78 -37.42 20.16
N ASN F 331 -3.66 -38.18 19.51
CA ASN F 331 -3.83 -39.59 19.86
C ASN F 331 -2.58 -40.39 19.52
N ALA F 332 -1.88 -40.02 18.44
CA ALA F 332 -0.64 -40.71 18.13
C ALA F 332 0.39 -40.51 19.22
N THR F 333 0.52 -39.27 19.71
CA THR F 333 1.47 -39.01 20.78
C THR F 333 1.08 -39.74 22.05
N ALA F 334 -0.22 -39.75 22.36
CA ALA F 334 -0.67 -40.50 23.54
C ALA F 334 -0.35 -41.98 23.38
N TRP F 335 -0.54 -42.51 22.18
CA TRP F 335 -0.19 -43.90 21.90
C TRP F 335 1.28 -44.15 22.18
N LEU F 336 2.15 -43.33 21.61
CA LEU F 336 3.59 -43.57 21.77
C LEU F 336 4.00 -43.47 23.22
N LYS F 337 3.44 -42.51 23.96
CA LYS F 337 3.89 -42.30 25.33
C LYS F 337 3.79 -43.56 26.17
N ASP F 338 2.81 -44.42 25.86
CA ASP F 338 2.53 -45.60 26.68
C ASP F 338 3.21 -46.86 26.16
N ASN F 339 3.82 -46.84 24.98
CA ASN F 339 4.46 -48.01 24.39
C ASN F 339 5.96 -47.77 24.31
N PRO F 340 6.63 -47.65 25.45
CA PRO F 340 8.05 -47.25 25.43
C PRO F 340 8.91 -48.15 24.57
N GLU F 341 8.60 -49.45 24.52
CA GLU F 341 9.41 -50.36 23.72
C GLU F 341 9.43 -49.96 22.26
N THR F 342 8.31 -49.49 21.72
CA THR F 342 8.25 -49.13 20.31
C THR F 342 9.03 -47.85 20.03
N ALA F 343 8.85 -46.82 20.88
CA ALA F 343 9.53 -45.55 20.66
C ALA F 343 11.04 -45.70 20.83
N LYS F 344 11.48 -46.53 21.80
CA LYS F 344 12.90 -46.78 21.96
C LYS F 344 13.53 -47.41 20.73
N GLU F 345 12.72 -47.88 19.78
CA GLU F 345 13.21 -48.38 18.50
C GLU F 345 13.11 -47.33 17.41
N ILE F 346 11.96 -46.66 17.33
CA ILE F 346 11.77 -45.64 16.30
C ILE F 346 12.85 -44.57 16.44
N GLU F 347 13.20 -44.20 17.66
CA GLU F 347 14.21 -43.18 17.87
C GLU F 347 15.54 -43.62 17.28
N LYS F 348 15.92 -44.87 17.51
CA LYS F 348 17.20 -45.36 16.98
C LYS F 348 17.19 -45.38 15.46
N LYS F 349 16.10 -45.84 14.86
CA LYS F 349 16.07 -45.93 13.40
C LYS F 349 16.16 -44.54 12.77
N VAL F 350 15.37 -43.58 13.27
CA VAL F 350 15.40 -42.25 12.69
C VAL F 350 16.76 -41.61 12.92
N ARG F 351 17.32 -41.75 14.13
CA ARG F 351 18.63 -41.19 14.40
C ARG F 351 19.65 -41.70 13.38
N GLU F 352 19.69 -43.02 13.19
CA GLU F 352 20.66 -43.58 12.25
C GLU F 352 20.43 -43.10 10.83
N LEU F 353 19.18 -43.04 10.39
CA LEU F 353 18.93 -42.70 8.99
C LEU F 353 19.22 -41.24 8.69
N LEU F 354 18.74 -40.32 9.54
CA LEU F 354 18.83 -38.90 9.25
C LEU F 354 20.16 -38.26 9.62
N ASP G 30 83.21 16.40 -16.61
CA ASP G 30 84.67 16.54 -16.60
C ASP G 30 85.35 15.20 -16.77
N GLU G 31 84.55 14.13 -16.86
CA GLU G 31 85.04 12.78 -17.08
C GLU G 31 85.82 12.24 -15.89
N ASN G 32 85.79 12.94 -14.77
CA ASN G 32 86.11 12.33 -13.49
C ASN G 32 84.86 11.77 -12.82
N LYS G 33 83.69 12.09 -13.37
CA LYS G 33 82.43 11.61 -12.79
C LYS G 33 82.32 10.09 -12.87
N GLN G 34 82.68 9.50 -14.00
CA GLN G 34 82.58 8.05 -14.10
C GLN G 34 83.51 7.36 -13.10
N LYS G 35 84.73 7.88 -12.96
CA LYS G 35 85.66 7.30 -12.00
C LYS G 35 85.13 7.45 -10.58
N ALA G 36 84.61 8.63 -10.24
CA ALA G 36 84.08 8.83 -8.90
C ALA G 36 82.89 7.91 -8.63
N LEU G 37 82.01 7.75 -9.61
CA LEU G 37 80.84 6.90 -9.43
C LEU G 37 81.26 5.44 -9.24
N ALA G 38 82.20 4.96 -10.06
CA ALA G 38 82.69 3.60 -9.89
C ALA G 38 83.35 3.43 -8.53
N ALA G 39 84.16 4.40 -8.11
CA ALA G 39 84.82 4.31 -6.81
C ALA G 39 83.80 4.23 -5.69
N ALA G 40 82.78 5.08 -5.75
CA ALA G 40 81.76 5.09 -4.70
C ALA G 40 81.02 3.76 -4.66
N LEU G 41 80.62 3.25 -5.82
CA LEU G 41 79.88 1.99 -5.84
C LEU G 41 80.74 0.87 -5.28
N GLY G 42 82.00 0.79 -5.69
CA GLY G 42 82.88 -0.23 -5.16
C GLY G 42 83.04 -0.13 -3.66
N GLN G 43 83.21 1.09 -3.16
CA GLN G 43 83.37 1.28 -1.72
C GLN G 43 82.13 0.82 -0.97
N ILE G 44 80.95 1.19 -1.47
CA ILE G 44 79.71 0.76 -0.83
C ILE G 44 79.64 -0.76 -0.82
N GLU G 45 80.10 -1.39 -1.90
CA GLU G 45 80.00 -2.85 -1.97
C GLU G 45 80.70 -3.51 -0.79
N LYS G 46 81.93 -3.10 -0.48
CA LYS G 46 82.66 -3.63 0.66
C LYS G 46 82.21 -3.01 1.97
N GLN G 47 81.45 -1.92 1.93
CA GLN G 47 80.80 -1.44 3.14
C GLN G 47 79.71 -2.41 3.59
N PHE G 48 78.89 -2.91 2.65
CA PHE G 48 77.77 -3.76 3.00
C PHE G 48 77.66 -5.05 2.20
N GLY G 49 78.73 -5.49 1.56
CA GLY G 49 78.71 -6.78 0.89
C GLY G 49 78.12 -6.70 -0.51
N LYS G 50 78.28 -7.79 -1.24
CA LYS G 50 77.92 -7.82 -2.65
C LYS G 50 76.42 -7.60 -2.83
N GLY G 51 76.07 -6.89 -3.90
CA GLY G 51 74.67 -6.71 -4.25
C GLY G 51 73.93 -5.66 -3.43
N SER G 52 74.64 -4.82 -2.68
CA SER G 52 73.97 -3.79 -1.91
C SER G 52 73.41 -2.69 -2.78
N ILE G 53 74.08 -2.36 -3.89
CA ILE G 53 73.61 -1.37 -4.84
C ILE G 53 73.75 -1.95 -6.23
N MET G 54 72.76 -1.70 -7.06
CA MET G 54 72.76 -2.28 -8.36
C MET G 54 71.89 -1.54 -9.34
N ARG G 55 72.17 -1.72 -10.61
CA ARG G 55 71.43 -1.03 -11.65
C ARG G 55 70.05 -1.66 -11.79
N LEU G 56 69.04 -0.82 -12.02
CA LEU G 56 67.66 -1.29 -11.93
C LEU G 56 67.39 -2.40 -12.93
N GLY G 57 67.87 -2.24 -14.17
CA GLY G 57 67.58 -3.21 -15.20
C GLY G 57 68.30 -4.53 -15.04
N GLU G 58 69.39 -4.56 -14.28
CA GLU G 58 70.15 -5.78 -14.05
C GLU G 58 69.64 -6.59 -12.88
N ASP G 59 68.92 -5.99 -11.92
CA ASP G 59 68.52 -6.76 -10.73
C ASP G 59 67.37 -7.63 -11.05
N ARG G 60 67.57 -8.94 -10.92
CA ARG G 60 66.55 -9.85 -11.33
C ARG G 60 65.74 -10.26 -10.15
N SER G 61 66.12 -9.76 -8.99
CA SER G 61 65.35 -10.04 -7.79
C SER G 61 64.12 -9.16 -7.66
N MET G 62 63.84 -8.31 -8.65
CA MET G 62 62.77 -7.34 -8.57
C MET G 62 61.59 -7.64 -9.48
N ASP G 63 61.66 -8.70 -10.28
CA ASP G 63 60.56 -9.05 -11.14
C ASP G 63 59.39 -9.60 -10.32
N VAL G 64 58.17 -9.39 -10.81
CA VAL G 64 56.99 -9.84 -10.09
C VAL G 64 56.63 -11.26 -10.50
N GLU G 65 55.95 -11.98 -9.60
CA GLU G 65 55.42 -13.30 -9.86
C GLU G 65 54.06 -13.42 -9.17
N THR G 66 53.19 -14.24 -9.73
CA THR G 66 51.84 -14.40 -9.21
C THR G 66 51.45 -15.87 -9.16
N ILE G 67 50.54 -16.17 -8.23
CA ILE G 67 49.96 -17.50 -8.09
C ILE G 67 48.45 -17.35 -8.03
N SER G 68 47.74 -18.32 -8.60
CA SER G 68 46.32 -18.17 -8.85
C SER G 68 45.52 -18.07 -7.56
N THR G 69 44.39 -17.37 -7.65
CA THR G 69 43.50 -17.21 -6.51
C THR G 69 42.37 -18.23 -6.47
N GLY G 70 42.22 -19.04 -7.53
CA GLY G 70 41.16 -20.02 -7.59
C GLY G 70 39.92 -19.59 -8.33
N SER G 71 39.93 -18.43 -8.99
CA SER G 71 38.76 -17.95 -9.71
C SER G 71 39.23 -17.15 -10.92
N LEU G 72 38.95 -17.67 -12.11
CA LEU G 72 39.47 -17.08 -13.34
C LEU G 72 39.15 -15.59 -13.42
N SER G 73 37.90 -15.22 -13.13
CA SER G 73 37.52 -13.82 -13.23
C SER G 73 38.35 -12.94 -12.30
N LEU G 74 38.68 -13.45 -11.13
CA LEU G 74 39.48 -12.67 -10.19
C LEU G 74 40.91 -12.49 -10.68
N ASP G 75 41.48 -13.52 -11.32
CA ASP G 75 42.80 -13.38 -11.91
C ASP G 75 42.78 -12.41 -13.08
N ILE G 76 41.69 -12.34 -13.83
CA ILE G 76 41.57 -11.30 -14.85
C ILE G 76 41.55 -9.93 -14.19
N ALA G 77 40.69 -9.74 -13.19
CA ALA G 77 40.57 -8.45 -12.54
C ALA G 77 41.92 -7.99 -12.00
N LEU G 78 42.56 -8.84 -11.19
CA LEU G 78 43.93 -8.59 -10.74
C LEU G 78 44.89 -8.91 -11.88
N GLY G 79 45.02 -7.95 -12.79
CA GLY G 79 45.90 -8.11 -13.94
C GLY G 79 47.22 -8.75 -13.56
N ALA G 80 47.80 -9.52 -14.47
CA ALA G 80 48.94 -10.39 -14.21
C ALA G 80 48.53 -11.69 -13.53
N GLY G 81 47.24 -11.88 -13.29
CA GLY G 81 46.73 -13.17 -12.89
C GLY G 81 47.22 -13.69 -11.55
N GLY G 82 46.78 -13.09 -10.46
CA GLY G 82 47.00 -13.66 -9.14
C GLY G 82 47.73 -12.74 -8.19
N LEU G 83 47.89 -13.23 -6.97
CA LEU G 83 48.49 -12.46 -5.90
C LEU G 83 50.01 -12.47 -6.01
N PRO G 84 50.68 -11.37 -5.69
CA PRO G 84 52.13 -11.33 -5.83
C PRO G 84 52.84 -12.01 -4.67
N MET G 85 53.96 -12.67 -4.98
CA MET G 85 54.79 -13.26 -3.95
C MET G 85 55.73 -12.19 -3.38
N GLY G 86 56.12 -12.40 -2.12
CA GLY G 86 56.98 -11.43 -1.45
C GLY G 86 56.32 -10.08 -1.26
N ARG G 87 55.03 -10.07 -0.95
CA ARG G 87 54.28 -8.85 -0.70
C ARG G 87 53.30 -9.08 0.43
N ILE G 88 52.46 -8.10 0.68
CA ILE G 88 51.36 -8.21 1.64
C ILE G 88 50.06 -8.08 0.88
N VAL G 89 49.02 -8.74 1.36
CA VAL G 89 47.68 -8.66 0.80
C VAL G 89 46.70 -8.51 1.95
N GLU G 90 45.67 -7.69 1.75
CA GLU G 90 44.61 -7.54 2.73
C GLU G 90 43.27 -7.84 2.08
N ILE G 91 42.48 -8.67 2.75
CA ILE G 91 41.13 -9.01 2.34
C ILE G 91 40.20 -8.61 3.46
N TYR G 92 39.08 -7.98 3.12
CA TYR G 92 38.12 -7.56 4.11
C TYR G 92 36.72 -7.54 3.51
N GLY G 93 35.74 -7.59 4.41
CA GLY G 93 34.36 -7.59 4.00
C GLY G 93 33.45 -8.00 5.15
N PRO G 94 32.15 -7.83 4.97
CA PRO G 94 31.21 -8.11 6.07
C PRO G 94 31.15 -9.60 6.39
N GLU G 95 30.30 -9.92 7.36
CA GLU G 95 30.25 -11.28 7.87
C GLU G 95 29.67 -12.23 6.84
N SER G 96 30.17 -13.46 6.84
CA SER G 96 29.70 -14.50 5.93
C SER G 96 29.84 -14.07 4.47
N SER G 97 31.01 -13.55 4.10
CA SER G 97 31.23 -13.10 2.73
C SER G 97 31.98 -14.14 1.91
N GLY G 98 33.00 -14.78 2.49
CA GLY G 98 33.79 -15.73 1.75
C GLY G 98 35.28 -15.57 1.96
N LYS G 99 35.67 -14.81 2.97
CA LYS G 99 37.10 -14.55 3.19
C LYS G 99 37.86 -15.85 3.43
N THR G 100 37.47 -16.61 4.45
CA THR G 100 38.24 -17.79 4.82
C THR G 100 38.21 -18.84 3.71
N THR G 101 37.06 -19.02 3.06
CA THR G 101 36.97 -20.00 1.99
C THR G 101 37.90 -19.63 0.84
N LEU G 102 37.94 -18.34 0.48
CA LEU G 102 38.83 -17.90 -0.58
C LEU G 102 40.29 -18.13 -0.21
N THR G 103 40.66 -17.81 1.02
CA THR G 103 42.04 -18.04 1.44
C THR G 103 42.39 -19.53 1.43
N LEU G 104 41.46 -20.38 1.87
CA LEU G 104 41.72 -21.81 1.84
C LEU G 104 41.86 -22.32 0.42
N GLN G 105 41.05 -21.80 -0.50
CA GLN G 105 41.20 -22.17 -1.90
C GLN G 105 42.55 -21.75 -2.44
N VAL G 106 43.02 -20.55 -2.08
CA VAL G 106 44.34 -20.11 -2.51
C VAL G 106 45.41 -21.06 -1.99
N ILE G 107 45.34 -21.42 -0.71
CA ILE G 107 46.33 -22.34 -0.16
C ILE G 107 46.27 -23.67 -0.91
N ALA G 108 45.07 -24.18 -1.16
CA ALA G 108 44.94 -25.47 -1.82
C ALA G 108 45.57 -25.44 -3.20
N ALA G 109 45.30 -24.39 -3.98
CA ALA G 109 45.93 -24.28 -5.29
C ALA G 109 47.45 -24.22 -5.16
N ALA G 110 47.94 -23.45 -4.20
CA ALA G 110 49.39 -23.34 -4.03
C ALA G 110 50.01 -24.67 -3.65
N GLN G 111 49.32 -25.47 -2.85
CA GLN G 111 49.90 -26.72 -2.38
C GLN G 111 50.05 -27.74 -3.49
N ARG G 112 49.27 -27.60 -4.57
CA ARG G 112 49.42 -28.49 -5.71
C ARG G 112 50.71 -28.25 -6.47
N GLU G 113 51.41 -27.16 -6.19
CA GLU G 113 52.67 -26.83 -6.84
C GLU G 113 53.87 -27.04 -5.92
N GLY G 114 53.72 -27.84 -4.86
CA GLY G 114 54.85 -28.16 -4.00
C GLY G 114 55.22 -27.12 -2.98
N LYS G 115 54.39 -26.10 -2.77
CA LYS G 115 54.74 -25.06 -1.81
C LYS G 115 54.25 -25.43 -0.41
N THR G 116 54.87 -24.81 0.59
CA THR G 116 54.48 -24.99 1.99
C THR G 116 53.64 -23.81 2.45
N CYS G 117 52.72 -24.07 3.38
CA CYS G 117 51.77 -23.07 3.83
C CYS G 117 51.62 -23.11 5.34
N ALA G 118 51.21 -21.97 5.91
CA ALA G 118 50.95 -21.82 7.33
C ALA G 118 49.63 -21.09 7.51
N PHE G 119 48.95 -21.38 8.62
CA PHE G 119 47.65 -20.79 8.92
C PHE G 119 47.62 -20.39 10.39
N ILE G 120 47.72 -19.09 10.64
CA ILE G 120 47.59 -18.55 11.99
C ILE G 120 46.12 -18.20 12.21
N ASP G 121 45.53 -18.75 13.25
CA ASP G 121 44.10 -18.58 13.54
C ASP G 121 43.96 -17.91 14.91
N ALA G 122 43.70 -16.60 14.89
CA ALA G 122 43.47 -15.87 16.12
C ALA G 122 42.00 -15.84 16.51
N GLU G 123 41.11 -16.32 15.65
CA GLU G 123 39.68 -16.36 15.97
C GLU G 123 39.27 -17.67 16.63
N HIS G 124 40.08 -18.73 16.53
CA HIS G 124 39.77 -20.02 17.11
C HIS G 124 38.50 -20.61 16.48
N ALA G 125 38.47 -20.61 15.14
CA ALA G 125 37.26 -21.00 14.43
C ALA G 125 37.49 -21.85 13.19
N LEU G 126 38.61 -22.56 13.08
CA LEU G 126 38.87 -23.37 11.88
C LEU G 126 38.34 -24.78 12.07
N ASP G 127 37.83 -25.36 10.97
CA ASP G 127 37.30 -26.72 10.98
C ASP G 127 38.07 -27.55 9.95
N PRO G 128 38.87 -28.54 10.36
CA PRO G 128 39.68 -29.26 9.37
C PRO G 128 38.89 -29.97 8.29
N ILE G 129 37.66 -30.41 8.60
CA ILE G 129 36.88 -31.11 7.58
C ILE G 129 36.54 -30.19 6.42
N TYR G 130 36.10 -28.97 6.72
CA TYR G 130 35.77 -28.05 5.66
C TYR G 130 37.01 -27.71 4.84
N ALA G 131 38.18 -27.66 5.49
CA ALA G 131 39.43 -27.44 4.77
C ALA G 131 39.74 -28.59 3.82
N ARG G 132 39.51 -29.82 4.28
CA ARG G 132 39.77 -30.98 3.42
C ARG G 132 38.84 -31.01 2.23
N LYS G 133 37.55 -30.72 2.44
CA LYS G 133 36.61 -30.78 1.33
C LYS G 133 36.98 -29.80 0.24
N LEU G 134 37.44 -28.61 0.62
CA LEU G 134 37.79 -27.57 -0.35
C LEU G 134 39.05 -27.90 -1.14
N GLY G 135 39.88 -28.82 -0.66
CA GLY G 135 41.02 -29.29 -1.42
C GLY G 135 42.36 -29.17 -0.73
N VAL G 136 42.40 -28.96 0.58
CA VAL G 136 43.65 -28.70 1.27
C VAL G 136 44.25 -30.02 1.76
N ASP G 137 45.57 -30.04 1.88
CA ASP G 137 46.28 -31.20 2.42
C ASP G 137 46.47 -30.99 3.91
N ILE G 138 45.51 -31.51 4.67
CA ILE G 138 45.47 -31.26 6.11
C ILE G 138 46.71 -31.80 6.79
N ASP G 139 47.34 -32.82 6.21
CA ASP G 139 48.46 -33.47 6.87
C ASP G 139 49.77 -32.70 6.73
N ASN G 140 49.79 -31.63 5.93
CA ASN G 140 51.00 -30.84 5.75
C ASN G 140 50.81 -29.35 6.04
N LEU G 141 49.62 -28.93 6.45
CA LEU G 141 49.36 -27.51 6.64
C LEU G 141 49.67 -27.11 8.08
N LEU G 142 50.72 -26.32 8.27
CA LEU G 142 51.05 -25.85 9.60
C LEU G 142 49.96 -24.93 10.12
N CYS G 143 49.75 -24.96 11.44
CA CYS G 143 48.63 -24.27 12.04
C CYS G 143 48.95 -23.94 13.49
N SER G 144 48.41 -22.82 13.97
CA SER G 144 48.65 -22.38 15.34
C SER G 144 47.50 -21.51 15.80
N GLN G 145 47.28 -21.50 17.13
CA GLN G 145 46.24 -20.71 17.78
C GLN G 145 46.89 -19.91 18.88
N PRO G 146 47.37 -18.70 18.59
CA PRO G 146 48.16 -17.96 19.57
C PRO G 146 47.33 -17.42 20.71
N ASP G 147 48.02 -17.08 21.81
CA ASP G 147 47.35 -16.50 22.97
C ASP G 147 47.25 -14.99 22.87
N THR G 148 48.34 -14.34 22.48
CA THR G 148 48.38 -12.89 22.33
C THR G 148 48.87 -12.57 20.92
N GLY G 149 48.58 -11.34 20.48
CA GLY G 149 48.99 -10.92 19.14
C GLY G 149 50.51 -10.86 19.00
N GLU G 150 51.19 -10.50 20.09
CA GLU G 150 52.65 -10.46 20.04
C GLU G 150 53.22 -11.83 19.72
N GLN G 151 52.50 -12.90 20.07
CA GLN G 151 52.93 -14.24 19.73
C GLN G 151 52.70 -14.55 18.26
N ALA G 152 51.55 -14.16 17.73
CA ALA G 152 51.23 -14.44 16.34
C ALA G 152 52.21 -13.75 15.41
N LEU G 153 52.50 -12.48 15.68
CA LEU G 153 53.40 -11.75 14.79
C LEU G 153 54.82 -12.28 14.86
N GLU G 154 55.25 -12.80 16.01
CA GLU G 154 56.55 -13.43 16.10
C GLU G 154 56.60 -14.77 15.37
N ILE G 155 55.52 -15.54 15.37
CA ILE G 155 55.48 -16.73 14.53
C ILE G 155 55.58 -16.34 13.07
N CYS G 156 54.83 -15.30 12.65
CA CYS G 156 54.94 -14.83 11.27
C CYS G 156 56.38 -14.47 10.93
N ASP G 157 57.02 -13.71 11.83
CA ASP G 157 58.41 -13.30 11.60
C ASP G 157 59.32 -14.51 11.45
N ALA G 158 59.19 -15.48 12.35
CA ALA G 158 60.10 -16.62 12.32
C ALA G 158 59.90 -17.45 11.05
N LEU G 159 58.66 -17.64 10.63
CA LEU G 159 58.43 -18.38 9.40
C LEU G 159 58.99 -17.64 8.19
N ALA G 160 58.83 -16.31 8.16
CA ALA G 160 59.41 -15.53 7.08
C ALA G 160 60.92 -15.69 7.06
N ARG G 161 61.55 -15.66 8.23
CA ARG G 161 63.00 -15.74 8.30
C ARG G 161 63.54 -17.15 8.07
N SER G 162 62.69 -18.17 8.18
CA SER G 162 63.16 -19.53 7.95
C SER G 162 63.49 -19.80 6.49
N GLY G 163 62.79 -19.15 5.56
CA GLY G 163 63.04 -19.35 4.15
C GLY G 163 62.38 -20.56 3.54
N ALA G 164 61.46 -21.21 4.24
CA ALA G 164 60.84 -22.44 3.76
C ALA G 164 59.33 -22.44 3.90
N VAL G 165 58.69 -21.27 3.93
CA VAL G 165 57.24 -21.16 3.95
C VAL G 165 56.84 -20.14 2.90
N ASP G 166 55.92 -20.54 2.02
CA ASP G 166 55.61 -19.75 0.83
C ASP G 166 54.27 -19.04 0.91
N VAL G 167 53.43 -19.35 1.89
CA VAL G 167 52.20 -18.61 2.14
C VAL G 167 51.91 -18.64 3.63
N ILE G 168 51.57 -17.48 4.18
CA ILE G 168 51.18 -17.35 5.58
C ILE G 168 49.87 -16.59 5.63
N VAL G 169 48.87 -17.17 6.27
CA VAL G 169 47.55 -16.56 6.38
C VAL G 169 47.29 -16.25 7.84
N VAL G 170 46.85 -15.02 8.10
CA VAL G 170 46.44 -14.59 9.43
C VAL G 170 44.93 -14.38 9.38
N ASP G 171 44.20 -15.06 10.27
CA ASP G 171 42.77 -15.25 10.11
C ASP G 171 41.93 -14.05 10.51
N SER G 172 42.42 -13.17 11.38
CA SER G 172 41.68 -11.94 11.65
C SER G 172 42.61 -10.94 12.34
N VAL G 173 42.75 -9.76 11.74
CA VAL G 173 43.51 -8.69 12.37
C VAL G 173 42.76 -8.14 13.58
N ALA G 174 41.45 -8.37 13.64
CA ALA G 174 40.68 -7.94 14.79
C ALA G 174 40.93 -8.81 16.01
N ALA G 175 41.15 -10.11 15.82
CA ALA G 175 41.34 -11.03 16.93
C ALA G 175 42.72 -10.93 17.55
N LEU G 176 43.63 -10.15 16.96
CA LEU G 176 44.91 -9.89 17.58
C LEU G 176 44.76 -8.90 18.72
N THR G 177 45.32 -9.23 19.88
CA THR G 177 45.08 -8.45 21.09
C THR G 177 46.39 -8.21 21.82
N PRO G 178 46.70 -6.97 22.22
CA PRO G 178 47.89 -6.76 23.04
C PRO G 178 47.77 -7.38 24.41
N LYS G 179 48.93 -7.66 25.02
CA LYS G 179 48.95 -8.29 26.33
C LYS G 179 48.28 -7.43 27.39
N ALA G 180 48.54 -6.12 27.35
CA ALA G 180 47.93 -5.23 28.34
C ALA G 180 46.43 -5.45 28.40
N GLU G 181 45.78 -5.60 27.24
CA GLU G 181 44.36 -5.89 27.23
C GLU G 181 44.06 -7.29 27.78
N ILE G 182 44.99 -8.23 27.61
CA ILE G 182 44.72 -9.60 28.04
C ILE G 182 44.72 -9.68 29.56
N GLU G 183 45.64 -8.99 30.21
CA GLU G 183 45.77 -9.05 31.66
C GLU G 183 44.94 -8.01 32.39
N GLY G 184 44.26 -7.13 31.67
CA GLY G 184 43.42 -6.13 32.29
C GLY G 184 42.01 -6.61 32.50
N GLU G 185 41.17 -5.69 32.93
CA GLU G 185 39.75 -5.96 33.10
C GLU G 185 38.97 -5.49 31.89
N ILE G 186 37.70 -5.89 31.82
CA ILE G 186 36.82 -5.40 30.78
C ILE G 186 36.30 -4.03 31.17
N GLY G 187 36.47 -3.06 30.29
CA GLY G 187 36.08 -1.69 30.54
C GLY G 187 37.21 -0.70 30.58
N ASP G 188 38.46 -1.17 30.60
CA ASP G 188 39.59 -0.25 30.59
C ASP G 188 39.76 0.35 29.21
N SER G 189 40.66 1.31 29.11
CA SER G 189 40.94 2.02 27.86
C SER G 189 42.41 1.83 27.51
N HIS G 190 42.65 1.07 26.45
CA HIS G 190 44.00 0.81 25.95
C HIS G 190 44.12 1.36 24.54
N MET G 191 43.63 2.60 24.36
CA MET G 191 43.70 3.29 23.09
C MET G 191 45.03 3.13 22.38
N GLY G 192 44.96 2.93 21.06
CA GLY G 192 46.10 3.02 20.19
C GLY G 192 47.16 1.97 20.38
N LEU G 193 46.94 1.00 21.26
CA LEU G 193 47.97 0.00 21.50
C LEU G 193 48.06 -0.97 20.33
N ALA G 194 46.92 -1.46 19.85
CA ALA G 194 46.93 -2.35 18.70
C ALA G 194 47.46 -1.67 17.45
N ALA G 195 47.12 -0.40 17.23
CA ALA G 195 47.58 0.30 16.04
C ALA G 195 49.09 0.45 16.05
N ARG G 196 49.66 0.87 17.18
CA ARG G 196 51.10 0.99 17.30
C ARG G 196 51.79 -0.34 17.10
N MET G 197 51.24 -1.39 17.69
CA MET G 197 51.82 -2.72 17.52
C MET G 197 51.82 -3.15 16.06
N MET G 198 50.72 -2.93 15.36
CA MET G 198 50.65 -3.34 13.95
C MET G 198 51.61 -2.53 13.10
N SER G 199 51.75 -1.22 13.37
CA SER G 199 52.70 -0.42 12.59
C SER G 199 54.12 -0.93 12.78
N GLN G 200 54.50 -1.23 14.02
CA GLN G 200 55.81 -1.82 14.27
C GLN G 200 55.99 -3.11 13.50
N ALA G 201 55.00 -4.01 13.59
CA ALA G 201 55.10 -5.28 12.89
C ALA G 201 55.28 -5.09 11.40
N MET G 202 54.52 -4.17 10.81
CA MET G 202 54.61 -3.95 9.38
C MET G 202 56.02 -3.53 8.98
N ARG G 203 56.56 -2.51 9.66
CA ARG G 203 57.85 -2.01 9.21
C ARG G 203 58.97 -2.99 9.55
N LYS G 204 58.71 -3.97 10.41
CA LYS G 204 59.72 -5.00 10.63
C LYS G 204 59.61 -6.12 9.60
N LEU G 205 58.39 -6.45 9.16
CA LEU G 205 58.20 -7.59 8.28
C LEU G 205 58.43 -7.28 6.81
N ALA G 206 58.32 -6.00 6.43
CA ALA G 206 58.39 -5.67 5.01
C ALA G 206 59.66 -6.22 4.37
N GLY G 207 60.81 -6.04 5.02
CA GLY G 207 62.05 -6.49 4.41
C GLY G 207 62.17 -7.99 4.33
N ASN G 208 61.88 -8.68 5.44
CA ASN G 208 62.02 -10.13 5.48
C ASN G 208 61.15 -10.79 4.44
N LEU G 209 59.91 -10.31 4.28
CA LEU G 209 58.99 -10.89 3.32
C LEU G 209 59.58 -10.93 1.93
N LYS G 210 60.21 -9.84 1.53
CA LYS G 210 60.78 -9.76 0.18
C LYS G 210 62.07 -10.54 0.11
N GLN G 211 62.80 -10.59 1.22
CA GLN G 211 64.09 -11.27 1.24
C GLN G 211 63.90 -12.76 1.04
N SER G 212 62.85 -13.33 1.63
CA SER G 212 62.58 -14.76 1.53
C SER G 212 61.46 -15.09 0.55
N ASN G 213 60.80 -14.10 -0.03
CA ASN G 213 59.80 -14.34 -1.07
C ASN G 213 58.61 -15.15 -0.54
N THR G 214 57.91 -14.55 0.43
CA THR G 214 56.73 -15.16 1.03
C THR G 214 55.54 -14.22 0.88
N LEU G 215 54.35 -14.79 0.87
CA LEU G 215 53.12 -14.03 0.68
C LEU G 215 52.31 -14.09 1.97
N LEU G 216 52.02 -12.92 2.53
CA LEU G 216 51.32 -12.79 3.81
C LEU G 216 49.98 -12.11 3.54
N ILE G 217 48.90 -12.78 3.93
CA ILE G 217 47.53 -12.31 3.68
C ILE G 217 46.87 -12.08 5.03
N PHE G 218 46.33 -10.88 5.23
CA PHE G 218 45.58 -10.54 6.42
C PHE G 218 44.10 -10.56 6.10
N ILE G 219 43.31 -11.18 6.95
CA ILE G 219 41.86 -11.05 6.91
C ILE G 219 41.45 -10.01 7.93
N ASN G 220 40.37 -9.29 7.66
CA ASN G 220 39.96 -8.20 8.53
C ASN G 220 38.44 -8.19 8.67
N GLN G 221 37.93 -7.11 9.25
CA GLN G 221 36.53 -6.99 9.63
C GLN G 221 36.05 -5.56 9.39
N ILE G 222 34.76 -5.36 9.49
CA ILE G 222 34.16 -4.05 9.27
C ILE G 222 33.69 -3.49 10.61
N ARG G 223 33.76 -2.16 10.71
CA ARG G 223 33.22 -1.42 11.85
C ARG G 223 32.80 -0.05 11.35
N MET G 224 31.99 0.63 12.14
CA MET G 224 31.39 1.88 11.72
C MET G 224 32.08 3.08 12.37
N LYS G 225 32.47 4.04 11.53
CA LYS G 225 32.93 5.34 12.01
C LYS G 225 31.74 6.07 12.59
N ILE G 226 31.91 6.71 13.74
CA ILE G 226 30.78 7.23 14.49
C ILE G 226 30.64 8.72 14.26
N GLY G 227 29.41 9.17 14.09
CA GLY G 227 29.15 10.58 13.93
C GLY G 227 29.70 11.20 12.68
N VAL G 228 29.76 10.44 11.58
CA VAL G 228 30.28 10.97 10.34
C VAL G 228 29.16 11.64 9.56
N MET G 229 29.43 12.85 9.05
CA MET G 229 28.42 13.59 8.32
C MET G 229 28.27 13.10 6.89
N PHE G 230 29.33 13.21 6.09
CA PHE G 230 29.27 12.79 4.70
C PHE G 230 30.44 11.86 4.41
N GLY G 231 30.22 10.95 3.48
CA GLY G 231 31.20 9.94 3.16
C GLY G 231 30.70 8.55 3.47
N ASN G 232 31.66 7.61 3.52
CA ASN G 232 31.35 6.22 3.83
C ASN G 232 31.68 5.93 5.28
N PRO G 233 30.80 5.31 6.05
CA PRO G 233 31.09 5.08 7.48
C PRO G 233 31.77 3.77 7.81
N GLU G 234 32.02 2.90 6.83
CA GLU G 234 32.67 1.62 7.11
C GLU G 234 34.17 1.81 7.29
N THR G 235 34.77 0.93 8.09
CA THR G 235 36.20 0.99 8.36
C THR G 235 36.71 -0.39 8.73
N THR G 236 38.03 -0.53 8.65
CA THR G 236 38.71 -1.75 9.07
C THR G 236 39.44 -1.49 10.37
N THR G 237 39.63 -2.55 11.15
CA THR G 237 40.31 -2.43 12.43
C THR G 237 41.81 -2.54 12.26
N GLY G 238 42.54 -2.00 13.23
CA GLY G 238 43.98 -2.14 13.28
C GLY G 238 44.79 -0.96 12.79
N GLY G 239 44.20 0.23 12.72
CA GLY G 239 44.96 1.41 12.37
C GLY G 239 45.15 1.57 10.87
N ASN G 240 45.86 2.65 10.52
CA ASN G 240 46.03 3.01 9.12
C ASN G 240 47.30 2.46 8.50
N ALA G 241 48.18 1.86 9.27
CA ALA G 241 49.46 1.42 8.73
C ALA G 241 49.27 0.39 7.63
N LEU G 242 48.36 -0.57 7.86
CA LEU G 242 48.25 -1.70 6.94
C LEU G 242 47.82 -1.26 5.56
N LYS G 243 47.09 -0.16 5.44
CA LYS G 243 46.64 0.29 4.11
C LYS G 243 47.80 0.72 3.24
N PHE G 244 48.84 1.29 3.84
CA PHE G 244 49.95 1.82 3.06
C PHE G 244 50.82 0.70 2.50
N TYR G 245 51.14 -0.31 3.32
CA TYR G 245 52.08 -1.34 2.89
C TYR G 245 51.47 -2.33 1.93
N ALA G 246 50.16 -2.53 1.99
CA ALA G 246 49.52 -3.57 1.20
C ALA G 246 49.81 -3.36 -0.28
N SER G 247 50.08 -4.46 -0.98
CA SER G 247 50.31 -4.41 -2.41
C SER G 247 49.05 -4.66 -3.23
N VAL G 248 48.04 -5.26 -2.64
CA VAL G 248 46.72 -5.42 -3.25
C VAL G 248 45.70 -5.47 -2.13
N ARG G 249 44.56 -4.83 -2.33
CA ARG G 249 43.48 -4.79 -1.35
C ARG G 249 42.20 -5.27 -2.00
N LEU G 250 41.48 -6.13 -1.30
CA LEU G 250 40.29 -6.80 -1.83
C LEU G 250 39.11 -6.62 -0.91
N ASP G 251 37.94 -6.39 -1.49
CA ASP G 251 36.68 -6.32 -0.77
C ASP G 251 35.78 -7.40 -1.37
N ILE G 252 35.24 -8.26 -0.53
CA ILE G 252 34.39 -9.36 -0.95
C ILE G 252 33.02 -9.17 -0.31
N ARG G 253 31.97 -9.30 -1.10
CA ARG G 253 30.62 -8.97 -0.65
C ARG G 253 29.61 -9.95 -1.23
N ARG G 254 28.71 -10.43 -0.38
CA ARG G 254 27.65 -11.33 -0.79
C ARG G 254 26.42 -10.54 -1.23
N ILE G 255 25.84 -10.93 -2.37
CA ILE G 255 24.83 -10.11 -3.01
C ILE G 255 23.59 -10.90 -3.40
N GLY G 256 23.63 -12.22 -3.30
CA GLY G 256 22.50 -13.01 -3.71
C GLY G 256 22.63 -14.44 -3.23
N ALA G 257 21.69 -15.27 -3.67
CA ALA G 257 21.59 -16.66 -3.25
C ALA G 257 21.40 -17.58 -4.45
N VAL G 258 21.69 -18.86 -4.25
CA VAL G 258 21.51 -19.90 -5.25
C VAL G 258 20.50 -20.90 -4.72
N LYS G 259 19.41 -21.08 -5.46
CA LYS G 259 18.27 -21.85 -4.98
C LYS G 259 17.91 -22.98 -5.93
N GLU G 260 17.46 -24.09 -5.34
CA GLU G 260 16.94 -25.23 -6.10
C GLU G 260 15.61 -25.60 -5.47
N GLY G 261 14.54 -25.00 -5.96
CA GLY G 261 13.24 -25.25 -5.37
C GLY G 261 13.05 -24.41 -4.13
N GLU G 262 13.13 -25.07 -2.97
CA GLU G 262 13.06 -24.40 -1.68
C GLU G 262 14.36 -24.51 -0.89
N ASN G 263 15.41 -25.05 -1.50
CA ASN G 263 16.66 -25.31 -0.80
C ASN G 263 17.75 -24.36 -1.29
N VAL G 264 18.40 -23.68 -0.35
CA VAL G 264 19.51 -22.80 -0.68
C VAL G 264 20.77 -23.65 -0.77
N VAL G 265 21.49 -23.54 -1.89
CA VAL G 265 22.64 -24.37 -2.16
C VAL G 265 23.95 -23.61 -2.19
N GLY G 266 23.92 -22.28 -2.24
CA GLY G 266 25.17 -21.54 -2.30
C GLY G 266 24.91 -20.05 -2.27
N SER G 267 25.97 -19.29 -2.54
CA SER G 267 25.92 -17.85 -2.48
C SER G 267 26.49 -17.25 -3.76
N GLU G 268 26.07 -16.02 -4.06
CA GLU G 268 26.59 -15.24 -5.16
C GLU G 268 27.37 -14.07 -4.58
N THR G 269 28.57 -13.85 -5.08
CA THR G 269 29.53 -12.97 -4.43
C THR G 269 30.10 -11.96 -5.41
N ARG G 270 30.05 -10.69 -5.02
CA ARG G 270 30.79 -9.65 -5.71
C ARG G 270 32.18 -9.55 -5.09
N VAL G 271 33.12 -9.03 -5.86
CA VAL G 271 34.49 -8.81 -5.39
C VAL G 271 35.05 -7.61 -6.13
N LYS G 272 35.84 -6.82 -5.43
CA LYS G 272 36.37 -5.58 -5.98
C LYS G 272 37.84 -5.44 -5.62
N VAL G 273 38.57 -4.69 -6.43
CA VAL G 273 39.97 -4.41 -6.21
C VAL G 273 40.09 -2.92 -5.94
N VAL G 274 40.19 -2.56 -4.66
CA VAL G 274 40.17 -1.16 -4.27
C VAL G 274 41.56 -0.54 -4.22
N LYS G 275 42.61 -1.36 -4.30
CA LYS G 275 43.97 -0.85 -4.41
C LYS G 275 44.78 -1.91 -5.12
N ASN G 276 45.68 -1.47 -6.00
CA ASN G 276 46.55 -2.40 -6.71
C ASN G 276 47.79 -1.65 -7.17
N LYS G 277 48.93 -2.32 -7.05
CA LYS G 277 50.21 -1.79 -7.51
C LYS G 277 50.89 -2.68 -8.53
N ILE G 278 50.29 -3.80 -8.90
CA ILE G 278 50.85 -4.66 -9.95
C ILE G 278 50.18 -4.38 -11.29
N ALA G 279 48.95 -3.88 -11.28
CA ALA G 279 48.24 -3.48 -12.49
C ALA G 279 47.20 -2.44 -12.10
N ALA G 280 46.30 -2.13 -13.03
CA ALA G 280 45.33 -1.08 -12.78
C ALA G 280 44.30 -1.52 -11.73
N PRO G 281 43.77 -0.59 -10.94
CA PRO G 281 42.77 -0.93 -9.93
C PRO G 281 41.34 -0.81 -10.44
N PHE G 282 40.41 -1.14 -9.56
CA PHE G 282 38.96 -0.95 -9.75
C PHE G 282 38.36 -1.88 -10.78
N LYS G 283 38.86 -3.10 -10.89
CA LYS G 283 38.18 -4.14 -11.65
C LYS G 283 37.31 -4.98 -10.72
N GLN G 284 36.21 -5.50 -11.24
CA GLN G 284 35.32 -6.36 -10.48
C GLN G 284 35.57 -7.83 -10.78
N ALA G 285 34.83 -8.67 -10.06
CA ALA G 285 34.81 -10.10 -10.30
C ALA G 285 33.54 -10.64 -9.65
N GLU G 286 33.00 -11.70 -10.24
CA GLU G 286 31.75 -12.27 -9.76
C GLU G 286 31.76 -13.76 -9.99
N PHE G 287 31.20 -14.51 -9.04
CA PHE G 287 31.15 -15.95 -9.15
C PHE G 287 30.27 -16.51 -8.05
N GLN G 288 30.24 -17.83 -7.96
CA GLN G 288 29.42 -18.55 -7.00
C GLN G 288 30.31 -19.36 -6.06
N ILE G 289 29.90 -19.43 -4.80
CA ILE G 289 30.51 -20.31 -3.81
C ILE G 289 29.44 -21.30 -3.38
N LEU G 290 29.64 -22.57 -3.70
CA LEU G 290 28.69 -23.63 -3.40
C LEU G 290 29.25 -24.49 -2.28
N TYR G 291 28.42 -24.75 -1.27
CA TYR G 291 28.89 -25.46 -0.09
C TYR G 291 29.47 -26.80 -0.47
N GLY G 292 30.62 -27.13 0.11
CA GLY G 292 31.30 -28.37 -0.18
C GLY G 292 32.21 -28.33 -1.38
N GLU G 293 32.18 -27.25 -2.16
CA GLU G 293 32.98 -27.13 -3.37
C GLU G 293 33.79 -25.84 -3.43
N GLY G 294 33.36 -24.80 -2.72
CA GLY G 294 34.04 -23.52 -2.80
C GLY G 294 33.65 -22.78 -4.05
N ILE G 295 34.62 -22.13 -4.70
CA ILE G 295 34.34 -21.39 -5.92
C ILE G 295 34.01 -22.38 -7.04
N ASN G 296 33.01 -22.02 -7.84
CA ASN G 296 32.58 -22.84 -8.99
C ASN G 296 33.34 -22.37 -10.22
N PHE G 297 34.41 -23.10 -10.55
CA PHE G 297 35.26 -22.69 -11.65
C PHE G 297 34.53 -22.81 -12.98
N TYR G 298 33.80 -23.91 -13.17
CA TYR G 298 33.30 -24.21 -14.51
C TYR G 298 32.13 -23.31 -14.91
N GLY G 299 31.36 -22.83 -13.94
CA GLY G 299 30.40 -21.78 -14.26
C GLY G 299 31.09 -20.53 -14.76
N GLU G 300 32.18 -20.15 -14.10
CA GLU G 300 32.95 -19.00 -14.56
C GLU G 300 33.46 -19.22 -15.98
N LEU G 301 33.92 -20.43 -16.27
CA LEU G 301 34.40 -20.70 -17.62
C LEU G 301 33.27 -20.65 -18.63
N VAL G 302 32.10 -21.17 -18.27
CA VAL G 302 30.96 -21.09 -19.18
C VAL G 302 30.62 -19.64 -19.49
N ASP G 303 30.73 -18.77 -18.49
CA ASP G 303 30.42 -17.36 -18.73
C ASP G 303 31.51 -16.69 -19.57
N LEU G 304 32.78 -16.93 -19.22
CA LEU G 304 33.87 -16.24 -19.92
C LEU G 304 34.07 -16.78 -21.32
N GLY G 305 33.59 -17.99 -21.60
CA GLY G 305 33.66 -18.53 -22.94
C GLY G 305 32.64 -17.96 -23.89
N VAL G 306 31.66 -17.23 -23.39
CA VAL G 306 30.72 -16.50 -24.22
C VAL G 306 30.93 -15.00 -24.12
N LYS G 307 31.62 -14.53 -23.08
CA LYS G 307 32.01 -13.12 -23.06
C LYS G 307 32.97 -12.81 -24.20
N GLU G 308 33.95 -13.67 -24.42
CA GLU G 308 34.64 -13.76 -25.70
C GLU G 308 34.08 -14.96 -26.46
N LYS G 309 33.92 -14.80 -27.78
CA LYS G 309 33.24 -15.79 -28.58
C LYS G 309 34.09 -17.03 -28.81
N LEU G 310 34.29 -17.84 -27.77
CA LEU G 310 34.92 -19.14 -27.96
C LEU G 310 33.90 -20.26 -27.84
N ILE G 311 32.86 -20.06 -27.03
CA ILE G 311 31.77 -21.02 -26.95
C ILE G 311 30.67 -20.59 -27.91
N GLU G 312 30.00 -21.57 -28.50
CA GLU G 312 28.99 -21.34 -29.52
C GLU G 312 27.61 -21.57 -28.94
N LYS G 313 26.80 -20.53 -28.89
CA LYS G 313 25.42 -20.66 -28.49
C LYS G 313 24.59 -21.29 -29.60
N ALA G 314 23.66 -22.16 -29.20
CA ALA G 314 22.74 -22.80 -30.13
C ALA G 314 21.33 -22.72 -29.53
N GLY G 315 20.98 -21.53 -29.05
CA GLY G 315 19.71 -21.34 -28.36
C GLY G 315 19.73 -21.98 -26.99
N ALA G 316 18.86 -22.98 -26.79
CA ALA G 316 18.92 -23.76 -25.56
C ALA G 316 20.22 -24.54 -25.48
N TRP G 317 20.70 -25.04 -26.61
CA TRP G 317 21.94 -25.82 -26.62
C TRP G 317 23.15 -24.92 -26.46
N TYR G 318 24.20 -25.48 -25.86
CA TYR G 318 25.52 -24.89 -25.86
C TYR G 318 26.49 -25.81 -26.60
N SER G 319 27.23 -25.23 -27.54
CA SER G 319 28.07 -26.01 -28.42
C SER G 319 29.46 -25.39 -28.49
N TYR G 320 30.45 -26.23 -28.80
CA TYR G 320 31.82 -25.80 -28.96
C TYR G 320 32.33 -26.29 -30.31
N LYS G 321 32.88 -25.37 -31.11
CA LYS G 321 33.39 -25.69 -32.43
C LYS G 321 32.40 -26.53 -33.22
N GLY G 322 31.11 -26.26 -33.02
CA GLY G 322 30.06 -26.93 -33.75
C GLY G 322 29.59 -28.24 -33.15
N GLU G 323 30.13 -28.66 -32.01
CA GLU G 323 29.71 -29.89 -31.34
C GLU G 323 28.97 -29.54 -30.06
N LYS G 324 27.78 -30.12 -29.89
CA LYS G 324 26.97 -29.84 -28.71
C LYS G 324 27.61 -30.45 -27.46
N ILE G 325 27.40 -29.78 -26.33
CA ILE G 325 27.87 -30.27 -25.04
C ILE G 325 26.79 -30.31 -23.97
N GLY G 326 25.68 -29.63 -24.16
CA GLY G 326 24.60 -29.64 -23.18
C GLY G 326 23.50 -28.70 -23.61
N GLN G 327 22.35 -28.86 -22.96
CA GLN G 327 21.16 -28.07 -23.26
C GLN G 327 20.92 -26.95 -22.27
N GLY G 328 21.77 -26.82 -21.26
CA GLY G 328 21.57 -25.80 -20.25
C GLY G 328 22.85 -25.54 -19.49
N LYS G 329 22.84 -24.44 -18.73
CA LYS G 329 24.04 -24.04 -18.02
C LYS G 329 24.50 -25.11 -17.04
N ALA G 330 23.56 -25.74 -16.34
CA ALA G 330 23.93 -26.83 -15.43
C ALA G 330 24.52 -28.00 -16.21
N ASN G 331 23.82 -28.44 -17.25
CA ASN G 331 24.33 -29.56 -18.04
C ASN G 331 25.61 -29.18 -18.76
N ALA G 332 25.70 -27.94 -19.24
CA ALA G 332 26.93 -27.50 -19.88
C ALA G 332 28.11 -27.55 -18.89
N THR G 333 27.87 -27.11 -17.66
CA THR G 333 28.90 -27.19 -16.64
C THR G 333 29.30 -28.63 -16.39
N ALA G 334 28.32 -29.52 -16.29
CA ALA G 334 28.63 -30.93 -16.08
C ALA G 334 29.49 -31.46 -17.22
N TRP G 335 29.11 -31.15 -18.45
CA TRP G 335 29.88 -31.63 -19.60
C TRP G 335 31.31 -31.10 -19.53
N LEU G 336 31.46 -29.78 -19.39
CA LEU G 336 32.81 -29.21 -19.33
C LEU G 336 33.62 -29.89 -18.24
N LYS G 337 32.96 -30.30 -17.15
CA LYS G 337 33.66 -31.04 -16.11
C LYS G 337 34.08 -32.42 -16.60
N ASP G 338 33.26 -33.05 -17.43
CA ASP G 338 33.49 -34.44 -17.80
C ASP G 338 34.61 -34.62 -18.82
N ASN G 339 35.02 -33.51 -19.45
CA ASN G 339 36.06 -33.53 -20.47
C ASN G 339 37.14 -32.57 -20.04
N PRO G 340 38.15 -33.06 -19.32
CA PRO G 340 39.12 -32.08 -18.80
C PRO G 340 39.97 -31.42 -19.86
N GLU G 341 40.39 -32.14 -20.90
CA GLU G 341 41.33 -31.57 -21.86
C GLU G 341 40.72 -30.38 -22.60
N THR G 342 39.46 -30.49 -23.03
CA THR G 342 38.82 -29.38 -23.71
C THR G 342 38.72 -28.16 -22.80
N ALA G 343 38.39 -28.38 -21.52
CA ALA G 343 38.32 -27.27 -20.58
C ALA G 343 39.68 -26.62 -20.41
N LYS G 344 40.74 -27.41 -20.31
CA LYS G 344 42.08 -26.83 -20.19
C LYS G 344 42.42 -26.00 -21.42
N GLU G 345 42.10 -26.53 -22.61
CA GLU G 345 42.38 -25.81 -23.84
C GLU G 345 41.64 -24.47 -23.86
N ILE G 346 40.34 -24.51 -23.59
CA ILE G 346 39.56 -23.28 -23.66
C ILE G 346 40.02 -22.30 -22.60
N GLU G 347 40.40 -22.79 -21.41
CA GLU G 347 40.88 -21.90 -20.37
C GLU G 347 42.18 -21.22 -20.79
N LYS G 348 43.08 -21.98 -21.44
CA LYS G 348 44.30 -21.38 -21.95
C LYS G 348 43.97 -20.30 -22.99
N LYS G 349 43.02 -20.59 -23.86
CA LYS G 349 42.64 -19.60 -24.88
C LYS G 349 42.10 -18.33 -24.23
N VAL G 350 41.23 -18.48 -23.22
CA VAL G 350 40.70 -17.31 -22.53
C VAL G 350 41.81 -16.56 -21.82
N ARG G 351 42.79 -17.27 -21.29
CA ARG G 351 43.92 -16.60 -20.65
C ARG G 351 44.68 -15.77 -21.66
N GLU G 352 44.90 -16.30 -22.86
CA GLU G 352 45.58 -15.51 -23.90
C GLU G 352 44.75 -14.31 -24.31
N LEU G 353 43.43 -14.48 -24.42
CA LEU G 353 42.62 -13.45 -25.04
C LEU G 353 42.31 -12.32 -24.06
N LEU G 354 42.03 -12.65 -22.80
CA LEU G 354 41.64 -11.63 -21.81
C LEU G 354 42.84 -10.93 -21.18
N ASP H 30 87.41 54.98 11.73
CA ASP H 30 86.97 53.68 11.22
C ASP H 30 87.96 53.10 10.23
N GLU H 31 88.86 53.96 9.72
CA GLU H 31 89.83 53.50 8.75
C GLU H 31 90.80 52.48 9.35
N ASN H 32 91.00 52.51 10.67
CA ASN H 32 91.82 51.49 11.31
C ASN H 32 91.17 50.12 11.20
N LYS H 33 89.89 50.01 11.57
CA LYS H 33 89.19 48.75 11.37
C LYS H 33 89.17 48.38 9.89
N GLN H 34 89.00 49.37 9.01
CA GLN H 34 88.95 49.08 7.59
C GLN H 34 90.24 48.40 7.15
N LYS H 35 91.38 48.91 7.60
CA LYS H 35 92.64 48.33 7.17
C LYS H 35 92.96 47.02 7.86
N ALA H 36 92.49 46.83 9.10
CA ALA H 36 92.85 45.62 9.84
C ALA H 36 91.94 44.45 9.50
N LEU H 37 90.71 44.73 9.07
CA LEU H 37 89.76 43.67 8.80
C LEU H 37 90.24 42.78 7.66
N ALA H 38 90.83 43.39 6.63
CA ALA H 38 91.33 42.59 5.51
C ALA H 38 92.40 41.62 6.00
N ALA H 39 93.31 42.08 6.85
CA ALA H 39 94.34 41.18 7.37
C ALA H 39 93.73 40.09 8.22
N ALA H 40 92.76 40.42 9.08
CA ALA H 40 92.14 39.41 9.92
C ALA H 40 91.43 38.35 9.08
N LEU H 41 90.70 38.80 8.07
CA LEU H 41 90.06 37.87 7.15
C LEU H 41 91.11 37.01 6.47
N GLY H 42 92.25 37.60 6.12
CA GLY H 42 93.34 36.83 5.57
C GLY H 42 93.83 35.77 6.54
N GLN H 43 93.84 36.09 7.84
CA GLN H 43 94.28 35.09 8.82
C GLN H 43 93.30 33.92 8.87
N ILE H 44 92.00 34.21 8.89
CA ILE H 44 91.03 33.13 8.91
C ILE H 44 91.16 32.30 7.63
N GLU H 45 91.32 32.97 6.49
CA GLU H 45 91.60 32.28 5.23
C GLU H 45 92.81 31.37 5.38
N LYS H 46 93.90 31.90 5.94
CA LYS H 46 95.11 31.11 6.12
C LYS H 46 94.82 29.84 6.87
N GLN H 47 94.13 29.96 8.01
CA GLN H 47 93.90 28.78 8.84
C GLN H 47 93.00 27.77 8.15
N PHE H 48 91.90 28.22 7.55
CA PHE H 48 90.84 27.31 7.10
C PHE H 48 90.73 27.14 5.60
N GLY H 49 91.29 28.03 4.79
CA GLY H 49 91.22 27.88 3.35
C GLY H 49 90.30 28.88 2.69
N LYS H 50 90.37 28.90 1.36
CA LYS H 50 89.71 29.94 0.57
C LYS H 50 88.20 29.90 0.77
N GLY H 51 87.59 31.08 0.70
CA GLY H 51 86.15 31.22 0.75
C GLY H 51 85.55 31.20 2.13
N SER H 52 86.35 31.04 3.17
CA SER H 52 85.80 30.97 4.52
C SER H 52 84.98 32.21 4.86
N ILE H 53 85.29 33.34 4.22
CA ILE H 53 84.48 34.56 4.35
C ILE H 53 84.49 35.25 3.00
N MET H 54 83.33 35.79 2.61
CA MET H 54 83.23 36.54 1.38
C MET H 54 81.88 37.21 1.34
N ARG H 55 81.84 38.47 0.89
CA ARG H 55 80.60 39.22 0.88
C ARG H 55 79.56 38.51 0.03
N LEU H 56 78.32 38.49 0.53
CA LEU H 56 77.30 37.60 -0.02
C LEU H 56 77.02 37.87 -1.49
N GLY H 57 77.38 39.04 -1.99
CA GLY H 57 77.16 39.33 -3.39
C GLY H 57 78.21 38.77 -4.33
N GLU H 58 79.27 38.18 -3.79
CA GLU H 58 80.35 37.66 -4.59
C GLU H 58 80.35 36.14 -4.71
N ASP H 59 79.82 35.45 -3.71
CA ASP H 59 79.80 33.98 -3.72
C ASP H 59 78.74 33.52 -4.70
N ARG H 60 79.18 33.04 -5.86
CA ARG H 60 78.25 32.62 -6.89
C ARG H 60 77.63 31.25 -6.60
N SER H 61 77.80 30.71 -5.40
CA SER H 61 77.19 29.44 -5.07
C SER H 61 75.70 29.60 -4.79
N MET H 62 75.31 30.66 -4.13
CA MET H 62 73.91 30.90 -3.82
C MET H 62 73.00 31.11 -5.03
N ASP H 63 73.52 31.01 -6.24
CA ASP H 63 72.67 31.07 -7.44
C ASP H 63 71.90 29.76 -7.55
N VAL H 64 70.63 29.81 -7.14
CA VAL H 64 69.83 28.59 -7.10
C VAL H 64 69.32 28.22 -8.48
N GLU H 65 69.31 26.92 -8.78
CA GLU H 65 68.81 26.38 -10.04
C GLU H 65 67.66 25.43 -9.74
N THR H 66 66.82 25.18 -10.74
CA THR H 66 65.59 24.42 -10.53
C THR H 66 65.38 23.38 -11.63
N ILE H 67 64.82 22.25 -11.22
CA ILE H 67 64.48 21.14 -12.11
C ILE H 67 62.98 21.14 -12.32
N SER H 68 62.51 20.40 -13.32
CA SER H 68 61.08 20.37 -13.61
C SER H 68 60.40 19.20 -12.91
N THR H 69 59.12 19.39 -12.61
CA THR H 69 58.31 18.35 -12.00
C THR H 69 57.44 17.60 -12.99
N GLY H 70 57.36 18.05 -14.24
CA GLY H 70 56.50 17.42 -15.21
C GLY H 70 55.07 17.92 -15.20
N SER H 71 54.72 18.78 -14.26
CA SER H 71 53.40 19.42 -14.24
C SER H 71 53.60 20.92 -14.33
N LEU H 72 53.02 21.54 -15.35
CA LEU H 72 53.15 22.98 -15.50
C LEU H 72 52.55 23.70 -14.32
N SER H 73 51.34 23.30 -13.91
CA SER H 73 50.64 24.02 -12.86
C SER H 73 51.46 24.03 -11.58
N LEU H 74 51.98 22.88 -11.17
CA LEU H 74 52.81 22.83 -9.97
C LEU H 74 54.10 23.62 -10.18
N ASP H 75 54.69 23.51 -11.37
CA ASP H 75 55.90 24.25 -11.68
C ASP H 75 55.74 25.75 -11.49
N ILE H 76 54.55 26.29 -11.75
CA ILE H 76 54.30 27.71 -11.50
C ILE H 76 53.73 27.98 -10.12
N ALA H 77 53.18 26.96 -9.45
CA ALA H 77 52.86 27.10 -8.03
C ALA H 77 54.11 27.36 -7.22
N LEU H 78 55.19 26.65 -7.54
CA LEU H 78 56.50 27.02 -7.03
C LEU H 78 57.01 28.20 -7.84
N GLY H 79 57.29 29.32 -7.16
CA GLY H 79 57.66 30.53 -7.87
C GLY H 79 58.88 30.35 -8.75
N ALA H 80 59.93 29.73 -8.22
CA ALA H 80 61.21 29.66 -8.89
C ALA H 80 61.24 28.70 -10.06
N GLY H 81 60.09 28.19 -10.50
CA GLY H 81 60.03 27.33 -11.66
C GLY H 81 60.07 25.84 -11.38
N GLY H 82 60.48 25.43 -10.19
CA GLY H 82 60.54 24.02 -9.88
C GLY H 82 61.40 23.76 -8.67
N LEU H 83 61.61 22.47 -8.39
CA LEU H 83 62.38 22.09 -7.23
C LEU H 83 63.82 22.59 -7.37
N PRO H 84 64.45 23.01 -6.27
CA PRO H 84 65.81 23.53 -6.34
C PRO H 84 66.86 22.47 -6.11
N MET H 85 68.08 22.78 -6.50
CA MET H 85 69.21 21.90 -6.27
C MET H 85 69.85 22.17 -4.91
N GLY H 86 70.63 21.20 -4.45
CA GLY H 86 71.40 21.34 -3.24
C GLY H 86 70.60 21.46 -1.96
N ARG H 87 69.35 21.01 -1.95
CA ARG H 87 68.46 21.19 -0.81
C ARG H 87 67.76 19.88 -0.49
N ILE H 88 66.83 19.95 0.44
CA ILE H 88 66.01 18.80 0.82
C ILE H 88 64.56 19.11 0.51
N VAL H 89 63.76 18.07 0.33
CA VAL H 89 62.37 18.20 -0.07
C VAL H 89 61.59 17.06 0.59
N GLU H 90 60.32 17.38 0.95
CA GLU H 90 59.46 16.42 1.56
C GLU H 90 58.12 16.34 0.90
N ILE H 91 57.67 15.11 0.56
CA ILE H 91 56.36 14.86 -0.01
C ILE H 91 55.61 13.93 0.93
N TYR H 92 54.45 14.36 1.41
CA TYR H 92 53.63 13.53 2.28
C TYR H 92 52.17 13.65 1.87
N GLY H 93 51.39 12.65 2.27
CA GLY H 93 49.99 12.59 1.96
C GLY H 93 49.42 11.21 2.22
N PRO H 94 48.12 11.03 1.96
CA PRO H 94 47.48 9.75 2.25
C PRO H 94 47.91 8.63 1.31
N GLU H 95 47.29 7.46 1.47
CA GLU H 95 47.68 6.28 0.70
C GLU H 95 47.02 6.28 -0.68
N SER H 96 47.73 5.73 -1.66
CA SER H 96 47.26 5.64 -3.03
C SER H 96 46.90 7.02 -3.57
N SER H 97 47.82 7.98 -3.43
CA SER H 97 47.56 9.36 -3.81
C SER H 97 48.47 9.89 -4.91
N GLY H 98 49.67 9.32 -5.08
CA GLY H 98 50.58 9.81 -6.10
C GLY H 98 51.96 10.15 -5.59
N LYS H 99 52.36 9.60 -4.45
CA LYS H 99 53.66 9.96 -3.87
C LYS H 99 54.81 9.35 -4.67
N THR H 100 54.62 8.16 -5.23
CA THR H 100 55.69 7.51 -5.98
C THR H 100 55.68 7.93 -7.45
N THR H 101 54.47 8.09 -8.02
CA THR H 101 54.37 8.52 -9.42
C THR H 101 55.02 9.88 -9.65
N LEU H 102 54.77 10.83 -8.74
CA LEU H 102 55.34 12.16 -8.93
C LEU H 102 56.86 12.13 -8.85
N THR H 103 57.41 11.35 -7.92
CA THR H 103 58.85 11.26 -7.83
C THR H 103 59.45 10.63 -9.07
N LEU H 104 58.82 9.58 -9.60
CA LEU H 104 59.34 9.01 -10.84
C LEU H 104 59.23 9.98 -12.00
N GLN H 105 58.20 10.84 -12.01
CA GLN H 105 58.12 11.88 -13.02
C GLN H 105 59.28 12.85 -12.93
N VAL H 106 59.62 13.29 -11.72
CA VAL H 106 60.77 14.17 -11.55
C VAL H 106 62.04 13.48 -12.05
N ILE H 107 62.22 12.22 -11.69
CA ILE H 107 63.41 11.49 -12.12
C ILE H 107 63.46 11.43 -13.64
N ALA H 108 62.33 11.12 -14.27
CA ALA H 108 62.32 11.03 -15.73
C ALA H 108 62.68 12.37 -16.35
N ALA H 109 62.13 13.46 -15.81
CA ALA H 109 62.43 14.77 -16.34
C ALA H 109 63.92 15.08 -16.26
N ALA H 110 64.53 14.76 -15.11
CA ALA H 110 65.96 15.02 -14.96
C ALA H 110 66.79 14.10 -15.86
N GLN H 111 66.24 13.01 -16.31
CA GLN H 111 67.07 12.05 -17.05
C GLN H 111 67.23 12.41 -18.52
N ARG H 112 66.37 13.28 -19.02
CA ARG H 112 66.52 13.71 -20.40
C ARG H 112 67.74 14.61 -20.57
N GLU H 113 68.19 15.24 -19.50
CA GLU H 113 69.27 16.21 -19.58
C GLU H 113 70.65 15.59 -19.36
N GLY H 114 70.73 14.30 -19.08
CA GLY H 114 72.02 13.68 -18.84
C GLY H 114 72.45 13.63 -17.40
N LYS H 115 71.51 13.77 -16.47
CA LYS H 115 71.84 13.68 -15.05
C LYS H 115 71.63 12.25 -14.55
N THR H 116 72.49 11.83 -13.63
CA THR H 116 72.34 10.52 -12.99
C THR H 116 71.32 10.60 -11.87
N CYS H 117 70.74 9.45 -11.53
CA CYS H 117 69.72 9.36 -10.51
C CYS H 117 69.87 8.05 -9.75
N ALA H 118 69.17 7.95 -8.63
CA ALA H 118 69.21 6.77 -7.78
C ALA H 118 67.88 6.63 -7.06
N PHE H 119 67.66 5.46 -6.48
CA PHE H 119 66.41 5.15 -5.80
C PHE H 119 66.70 4.25 -4.60
N ILE H 120 65.97 4.48 -3.51
CA ILE H 120 66.16 3.74 -2.27
C ILE H 120 64.77 3.33 -1.78
N ASP H 121 64.40 2.08 -2.04
CA ASP H 121 63.04 1.59 -1.83
C ASP H 121 62.94 0.84 -0.51
N ALA H 122 62.84 1.61 0.58
CA ALA H 122 62.77 1.01 1.90
C ALA H 122 61.47 0.27 2.15
N GLU H 123 60.44 0.49 1.33
CA GLU H 123 59.22 -0.28 1.45
C GLU H 123 59.29 -1.62 0.71
N HIS H 124 60.27 -1.80 -0.16
CA HIS H 124 60.39 -3.01 -0.94
C HIS H 124 59.15 -3.23 -1.79
N ALA H 125 58.76 -2.18 -2.54
CA ALA H 125 57.52 -2.25 -3.31
C ALA H 125 57.60 -1.61 -4.69
N LEU H 126 58.77 -1.56 -5.33
CA LEU H 126 58.86 -0.97 -6.66
C LEU H 126 58.70 -2.02 -7.75
N ASP H 127 58.16 -1.61 -8.89
CA ASP H 127 57.91 -2.48 -10.02
C ASP H 127 58.61 -1.94 -11.26
N PRO H 128 59.70 -2.53 -11.74
CA PRO H 128 60.47 -1.88 -12.80
C PRO H 128 59.70 -1.60 -14.08
N ILE H 129 58.76 -2.46 -14.46
CA ILE H 129 58.06 -2.25 -15.72
C ILE H 129 57.28 -0.94 -15.69
N TYR H 130 56.59 -0.67 -14.59
CA TYR H 130 55.80 0.57 -14.51
C TYR H 130 56.72 1.79 -14.57
N ALA H 131 57.85 1.74 -13.89
CA ALA H 131 58.79 2.85 -13.97
C ALA H 131 59.27 3.03 -15.40
N ARG H 132 59.42 1.93 -16.14
CA ARG H 132 59.79 2.03 -17.55
C ARG H 132 58.70 2.74 -18.36
N LYS H 133 57.43 2.42 -18.08
CA LYS H 133 56.35 3.04 -18.83
C LYS H 133 56.29 4.55 -18.62
N LEU H 134 56.81 5.06 -17.50
CA LEU H 134 56.74 6.48 -17.21
C LEU H 134 57.90 7.27 -17.79
N GLY H 135 58.84 6.61 -18.45
CA GLY H 135 59.98 7.29 -19.01
C GLY H 135 61.26 7.16 -18.21
N VAL H 136 61.24 6.38 -17.12
CA VAL H 136 62.46 6.19 -16.35
C VAL H 136 63.31 5.13 -17.03
N ASP H 137 64.42 5.57 -17.63
CA ASP H 137 65.28 4.67 -18.40
C ASP H 137 66.07 3.77 -17.44
N ILE H 138 65.44 2.64 -17.14
CA ILE H 138 65.90 1.77 -16.08
C ILE H 138 67.23 1.09 -16.39
N ASP H 139 67.80 1.32 -17.57
CA ASP H 139 69.04 0.64 -17.91
C ASP H 139 70.25 1.27 -17.23
N ASN H 140 70.08 2.44 -16.62
CA ASN H 140 71.17 3.10 -15.89
C ASN H 140 70.75 3.71 -14.56
N LEU H 141 69.47 3.72 -14.20
CA LEU H 141 69.06 4.23 -12.90
C LEU H 141 69.55 3.30 -11.80
N LEU H 142 70.08 3.89 -10.73
CA LEU H 142 70.58 3.10 -9.61
C LEU H 142 69.45 2.78 -8.65
N CYS H 143 69.56 1.62 -8.00
CA CYS H 143 68.52 1.15 -7.09
C CYS H 143 69.16 0.38 -5.94
N SER H 144 68.46 0.37 -4.81
CA SER H 144 68.88 -0.42 -3.66
C SER H 144 67.67 -0.66 -2.78
N GLN H 145 67.76 -1.69 -1.95
CA GLN H 145 66.70 -2.07 -1.02
C GLN H 145 67.33 -2.30 0.34
N PRO H 146 67.58 -1.24 1.09
CA PRO H 146 68.35 -1.39 2.33
C PRO H 146 67.59 -2.19 3.38
N ASP H 147 68.35 -2.72 4.34
CA ASP H 147 67.78 -3.53 5.41
C ASP H 147 67.58 -2.73 6.69
N THR H 148 68.28 -1.62 6.87
CA THR H 148 68.22 -0.86 8.10
C THR H 148 68.31 0.62 7.76
N GLY H 149 67.77 1.46 8.65
CA GLY H 149 67.87 2.90 8.45
C GLY H 149 69.31 3.38 8.55
N GLU H 150 70.04 2.89 9.54
CA GLU H 150 71.46 3.23 9.66
C GLU H 150 72.27 2.71 8.49
N GLN H 151 71.64 2.01 7.54
CA GLN H 151 72.28 1.63 6.29
C GLN H 151 71.78 2.46 5.11
N ALA H 152 70.48 2.72 5.03
CA ALA H 152 69.97 3.54 3.94
C ALA H 152 70.53 4.94 3.99
N LEU H 153 70.55 5.55 5.17
CA LEU H 153 71.05 6.91 5.25
C LEU H 153 72.56 6.97 5.02
N GLU H 154 73.29 5.93 5.39
CA GLU H 154 74.73 5.91 5.10
C GLU H 154 74.99 5.70 3.63
N ILE H 155 74.16 4.93 2.93
CA ILE H 155 74.26 4.87 1.47
C ILE H 155 74.02 6.25 0.87
N CYS H 156 72.98 6.94 1.33
CA CYS H 156 72.73 8.28 0.83
C CYS H 156 73.95 9.18 1.04
N ASP H 157 74.52 9.14 2.24
CA ASP H 157 75.63 10.01 2.58
C ASP H 157 76.86 9.70 1.72
N ALA H 158 77.22 8.43 1.64
CA ALA H 158 78.41 8.04 0.88
C ALA H 158 78.21 8.28 -0.62
N LEU H 159 76.96 8.23 -1.10
CA LEU H 159 76.72 8.55 -2.50
C LEU H 159 76.87 10.04 -2.75
N ALA H 160 76.30 10.87 -1.86
CA ALA H 160 76.37 12.31 -2.07
C ALA H 160 77.80 12.81 -1.97
N ARG H 161 78.58 12.23 -1.06
CA ARG H 161 79.95 12.73 -0.86
C ARG H 161 80.79 12.64 -2.13
N SER H 162 80.51 11.67 -3.00
CA SER H 162 81.34 11.45 -4.17
C SER H 162 81.10 12.46 -5.28
N GLY H 163 79.94 13.12 -5.30
CA GLY H 163 79.64 14.02 -6.39
C GLY H 163 79.30 13.33 -7.69
N ALA H 164 78.69 12.14 -7.63
CA ALA H 164 78.35 11.43 -8.86
C ALA H 164 76.87 11.57 -9.20
N VAL H 165 75.99 11.52 -8.20
CA VAL H 165 74.55 11.42 -8.40
C VAL H 165 73.93 12.79 -8.28
N ASP H 166 72.87 13.04 -9.04
CA ASP H 166 72.25 14.36 -9.11
C ASP H 166 70.89 14.41 -8.44
N VAL H 167 70.19 13.28 -8.34
CA VAL H 167 68.97 13.19 -7.55
C VAL H 167 68.97 11.87 -6.80
N ILE H 168 68.57 11.91 -5.54
CA ILE H 168 68.33 10.71 -4.75
C ILE H 168 66.93 10.80 -4.17
N VAL H 169 66.32 9.65 -3.95
CA VAL H 169 64.97 9.55 -3.41
C VAL H 169 64.95 8.47 -2.36
N VAL H 170 64.21 8.69 -1.30
CA VAL H 170 63.95 7.67 -0.28
C VAL H 170 62.45 7.42 -0.25
N ASP H 171 62.06 6.16 -0.44
CA ASP H 171 60.68 5.85 -0.76
C ASP H 171 59.73 6.04 0.41
N SER H 172 60.21 5.90 1.65
CA SER H 172 59.45 6.39 2.78
C SER H 172 60.36 6.44 4.00
N VAL H 173 60.23 7.52 4.78
CA VAL H 173 60.95 7.60 6.05
C VAL H 173 60.21 6.83 7.13
N ALA H 174 58.99 6.37 6.86
CA ALA H 174 58.29 5.51 7.81
C ALA H 174 58.75 4.07 7.75
N ALA H 175 59.73 3.75 6.89
CA ALA H 175 60.25 2.40 6.79
C ALA H 175 61.67 2.26 7.29
N LEU H 176 62.30 3.35 7.72
CA LEU H 176 63.70 3.31 8.16
C LEU H 176 63.75 2.90 9.63
N THR H 177 63.78 1.59 9.83
CA THR H 177 63.85 1.05 11.18
C THR H 177 65.24 1.29 11.77
N PRO H 178 65.33 1.60 13.06
CA PRO H 178 66.64 1.54 13.72
C PRO H 178 67.10 0.10 13.85
N LYS H 179 68.42 -0.08 13.96
CA LYS H 179 68.97 -1.43 14.02
C LYS H 179 68.43 -2.19 15.21
N ALA H 180 68.51 -1.60 16.41
CA ALA H 180 68.13 -2.32 17.61
C ALA H 180 66.70 -2.83 17.51
N GLU H 181 65.84 -2.12 16.81
CA GLU H 181 64.45 -2.53 16.67
C GLU H 181 64.34 -3.78 15.80
N ILE H 182 65.16 -3.88 14.76
CA ILE H 182 65.04 -4.98 13.81
C ILE H 182 65.37 -6.30 14.49
N GLU H 183 66.36 -6.30 15.38
CA GLU H 183 66.80 -7.53 16.02
C GLU H 183 66.06 -7.79 17.32
N GLY H 184 65.37 -6.80 17.87
CA GLY H 184 64.58 -7.02 19.06
C GLY H 184 63.36 -7.87 18.75
N GLU H 185 62.36 -7.72 19.61
CA GLU H 185 61.08 -8.41 19.48
C GLU H 185 59.94 -7.40 19.39
N ILE H 186 58.83 -7.85 18.83
CA ILE H 186 57.66 -6.99 18.78
C ILE H 186 57.17 -6.70 20.19
N GLY H 187 56.81 -5.45 20.44
CA GLY H 187 56.28 -5.06 21.72
C GLY H 187 57.25 -4.35 22.62
N ASP H 188 58.50 -4.20 22.21
CA ASP H 188 59.47 -3.48 23.01
C ASP H 188 59.27 -1.98 22.85
N SER H 189 59.87 -1.21 23.75
CA SER H 189 59.66 0.22 23.74
C SER H 189 60.29 0.85 22.50
N HIS H 190 61.60 0.74 22.38
CA HIS H 190 62.32 1.42 21.32
C HIS H 190 61.84 2.87 21.17
N MET H 191 61.88 3.58 22.30
CA MET H 191 61.44 4.96 22.38
C MET H 191 62.38 5.89 21.62
N GLY H 192 61.84 6.64 20.66
CA GLY H 192 62.53 7.78 20.09
C GLY H 192 63.84 7.51 19.39
N LEU H 193 64.19 6.24 19.16
CA LEU H 193 65.39 5.95 18.39
C LEU H 193 65.30 6.52 16.98
N ALA H 194 64.15 6.38 16.33
CA ALA H 194 64.01 6.87 14.97
C ALA H 194 64.22 8.37 14.90
N ALA H 195 63.68 9.11 15.87
CA ALA H 195 63.83 10.56 15.86
C ALA H 195 65.30 10.95 15.99
N ARG H 196 66.03 10.30 16.90
CA ARG H 196 67.44 10.62 17.08
C ARG H 196 68.22 10.30 15.82
N MET H 197 67.92 9.18 15.19
CA MET H 197 68.60 8.80 13.95
C MET H 197 68.35 9.83 12.86
N MET H 198 67.10 10.26 12.70
CA MET H 198 66.78 11.22 11.64
C MET H 198 67.46 12.56 11.91
N SER H 199 67.45 13.01 13.16
CA SER H 199 68.08 14.29 13.48
C SER H 199 69.58 14.25 13.17
N GLN H 200 70.25 13.17 13.58
CA GLN H 200 71.67 13.04 13.26
C GLN H 200 71.90 13.03 11.76
N ALA H 201 71.05 12.32 11.03
CA ALA H 201 71.23 12.22 9.59
C ALA H 201 71.14 13.60 8.94
N MET H 202 70.13 14.39 9.32
CA MET H 202 69.99 15.72 8.73
C MET H 202 71.19 16.58 9.09
N ARG H 203 71.55 16.59 10.38
CA ARG H 203 72.69 17.38 10.83
C ARG H 203 73.93 17.05 10.01
N LYS H 204 74.09 15.80 9.61
CA LYS H 204 75.29 15.38 8.90
C LYS H 204 75.20 15.49 7.39
N LEU H 205 73.99 15.55 6.82
CA LEU H 205 73.82 15.58 5.38
C LEU H 205 73.71 17.00 4.83
N ALA H 206 73.02 17.88 5.55
CA ALA H 206 72.87 19.25 5.10
C ALA H 206 74.24 19.90 5.05
N GLY H 207 74.76 20.07 3.84
CA GLY H 207 76.05 20.68 3.61
C GLY H 207 76.91 19.82 2.70
N ASN H 208 76.91 18.51 2.92
CA ASN H 208 77.44 17.61 1.92
C ASN H 208 76.55 17.65 0.68
N LEU H 209 75.24 17.65 0.89
CA LEU H 209 74.33 17.87 -0.23
C LEU H 209 74.67 19.18 -0.95
N LYS H 210 74.89 20.26 -0.18
CA LYS H 210 75.23 21.55 -0.80
C LYS H 210 76.48 21.44 -1.65
N GLN H 211 77.55 20.91 -1.07
CA GLN H 211 78.82 20.83 -1.80
C GLN H 211 78.66 20.03 -3.08
N SER H 212 78.00 18.88 -3.01
CA SER H 212 77.82 18.06 -4.20
C SER H 212 76.73 18.58 -5.12
N ASN H 213 75.93 19.52 -4.66
CA ASN H 213 74.83 20.04 -5.47
C ASN H 213 73.87 18.92 -5.86
N THR H 214 73.39 18.19 -4.85
CA THR H 214 72.45 17.10 -5.04
C THR H 214 71.10 17.46 -4.42
N LEU H 215 70.03 16.92 -5.00
CA LEU H 215 68.67 17.14 -4.53
C LEU H 215 68.13 15.83 -3.99
N LEU H 216 67.71 15.84 -2.73
CA LEU H 216 67.32 14.63 -2.02
C LEU H 216 65.86 14.75 -1.61
N ILE H 217 65.04 13.79 -2.00
CA ILE H 217 63.60 13.85 -1.84
C ILE H 217 63.15 12.74 -0.89
N PHE H 218 62.43 13.12 0.15
CA PHE H 218 61.84 12.20 1.11
C PHE H 218 60.35 12.04 0.86
N ILE H 219 59.83 10.87 1.16
CA ILE H 219 58.40 10.63 1.15
C ILE H 219 58.01 10.15 2.53
N ASN H 220 56.82 10.52 2.97
CA ASN H 220 56.35 10.16 4.30
C ASN H 220 54.91 9.68 4.23
N GLN H 221 54.37 9.38 5.41
CA GLN H 221 53.04 8.81 5.56
C GLN H 221 52.30 9.56 6.64
N ILE H 222 50.99 9.44 6.64
CA ILE H 222 50.15 10.14 7.60
C ILE H 222 49.80 9.21 8.75
N ARG H 223 49.97 9.71 9.97
CA ARG H 223 49.51 9.05 11.17
C ARG H 223 48.68 10.05 11.97
N MET H 224 47.94 9.55 12.95
CA MET H 224 47.00 10.37 13.70
C MET H 224 47.32 10.32 15.19
N LYS H 225 47.07 11.42 15.88
CA LYS H 225 47.40 11.57 17.29
C LYS H 225 46.18 11.28 18.14
N ILE H 226 46.35 10.45 19.18
CA ILE H 226 45.28 10.24 20.14
C ILE H 226 45.36 11.29 21.23
N GLY H 227 44.19 11.66 21.75
CA GLY H 227 44.13 12.56 22.89
C GLY H 227 44.22 14.03 22.55
N VAL H 228 44.22 14.39 21.27
CA VAL H 228 44.18 15.80 20.92
C VAL H 228 42.75 16.30 21.06
N MET H 229 42.61 17.55 21.53
CA MET H 229 41.28 18.10 21.75
C MET H 229 40.76 18.79 20.50
N PHE H 230 41.53 19.71 19.93
CA PHE H 230 41.08 20.54 18.83
C PHE H 230 42.15 20.61 17.76
N GLY H 231 41.72 20.94 16.55
CA GLY H 231 42.64 21.12 15.44
C GLY H 231 42.73 19.90 14.55
N ASN H 232 43.69 19.95 13.65
CA ASN H 232 43.91 18.86 12.72
C ASN H 232 44.61 17.72 13.45
N PRO H 233 44.06 16.50 13.47
CA PRO H 233 44.71 15.41 14.20
C PRO H 233 45.84 14.73 13.45
N GLU H 234 46.06 15.04 12.17
CA GLU H 234 47.07 14.32 11.42
C GLU H 234 48.47 14.69 11.87
N THR H 235 49.40 13.78 11.65
CA THR H 235 50.81 13.98 11.97
C THR H 235 51.61 13.12 11.01
N THR H 236 52.92 13.20 11.12
CA THR H 236 53.81 12.51 10.19
C THR H 236 54.91 11.79 10.94
N THR H 237 55.50 10.79 10.30
CA THR H 237 56.40 9.87 10.96
C THR H 237 57.82 10.41 10.99
N GLY H 238 58.54 10.06 12.05
CA GLY H 238 59.97 10.30 12.13
C GLY H 238 60.38 11.65 12.67
N GLY H 239 59.96 11.99 13.87
CA GLY H 239 60.53 13.16 14.54
C GLY H 239 60.12 14.49 13.92
N ASN H 240 60.92 15.52 14.24
CA ASN H 240 60.63 16.89 13.84
C ASN H 240 61.74 17.53 13.02
N ALA H 241 62.93 16.96 12.97
CA ALA H 241 64.05 17.63 12.32
C ALA H 241 63.74 17.94 10.85
N LEU H 242 63.16 16.98 10.16
CA LEU H 242 62.93 17.15 8.73
C LEU H 242 61.99 18.31 8.44
N LYS H 243 61.21 18.74 9.43
CA LYS H 243 60.34 19.89 9.21
C LYS H 243 61.14 21.18 9.13
N PHE H 244 62.20 21.30 9.93
CA PHE H 244 63.06 22.47 9.86
C PHE H 244 63.98 22.41 8.66
N TYR H 245 64.70 21.30 8.51
CA TYR H 245 65.73 21.24 7.49
C TYR H 245 65.17 21.15 6.08
N ALA H 246 63.87 20.92 5.91
CA ALA H 246 63.29 20.86 4.58
C ALA H 246 63.28 22.24 3.93
N SER H 247 63.45 22.28 2.61
CA SER H 247 63.32 23.53 1.89
C SER H 247 62.03 23.61 1.08
N VAL H 248 61.28 22.51 0.97
CA VAL H 248 59.97 22.49 0.34
C VAL H 248 59.17 21.34 0.95
N ARG H 249 57.94 21.62 1.37
CA ARG H 249 57.01 20.62 1.84
C ARG H 249 55.75 20.70 1.00
N LEU H 250 55.24 19.53 0.60
CA LEU H 250 54.05 19.44 -0.24
C LEU H 250 53.06 18.47 0.36
N ASP H 251 51.79 18.64 0.04
CA ASP H 251 50.72 17.80 0.53
C ASP H 251 49.89 17.38 -0.68
N ILE H 252 49.68 16.07 -0.84
CA ILE H 252 49.01 15.50 -2.00
C ILE H 252 47.75 14.79 -1.53
N ARG H 253 46.65 15.00 -2.25
CA ARG H 253 45.41 14.31 -1.95
C ARG H 253 44.76 13.85 -3.25
N ARG H 254 43.97 12.80 -3.15
CA ARG H 254 43.15 12.35 -4.27
C ARG H 254 41.73 12.86 -4.07
N ILE H 255 41.18 13.51 -5.09
CA ILE H 255 39.92 14.21 -4.96
C ILE H 255 38.81 13.61 -5.81
N GLY H 256 39.12 12.94 -6.90
CA GLY H 256 38.07 12.40 -7.75
C GLY H 256 38.68 11.55 -8.84
N ALA H 257 37.81 10.88 -9.56
CA ALA H 257 38.22 9.94 -10.59
C ALA H 257 37.78 10.42 -11.96
N VAL H 258 38.65 10.22 -12.94
CA VAL H 258 38.35 10.49 -14.35
C VAL H 258 38.04 9.16 -15.02
N LYS H 259 36.88 9.08 -15.64
CA LYS H 259 36.47 7.87 -16.33
C LYS H 259 36.08 8.19 -17.77
N GLU H 260 36.46 7.31 -18.68
CA GLU H 260 35.96 7.32 -20.05
C GLU H 260 34.83 6.31 -20.12
N GLY H 261 33.68 6.76 -20.61
CA GLY H 261 32.51 5.89 -20.57
C GLY H 261 32.21 5.53 -19.14
N GLU H 262 32.22 4.23 -18.86
CA GLU H 262 32.01 3.70 -17.52
C GLU H 262 33.21 2.85 -17.10
N ASN H 263 34.41 3.36 -17.34
CA ASN H 263 35.65 2.70 -16.95
C ASN H 263 36.55 3.73 -16.29
N VAL H 264 37.00 3.45 -15.07
CA VAL H 264 37.92 4.34 -14.39
C VAL H 264 39.31 4.14 -14.99
N VAL H 265 39.95 5.24 -15.38
CA VAL H 265 41.22 5.17 -16.08
C VAL H 265 42.25 6.11 -15.47
N GLY H 266 41.83 6.91 -14.50
CA GLY H 266 42.74 7.88 -13.93
C GLY H 266 42.17 8.51 -12.69
N SER H 267 42.98 9.36 -12.07
CA SER H 267 42.63 10.00 -10.82
C SER H 267 42.93 11.49 -10.89
N GLU H 268 42.06 12.30 -10.32
CA GLU H 268 42.33 13.73 -10.18
C GLU H 268 43.19 13.96 -8.94
N THR H 269 43.91 15.08 -8.94
CA THR H 269 44.89 15.34 -7.90
C THR H 269 44.88 16.81 -7.52
N ARG H 270 45.42 17.12 -6.35
CA ARG H 270 45.64 18.47 -5.90
C ARG H 270 46.90 18.52 -5.06
N VAL H 271 47.58 19.65 -5.07
CA VAL H 271 48.81 19.85 -4.33
C VAL H 271 48.71 21.16 -3.57
N LYS H 272 49.10 21.14 -2.30
CA LYS H 272 49.11 22.33 -1.44
C LYS H 272 50.54 22.55 -0.97
N VAL H 273 51.12 23.68 -1.33
CA VAL H 273 52.49 23.99 -0.95
C VAL H 273 52.43 24.61 0.44
N VAL H 274 52.98 23.91 1.44
CA VAL H 274 52.85 24.34 2.83
C VAL H 274 54.14 24.88 3.41
N LYS H 275 55.28 24.65 2.77
CA LYS H 275 56.53 25.26 3.19
C LYS H 275 57.31 25.61 1.95
N ASN H 276 57.62 26.89 1.80
CA ASN H 276 58.48 27.34 0.71
C ASN H 276 59.60 28.17 1.30
N LYS H 277 60.77 28.05 0.69
CA LYS H 277 61.96 28.71 1.19
C LYS H 277 62.73 29.40 0.08
N ILE H 278 62.23 29.34 -1.16
CA ILE H 278 62.79 30.12 -2.26
C ILE H 278 61.72 30.90 -3.02
N ALA H 279 60.50 30.96 -2.52
CA ALA H 279 59.41 31.69 -3.15
C ALA H 279 58.28 31.81 -2.14
N ALA H 280 57.13 32.27 -2.58
CA ALA H 280 56.01 32.46 -1.67
C ALA H 280 55.35 31.11 -1.33
N PRO H 281 54.79 30.97 -0.14
CA PRO H 281 54.11 29.72 0.24
C PRO H 281 52.61 29.77 -0.03
N PHE H 282 51.97 28.63 0.19
CA PHE H 282 50.51 28.52 0.20
C PHE H 282 49.87 28.76 -1.16
N LYS H 283 50.43 28.16 -2.21
CA LYS H 283 49.76 28.10 -3.50
C LYS H 283 49.15 26.72 -3.72
N GLN H 284 48.65 26.48 -4.92
CA GLN H 284 48.05 25.21 -5.24
C GLN H 284 48.32 24.84 -6.70
N ALA H 285 48.00 23.60 -7.04
CA ALA H 285 48.14 23.07 -8.38
C ALA H 285 47.12 21.97 -8.58
N GLU H 286 46.81 21.67 -9.84
CA GLU H 286 45.87 20.61 -10.14
C GLU H 286 46.20 19.98 -11.47
N PHE H 287 45.99 18.67 -11.55
CA PHE H 287 46.30 17.92 -12.76
C PHE H 287 45.66 16.55 -12.64
N GLN H 288 45.99 15.66 -13.57
CA GLN H 288 45.41 14.33 -13.64
C GLN H 288 46.51 13.31 -13.85
N ILE H 289 46.40 12.17 -13.15
CA ILE H 289 47.30 11.04 -13.35
C ILE H 289 46.54 9.98 -14.14
N LEU H 290 46.98 9.71 -15.35
CA LEU H 290 46.38 8.69 -16.20
C LEU H 290 47.23 7.44 -16.14
N TYR H 291 46.61 6.32 -15.76
CA TYR H 291 47.36 5.12 -15.45
C TYR H 291 48.17 4.68 -16.67
N GLY H 292 49.43 4.36 -16.45
CA GLY H 292 50.30 3.96 -17.53
C GLY H 292 50.82 5.09 -18.39
N GLU H 293 50.50 6.33 -18.04
CA GLU H 293 50.93 7.49 -18.80
C GLU H 293 51.42 8.63 -17.92
N GLY H 294 51.53 8.43 -16.62
CA GLY H 294 52.02 9.49 -15.77
C GLY H 294 51.04 10.63 -15.67
N ILE H 295 51.50 11.84 -15.96
CA ILE H 295 50.71 13.05 -15.81
C ILE H 295 50.25 13.52 -17.19
N ASN H 296 48.97 13.89 -17.28
CA ASN H 296 48.38 14.44 -18.49
C ASN H 296 48.80 15.90 -18.59
N PHE H 297 49.81 16.17 -19.42
CA PHE H 297 50.37 17.51 -19.51
C PHE H 297 49.45 18.44 -20.30
N TYR H 298 48.92 17.96 -21.42
CA TYR H 298 48.05 18.79 -22.24
C TYR H 298 46.74 19.11 -21.55
N GLY H 299 46.22 18.18 -20.74
CA GLY H 299 44.98 18.45 -20.05
C GLY H 299 45.08 19.67 -19.15
N GLU H 300 46.23 19.88 -18.52
CA GLU H 300 46.44 21.07 -17.71
C GLU H 300 46.90 22.25 -18.53
N LEU H 301 47.61 21.99 -19.64
CA LEU H 301 48.02 23.08 -20.51
C LEU H 301 46.81 23.81 -21.09
N VAL H 302 45.79 23.04 -21.49
CA VAL H 302 44.59 23.67 -22.02
C VAL H 302 43.93 24.54 -20.96
N ASP H 303 43.89 24.05 -19.72
CA ASP H 303 43.28 24.84 -18.65
C ASP H 303 44.05 26.13 -18.42
N LEU H 304 45.38 26.05 -18.38
CA LEU H 304 46.17 27.26 -18.18
C LEU H 304 45.99 28.23 -19.32
N GLY H 305 45.92 27.73 -20.56
CA GLY H 305 45.69 28.60 -21.70
C GLY H 305 44.34 29.29 -21.61
N VAL H 306 43.28 28.54 -21.31
CA VAL H 306 41.97 29.13 -21.17
C VAL H 306 41.97 30.18 -20.07
N LYS H 307 42.73 29.93 -19.00
CA LYS H 307 42.89 30.96 -17.97
C LYS H 307 43.59 32.19 -18.53
N GLU H 308 44.53 31.99 -19.44
CA GLU H 308 45.22 33.09 -20.11
C GLU H 308 44.50 33.54 -21.37
N LYS H 309 43.38 32.91 -21.72
CA LYS H 309 42.57 33.24 -22.88
C LYS H 309 43.33 33.10 -24.19
N LEU H 310 44.51 32.50 -24.17
CA LEU H 310 45.18 32.14 -25.41
C LEU H 310 44.40 31.08 -26.18
N ILE H 311 43.44 30.44 -25.52
CA ILE H 311 42.54 29.48 -26.16
C ILE H 311 41.13 30.03 -26.04
N GLU H 312 40.42 30.08 -27.17
CA GLU H 312 39.05 30.60 -27.21
C GLU H 312 38.02 29.54 -26.86
N LYS H 313 38.10 28.96 -25.67
CA LYS H 313 37.18 27.91 -25.30
C LYS H 313 35.77 28.46 -25.17
N ALA H 314 34.78 27.64 -25.55
CA ALA H 314 33.38 28.00 -25.41
C ALA H 314 32.54 26.75 -25.57
N GLY H 315 31.67 26.51 -24.59
CA GLY H 315 30.80 25.34 -24.66
C GLY H 315 31.59 24.07 -24.81
N ALA H 316 31.15 23.21 -25.73
CA ALA H 316 31.85 21.95 -25.98
C ALA H 316 32.93 22.08 -27.04
N TRP H 317 33.15 23.27 -27.58
CA TRP H 317 34.09 23.49 -28.67
C TRP H 317 35.28 24.30 -28.17
N TYR H 318 36.47 23.88 -28.57
CA TYR H 318 37.71 24.57 -28.22
C TYR H 318 38.28 25.22 -29.47
N SER H 319 38.67 26.48 -29.35
CA SER H 319 39.04 27.29 -30.50
C SER H 319 40.37 28.00 -30.24
N TYR H 320 41.13 28.15 -31.32
CA TYR H 320 42.44 28.80 -31.27
C TYR H 320 42.66 29.49 -32.60
N LYS H 321 43.00 30.79 -32.55
CA LYS H 321 43.05 31.62 -33.75
C LYS H 321 41.71 31.59 -34.47
N GLY H 322 40.63 31.44 -33.71
CA GLY H 322 39.30 31.29 -34.27
C GLY H 322 38.98 29.91 -34.77
N GLU H 323 39.96 29.14 -35.22
CA GLU H 323 39.70 27.80 -35.75
C GLU H 323 39.38 26.84 -34.62
N LYS H 324 38.49 25.89 -34.90
CA LYS H 324 38.09 24.88 -33.93
C LYS H 324 39.17 23.81 -33.86
N ILE H 325 40.02 23.87 -32.83
CA ILE H 325 41.02 22.83 -32.64
C ILE H 325 40.43 21.54 -32.10
N GLY H 326 39.14 21.55 -31.75
CA GLY H 326 38.49 20.34 -31.29
C GLY H 326 37.09 20.57 -30.76
N GLN H 327 36.21 19.61 -31.00
CA GLN H 327 34.87 19.61 -30.42
C GLN H 327 34.83 18.95 -29.05
N GLY H 328 35.99 18.54 -28.52
CA GLY H 328 36.06 17.89 -27.23
C GLY H 328 37.49 17.82 -26.72
N LYS H 329 37.66 17.40 -25.48
CA LYS H 329 38.99 17.36 -24.88
C LYS H 329 39.94 16.55 -25.74
N ALA H 330 39.52 15.34 -26.12
CA ALA H 330 40.43 14.40 -26.77
C ALA H 330 40.93 14.96 -28.10
N ASN H 331 40.03 15.55 -28.90
CA ASN H 331 40.45 16.07 -30.19
C ASN H 331 41.47 17.17 -30.04
N ALA H 332 41.22 18.11 -29.12
CA ALA H 332 42.15 19.20 -28.92
C ALA H 332 43.50 18.68 -28.41
N THR H 333 43.46 17.70 -27.51
CA THR H 333 44.71 17.18 -26.95
C THR H 333 45.52 16.41 -28.00
N ALA H 334 44.87 15.58 -28.80
CA ALA H 334 45.58 14.93 -29.90
C ALA H 334 46.16 16.00 -30.82
N TRP H 335 45.36 17.00 -31.18
CA TRP H 335 45.87 18.10 -31.97
C TRP H 335 47.13 18.68 -31.35
N LEU H 336 47.09 18.98 -30.05
CA LEU H 336 48.28 19.49 -29.37
C LEU H 336 49.44 18.53 -29.53
N LYS H 337 49.16 17.24 -29.64
CA LYS H 337 50.23 16.28 -29.94
C LYS H 337 50.73 16.44 -31.37
N ASP H 338 49.87 16.87 -32.30
CA ASP H 338 50.23 16.89 -33.71
C ASP H 338 50.81 18.23 -34.20
N ASN H 339 51.12 19.17 -33.31
CA ASN H 339 51.65 20.47 -33.72
C ASN H 339 52.70 20.85 -32.70
N PRO H 340 53.75 20.02 -32.54
CA PRO H 340 54.68 20.18 -31.41
C PRO H 340 55.32 21.57 -31.32
N GLU H 341 55.66 22.18 -32.45
CA GLU H 341 56.27 23.51 -32.39
C GLU H 341 55.34 24.50 -31.70
N THR H 342 54.08 24.52 -32.11
CA THR H 342 53.12 25.45 -31.51
C THR H 342 52.87 25.11 -30.05
N ALA H 343 52.88 23.83 -29.69
CA ALA H 343 52.73 23.45 -28.29
C ALA H 343 53.88 24.00 -27.47
N LYS H 344 55.11 23.86 -27.98
CA LYS H 344 56.27 24.38 -27.27
C LYS H 344 56.18 25.89 -27.13
N GLU H 345 55.79 26.57 -28.20
CA GLU H 345 55.66 28.02 -28.14
C GLU H 345 54.61 28.44 -27.12
N ILE H 346 53.48 27.72 -27.09
CA ILE H 346 52.43 28.02 -26.12
C ILE H 346 52.97 27.87 -24.71
N GLU H 347 53.72 26.78 -24.48
CA GLU H 347 54.32 26.57 -23.17
C GLU H 347 55.26 27.71 -22.82
N LYS H 348 56.07 28.16 -23.80
CA LYS H 348 57.01 29.23 -23.54
C LYS H 348 56.29 30.53 -23.17
N LYS H 349 55.25 30.88 -23.92
CA LYS H 349 54.55 32.13 -23.66
C LYS H 349 53.82 32.08 -22.33
N VAL H 350 53.23 30.93 -21.99
CA VAL H 350 52.56 30.84 -20.69
C VAL H 350 53.58 30.90 -19.56
N ARG H 351 54.75 30.28 -19.75
CA ARG H 351 55.78 30.36 -18.72
C ARG H 351 56.25 31.78 -18.54
N GLU H 352 56.35 32.55 -19.63
CA GLU H 352 56.78 33.94 -19.53
C GLU H 352 55.71 34.80 -18.87
N LEU H 353 54.45 34.60 -19.24
CA LEU H 353 53.38 35.36 -18.62
C LEU H 353 53.27 35.07 -17.13
N LEU H 354 53.38 33.79 -16.76
CA LEU H 354 53.09 33.34 -15.40
C LEU H 354 54.34 33.17 -14.55
N GLN I 11 6.60 10.54 -8.72
CA GLN I 11 5.78 10.17 -9.87
C GLN I 11 6.65 9.62 -10.99
N GLN I 12 6.03 8.91 -11.93
CA GLN I 12 6.78 8.33 -13.05
C GLN I 12 7.45 9.43 -13.87
N GLU I 13 6.73 10.52 -14.12
CA GLU I 13 7.32 11.62 -14.89
C GLU I 13 8.52 12.22 -14.17
N VAL I 14 8.44 12.37 -12.84
CA VAL I 14 9.57 12.89 -12.09
C VAL I 14 10.77 11.96 -12.22
N PHE I 15 10.53 10.65 -12.09
CA PHE I 15 11.62 9.69 -12.23
C PHE I 15 12.24 9.77 -13.62
N ASP I 16 11.40 9.92 -14.64
CA ASP I 16 11.92 10.06 -16.00
C ASP I 16 12.73 11.34 -16.14
N LEU I 17 12.34 12.41 -15.46
CA LEU I 17 13.08 13.66 -15.54
C LEU I 17 14.51 13.49 -15.04
N ILE I 18 14.69 12.74 -13.95
CA ILE I 18 16.02 12.46 -13.45
C ILE I 18 16.76 11.53 -14.41
N ARG I 19 16.05 10.55 -14.95
CA ARG I 19 16.68 9.55 -15.80
C ARG I 19 17.33 10.18 -17.03
N ASP I 20 16.66 11.14 -17.66
CA ASP I 20 17.20 11.79 -18.85
C ASP I 20 18.04 13.02 -18.54
N HIS I 21 17.67 13.79 -17.51
CA HIS I 21 18.48 14.96 -17.14
C HIS I 21 19.88 14.54 -16.72
N ILE I 22 19.97 13.45 -15.93
CA ILE I 22 21.27 12.98 -15.50
C ILE I 22 22.12 12.56 -16.70
N SER I 23 21.51 11.89 -17.68
CA SER I 23 22.27 11.48 -18.86
C SER I 23 22.62 12.67 -19.73
N GLN I 24 21.70 13.63 -19.88
CA GLN I 24 21.96 14.77 -20.76
C GLN I 24 23.03 15.69 -20.19
N THR I 25 22.96 15.97 -18.88
CA THR I 25 23.88 16.91 -18.25
C THR I 25 24.96 16.23 -17.43
N GLY I 26 24.77 14.97 -17.06
CA GLY I 26 25.72 14.26 -16.22
C GLY I 26 25.48 14.38 -14.73
N MET I 27 24.52 15.21 -14.33
CA MET I 27 24.21 15.41 -12.91
C MET I 27 22.70 15.39 -12.75
N PRO I 28 22.20 14.95 -11.58
CA PRO I 28 20.76 15.04 -11.33
C PRO I 28 20.34 16.48 -11.10
N PRO I 29 19.13 16.84 -11.50
CA PRO I 29 18.67 18.22 -11.26
C PRO I 29 18.46 18.49 -9.78
N THR I 30 18.58 19.77 -9.43
CA THR I 30 18.33 20.19 -8.05
C THR I 30 16.83 20.13 -7.75
N ARG I 31 16.52 20.08 -6.46
CA ARG I 31 15.11 20.06 -6.05
C ARG I 31 14.40 21.32 -6.52
N ALA I 32 15.08 22.47 -6.49
CA ALA I 32 14.47 23.70 -6.98
C ALA I 32 14.15 23.60 -8.47
N GLU I 33 15.07 23.01 -9.24
CA GLU I 33 14.81 22.85 -10.67
C GLU I 33 13.61 21.95 -10.91
N ILE I 34 13.51 20.84 -10.18
CA ILE I 34 12.38 19.93 -10.35
C ILE I 34 11.08 20.62 -9.98
N ALA I 35 11.09 21.38 -8.87
CA ALA I 35 9.89 22.09 -8.46
C ALA I 35 9.48 23.12 -9.50
N GLN I 36 10.45 23.86 -10.06
CA GLN I 36 10.13 24.85 -11.07
C GLN I 36 9.55 24.19 -12.32
N ARG I 37 10.12 23.05 -12.73
CA ARG I 37 9.54 22.31 -13.85
C ARG I 37 8.14 21.83 -13.54
N LEU I 38 7.88 21.45 -12.29
CA LEU I 38 6.55 21.01 -11.88
C LEU I 38 5.54 22.16 -11.88
N GLY I 39 5.98 23.41 -11.87
CA GLY I 39 5.08 24.53 -11.94
C GLY I 39 4.60 25.06 -10.60
N PHE I 40 5.30 24.74 -9.51
CA PHE I 40 4.94 25.23 -8.19
C PHE I 40 6.17 25.86 -7.53
N ARG I 41 5.92 26.88 -6.71
CA ARG I 41 7.01 27.64 -6.10
C ARG I 41 7.39 27.06 -4.74
N SER I 42 7.88 25.83 -4.72
CA SER I 42 8.32 25.22 -3.47
C SER I 42 9.15 23.97 -3.74
N PRO I 43 10.33 23.83 -3.13
CA PRO I 43 11.08 22.57 -3.28
C PRO I 43 10.35 21.38 -2.70
N ASN I 44 9.38 21.59 -1.81
CA ASN I 44 8.63 20.47 -1.24
C ASN I 44 7.93 19.67 -2.32
N ALA I 45 7.52 20.31 -3.41
CA ALA I 45 6.85 19.57 -4.48
C ALA I 45 7.77 18.50 -5.07
N ALA I 46 9.04 18.84 -5.29
CA ALA I 46 10.00 17.86 -5.78
C ALA I 46 10.39 16.88 -4.69
N GLU I 47 10.53 17.36 -3.45
CA GLU I 47 10.97 16.50 -2.37
C GLU I 47 9.95 15.39 -2.10
N GLU I 48 8.66 15.71 -2.15
CA GLU I 48 7.64 14.70 -1.91
C GLU I 48 7.74 13.57 -2.92
N HIS I 49 7.86 13.91 -4.21
CA HIS I 49 7.94 12.89 -5.23
C HIS I 49 9.25 12.10 -5.13
N LEU I 50 10.35 12.79 -4.81
CA LEU I 50 11.62 12.08 -4.66
C LEU I 50 11.56 11.08 -3.51
N LYS I 51 10.94 11.48 -2.40
CA LYS I 51 10.78 10.57 -1.27
C LYS I 51 9.86 9.42 -1.63
N ALA I 52 8.76 9.70 -2.35
CA ALA I 52 7.84 8.63 -2.74
C ALA I 52 8.55 7.61 -3.63
N LEU I 53 9.36 8.08 -4.58
CA LEU I 53 10.15 7.16 -5.38
C LEU I 53 11.16 6.40 -4.52
N ALA I 54 11.79 7.07 -3.58
CA ALA I 54 12.76 6.39 -2.71
C ALA I 54 12.07 5.31 -1.89
N ARG I 55 10.91 5.62 -1.32
CA ARG I 55 10.19 4.62 -0.55
C ARG I 55 9.72 3.47 -1.45
N LYS I 56 9.54 3.72 -2.73
CA LYS I 56 9.23 2.67 -3.68
C LYS I 56 10.42 1.75 -3.94
N GLY I 57 11.61 2.12 -3.49
CA GLY I 57 12.80 1.34 -3.75
C GLY I 57 13.54 1.71 -5.01
N VAL I 58 13.22 2.84 -5.62
CA VAL I 58 13.84 3.23 -6.89
C VAL I 58 14.98 4.22 -6.68
N ILE I 59 14.97 4.98 -5.58
CA ILE I 59 15.97 6.02 -5.34
C ILE I 59 16.53 5.84 -3.94
N GLU I 60 17.81 6.20 -3.79
CA GLU I 60 18.52 6.13 -2.52
C GLU I 60 18.84 7.55 -2.04
N ILE I 61 18.77 7.75 -0.73
CA ILE I 61 18.97 9.06 -0.13
C ILE I 61 20.00 8.93 0.98
N VAL I 62 20.95 9.86 1.03
CA VAL I 62 21.97 9.90 2.07
C VAL I 62 22.22 11.36 2.44
N SER I 63 22.07 11.68 3.73
CA SER I 63 22.36 13.01 4.25
C SER I 63 21.63 14.10 3.48
N GLY I 64 20.36 13.86 3.16
CA GLY I 64 19.55 14.83 2.47
C GLY I 64 19.83 14.97 0.99
N ALA I 65 20.67 14.11 0.42
CA ALA I 65 20.98 14.15 -1.00
C ALA I 65 20.87 12.74 -1.58
N SER I 66 20.57 12.68 -2.87
CA SER I 66 20.37 11.40 -3.53
C SER I 66 21.67 10.62 -3.60
N ARG I 67 21.66 9.40 -3.07
CA ARG I 67 22.80 8.50 -3.18
C ARG I 67 22.84 7.76 -4.50
N GLY I 68 21.76 7.77 -5.26
CA GLY I 68 21.72 7.11 -6.55
C GLY I 68 20.29 6.95 -7.03
N ILE I 69 20.17 6.47 -8.27
CA ILE I 69 18.89 6.23 -8.90
C ILE I 69 18.76 4.74 -9.19
N ARG I 70 19.44 3.94 -8.38
CA ARG I 70 19.42 2.49 -8.56
C ARG I 70 18.04 1.91 -8.31
N GLU I 76 9.69 -5.18 -6.59
CA GLU I 76 10.42 -5.73 -7.73
C GLU I 76 10.68 -7.22 -7.54
N GLU I 77 10.62 -7.67 -6.29
CA GLU I 77 10.87 -9.07 -5.97
C GLU I 77 9.63 -9.95 -6.13
N GLY I 78 8.50 -9.36 -6.52
CA GLY I 78 7.30 -10.14 -6.76
C GLY I 78 6.36 -10.18 -5.57
N LEU I 79 5.43 -11.12 -5.58
CA LEU I 79 4.44 -11.20 -4.52
C LEU I 79 5.11 -11.61 -3.21
N PRO I 80 4.85 -10.90 -2.11
CA PRO I 80 5.44 -11.30 -0.83
C PRO I 80 4.56 -12.29 -0.09
N LEU I 81 5.18 -13.40 0.33
CA LEU I 81 4.52 -14.34 1.22
C LEU I 81 4.47 -13.75 2.62
N VAL I 82 3.27 -13.63 3.18
CA VAL I 82 3.06 -12.86 4.39
C VAL I 82 2.74 -13.74 5.60
N GLY I 83 1.84 -14.70 5.47
CA GLY I 83 1.46 -15.51 6.62
C GLY I 83 0.71 -16.74 6.20
N ARG I 84 0.08 -17.37 7.18
CA ARG I 84 -0.65 -18.61 6.97
C ARG I 84 -2.15 -18.37 6.96
N VAL I 85 -2.89 -19.45 6.68
CA VAL I 85 -4.34 -19.44 6.71
C VAL I 85 -4.81 -20.89 6.85
N ALA I 86 -5.95 -21.07 7.49
CA ALA I 86 -6.44 -22.41 7.81
C ALA I 86 -7.70 -22.74 7.04
N ALA I 87 -7.65 -23.86 6.32
CA ALA I 87 -8.85 -24.39 5.69
C ALA I 87 -9.83 -24.94 6.72
N GLY I 88 -9.32 -25.51 7.81
CA GLY I 88 -10.17 -26.05 8.85
C GLY I 88 -10.58 -25.02 9.87
N GLU I 89 -10.26 -25.26 11.14
CA GLU I 89 -10.59 -24.32 12.18
C GLU I 89 -9.72 -23.08 12.05
N PRO I 90 -10.15 -21.95 12.61
CA PRO I 90 -9.37 -20.71 12.44
C PRO I 90 -7.99 -20.82 13.04
N LEU I 91 -7.06 -20.08 12.44
CA LEU I 91 -5.64 -20.15 12.76
C LEU I 91 -5.11 -18.74 13.04
N LEU I 92 -4.06 -18.67 13.84
CA LEU I 92 -3.60 -17.39 14.36
C LEU I 92 -3.20 -16.45 13.23
N ALA I 93 -3.58 -15.18 13.36
CA ALA I 93 -3.25 -14.16 12.38
C ALA I 93 -2.06 -13.35 12.87
N GLN I 94 -0.97 -13.39 12.11
CA GLN I 94 0.25 -12.68 12.49
C GLN I 94 1.08 -12.47 11.23
N GLN I 95 1.19 -11.23 10.79
CA GLN I 95 1.96 -10.94 9.58
C GLN I 95 3.44 -11.07 9.86
N HIS I 96 4.14 -11.76 8.97
CA HIS I 96 5.60 -11.86 9.02
C HIS I 96 6.07 -12.18 7.62
N ILE I 97 6.68 -11.20 6.96
CA ILE I 97 7.05 -11.36 5.56
C ILE I 97 8.32 -12.20 5.48
N GLU I 98 8.15 -13.50 5.27
CA GLU I 98 9.27 -14.43 5.33
C GLU I 98 10.03 -14.53 4.02
N GLY I 99 9.39 -14.25 2.90
CA GLY I 99 10.07 -14.31 1.62
C GLY I 99 9.15 -13.85 0.51
N HIS I 100 9.72 -13.80 -0.69
CA HIS I 100 9.00 -13.37 -1.88
C HIS I 100 9.02 -14.50 -2.91
N TYR I 101 8.17 -14.34 -3.92
CA TYR I 101 8.15 -15.22 -5.08
C TYR I 101 8.04 -14.37 -6.33
N GLN I 102 8.77 -14.77 -7.38
CA GLN I 102 8.83 -14.00 -8.63
C GLN I 102 7.76 -14.56 -9.57
N VAL I 103 6.61 -13.91 -9.56
CA VAL I 103 5.47 -14.30 -10.38
C VAL I 103 4.66 -13.06 -10.71
N ASP I 104 4.06 -13.05 -11.89
CA ASP I 104 3.38 -11.86 -12.39
C ASP I 104 2.06 -11.61 -11.68
N PRO I 105 1.78 -10.40 -11.21
CA PRO I 105 0.41 -10.08 -10.79
C PRO I 105 -0.62 -10.22 -11.91
N SER I 106 -0.22 -9.96 -13.15
CA SER I 106 -1.16 -9.99 -14.27
C SER I 106 -1.76 -11.36 -14.52
N LEU I 107 -1.13 -12.42 -14.01
CA LEU I 107 -1.66 -13.76 -14.23
C LEU I 107 -3.07 -13.90 -13.65
N PHE I 108 -3.28 -13.35 -12.46
CA PHE I 108 -4.51 -13.61 -11.72
C PHE I 108 -5.58 -12.59 -12.05
N LYS I 109 -6.83 -12.94 -11.77
CA LYS I 109 -7.97 -12.28 -12.40
C LYS I 109 -8.09 -10.83 -11.92
N PRO I 110 -8.47 -10.55 -10.68
CA PRO I 110 -8.05 -9.28 -10.09
C PRO I 110 -6.62 -9.39 -9.58
N ASN I 111 -5.88 -8.30 -9.72
CA ASN I 111 -4.44 -8.36 -9.49
C ASN I 111 -4.14 -8.87 -8.09
N ALA I 112 -3.18 -9.79 -7.99
CA ALA I 112 -2.81 -10.34 -6.70
C ALA I 112 -2.00 -9.34 -5.89
N ASP I 113 -2.08 -9.46 -4.57
CA ASP I 113 -1.39 -8.55 -3.66
C ASP I 113 -0.40 -9.24 -2.75
N PHE I 114 -0.69 -10.45 -2.30
CA PHE I 114 0.23 -11.17 -1.43
C PHE I 114 -0.17 -12.64 -1.41
N LEU I 115 0.69 -13.47 -0.84
CA LEU I 115 0.53 -14.91 -0.82
C LEU I 115 0.34 -15.39 0.61
N LEU I 116 -0.40 -16.48 0.76
CA LEU I 116 -0.65 -17.11 2.05
C LEU I 116 -0.43 -18.61 1.96
N ARG I 117 -0.02 -19.21 3.07
CA ARG I 117 0.22 -20.64 3.15
C ARG I 117 -0.97 -21.34 3.79
N VAL I 118 -1.39 -22.46 3.21
CA VAL I 118 -2.65 -23.11 3.55
C VAL I 118 -2.36 -24.38 4.34
N SER I 119 -3.07 -24.55 5.45
CA SER I 119 -3.00 -25.77 6.25
C SER I 119 -4.41 -26.31 6.47
N GLY I 120 -4.55 -27.63 6.36
CA GLY I 120 -5.84 -28.27 6.40
C GLY I 120 -6.33 -28.70 5.04
N MET I 121 -7.48 -29.37 5.04
CA MET I 121 -8.03 -29.95 3.82
C MET I 121 -9.53 -29.69 3.64
N SER I 122 -10.02 -28.54 4.06
CA SER I 122 -11.46 -28.29 4.00
C SER I 122 -11.89 -27.60 2.72
N MET I 123 -11.03 -27.54 1.71
CA MET I 123 -11.39 -26.99 0.40
C MET I 123 -10.89 -27.89 -0.72
N LYS I 124 -10.88 -29.19 -0.49
CA LYS I 124 -10.27 -30.13 -1.44
C LYS I 124 -10.95 -30.10 -2.79
N ASP I 125 -12.28 -30.05 -2.81
CA ASP I 125 -13.01 -30.16 -4.07
C ASP I 125 -12.65 -29.03 -5.02
N ILE I 126 -12.56 -27.80 -4.54
CA ILE I 126 -12.28 -26.70 -5.44
C ILE I 126 -10.86 -26.82 -5.99
N GLY I 127 -9.92 -27.29 -5.18
CA GLY I 127 -8.58 -27.52 -5.62
C GLY I 127 -7.45 -26.85 -4.83
N ILE I 128 -7.63 -26.57 -3.56
CA ILE I 128 -6.56 -26.08 -2.69
C ILE I 128 -6.36 -27.08 -1.56
N MET I 129 -5.10 -27.38 -1.24
CA MET I 129 -4.79 -28.43 -0.29
C MET I 129 -3.57 -28.01 0.53
N ASP I 130 -3.12 -28.93 1.38
CA ASP I 130 -2.12 -28.61 2.39
C ASP I 130 -0.84 -28.09 1.76
N GLY I 131 -0.28 -27.04 2.37
CA GLY I 131 1.03 -26.55 2.01
C GLY I 131 1.08 -25.70 0.76
N ASP I 132 -0.07 -25.31 0.21
CA ASP I 132 -0.07 -24.55 -1.03
C ASP I 132 0.03 -23.06 -0.74
N LEU I 133 0.29 -22.30 -1.80
CA LEU I 133 0.32 -20.85 -1.75
C LEU I 133 -0.93 -20.31 -2.42
N LEU I 134 -1.62 -19.40 -1.73
CA LEU I 134 -2.87 -18.83 -2.21
C LEU I 134 -2.69 -17.34 -2.44
N ALA I 135 -3.00 -16.88 -3.64
CA ALA I 135 -2.90 -15.47 -3.98
C ALA I 135 -4.19 -14.76 -3.58
N VAL I 136 -4.05 -13.66 -2.85
CA VAL I 136 -5.18 -12.90 -2.34
C VAL I 136 -5.13 -11.51 -2.96
N HIS I 137 -6.32 -10.96 -3.25
CA HIS I 137 -6.47 -9.60 -3.71
C HIS I 137 -7.16 -8.80 -2.62
N LYS I 138 -6.51 -7.73 -2.17
CA LYS I 138 -6.99 -6.99 -1.01
C LYS I 138 -8.25 -6.21 -1.36
N THR I 139 -9.25 -6.30 -0.48
CA THR I 139 -10.50 -5.57 -0.66
C THR I 139 -11.38 -5.85 0.54
N GLN I 140 -12.48 -5.11 0.62
CA GLN I 140 -13.49 -5.33 1.65
C GLN I 140 -14.90 -5.41 1.08
N ASP I 141 -15.06 -5.25 -0.24
CA ASP I 141 -16.34 -5.38 -0.90
C ASP I 141 -16.44 -6.79 -1.49
N VAL I 142 -17.35 -7.59 -0.95
CA VAL I 142 -17.60 -8.95 -1.42
C VAL I 142 -19.05 -9.30 -1.11
N ARG I 143 -19.53 -10.35 -1.78
CA ARG I 143 -20.93 -10.72 -1.72
C ARG I 143 -21.04 -12.23 -1.56
N ASN I 144 -22.27 -12.68 -1.31
CA ASN I 144 -22.51 -14.08 -1.00
C ASN I 144 -22.05 -14.98 -2.15
N GLY I 145 -21.49 -16.13 -1.78
CA GLY I 145 -21.10 -17.14 -2.75
C GLY I 145 -19.67 -17.06 -3.22
N GLN I 146 -18.92 -16.04 -2.83
CA GLN I 146 -17.53 -15.91 -3.24
C GLN I 146 -16.60 -16.63 -2.26
N VAL I 147 -15.37 -16.85 -2.71
CA VAL I 147 -14.33 -17.39 -1.86
C VAL I 147 -13.56 -16.23 -1.24
N VAL I 148 -13.52 -16.18 0.09
CA VAL I 148 -13.01 -15.02 0.81
C VAL I 148 -12.07 -15.48 1.92
N VAL I 149 -11.48 -14.50 2.59
CA VAL I 149 -10.67 -14.72 3.78
C VAL I 149 -11.22 -13.83 4.88
N ALA I 150 -11.47 -14.40 6.06
CA ALA I 150 -12.09 -13.69 7.15
C ALA I 150 -11.28 -13.86 8.43
N ARG I 151 -11.33 -12.83 9.27
CA ARG I 151 -10.72 -12.84 10.59
C ARG I 151 -11.80 -12.82 11.65
N ILE I 152 -11.75 -13.78 12.56
CA ILE I 152 -12.76 -13.94 13.61
C ILE I 152 -12.03 -13.90 14.95
N ASP I 153 -11.89 -12.71 15.53
CA ASP I 153 -11.22 -12.54 16.80
C ASP I 153 -9.76 -12.97 16.73
N ASP I 154 -9.04 -12.41 15.76
CA ASP I 154 -7.59 -12.56 15.62
C ASP I 154 -7.25 -14.00 15.20
N GLU I 155 -8.07 -14.58 14.33
CA GLU I 155 -7.82 -15.89 13.75
C GLU I 155 -8.45 -15.93 12.37
N VAL I 156 -7.76 -16.54 11.41
CA VAL I 156 -8.12 -16.43 10.01
C VAL I 156 -8.60 -17.78 9.49
N THR I 157 -9.49 -17.73 8.50
CA THR I 157 -10.01 -18.91 7.83
C THR I 157 -10.31 -18.55 6.38
N VAL I 158 -10.29 -19.55 5.52
CA VAL I 158 -10.63 -19.39 4.10
C VAL I 158 -11.82 -20.28 3.80
N ALA I 159 -12.88 -19.70 3.24
CA ALA I 159 -14.11 -20.44 3.00
C ALA I 159 -14.98 -19.63 2.05
N ARG I 160 -16.09 -20.25 1.64
CA ARG I 160 -17.09 -19.58 0.81
C ARG I 160 -18.14 -18.93 1.69
N LEU I 161 -18.47 -17.69 1.38
CA LEU I 161 -19.28 -16.85 2.25
C LEU I 161 -20.77 -17.06 2.02
N LYS I 162 -21.57 -16.88 3.07
CA LYS I 162 -23.03 -16.91 2.98
C LYS I 162 -23.53 -16.04 4.14
N LYS I 163 -23.83 -14.78 3.87
CA LYS I 163 -24.19 -13.81 4.89
C LYS I 163 -25.68 -13.56 4.85
N GLN I 164 -26.31 -13.56 6.03
CA GLN I 164 -27.73 -13.28 6.15
C GLN I 164 -28.01 -12.88 7.59
N GLY I 165 -28.60 -11.70 7.78
CA GLY I 165 -28.90 -11.25 9.12
C GLY I 165 -27.64 -11.01 9.93
N ASN I 166 -27.73 -11.33 11.21
CA ASN I 166 -26.64 -11.10 12.15
C ASN I 166 -25.68 -12.28 12.25
N LYS I 167 -25.87 -13.32 11.44
CA LYS I 167 -25.01 -14.49 11.46
C LYS I 167 -24.45 -14.74 10.07
N VAL I 168 -23.17 -15.13 10.02
CA VAL I 168 -22.49 -15.41 8.77
C VAL I 168 -22.02 -16.85 8.80
N GLU I 169 -22.22 -17.57 7.69
CA GLU I 169 -21.86 -18.96 7.56
C GLU I 169 -20.62 -19.07 6.68
N LEU I 170 -19.61 -19.77 7.18
CA LEU I 170 -18.39 -20.05 6.41
C LEU I 170 -18.40 -21.54 6.07
N LEU I 171 -18.70 -21.84 4.82
CA LEU I 171 -19.00 -23.19 4.38
C LEU I 171 -17.74 -23.93 3.95
N PRO I 172 -17.69 -25.24 4.12
CA PRO I 172 -16.57 -26.01 3.58
C PRO I 172 -16.82 -26.42 2.15
N GLU I 173 -15.79 -27.02 1.55
CA GLU I 173 -15.93 -27.62 0.23
C GLU I 173 -15.40 -29.04 0.27
N ASN I 174 -15.71 -29.75 1.36
CA ASN I 174 -15.33 -31.14 1.52
C ASN I 174 -16.34 -31.78 2.45
N SER I 175 -16.85 -32.94 2.08
CA SER I 175 -17.96 -33.55 2.81
C SER I 175 -17.56 -34.04 4.19
N GLU I 176 -16.27 -34.07 4.52
CA GLU I 176 -15.85 -34.49 5.85
C GLU I 176 -15.87 -33.36 6.86
N PHE I 177 -16.01 -32.11 6.41
CA PHE I 177 -16.02 -30.94 7.28
C PHE I 177 -17.41 -30.33 7.31
N LYS I 178 -17.75 -29.74 8.45
CA LYS I 178 -19.03 -29.09 8.66
C LYS I 178 -18.87 -27.57 8.76
N PRO I 179 -19.88 -26.79 8.43
CA PRO I 179 -19.71 -25.33 8.37
C PRO I 179 -19.46 -24.72 9.74
N ILE I 180 -18.77 -23.59 9.71
CA ILE I 180 -18.47 -22.80 10.91
C ILE I 180 -19.32 -21.55 10.89
N VAL I 181 -19.99 -21.27 11.99
CA VAL I 181 -20.96 -20.18 12.08
C VAL I 181 -20.56 -19.23 13.20
N VAL I 182 -20.55 -17.94 12.91
CA VAL I 182 -20.20 -16.92 13.88
C VAL I 182 -21.34 -15.91 13.98
N ASP I 183 -21.63 -15.50 15.21
CA ASP I 183 -22.66 -14.51 15.49
C ASP I 183 -21.98 -13.16 15.67
N LEU I 184 -22.44 -12.17 14.92
CA LEU I 184 -21.75 -10.88 14.90
C LEU I 184 -21.96 -10.09 16.19
N ARG I 185 -22.84 -10.53 17.07
CA ARG I 185 -23.05 -9.83 18.32
C ARG I 185 -22.11 -10.30 19.42
N GLN I 186 -21.27 -11.29 19.13
CA GLN I 186 -20.36 -11.85 20.14
C GLN I 186 -18.90 -11.85 19.73
N GLN I 187 -18.64 -12.03 18.45
CA GLN I 187 -17.28 -12.09 17.93
C GLN I 187 -17.09 -11.10 16.80
N SER I 188 -15.88 -10.62 16.59
CA SER I 188 -15.59 -9.59 15.59
C SER I 188 -15.26 -10.26 14.27
N PHE I 189 -15.65 -9.63 13.17
CA PHE I 189 -15.58 -10.22 11.85
C PHE I 189 -15.11 -9.18 10.85
N THR I 190 -13.92 -9.38 10.29
CA THR I 190 -13.39 -8.48 9.27
C THR I 190 -12.90 -9.31 8.09
N ILE I 191 -13.32 -8.94 6.88
CA ILE I 191 -12.93 -9.65 5.68
C ILE I 191 -11.58 -9.12 5.22
N GLU I 192 -10.64 -10.03 4.99
CA GLU I 192 -9.26 -9.64 4.72
C GLU I 192 -8.93 -9.56 3.24
N GLY I 193 -9.75 -10.10 2.36
CA GLY I 193 -9.47 -10.05 0.94
C GLY I 193 -10.32 -11.03 0.17
N LEU I 194 -9.83 -11.37 -1.01
CA LEU I 194 -10.51 -12.23 -1.97
C LEU I 194 -9.50 -13.11 -2.67
N ALA I 195 -9.72 -14.43 -2.63
CA ALA I 195 -8.79 -15.37 -3.22
C ALA I 195 -8.92 -15.35 -4.74
N VAL I 196 -7.78 -15.53 -5.42
CA VAL I 196 -7.74 -15.41 -6.88
C VAL I 196 -6.98 -16.53 -7.56
N GLY I 197 -6.29 -17.40 -6.83
CA GLY I 197 -5.56 -18.47 -7.48
C GLY I 197 -4.73 -19.25 -6.48
N VAL I 198 -3.86 -20.10 -7.04
CA VAL I 198 -3.03 -20.98 -6.24
C VAL I 198 -1.73 -21.28 -6.98
N ILE I 199 -0.66 -21.47 -6.20
CA ILE I 199 0.63 -21.92 -6.71
C ILE I 199 1.12 -23.04 -5.80
N ARG I 200 1.64 -24.10 -6.42
CA ARG I 200 2.07 -25.29 -5.68
C ARG I 200 3.46 -25.69 -6.15
N ASN I 201 4.33 -26.00 -5.19
CA ASN I 201 5.71 -26.29 -5.53
C ASN I 201 6.24 -27.49 -4.73
N GLY I 202 5.49 -28.02 -3.78
CA GLY I 202 5.94 -29.12 -2.95
C GLY I 202 6.57 -30.27 -3.72
N GLY J 78 9.39 -14.44 -21.58
CA GLY J 78 9.02 -15.37 -20.54
C GLY J 78 8.96 -16.80 -21.02
N LEU J 79 8.57 -17.71 -20.13
CA LEU J 79 8.48 -19.11 -20.50
C LEU J 79 7.39 -19.30 -21.54
N PRO J 80 7.57 -20.23 -22.48
CA PRO J 80 6.50 -20.49 -23.45
C PRO J 80 5.40 -21.36 -22.84
N LEU J 81 4.19 -21.20 -23.37
CA LEU J 81 3.03 -21.97 -22.92
C LEU J 81 2.55 -22.86 -24.06
N VAL J 82 2.23 -24.11 -23.74
CA VAL J 82 1.77 -25.08 -24.72
C VAL J 82 0.27 -25.27 -24.54
N GLY J 83 -0.49 -25.01 -25.60
CA GLY J 83 -1.93 -25.20 -25.57
C GLY J 83 -2.34 -26.51 -26.18
N ARG J 84 -3.31 -26.48 -27.09
CA ARG J 84 -3.73 -27.71 -27.76
C ARG J 84 -2.61 -28.22 -28.67
N VAL J 85 -2.41 -29.54 -28.67
CA VAL J 85 -1.31 -30.17 -29.36
C VAL J 85 -1.86 -31.10 -30.43
N ALA J 86 -1.41 -30.92 -31.66
CA ALA J 86 -1.73 -31.82 -32.75
C ALA J 86 -0.64 -32.88 -32.89
N ALA J 87 -1.00 -33.99 -33.53
CA ALA J 87 -0.08 -35.10 -33.68
C ALA J 87 1.02 -34.76 -34.67
N GLY J 88 2.10 -35.54 -34.62
CA GLY J 88 3.18 -35.44 -35.58
C GLY J 88 4.20 -34.35 -35.32
N GLU J 89 4.05 -33.58 -34.25
CA GLU J 89 4.98 -32.51 -33.93
C GLU J 89 5.21 -32.47 -32.43
N PRO J 90 6.34 -31.93 -31.99
CA PRO J 90 6.60 -31.83 -30.54
C PRO J 90 5.58 -30.95 -29.85
N LEU J 91 5.58 -31.01 -28.51
CA LEU J 91 4.66 -30.19 -27.73
C LEU J 91 4.96 -28.71 -27.93
N LEU J 92 6.23 -28.34 -28.03
CA LEU J 92 6.64 -26.94 -28.14
C LEU J 92 6.64 -26.44 -29.58
N ALA J 93 5.90 -27.08 -30.48
CA ALA J 93 5.81 -26.58 -31.84
C ALA J 93 5.13 -25.21 -31.85
N GLN J 94 5.46 -24.40 -32.86
CA GLN J 94 5.04 -23.01 -32.86
C GLN J 94 3.52 -22.90 -32.75
N GLN J 95 2.78 -23.67 -33.53
CA GLN J 95 1.33 -23.58 -33.46
C GLN J 95 0.78 -24.07 -32.12
N HIS J 96 1.58 -24.80 -31.35
CA HIS J 96 1.17 -25.20 -30.01
C HIS J 96 1.44 -24.12 -28.97
N ILE J 97 2.15 -23.06 -29.33
CA ILE J 97 2.57 -22.05 -28.36
C ILE J 97 1.39 -21.09 -28.13
N GLU J 98 0.90 -21.03 -26.89
CA GLU J 98 -0.14 -20.09 -26.53
C GLU J 98 0.41 -18.68 -26.34
N GLY J 99 1.61 -18.54 -25.79
CA GLY J 99 2.20 -17.25 -25.55
C GLY J 99 3.36 -17.37 -24.59
N HIS J 100 3.80 -16.23 -24.08
CA HIS J 100 4.87 -16.16 -23.11
C HIS J 100 4.37 -15.56 -21.80
N TYR J 101 4.59 -16.29 -20.72
CA TYR J 101 4.27 -15.83 -19.37
C TYR J 101 5.53 -15.90 -18.54
N GLN J 102 6.05 -14.74 -18.14
CA GLN J 102 7.34 -14.69 -17.44
C GLN J 102 7.15 -15.17 -16.00
N VAL J 103 7.37 -16.47 -15.83
CA VAL J 103 7.42 -17.14 -14.54
C VAL J 103 8.84 -17.64 -14.34
N ASP J 104 9.43 -17.31 -13.19
CA ASP J 104 10.82 -17.66 -12.94
C ASP J 104 10.98 -19.18 -12.94
N PRO J 105 11.91 -19.74 -13.69
CA PRO J 105 12.01 -21.20 -13.76
C PRO J 105 12.65 -21.84 -12.54
N SER J 106 13.27 -21.06 -11.66
CA SER J 106 14.02 -21.64 -10.55
C SER J 106 13.15 -22.00 -9.36
N LEU J 107 11.88 -21.60 -9.35
CA LEU J 107 11.04 -21.88 -8.19
C LEU J 107 10.85 -23.37 -7.96
N PHE J 108 10.94 -24.18 -9.02
CA PHE J 108 10.57 -25.58 -8.95
C PHE J 108 11.79 -26.46 -8.76
N LYS J 109 11.56 -27.66 -8.21
CA LYS J 109 12.67 -28.50 -7.76
C LYS J 109 13.68 -28.75 -8.88
N PRO J 110 13.35 -29.49 -9.95
CA PRO J 110 14.18 -29.39 -11.15
C PRO J 110 13.65 -28.29 -12.06
N ASN J 111 14.59 -27.51 -12.60
CA ASN J 111 14.22 -26.29 -13.29
C ASN J 111 13.07 -26.53 -14.27
N ALA J 112 12.02 -25.73 -14.14
CA ALA J 112 10.88 -25.82 -15.05
C ALA J 112 11.28 -25.28 -16.41
N ASP J 113 10.94 -26.01 -17.47
CA ASP J 113 11.31 -25.60 -18.81
C ASP J 113 10.16 -24.89 -19.52
N PHE J 114 8.95 -25.43 -19.40
CA PHE J 114 7.79 -24.84 -20.07
C PHE J 114 6.53 -25.31 -19.34
N LEU J 115 5.40 -24.74 -19.73
CA LEU J 115 4.12 -25.03 -19.11
C LEU J 115 3.21 -25.72 -20.13
N LEU J 116 2.14 -26.34 -19.65
CA LEU J 116 1.27 -27.15 -20.49
C LEU J 116 -0.13 -27.20 -19.90
N ARG J 117 -1.10 -26.62 -20.61
CA ARG J 117 -2.49 -26.64 -20.16
C ARG J 117 -3.06 -28.04 -20.22
N VAL J 118 -3.92 -28.36 -19.25
CA VAL J 118 -4.49 -29.70 -19.11
C VAL J 118 -5.98 -29.63 -18.82
N SER J 119 -6.66 -30.71 -19.14
CA SER J 119 -8.00 -30.99 -18.63
C SER J 119 -7.84 -32.06 -17.56
N GLY J 120 -7.65 -31.62 -16.31
CA GLY J 120 -7.21 -32.50 -15.25
C GLY J 120 -8.31 -33.20 -14.47
N MET J 121 -9.40 -33.60 -15.11
CA MET J 121 -10.44 -34.34 -14.39
C MET J 121 -9.91 -35.68 -13.91
N SER J 122 -8.82 -36.18 -14.52
CA SER J 122 -8.32 -37.51 -14.21
C SER J 122 -7.33 -37.53 -13.06
N MET J 123 -6.90 -36.37 -12.57
CA MET J 123 -5.96 -36.29 -11.45
C MET J 123 -6.52 -35.41 -10.34
N LYS J 124 -7.81 -35.55 -10.04
CA LYS J 124 -8.43 -34.71 -9.03
C LYS J 124 -7.85 -34.97 -7.65
N ASP J 125 -7.76 -36.24 -7.24
CA ASP J 125 -7.45 -36.54 -5.85
C ASP J 125 -6.11 -35.97 -5.43
N ILE J 126 -5.19 -35.75 -6.37
CA ILE J 126 -3.91 -35.13 -6.07
C ILE J 126 -3.95 -33.62 -6.32
N GLY J 127 -5.10 -33.07 -6.67
CA GLY J 127 -5.25 -31.64 -6.78
C GLY J 127 -4.92 -31.07 -8.14
N ILE J 128 -5.41 -31.68 -9.21
CA ILE J 128 -5.29 -31.14 -10.56
C ILE J 128 -6.68 -31.06 -11.17
N MET J 129 -6.98 -29.94 -11.80
CA MET J 129 -8.33 -29.63 -12.25
C MET J 129 -8.30 -29.23 -13.71
N ASP J 130 -9.49 -29.09 -14.29
CA ASP J 130 -9.61 -28.62 -15.66
C ASP J 130 -9.23 -27.15 -15.76
N GLY J 131 -8.39 -26.84 -16.74
CA GLY J 131 -8.00 -25.47 -17.01
C GLY J 131 -6.73 -25.01 -16.33
N ASP J 132 -6.21 -25.78 -15.39
CA ASP J 132 -5.00 -25.36 -14.69
C ASP J 132 -3.76 -25.66 -15.54
N LEU J 133 -2.64 -25.14 -15.08
CA LEU J 133 -1.37 -25.26 -15.79
C LEU J 133 -0.42 -26.13 -14.97
N LEU J 134 0.29 -27.02 -15.64
CA LEU J 134 1.19 -27.96 -14.99
C LEU J 134 2.60 -27.75 -15.53
N ALA J 135 3.51 -27.34 -14.66
CA ALA J 135 4.89 -27.07 -15.06
C ALA J 135 5.65 -28.38 -15.27
N VAL J 136 6.49 -28.40 -16.30
CA VAL J 136 7.23 -29.60 -16.69
C VAL J 136 8.70 -29.28 -16.88
N HIS J 137 9.55 -30.11 -16.30
CA HIS J 137 10.99 -30.11 -16.55
C HIS J 137 11.28 -31.21 -17.55
N LYS J 138 11.64 -30.83 -18.77
CA LYS J 138 11.71 -31.78 -19.87
C LYS J 138 12.89 -32.72 -19.68
N THR J 139 12.63 -34.02 -19.77
CA THR J 139 13.64 -35.06 -19.72
C THR J 139 12.97 -36.39 -20.00
N GLN J 140 13.70 -37.29 -20.65
CA GLN J 140 13.18 -38.62 -20.92
C GLN J 140 13.41 -39.58 -19.77
N ASP J 141 14.35 -39.30 -18.88
CA ASP J 141 14.58 -40.16 -17.74
C ASP J 141 13.39 -40.12 -16.79
N VAL J 142 13.00 -41.28 -16.27
CA VAL J 142 11.88 -41.41 -15.35
C VAL J 142 12.12 -42.64 -14.50
N ARG J 143 11.52 -42.65 -13.31
CA ARG J 143 11.54 -43.80 -12.43
C ARG J 143 10.11 -44.17 -12.07
N ASN J 144 9.97 -45.16 -11.20
CA ASN J 144 8.65 -45.56 -10.75
C ASN J 144 8.06 -44.52 -9.82
N GLY J 145 6.73 -44.47 -9.77
CA GLY J 145 6.03 -43.65 -8.81
C GLY J 145 5.97 -42.18 -9.13
N GLN J 146 6.48 -41.75 -10.28
CA GLN J 146 6.51 -40.34 -10.62
C GLN J 146 5.34 -39.99 -11.54
N VAL J 147 4.93 -38.73 -11.50
CA VAL J 147 3.88 -38.20 -12.37
C VAL J 147 4.55 -37.59 -13.59
N VAL J 148 4.19 -38.08 -14.77
CA VAL J 148 4.91 -37.79 -16.00
C VAL J 148 3.94 -37.34 -17.07
N VAL J 149 4.38 -36.41 -17.90
CA VAL J 149 3.70 -36.08 -19.15
C VAL J 149 4.23 -37.02 -20.22
N ALA J 150 3.32 -37.66 -20.95
CA ALA J 150 3.71 -38.65 -21.94
C ALA J 150 2.74 -38.58 -23.12
N ARG J 151 3.01 -39.40 -24.14
CA ARG J 151 2.12 -39.53 -25.28
C ARG J 151 1.89 -41.00 -25.59
N ILE J 152 0.62 -41.34 -25.82
CA ILE J 152 0.23 -42.65 -26.34
C ILE J 152 -0.65 -42.40 -27.54
N ASP J 153 -0.41 -43.14 -28.62
CA ASP J 153 -1.05 -42.86 -29.91
C ASP J 153 -0.71 -41.45 -30.40
N ASP J 154 0.43 -40.91 -29.98
CA ASP J 154 0.84 -39.55 -30.30
C ASP J 154 -0.12 -38.52 -29.71
N GLU J 155 -0.74 -38.83 -28.57
CA GLU J 155 -1.69 -37.94 -27.92
C GLU J 155 -1.22 -37.65 -26.50
N VAL J 156 -1.32 -36.38 -26.10
CA VAL J 156 -0.74 -35.96 -24.83
C VAL J 156 -1.66 -36.35 -23.67
N THR J 157 -1.05 -36.79 -22.58
CA THR J 157 -1.79 -37.17 -21.39
C THR J 157 -0.88 -37.06 -20.18
N VAL J 158 -1.48 -36.80 -19.01
CA VAL J 158 -0.76 -36.68 -17.76
C VAL J 158 -1.25 -37.80 -16.84
N ALA J 159 -0.32 -38.59 -16.33
CA ALA J 159 -0.66 -39.73 -15.49
C ALA J 159 0.61 -40.25 -14.85
N ARG J 160 0.43 -41.04 -13.78
CA ARG J 160 1.56 -41.62 -13.07
C ARG J 160 1.99 -42.91 -13.76
N LEU J 161 3.25 -43.30 -13.53
CA LEU J 161 3.87 -44.41 -14.24
C LEU J 161 4.16 -45.56 -13.29
N LYS J 162 3.77 -46.78 -13.69
CA LYS J 162 4.13 -48.00 -12.98
C LYS J 162 4.61 -49.01 -14.01
N LYS J 163 5.80 -49.56 -13.78
CA LYS J 163 6.48 -50.41 -14.74
C LYS J 163 6.49 -51.85 -14.24
N GLN J 164 6.07 -52.78 -15.11
CA GLN J 164 6.09 -54.20 -14.80
C GLN J 164 7.36 -54.88 -15.29
N GLY J 165 8.08 -54.24 -16.22
CA GLY J 165 9.16 -54.87 -16.94
C GLY J 165 9.10 -54.48 -18.39
N ASN J 166 8.95 -55.47 -19.28
CA ASN J 166 8.69 -55.16 -20.68
C ASN J 166 7.40 -54.38 -20.85
N LYS J 167 6.49 -54.46 -19.87
CA LYS J 167 5.24 -53.73 -19.91
C LYS J 167 5.26 -52.60 -18.89
N VAL J 168 4.55 -51.51 -19.23
CA VAL J 168 4.45 -50.35 -18.35
C VAL J 168 3.04 -49.80 -18.48
N GLU J 169 2.50 -49.32 -17.35
CA GLU J 169 1.14 -48.81 -17.31
C GLU J 169 1.14 -47.39 -16.75
N LEU J 170 0.34 -46.53 -17.37
CA LEU J 170 0.07 -45.19 -16.86
C LEU J 170 -1.25 -45.22 -16.10
N LEU J 171 -1.26 -44.59 -14.93
CA LEU J 171 -2.36 -44.78 -13.99
C LEU J 171 -3.01 -43.45 -13.62
N PRO J 172 -4.28 -43.46 -13.26
CA PRO J 172 -4.95 -42.22 -12.84
C PRO J 172 -4.81 -41.99 -11.34
N GLU J 173 -5.36 -40.85 -10.91
CA GLU J 173 -5.44 -40.52 -9.50
C GLU J 173 -6.86 -39.99 -9.24
N ASN J 174 -7.84 -40.71 -9.76
CA ASN J 174 -9.24 -40.29 -9.70
C ASN J 174 -10.09 -41.51 -9.43
N SER J 175 -11.36 -41.27 -9.09
CA SER J 175 -12.24 -42.31 -8.61
C SER J 175 -13.04 -43.02 -9.71
N GLU J 176 -12.97 -42.55 -10.95
CA GLU J 176 -13.84 -43.06 -12.02
C GLU J 176 -13.04 -43.53 -13.23
N PHE J 177 -11.72 -43.33 -13.22
CA PHE J 177 -10.89 -43.65 -14.37
C PHE J 177 -10.22 -45.01 -14.15
N LYS J 178 -9.68 -45.57 -15.22
CA LYS J 178 -9.07 -46.89 -15.20
C LYS J 178 -7.74 -46.86 -15.94
N PRO J 179 -6.85 -47.82 -15.65
CA PRO J 179 -5.46 -47.75 -16.16
C PRO J 179 -5.33 -47.70 -17.67
N ILE J 180 -4.10 -47.50 -18.12
CA ILE J 180 -3.73 -47.52 -19.53
C ILE J 180 -2.50 -48.40 -19.68
N VAL J 181 -2.66 -49.54 -20.35
CA VAL J 181 -1.59 -50.52 -20.46
C VAL J 181 -1.33 -50.89 -21.92
N VAL J 182 -1.58 -49.94 -22.83
CA VAL J 182 -1.48 -50.24 -24.25
C VAL J 182 -0.16 -50.92 -24.58
N ASP J 183 -0.17 -51.73 -25.65
CA ASP J 183 0.98 -52.55 -26.02
C ASP J 183 2.02 -51.72 -26.78
N LEU J 184 3.27 -51.78 -26.30
CA LEU J 184 4.34 -51.05 -26.97
C LEU J 184 4.56 -51.54 -28.39
N ARG J 185 4.52 -52.86 -28.60
CA ARG J 185 4.69 -53.39 -29.94
C ARG J 185 3.66 -52.81 -30.90
N GLN J 186 2.44 -52.56 -30.41
CA GLN J 186 1.42 -51.90 -31.21
C GLN J 186 1.50 -50.38 -31.09
N GLN J 187 1.72 -49.87 -29.89
CA GLN J 187 1.84 -48.43 -29.67
C GLN J 187 2.68 -48.21 -28.42
N SER J 188 3.82 -47.54 -28.57
CA SER J 188 4.77 -47.39 -27.47
C SER J 188 4.60 -46.06 -26.75
N PHE J 189 4.88 -46.08 -25.46
CA PHE J 189 4.82 -44.87 -24.66
C PHE J 189 6.02 -43.97 -24.94
N THR J 190 5.83 -42.67 -24.76
CA THR J 190 6.88 -41.69 -24.96
C THR J 190 6.82 -40.64 -23.86
N ILE J 191 7.97 -40.32 -23.29
CA ILE J 191 8.06 -39.34 -22.21
C ILE J 191 8.58 -38.04 -22.77
N GLU J 192 8.15 -36.93 -22.17
CA GLU J 192 8.64 -35.61 -22.57
C GLU J 192 9.19 -34.83 -21.39
N GLY J 193 8.71 -35.12 -20.19
CA GLY J 193 9.21 -34.43 -19.01
C GLY J 193 8.44 -34.82 -17.77
N LEU J 194 8.97 -34.41 -16.63
CA LEU J 194 8.31 -34.63 -15.35
C LEU J 194 7.32 -33.51 -15.09
N ALA J 195 6.50 -33.69 -14.06
CA ALA J 195 5.63 -32.62 -13.57
C ALA J 195 6.20 -32.10 -12.26
N VAL J 196 6.53 -30.82 -12.22
CA VAL J 196 7.21 -30.24 -11.07
C VAL J 196 6.30 -29.42 -10.18
N GLY J 197 5.27 -28.80 -10.72
CA GLY J 197 4.39 -27.97 -9.92
C GLY J 197 3.19 -27.55 -10.74
N VAL J 198 2.24 -26.92 -10.05
CA VAL J 198 0.95 -26.59 -10.62
C VAL J 198 0.68 -25.10 -10.40
N ILE J 199 0.13 -24.46 -11.42
CA ILE J 199 -0.31 -23.07 -11.35
C ILE J 199 -1.66 -22.97 -12.02
N ARG J 200 -2.55 -22.14 -11.48
CA ARG J 200 -3.89 -22.00 -12.03
C ARG J 200 -4.36 -20.57 -11.86
N ASN J 201 -5.29 -20.16 -12.73
CA ASN J 201 -5.92 -18.85 -12.66
C ASN J 201 -7.41 -18.87 -12.98
N GLY J 202 -8.04 -20.03 -12.97
CA GLY J 202 -9.43 -20.14 -13.40
C GLY J 202 -10.40 -19.55 -12.40
N ASP J 203 -11.67 -19.51 -12.81
CA ASP J 203 -12.71 -18.96 -11.97
C ASP J 203 -12.99 -19.86 -10.78
N TRP J 204 -13.46 -19.26 -9.69
CA TRP J 204 -13.55 -19.95 -8.41
C TRP J 204 -15.01 -20.28 -8.06
#